data_7X7N
#
_entry.id   7X7N
#
_cell.length_a   1.00
_cell.length_b   1.00
_cell.length_c   1.00
_cell.angle_alpha   90.00
_cell.angle_beta   90.00
_cell.angle_gamma   90.00
#
_symmetry.space_group_name_H-M   'P 1'
#
loop_
_entity.id
_entity.type
_entity.pdbx_description
1 polymer 'Spike glycoprotein'
2 polymer 'Synthetic peptide SIH-5'
3 non-polymer 2-acetamido-2-deoxy-beta-D-glucopyranose
#
loop_
_entity_poly.entity_id
_entity_poly.type
_entity_poly.pdbx_seq_one_letter_code
_entity_poly.pdbx_strand_id
1 'polypeptide(L)'
;MFVFLVLLPLVSSQCVNLTTRTQLPPAYTNSFTRGVYYPDKVFRSSVLHSTQDLFLPFFSNVTWFHAIHVSGTNGTKRFD
NPVLPFNDGVYFASTEKSNIIRGWIFGTTLDSKTQSLLIVNNATNVVIKVCEFQFCNDPFLGVYYHKNNKSWMESEFRVY
SSANNCTFEYVSQPFLMDLEGKQGNFKNLREFVFKNIDGYFKIYSKHTPINLVRDLPQGFSALEPLVDLPIGINITRFQT
LLALHRSYLTPGDSSSGWTAGAAAYYVGYLQPRTFLLKYNENGTITDAVDCALDPLSETKCTLKSFTVEKGIYQTSNFRV
QPTESIVRFPNITNLCPFGEVFNATRFASVYAWNRKRISNCVADYSVLYNSASFSTFKCYGVSPTKLNDLCFTNVYADSF
VIRGDEVRQIAPGQTGKIADYNYKLPDDFTGCVIAWNSNNLDSKVGGNYNYLYRLFRKSNLKPFERDISTEIYQAGSTPC
NGVEGFNCYFPLQSYGFQPTNGVGYQPYRVVVLSFELLHAPATVCGPKKSTNLVKNKCVNFNFNGLTGTGVLTESNKKFL
PFQQFGRDIADTTDAVRDPQTLEILDITPCSFGGVSVITPGTNTSNQVAVLYQDVNCTEVPVAIHADQLTPTWRVYSTGS
NVFQTRAGCLIGAEHVNNSYECDIPIGAGICASYQTQTNSPGSASSVASQSIIAYTMSLGAENSVAYSNNSIAIPTNFTI
SVTTEILPVSMTKTSVDCTMYICGDSTECSNLLLQYGSFCTQLNRALTGIAVEQDKNTQEVFAQVKQIYKTPPIKDFGGF
NFSQILPDPSKPSKRSFIEDLLFNKVTLADAGFIKQYGDCLGDIAARDLICAQKFNGLTVLPPLLTDEMIAQYTSALLAG
TITSGWTFGAGAALQIPFAMQMAYRFNGIGVTQNVLYENQKLIANQFNSAIGKIQDSLSSTASALGKLQDVVNQNAQALN
TLVKQLSSNFGAISSVLNDILSRLDPPEAEVQIDRLITGRLQSLQTYVTQQLIRAAEIRASANLAATKMSECVLGQSKRV
DFCGKGYHLMSFPQSAPHGVVFLHVTYVPAQEKNFTTAPAICHDGKAHFPREGVFVSNGTHWFVTQRNFYEPQIITTDNT
FVSGNCDVVIGIVNNTVYDPLQPELDSFKEELDKYFKNHTSPDVDLGDISGINASVVNIQKEIDRLNEVAKNLNESLIDL
QELGKYEQGSGYIPEAPRDGQAYVRKDGEWVLLSTFLGRSLEVLFQGPGHHHHHHHHSAWSHPQFEKGGGSGGGGSGGSA
WSHPQFEK
;
B,C,A
2 'polypeptide(L)' DKEWILQKIYEIMRLLDEL(DAL)D(AIB)EASMRVSDLIYEFMKK D,E,H,I,F,G
#
loop_
_chem_comp.id
_chem_comp.type
_chem_comp.name
_chem_comp.formula
NAG D-saccharide, beta linking 2-acetamido-2-deoxy-beta-D-glucopyranose 'C8 H15 N O6'
#
# COMPACT_ATOMS: atom_id res chain seq x y z
N PRO A 26 -31.00 -24.81 -42.20
CA PRO A 26 -29.73 -25.53 -42.25
C PRO A 26 -28.75 -24.95 -43.27
N ALA A 27 -27.96 -25.81 -43.90
CA ALA A 27 -26.90 -25.42 -44.83
C ALA A 27 -25.84 -24.55 -44.14
N TYR A 28 -25.11 -25.19 -43.23
CA TYR A 28 -24.03 -24.54 -42.50
C TYR A 28 -22.72 -24.66 -43.26
N THR A 29 -21.74 -23.85 -42.85
CA THR A 29 -20.42 -23.83 -43.47
C THR A 29 -19.44 -23.27 -42.46
N ASN A 30 -18.16 -23.32 -42.79
CA ASN A 30 -17.08 -22.85 -41.93
C ASN A 30 -16.32 -21.72 -42.63
N SER A 31 -15.73 -20.86 -41.82
CA SER A 31 -14.86 -19.79 -42.31
C SER A 31 -13.40 -20.12 -42.01
N PHE A 32 -12.51 -19.71 -42.90
CA PHE A 32 -11.09 -19.94 -42.65
C PHE A 32 -10.44 -18.85 -41.79
N THR A 33 -10.25 -17.68 -42.36
CA THR A 33 -9.28 -16.75 -41.80
C THR A 33 -9.69 -15.29 -41.93
N ARG A 34 -10.87 -15.01 -42.46
CA ARG A 34 -11.30 -13.63 -42.49
C ARG A 34 -11.90 -13.24 -41.15
N GLY A 35 -12.12 -11.95 -40.96
CA GLY A 35 -12.75 -11.49 -39.75
C GLY A 35 -11.85 -10.70 -38.82
N VAL A 36 -10.88 -9.99 -39.38
CA VAL A 36 -10.06 -9.08 -38.61
C VAL A 36 -10.22 -7.67 -39.18
N TYR A 37 -9.86 -6.70 -38.35
CA TYR A 37 -10.12 -5.31 -38.67
C TYR A 37 -9.42 -4.46 -37.64
N TYR A 38 -8.73 -3.43 -38.10
CA TYR A 38 -7.96 -2.57 -37.23
C TYR A 38 -8.81 -2.09 -36.07
N PRO A 39 -8.47 -2.47 -34.83
CA PRO A 39 -9.36 -2.18 -33.71
C PRO A 39 -9.62 -0.71 -33.51
N ASP A 40 -8.87 0.16 -34.17
CA ASP A 40 -9.07 1.60 -34.12
C ASP A 40 -8.12 2.24 -35.12
N LYS A 41 -8.09 3.57 -35.13
CA LYS A 41 -7.22 4.31 -36.04
C LYS A 41 -5.87 4.62 -35.43
N VAL A 42 -5.36 3.75 -34.55
CA VAL A 42 -4.01 3.95 -34.05
C VAL A 42 -3.05 3.37 -35.05
N PHE A 43 -1.79 3.69 -34.90
CA PHE A 43 -0.74 3.14 -35.74
C PHE A 43 0.29 2.47 -34.85
N ARG A 44 0.79 1.33 -35.29
CA ARG A 44 1.98 0.75 -34.69
C ARG A 44 2.82 0.23 -35.83
N SER A 45 3.97 -0.37 -35.50
CA SER A 45 4.84 -0.91 -36.53
C SER A 45 5.71 -2.01 -35.95
N SER A 46 5.72 -3.17 -36.63
CA SER A 46 6.63 -4.25 -36.31
C SER A 46 6.64 -4.56 -34.82
N VAL A 47 5.46 -4.75 -34.27
CA VAL A 47 5.31 -5.00 -32.84
C VAL A 47 4.03 -5.78 -32.62
N LEU A 48 4.12 -6.86 -31.86
CA LEU A 48 2.93 -7.66 -31.61
C LEU A 48 1.92 -6.84 -30.82
N HIS A 49 0.70 -7.35 -30.75
CA HIS A 49 -0.35 -6.67 -30.01
C HIS A 49 -1.55 -7.59 -29.86
N SER A 50 -2.37 -7.30 -28.85
CA SER A 50 -3.56 -8.09 -28.59
C SER A 50 -4.66 -7.18 -28.09
N THR A 51 -5.90 -7.57 -28.37
CA THR A 51 -7.09 -6.89 -27.84
C THR A 51 -8.15 -7.94 -27.52
N GLN A 52 -9.36 -7.49 -27.22
CA GLN A 52 -10.51 -8.38 -27.09
C GLN A 52 -11.75 -7.59 -27.53
N ASP A 53 -12.18 -7.81 -28.77
CA ASP A 53 -13.31 -7.11 -29.34
C ASP A 53 -14.06 -8.06 -30.27
N LEU A 54 -15.15 -7.54 -30.85
CA LEU A 54 -16.05 -8.36 -31.65
C LEU A 54 -15.35 -8.88 -32.89
N PHE A 55 -15.03 -10.17 -32.92
CA PHE A 55 -14.28 -10.75 -34.02
C PHE A 55 -14.99 -11.99 -34.55
N LEU A 56 -14.60 -12.37 -35.75
CA LEU A 56 -15.02 -13.65 -36.27
C LEU A 56 -14.22 -14.74 -35.57
N PRO A 57 -14.86 -15.77 -35.03
CA PRO A 57 -14.09 -16.89 -34.47
C PRO A 57 -13.35 -17.61 -35.58
N PHE A 58 -12.02 -17.58 -35.53
CA PHE A 58 -11.25 -18.38 -36.46
C PHE A 58 -11.81 -19.79 -36.50
N PHE A 59 -12.17 -20.24 -37.69
CA PHE A 59 -12.81 -21.53 -37.88
C PHE A 59 -14.14 -21.60 -37.13
N SER A 60 -15.09 -20.77 -37.57
CA SER A 60 -16.42 -20.70 -36.99
C SER A 60 -17.46 -21.30 -37.94
N ASN A 61 -18.56 -21.77 -37.36
CA ASN A 61 -19.67 -22.27 -38.16
C ASN A 61 -20.44 -21.11 -38.78
N VAL A 62 -20.71 -21.21 -40.07
CA VAL A 62 -21.24 -20.11 -40.85
C VAL A 62 -22.61 -20.49 -41.37
N THR A 63 -23.53 -19.53 -41.36
CA THR A 63 -24.85 -19.73 -41.95
C THR A 63 -24.74 -19.53 -43.46
N TRP A 64 -24.97 -20.59 -44.23
CA TRP A 64 -24.84 -20.53 -45.68
C TRP A 64 -26.22 -20.64 -46.31
N PHE A 65 -26.59 -19.63 -47.08
CA PHE A 65 -27.88 -19.58 -47.75
C PHE A 65 -27.68 -19.61 -49.26
N HIS A 66 -28.79 -19.66 -49.97
CA HIS A 66 -28.77 -19.78 -51.42
C HIS A 66 -27.97 -18.66 -52.04
N PHE A 79 -32.73 -19.05 -56.32
CA PHE A 79 -34.05 -19.63 -56.56
C PHE A 79 -35.06 -19.19 -55.50
N ASP A 80 -34.56 -18.77 -54.35
CA ASP A 80 -35.41 -18.37 -53.23
C ASP A 80 -35.06 -16.98 -52.72
N ASN A 81 -35.61 -16.60 -51.57
CA ASN A 81 -35.31 -15.33 -50.96
C ASN A 81 -34.56 -15.53 -49.65
N PRO A 82 -33.52 -14.75 -49.39
CA PRO A 82 -32.77 -14.90 -48.14
C PRO A 82 -33.28 -14.00 -47.02
N VAL A 83 -33.37 -14.57 -45.81
CA VAL A 83 -33.76 -13.84 -44.61
C VAL A 83 -32.95 -14.37 -43.45
N LEU A 84 -32.65 -13.51 -42.48
CA LEU A 84 -31.73 -13.87 -41.41
C LEU A 84 -31.81 -12.82 -40.31
N PRO A 85 -31.44 -13.19 -39.08
CA PRO A 85 -31.43 -12.22 -37.97
C PRO A 85 -30.09 -11.56 -37.71
N PHE A 86 -30.07 -10.46 -36.95
CA PHE A 86 -28.84 -9.71 -36.72
C PHE A 86 -28.03 -10.27 -35.56
N ASN A 87 -28.57 -10.18 -34.35
CA ASN A 87 -28.00 -10.81 -33.14
C ASN A 87 -26.57 -10.33 -32.84
N ASP A 88 -26.48 -9.03 -32.51
CA ASP A 88 -25.25 -8.43 -31.98
C ASP A 88 -24.07 -8.61 -32.95
N GLY A 89 -24.18 -7.92 -34.08
CA GLY A 89 -23.07 -7.82 -35.00
C GLY A 89 -23.00 -8.99 -35.96
N VAL A 90 -22.61 -8.72 -37.20
CA VAL A 90 -22.68 -9.72 -38.26
C VAL A 90 -21.51 -9.56 -39.22
N TYR A 91 -20.90 -10.68 -39.55
CA TYR A 91 -20.02 -10.78 -40.70
C TYR A 91 -20.84 -11.14 -41.92
N PHE A 92 -20.59 -10.44 -43.02
CA PHE A 92 -21.46 -10.49 -44.20
C PHE A 92 -20.62 -10.70 -45.45
N ALA A 93 -20.65 -11.92 -45.99
CA ALA A 93 -19.78 -12.26 -47.11
C ALA A 93 -20.35 -11.69 -48.40
N SER A 94 -19.85 -12.20 -49.53
CA SER A 94 -20.27 -11.72 -50.82
C SER A 94 -20.12 -12.83 -51.85
N THR A 95 -21.07 -12.90 -52.77
CA THR A 95 -20.95 -13.73 -53.95
C THR A 95 -20.36 -12.89 -55.09
N GLU A 96 -20.46 -13.41 -56.32
CA GLU A 96 -19.98 -12.67 -57.48
C GLU A 96 -20.99 -12.86 -58.61
N LYS A 97 -20.55 -12.52 -59.83
CA LYS A 97 -21.24 -12.65 -61.12
C LYS A 97 -22.22 -11.52 -61.44
N SER A 98 -22.47 -10.59 -60.52
CA SER A 98 -23.46 -9.55 -60.76
C SER A 98 -23.33 -8.51 -59.66
N ASN A 99 -24.36 -7.66 -59.55
CA ASN A 99 -24.47 -6.62 -58.54
C ASN A 99 -25.77 -6.77 -57.78
N ILE A 100 -26.05 -8.01 -57.36
CA ILE A 100 -27.41 -8.39 -56.99
C ILE A 100 -27.83 -7.74 -55.68
N ILE A 101 -26.97 -7.80 -54.65
CA ILE A 101 -27.32 -7.17 -53.39
C ILE A 101 -27.38 -5.67 -53.59
N ARG A 102 -28.42 -5.05 -53.06
CA ARG A 102 -28.59 -3.62 -53.26
C ARG A 102 -28.83 -2.90 -51.94
N GLY A 103 -29.38 -3.58 -50.95
CA GLY A 103 -29.82 -2.90 -49.74
C GLY A 103 -29.45 -3.66 -48.49
N TRP A 104 -29.31 -2.89 -47.41
CA TRP A 104 -29.10 -3.40 -46.05
C TRP A 104 -30.20 -2.77 -45.21
N ILE A 105 -31.32 -3.45 -45.10
CA ILE A 105 -32.46 -2.91 -44.37
C ILE A 105 -32.46 -3.47 -42.96
N PHE A 106 -32.54 -2.59 -41.97
CA PHE A 106 -32.55 -2.96 -40.56
C PHE A 106 -33.85 -2.41 -39.98
N GLY A 107 -34.90 -3.22 -39.95
CA GLY A 107 -36.20 -2.73 -39.53
C GLY A 107 -36.82 -3.46 -38.36
N THR A 108 -37.16 -2.72 -37.31
CA THR A 108 -37.59 -3.35 -36.06
C THR A 108 -39.02 -3.86 -36.14
N THR A 109 -39.94 -3.04 -36.67
CA THR A 109 -41.35 -3.34 -36.57
C THR A 109 -42.00 -3.76 -37.88
N LEU A 110 -41.32 -3.59 -39.02
CA LEU A 110 -41.92 -3.79 -40.34
C LEU A 110 -43.22 -3.00 -40.45
N ASP A 111 -43.23 -1.80 -39.90
CA ASP A 111 -44.47 -1.05 -39.70
C ASP A 111 -44.17 0.45 -39.77
N SER A 112 -45.12 1.26 -39.34
CA SER A 112 -44.95 2.71 -39.26
C SER A 112 -44.57 3.16 -37.85
N LYS A 113 -43.98 2.27 -37.06
CA LYS A 113 -43.82 2.54 -35.63
C LYS A 113 -42.67 3.48 -35.36
N THR A 114 -41.45 3.06 -35.71
CA THR A 114 -40.24 3.80 -35.36
C THR A 114 -39.33 3.88 -36.57
N GLN A 115 -38.79 5.08 -36.81
CA GLN A 115 -37.86 5.30 -37.92
C GLN A 115 -36.67 4.36 -37.78
N SER A 116 -36.57 3.41 -38.70
CA SER A 116 -35.53 2.40 -38.69
C SER A 116 -34.29 2.93 -39.41
N LEU A 117 -33.35 2.04 -39.73
CA LEU A 117 -32.16 2.38 -40.49
C LEU A 117 -32.18 1.67 -41.83
N LEU A 118 -31.88 2.41 -42.88
CA LEU A 118 -31.99 1.93 -44.26
C LEU A 118 -30.69 2.19 -44.98
N ILE A 119 -29.97 1.12 -45.30
CA ILE A 119 -28.74 1.22 -46.07
C ILE A 119 -28.99 0.57 -47.41
N VAL A 120 -28.90 1.35 -48.48
CA VAL A 120 -29.32 0.90 -49.79
C VAL A 120 -28.46 1.53 -50.87
N ASN A 121 -28.20 0.78 -51.92
CA ASN A 121 -27.45 1.25 -53.08
C ASN A 121 -28.16 0.79 -54.35
N ASN A 122 -28.56 1.74 -55.19
CA ASN A 122 -29.39 1.48 -56.35
C ASN A 122 -28.68 1.76 -57.67
N ALA A 123 -27.41 1.37 -57.76
CA ALA A 123 -26.65 1.38 -59.02
C ALA A 123 -26.43 2.79 -59.56
N THR A 124 -27.01 3.78 -58.89
CA THR A 124 -26.86 5.16 -59.30
C THR A 124 -26.60 6.09 -58.14
N ASN A 125 -26.69 5.62 -56.90
CA ASN A 125 -26.58 6.46 -55.72
C ASN A 125 -26.40 5.54 -54.52
N VAL A 126 -25.65 6.02 -53.54
CA VAL A 126 -25.51 5.30 -52.29
C VAL A 126 -26.34 6.01 -51.24
N VAL A 127 -27.44 5.38 -50.85
CA VAL A 127 -28.52 6.04 -50.15
C VAL A 127 -28.56 5.51 -48.73
N ILE A 128 -28.56 6.44 -47.78
CA ILE A 128 -28.63 6.08 -46.38
C ILE A 128 -29.62 7.02 -45.71
N LYS A 129 -30.81 6.53 -45.46
CA LYS A 129 -31.89 7.34 -44.93
C LYS A 129 -32.25 6.87 -43.53
N VAL A 130 -33.22 7.55 -42.93
CA VAL A 130 -33.83 7.11 -41.68
C VAL A 130 -35.34 7.11 -41.88
N CYS A 131 -35.80 6.92 -43.11
CA CYS A 131 -37.22 6.79 -43.38
C CYS A 131 -37.73 5.42 -42.98
N GLU A 132 -38.92 5.40 -42.39
CA GLU A 132 -39.42 4.17 -41.78
C GLU A 132 -40.08 3.29 -42.83
N PHE A 133 -40.03 1.99 -42.61
CA PHE A 133 -40.43 1.03 -43.61
C PHE A 133 -41.29 -0.06 -42.98
N GLN A 134 -42.04 -0.73 -43.84
CA GLN A 134 -42.89 -1.84 -43.49
C GLN A 134 -42.36 -3.11 -44.14
N PHE A 135 -43.11 -4.19 -44.02
CA PHE A 135 -42.68 -5.50 -44.48
C PHE A 135 -42.72 -5.59 -46.01
N CYS A 136 -42.50 -6.80 -46.52
CA CYS A 136 -42.60 -7.11 -47.95
C CYS A 136 -43.20 -8.50 -48.10
N ASN A 137 -44.00 -8.70 -49.15
CA ASN A 137 -44.69 -9.99 -49.33
C ASN A 137 -44.22 -10.74 -50.58
N ASP A 138 -44.28 -10.13 -51.78
CA ASP A 138 -43.88 -10.83 -52.99
C ASP A 138 -43.68 -9.84 -54.13
N PRO A 139 -42.51 -9.16 -54.21
CA PRO A 139 -42.38 -8.02 -55.14
C PRO A 139 -42.29 -8.41 -56.61
N PHE A 140 -43.38 -8.23 -57.35
CA PHE A 140 -43.41 -8.57 -58.76
C PHE A 140 -42.86 -7.38 -59.54
N LEU A 141 -41.57 -7.42 -59.82
CA LEU A 141 -40.88 -6.31 -60.48
C LEU A 141 -41.29 -6.14 -61.94
N MET A 153 -35.69 -2.78 -68.50
CA MET A 153 -35.90 -4.09 -67.89
C MET A 153 -35.33 -4.11 -66.48
N GLU A 154 -34.30 -3.30 -66.26
CA GLU A 154 -33.55 -3.30 -65.00
C GLU A 154 -34.25 -2.42 -63.95
N SER A 155 -35.52 -2.74 -63.71
CA SER A 155 -36.32 -1.85 -62.88
C SER A 155 -36.09 -2.13 -61.40
N GLU A 156 -36.60 -1.23 -60.57
CA GLU A 156 -36.44 -1.27 -59.11
C GLU A 156 -37.67 -0.60 -58.48
N PHE A 157 -37.54 -0.18 -57.22
CA PHE A 157 -38.58 0.55 -56.50
C PHE A 157 -39.82 -0.33 -56.23
N ARG A 158 -39.60 -1.50 -55.69
CA ARG A 158 -40.76 -2.18 -55.10
C ARG A 158 -40.49 -2.73 -53.71
N VAL A 159 -39.27 -3.25 -53.46
CA VAL A 159 -38.95 -3.76 -52.13
C VAL A 159 -38.78 -2.62 -51.13
N TYR A 160 -38.52 -1.41 -51.63
CA TYR A 160 -38.83 -0.20 -50.87
C TYR A 160 -40.25 -0.28 -50.37
N SER A 161 -40.47 0.00 -49.09
CA SER A 161 -41.78 -0.22 -48.48
C SER A 161 -42.52 1.06 -48.13
N SER A 162 -41.93 1.96 -47.35
CA SER A 162 -42.61 3.21 -46.98
C SER A 162 -41.55 4.22 -46.57
N ALA A 163 -41.98 5.45 -46.31
CA ALA A 163 -41.07 6.55 -45.95
C ALA A 163 -41.69 7.45 -44.88
N ASN A 164 -42.23 6.85 -43.82
CA ASN A 164 -42.97 7.61 -42.83
C ASN A 164 -42.04 8.34 -41.86
N ASN A 165 -42.10 9.68 -41.87
CA ASN A 165 -41.50 10.54 -40.85
C ASN A 165 -39.99 10.28 -40.68
N CYS A 166 -39.23 10.64 -41.70
CA CYS A 166 -37.77 10.62 -41.60
C CYS A 166 -37.19 12.01 -41.39
N THR A 167 -36.05 12.05 -40.69
CA THR A 167 -35.35 13.29 -40.37
C THR A 167 -33.98 13.36 -41.01
N PHE A 168 -33.13 12.36 -40.83
CA PHE A 168 -31.76 12.40 -41.35
C PHE A 168 -31.67 11.72 -42.71
N GLU A 169 -30.88 12.30 -43.61
CA GLU A 169 -30.73 11.80 -44.97
C GLU A 169 -29.33 12.11 -45.48
N TYR A 170 -28.79 11.21 -46.33
CA TYR A 170 -27.54 11.47 -47.03
C TYR A 170 -27.28 10.48 -48.17
N VAL A 171 -26.81 10.99 -49.31
CA VAL A 171 -26.50 10.16 -50.48
C VAL A 171 -25.22 10.68 -51.12
N SER A 172 -24.45 9.77 -51.72
CA SER A 172 -23.35 10.10 -52.61
C SER A 172 -23.53 9.33 -53.92
N GLN A 173 -22.61 9.56 -54.86
CA GLN A 173 -22.68 8.91 -56.16
C GLN A 173 -22.43 7.40 -56.05
N PRO A 174 -22.76 6.60 -57.10
CA PRO A 174 -22.61 5.14 -57.00
C PRO A 174 -21.16 4.71 -57.16
N PHE A 175 -20.57 4.20 -56.08
CA PHE A 175 -19.19 3.74 -56.17
C PHE A 175 -19.07 2.29 -56.65
N LEU A 176 -19.98 1.42 -56.22
CA LEU A 176 -19.98 0.04 -56.68
C LEU A 176 -21.39 -0.52 -56.47
N MET A 177 -22.02 -0.98 -57.54
CA MET A 177 -23.38 -1.49 -57.48
C MET A 177 -23.43 -2.96 -57.05
N PHE A 186 -13.76 -13.38 -60.36
CA PHE A 186 -12.89 -12.20 -60.44
C PHE A 186 -13.52 -11.06 -59.65
N LYS A 187 -14.81 -11.20 -59.36
CA LYS A 187 -15.60 -10.11 -58.82
C LYS A 187 -15.19 -9.81 -57.37
N ASN A 188 -15.51 -8.58 -56.96
CA ASN A 188 -15.09 -8.09 -55.65
C ASN A 188 -15.73 -8.90 -54.53
N LEU A 189 -14.90 -9.44 -53.65
CA LEU A 189 -15.40 -10.02 -52.41
C LEU A 189 -15.73 -8.85 -51.50
N ARG A 190 -16.89 -8.24 -51.75
CA ARG A 190 -17.29 -7.07 -50.99
C ARG A 190 -17.70 -7.54 -49.60
N GLU A 191 -16.71 -7.68 -48.73
CA GLU A 191 -16.97 -8.06 -47.36
C GLU A 191 -17.34 -6.83 -46.55
N PHE A 192 -18.24 -7.02 -45.60
CA PHE A 192 -18.67 -5.92 -44.74
C PHE A 192 -18.92 -6.45 -43.35
N VAL A 193 -18.52 -5.68 -42.34
CA VAL A 193 -18.76 -6.04 -40.95
C VAL A 193 -19.50 -4.90 -40.27
N PHE A 194 -20.54 -5.24 -39.52
CA PHE A 194 -21.45 -4.26 -38.94
C PHE A 194 -21.67 -4.52 -37.46
N LYS A 195 -21.66 -3.45 -36.67
CA LYS A 195 -22.00 -3.50 -35.26
C LYS A 195 -22.03 -2.09 -34.71
N ASN A 196 -22.90 -1.86 -33.71
CA ASN A 196 -22.96 -0.55 -33.08
C ASN A 196 -22.07 -0.51 -31.85
N ILE A 197 -21.70 0.70 -31.45
CA ILE A 197 -21.01 0.91 -30.18
C ILE A 197 -21.55 2.16 -29.51
N ASP A 198 -22.43 1.97 -28.52
CA ASP A 198 -22.88 3.02 -27.60
C ASP A 198 -23.21 4.31 -28.34
N GLY A 199 -24.21 4.23 -29.21
CA GLY A 199 -24.66 5.40 -29.94
C GLY A 199 -23.89 5.69 -31.20
N TYR A 200 -23.31 4.67 -31.81
CA TYR A 200 -22.61 4.86 -33.07
C TYR A 200 -22.95 3.70 -33.99
N PHE A 201 -22.25 3.61 -35.11
CA PHE A 201 -22.44 2.44 -35.96
C PHE A 201 -21.25 2.32 -36.89
N LYS A 202 -20.47 1.25 -36.73
CA LYS A 202 -19.20 1.11 -37.43
C LYS A 202 -19.35 0.33 -38.72
N ILE A 203 -18.65 0.78 -39.75
CA ILE A 203 -18.72 0.20 -41.07
C ILE A 203 -17.33 -0.33 -41.41
N TYR A 204 -17.14 -1.65 -41.30
CA TYR A 204 -15.86 -2.25 -41.60
C TYR A 204 -16.02 -3.24 -42.74
N SER A 205 -15.11 -3.17 -43.71
CA SER A 205 -15.38 -3.75 -45.00
C SER A 205 -14.12 -3.68 -45.88
N LYS A 206 -14.09 -4.53 -46.90
CA LYS A 206 -13.07 -4.41 -47.94
C LYS A 206 -13.41 -5.31 -49.11
N HIS A 207 -13.13 -4.81 -50.32
CA HIS A 207 -13.32 -5.53 -51.57
C HIS A 207 -12.05 -6.27 -51.96
N THR A 208 -12.21 -7.32 -52.77
CA THR A 208 -11.11 -8.20 -53.17
C THR A 208 -11.55 -9.12 -54.31
N PRO A 209 -10.71 -9.37 -55.31
CA PRO A 209 -11.09 -10.33 -56.36
C PRO A 209 -11.34 -11.71 -55.78
N ILE A 210 -12.45 -12.33 -56.21
CA ILE A 210 -12.91 -13.58 -55.64
C ILE A 210 -13.12 -14.61 -56.74
N ASN A 211 -12.87 -15.87 -56.41
CA ASN A 211 -13.06 -17.00 -57.31
C ASN A 211 -13.70 -18.14 -56.52
N LEU A 212 -13.86 -19.28 -57.19
CA LEU A 212 -14.45 -20.47 -56.57
C LEU A 212 -15.80 -20.13 -55.92
N VAL A 213 -16.74 -19.79 -56.81
CA VAL A 213 -17.97 -19.10 -56.41
C VAL A 213 -18.67 -19.82 -55.27
N ARG A 214 -19.13 -21.04 -55.52
CA ARG A 214 -19.90 -21.78 -54.53
C ARG A 214 -19.08 -22.15 -53.29
N ASP A 215 -17.82 -21.74 -53.25
CA ASP A 215 -16.93 -22.08 -52.15
C ASP A 215 -16.41 -20.82 -51.50
N LEU A 216 -15.48 -20.99 -50.58
CA LEU A 216 -14.94 -19.91 -49.80
C LEU A 216 -13.44 -19.80 -50.06
N PRO A 217 -12.91 -18.60 -50.20
CA PRO A 217 -11.53 -18.46 -50.66
C PRO A 217 -10.52 -18.83 -49.57
N GLN A 218 -9.24 -18.79 -49.94
CA GLN A 218 -8.11 -19.01 -49.04
C GLN A 218 -7.23 -17.78 -49.15
N GLY A 219 -7.47 -16.80 -48.30
CA GLY A 219 -6.69 -15.58 -48.28
C GLY A 219 -7.34 -14.58 -47.37
N PHE A 220 -6.56 -13.92 -46.52
CA PHE A 220 -7.13 -13.07 -45.49
C PHE A 220 -6.47 -11.70 -45.49
N SER A 221 -7.23 -10.71 -45.02
CA SER A 221 -6.78 -9.35 -44.80
C SER A 221 -7.88 -8.63 -44.04
N ALA A 222 -7.48 -7.69 -43.20
CA ALA A 222 -8.45 -6.95 -42.41
C ALA A 222 -9.09 -5.89 -43.29
N LEU A 223 -9.79 -4.95 -42.68
CA LEU A 223 -10.59 -3.97 -43.39
C LEU A 223 -10.07 -2.56 -43.13
N GLU A 224 -10.81 -1.57 -43.60
CA GLU A 224 -10.55 -0.17 -43.33
C GLU A 224 -11.86 0.47 -42.88
N PRO A 225 -11.81 1.53 -42.10
CA PRO A 225 -13.04 2.21 -41.71
C PRO A 225 -13.67 2.94 -42.89
N LEU A 226 -14.99 2.96 -42.92
CA LEU A 226 -15.72 3.75 -43.90
C LEU A 226 -16.50 4.88 -43.26
N VAL A 227 -17.41 4.57 -42.34
CA VAL A 227 -18.28 5.57 -41.73
C VAL A 227 -18.57 5.16 -40.30
N ASP A 228 -18.56 6.15 -39.41
CA ASP A 228 -19.17 6.05 -38.09
C ASP A 228 -20.34 7.03 -38.07
N LEU A 229 -21.55 6.51 -38.25
CA LEU A 229 -22.74 7.33 -38.32
C LEU A 229 -23.43 7.39 -36.97
N PRO A 230 -23.66 8.59 -36.42
CA PRO A 230 -24.18 8.72 -35.05
C PRO A 230 -25.69 8.65 -34.95
N ILE A 231 -26.23 7.44 -34.82
CA ILE A 231 -27.67 7.22 -34.77
C ILE A 231 -28.13 6.81 -33.36
N GLY A 232 -27.54 5.75 -32.82
CA GLY A 232 -28.04 5.22 -31.56
C GLY A 232 -29.35 4.48 -31.77
N ILE A 233 -29.34 3.57 -32.75
CA ILE A 233 -30.56 2.90 -33.21
C ILE A 233 -30.51 1.43 -32.80
N ASN A 234 -31.61 0.97 -32.19
CA ASN A 234 -31.75 -0.42 -31.78
C ASN A 234 -32.10 -1.26 -33.01
N ILE A 235 -31.19 -2.15 -33.40
CA ILE A 235 -31.44 -3.07 -34.49
C ILE A 235 -31.06 -4.47 -34.04
N THR A 236 -32.03 -5.36 -33.94
CA THR A 236 -31.78 -6.75 -33.62
C THR A 236 -31.99 -7.66 -34.82
N ARG A 237 -32.46 -7.13 -35.93
CA ARG A 237 -32.69 -7.95 -37.12
C ARG A 237 -32.46 -7.08 -38.34
N PHE A 238 -32.11 -7.72 -39.45
CA PHE A 238 -31.75 -6.98 -40.65
C PHE A 238 -32.12 -7.81 -41.87
N GLN A 239 -31.78 -7.28 -43.05
CA GLN A 239 -32.10 -7.99 -44.28
C GLN A 239 -31.37 -7.34 -45.45
N THR A 240 -31.06 -8.16 -46.45
CA THR A 240 -30.49 -7.72 -47.71
C THR A 240 -31.59 -7.69 -48.77
N LEU A 241 -31.20 -7.31 -49.98
CA LEU A 241 -32.18 -7.02 -51.03
C LEU A 241 -31.75 -7.59 -52.38
N LEU A 242 -32.72 -7.67 -53.29
CA LEU A 242 -32.50 -8.14 -54.65
C LEU A 242 -33.79 -7.94 -55.46
N ALA A 243 -33.70 -8.22 -56.76
CA ALA A 243 -34.87 -8.25 -57.64
C ALA A 243 -34.48 -8.95 -58.93
N LEU A 244 -35.18 -10.01 -59.28
CA LEU A 244 -34.90 -10.71 -60.53
C LEU A 244 -35.06 -9.77 -61.70
N HIS A 245 -34.12 -9.82 -62.64
CA HIS A 245 -34.06 -8.87 -63.74
C HIS A 245 -34.44 -9.56 -65.04
N ARG A 246 -35.66 -9.28 -65.51
CA ARG A 246 -36.17 -9.82 -66.76
C ARG A 246 -36.05 -8.81 -67.88
N GLY A 261 -26.19 -16.79 -62.44
CA GLY A 261 -27.49 -17.32 -62.06
C GLY A 261 -27.81 -17.00 -60.61
N ALA A 262 -28.60 -17.86 -59.97
CA ALA A 262 -28.95 -17.68 -58.57
C ALA A 262 -27.69 -17.66 -57.72
N ALA A 263 -27.37 -16.50 -57.16
CA ALA A 263 -26.12 -16.29 -56.44
C ALA A 263 -26.37 -16.17 -54.94
N ALA A 264 -25.31 -16.36 -54.18
CA ALA A 264 -25.38 -16.68 -52.76
C ALA A 264 -24.74 -15.58 -51.91
N TYR A 265 -24.51 -15.89 -50.65
CA TYR A 265 -23.71 -15.07 -49.76
C TYR A 265 -23.53 -15.85 -48.47
N TYR A 266 -22.41 -15.64 -47.80
CA TYR A 266 -22.14 -16.30 -46.54
C TYR A 266 -22.28 -15.31 -45.39
N VAL A 267 -22.64 -15.84 -44.22
CA VAL A 267 -22.86 -15.00 -43.07
C VAL A 267 -22.73 -15.83 -41.81
N GLY A 268 -21.97 -15.33 -40.85
CA GLY A 268 -21.89 -15.95 -39.55
C GLY A 268 -22.24 -14.96 -38.47
N TYR A 269 -21.57 -15.07 -37.33
CA TYR A 269 -21.88 -14.27 -36.16
C TYR A 269 -20.59 -13.64 -35.67
N LEU A 270 -20.74 -12.77 -34.67
CA LEU A 270 -19.62 -12.11 -34.04
C LEU A 270 -19.73 -12.28 -32.52
N GLN A 271 -18.59 -12.18 -31.84
CA GLN A 271 -18.53 -12.44 -30.41
C GLN A 271 -17.29 -11.75 -29.86
N PRO A 272 -17.27 -11.44 -28.58
CA PRO A 272 -16.18 -10.64 -28.01
C PRO A 272 -15.02 -11.47 -27.47
N ARG A 273 -14.17 -11.96 -28.36
CA ARG A 273 -13.08 -12.82 -27.93
C ARG A 273 -11.74 -12.12 -28.14
N THR A 274 -10.68 -12.70 -27.57
CA THR A 274 -9.35 -12.11 -27.55
C THR A 274 -8.51 -12.64 -28.70
N PHE A 275 -8.04 -11.73 -29.55
CA PHE A 275 -7.06 -12.07 -30.57
C PHE A 275 -5.65 -11.76 -30.10
N LEU A 276 -4.72 -11.91 -31.03
CA LEU A 276 -3.43 -11.28 -30.95
C LEU A 276 -3.07 -10.86 -32.36
N LEU A 277 -2.41 -9.73 -32.49
CA LEU A 277 -2.19 -9.14 -33.79
C LEU A 277 -0.74 -8.71 -33.93
N LYS A 278 -0.34 -8.51 -35.17
CA LYS A 278 0.98 -8.04 -35.53
C LYS A 278 0.84 -7.00 -36.63
N TYR A 279 1.68 -5.99 -36.60
CA TYR A 279 1.79 -5.08 -37.72
C TYR A 279 3.19 -5.22 -38.27
N ASN A 280 3.30 -5.13 -39.59
CA ASN A 280 4.59 -5.23 -40.25
C ASN A 280 5.23 -3.85 -40.32
N GLU A 281 6.29 -3.72 -41.12
CA GLU A 281 6.90 -2.41 -41.33
C GLU A 281 5.89 -1.44 -41.90
N ASN A 282 5.08 -1.88 -42.86
CA ASN A 282 3.96 -1.08 -43.35
C ASN A 282 2.89 -0.88 -42.31
N GLY A 283 2.89 -1.64 -41.23
CA GLY A 283 1.89 -1.49 -40.20
C GLY A 283 0.52 -2.00 -40.56
N THR A 284 0.20 -2.10 -41.84
CA THR A 284 -1.02 -2.79 -42.21
C THR A 284 -0.94 -4.23 -41.73
N ILE A 285 -2.10 -4.83 -41.50
CA ILE A 285 -2.13 -6.16 -40.92
C ILE A 285 -1.60 -7.18 -41.91
N THR A 286 -0.91 -8.18 -41.39
CA THR A 286 -0.44 -9.27 -42.23
C THR A 286 -0.78 -10.60 -41.59
N ASP A 287 -0.92 -10.62 -40.27
CA ASP A 287 -1.01 -11.89 -39.57
C ASP A 287 -1.56 -11.66 -38.18
N ALA A 288 -2.46 -12.54 -37.77
CA ALA A 288 -3.01 -12.48 -36.43
C ALA A 288 -3.17 -13.91 -35.95
N VAL A 289 -3.07 -14.10 -34.65
CA VAL A 289 -3.08 -15.43 -34.08
C VAL A 289 -4.10 -15.49 -32.96
N ASP A 290 -4.87 -16.56 -32.95
CA ASP A 290 -6.02 -16.66 -32.09
C ASP A 290 -5.60 -16.89 -30.65
N CYS A 291 -6.58 -17.07 -29.78
CA CYS A 291 -6.32 -17.40 -28.39
C CYS A 291 -7.21 -18.50 -27.85
N ALA A 292 -8.12 -19.05 -28.66
CA ALA A 292 -8.90 -20.17 -28.18
C ALA A 292 -9.17 -21.20 -29.27
N LEU A 293 -8.49 -21.12 -30.41
CA LEU A 293 -8.65 -22.13 -31.43
C LEU A 293 -8.19 -23.49 -30.94
N ASP A 294 -6.97 -23.56 -30.42
CA ASP A 294 -6.36 -24.81 -29.98
C ASP A 294 -5.20 -24.49 -29.06
N PRO A 295 -5.00 -25.29 -28.01
CA PRO A 295 -4.19 -24.80 -26.88
C PRO A 295 -2.84 -24.28 -27.28
N LEU A 296 -2.13 -25.00 -28.16
CA LEU A 296 -0.79 -24.56 -28.54
C LEU A 296 -0.78 -23.11 -28.96
N SER A 297 -1.71 -22.73 -29.84
CA SER A 297 -1.85 -21.33 -30.19
C SER A 297 -1.85 -20.47 -28.96
N GLU A 298 -2.72 -20.80 -28.01
CA GLU A 298 -2.94 -19.97 -26.83
C GLU A 298 -1.64 -19.58 -26.15
N THR A 299 -0.57 -20.32 -26.38
CA THR A 299 0.73 -19.91 -25.86
C THR A 299 1.18 -18.60 -26.48
N LYS A 300 1.06 -18.49 -27.79
CA LYS A 300 1.40 -17.23 -28.44
C LYS A 300 0.62 -16.09 -27.83
N CYS A 301 -0.60 -16.36 -27.39
CA CYS A 301 -1.43 -15.33 -26.76
C CYS A 301 -0.86 -14.92 -25.41
N THR A 302 -0.12 -15.81 -24.74
CA THR A 302 0.57 -15.49 -23.50
C THR A 302 2.09 -15.48 -23.66
N LEU A 303 2.58 -15.30 -24.88
CA LEU A 303 4.01 -15.22 -25.11
C LEU A 303 4.39 -14.12 -26.10
N LYS A 304 3.42 -13.47 -26.74
CA LYS A 304 3.67 -12.31 -27.58
C LYS A 304 4.67 -12.62 -28.69
N SER A 305 4.50 -13.77 -29.32
CA SER A 305 5.22 -14.13 -30.52
C SER A 305 4.49 -15.26 -31.21
N PHE A 306 4.86 -15.50 -32.46
CA PHE A 306 4.30 -16.64 -33.18
C PHE A 306 5.11 -17.88 -32.97
N THR A 307 6.38 -17.74 -32.59
CA THR A 307 7.28 -18.87 -32.48
C THR A 307 7.60 -19.12 -31.02
N VAL A 308 7.30 -20.33 -30.56
CA VAL A 308 7.63 -20.76 -29.21
C VAL A 308 8.85 -21.66 -29.30
N GLU A 309 9.68 -21.59 -28.28
CA GLU A 309 10.85 -22.45 -28.19
C GLU A 309 10.56 -23.62 -27.27
N LYS A 310 11.04 -24.79 -27.67
CA LYS A 310 10.74 -26.05 -26.99
C LYS A 310 10.95 -25.95 -25.50
N GLY A 311 9.89 -26.25 -24.74
CA GLY A 311 9.95 -26.14 -23.31
C GLY A 311 8.66 -26.50 -22.61
N ILE A 312 8.24 -25.64 -21.70
CA ILE A 312 7.00 -25.84 -20.95
C ILE A 312 6.56 -24.48 -20.45
N TYR A 313 5.29 -24.16 -20.63
CA TYR A 313 4.80 -22.81 -20.33
C TYR A 313 3.43 -22.93 -19.70
N GLN A 314 3.40 -22.91 -18.37
CA GLN A 314 2.15 -23.02 -17.63
C GLN A 314 1.29 -21.81 -17.95
N THR A 315 0.30 -21.99 -18.81
CA THR A 315 -0.46 -20.83 -19.31
C THR A 315 -1.57 -20.41 -18.36
N SER A 316 -2.52 -21.28 -18.09
CA SER A 316 -3.68 -20.93 -17.31
C SER A 316 -4.11 -22.14 -16.51
N ASN A 317 -5.36 -22.14 -16.07
CA ASN A 317 -5.91 -23.29 -15.38
C ASN A 317 -7.41 -23.30 -15.64
N PHE A 318 -8.13 -24.05 -14.82
CA PHE A 318 -9.57 -24.14 -15.01
C PHE A 318 -10.19 -24.58 -13.69
N ARG A 319 -11.50 -24.34 -13.58
CA ARG A 319 -12.27 -24.79 -12.43
C ARG A 319 -13.49 -25.50 -12.95
N VAL A 320 -13.73 -26.70 -12.45
CA VAL A 320 -14.92 -27.43 -12.86
C VAL A 320 -16.13 -26.78 -12.20
N GLN A 321 -16.87 -26.03 -12.98
CA GLN A 321 -17.97 -25.24 -12.48
C GLN A 321 -19.11 -26.15 -12.03
N PRO A 322 -19.60 -26.02 -10.81
CA PRO A 322 -20.78 -26.79 -10.40
C PRO A 322 -21.98 -26.43 -11.26
N THR A 323 -23.03 -27.24 -11.13
CA THR A 323 -24.23 -27.05 -11.92
C THR A 323 -25.48 -26.82 -11.09
N GLU A 324 -25.76 -27.68 -10.11
CA GLU A 324 -27.06 -27.64 -9.44
C GLU A 324 -27.28 -26.35 -8.67
N SER A 325 -26.32 -25.97 -7.82
CA SER A 325 -26.47 -24.84 -6.91
C SER A 325 -27.67 -25.02 -5.98
N ILE A 326 -27.57 -26.02 -5.11
CA ILE A 326 -28.62 -26.32 -4.15
C ILE A 326 -28.38 -25.51 -2.88
N VAL A 327 -29.46 -25.25 -2.15
CA VAL A 327 -29.40 -24.57 -0.86
C VAL A 327 -30.46 -25.19 0.04
N ARG A 328 -30.06 -25.69 1.21
CA ARG A 328 -30.97 -26.33 2.14
C ARG A 328 -31.17 -25.45 3.36
N PHE A 329 -31.96 -25.96 4.30
CA PHE A 329 -32.34 -25.20 5.49
C PHE A 329 -32.91 -26.17 6.51
N PRO A 330 -33.15 -25.73 7.74
CA PRO A 330 -33.82 -26.60 8.71
C PRO A 330 -35.20 -26.99 8.21
N ASN A 331 -35.78 -28.00 8.84
CA ASN A 331 -37.11 -28.40 8.45
C ASN A 331 -38.08 -27.26 8.77
N ILE A 332 -38.74 -26.76 7.73
CA ILE A 332 -39.74 -25.70 7.82
C ILE A 332 -40.95 -26.28 8.55
N THR A 333 -42.04 -25.49 8.67
CA THR A 333 -43.35 -25.97 9.20
C THR A 333 -43.50 -25.86 10.72
N ASN A 334 -42.74 -25.00 11.41
CA ASN A 334 -43.03 -24.78 12.84
C ASN A 334 -44.47 -24.28 12.82
N LEU A 335 -44.72 -23.18 12.11
CA LEU A 335 -46.11 -22.69 11.86
C LEU A 335 -46.94 -22.34 13.09
N CYS A 336 -46.55 -21.34 13.88
CA CYS A 336 -47.44 -20.86 14.91
C CYS A 336 -48.74 -20.37 14.29
N PRO A 337 -49.84 -20.36 15.07
CA PRO A 337 -51.16 -20.13 14.46
C PRO A 337 -51.36 -18.71 13.99
N PHE A 338 -50.78 -18.39 12.84
CA PHE A 338 -50.98 -17.08 12.24
C PHE A 338 -52.32 -17.01 11.52
N GLY A 339 -52.57 -17.97 10.65
CA GLY A 339 -53.75 -17.97 9.82
C GLY A 339 -55.05 -18.26 10.52
N GLU A 340 -55.03 -18.46 11.84
CA GLU A 340 -56.27 -18.74 12.57
C GLU A 340 -57.01 -17.47 12.96
N VAL A 341 -56.31 -16.35 13.09
CA VAL A 341 -56.89 -15.09 13.54
C VAL A 341 -57.90 -14.62 12.52
N PHE A 342 -58.04 -15.38 11.43
CA PHE A 342 -59.13 -15.20 10.48
C PHE A 342 -60.03 -16.43 10.38
N ASN A 343 -59.52 -17.61 10.72
CA ASN A 343 -60.30 -18.84 10.70
C ASN A 343 -60.97 -19.11 12.04
N ALA A 344 -61.26 -18.07 12.80
CA ALA A 344 -61.90 -18.21 14.10
C ALA A 344 -63.40 -17.91 14.00
N THR A 345 -64.17 -18.59 14.84
CA THR A 345 -65.61 -18.42 14.86
C THR A 345 -66.05 -17.03 15.33
N ARG A 346 -65.13 -16.19 15.78
CA ARG A 346 -65.46 -14.86 16.26
C ARG A 346 -64.40 -13.87 15.83
N PHE A 347 -64.67 -12.59 16.05
CA PHE A 347 -63.71 -11.53 15.77
C PHE A 347 -64.24 -10.26 16.42
N ALA A 348 -63.52 -9.15 16.21
CA ALA A 348 -63.74 -7.94 16.99
C ALA A 348 -64.76 -7.02 16.34
N SER A 349 -65.20 -6.04 17.11
CA SER A 349 -66.08 -4.97 16.66
C SER A 349 -65.25 -3.74 16.28
N VAL A 350 -65.84 -2.88 15.44
CA VAL A 350 -65.05 -1.81 14.81
C VAL A 350 -64.57 -0.81 15.84
N TYR A 351 -65.30 -0.62 16.93
CA TYR A 351 -64.77 0.21 18.00
C TYR A 351 -63.61 -0.48 18.70
N ALA A 352 -63.62 -1.81 18.74
CA ALA A 352 -62.69 -2.55 19.58
C ALA A 352 -61.75 -3.39 18.74
N TRP A 353 -61.16 -2.77 17.72
CA TRP A 353 -60.18 -3.44 16.90
C TRP A 353 -58.98 -3.80 17.75
N ASN A 354 -58.83 -5.08 18.05
CA ASN A 354 -57.80 -5.55 18.96
C ASN A 354 -56.48 -5.80 18.24
N ARG A 355 -55.40 -5.26 18.80
CA ARG A 355 -54.07 -5.53 18.28
C ARG A 355 -53.69 -6.97 18.57
N LYS A 356 -52.61 -7.44 17.96
CA LYS A 356 -52.24 -8.84 18.21
C LYS A 356 -50.75 -9.07 17.93
N ARG A 357 -49.96 -9.10 18.99
CA ARG A 357 -48.57 -9.52 18.89
C ARG A 357 -48.49 -10.96 18.40
N ILE A 358 -47.58 -11.21 17.46
CA ILE A 358 -47.19 -12.55 17.06
C ILE A 358 -45.68 -12.57 16.99
N SER A 359 -45.04 -13.47 17.74
CA SER A 359 -43.60 -13.38 17.95
C SER A 359 -42.94 -14.75 18.00
N ASN A 360 -41.75 -14.83 17.42
CA ASN A 360 -40.80 -15.94 17.60
C ASN A 360 -41.36 -17.27 17.09
N CYS A 361 -41.68 -17.30 15.81
CA CYS A 361 -42.20 -18.48 15.14
C CYS A 361 -41.81 -18.41 13.67
N VAL A 362 -42.52 -19.18 12.84
CA VAL A 362 -42.48 -19.03 11.39
C VAL A 362 -43.91 -18.92 10.89
N ALA A 363 -44.15 -17.93 10.03
CA ALA A 363 -45.47 -17.70 9.46
C ALA A 363 -45.33 -17.70 7.94
N ASP A 364 -46.04 -18.63 7.29
CA ASP A 364 -45.99 -18.73 5.84
C ASP A 364 -46.96 -17.74 5.22
N TYR A 365 -46.50 -17.01 4.21
CA TYR A 365 -47.35 -16.04 3.56
C TYR A 365 -47.84 -16.57 2.23
N SER A 366 -48.07 -17.87 2.15
CA SER A 366 -48.61 -18.51 0.96
C SER A 366 -50.13 -18.50 0.92
N VAL A 367 -50.77 -18.22 2.06
CA VAL A 367 -52.22 -18.25 2.10
C VAL A 367 -52.81 -17.12 1.29
N LEU A 368 -52.28 -15.90 1.45
CA LEU A 368 -52.85 -14.77 0.72
C LEU A 368 -52.68 -14.89 -0.78
N TYR A 369 -51.72 -15.70 -1.23
CA TYR A 369 -51.67 -16.02 -2.65
C TYR A 369 -52.83 -16.94 -3.04
N ASN A 370 -53.10 -17.94 -2.21
CA ASN A 370 -54.09 -18.98 -2.48
C ASN A 370 -55.09 -19.08 -1.34
N SER A 371 -55.66 -17.95 -0.95
CA SER A 371 -56.68 -17.95 0.09
C SER A 371 -57.81 -18.90 -0.27
N ALA A 372 -58.28 -18.83 -1.52
CA ALA A 372 -59.29 -19.73 -2.07
C ALA A 372 -60.61 -19.62 -1.32
N SER A 373 -60.65 -18.79 -0.29
CA SER A 373 -61.88 -18.40 0.38
C SER A 373 -61.98 -16.92 0.65
N PHE A 374 -60.87 -16.20 0.71
CA PHE A 374 -60.84 -14.76 0.90
C PHE A 374 -60.30 -14.15 -0.38
N SER A 375 -61.16 -13.47 -1.12
CA SER A 375 -60.93 -13.25 -2.54
C SER A 375 -60.67 -11.81 -2.93
N THR A 376 -61.24 -10.83 -2.23
CA THR A 376 -61.11 -9.42 -2.60
C THR A 376 -60.00 -8.76 -1.79
N PHE A 377 -58.93 -9.52 -1.58
CA PHE A 377 -57.75 -9.00 -0.89
C PHE A 377 -57.23 -7.74 -1.57
N LYS A 378 -56.80 -6.80 -0.75
CA LYS A 378 -56.12 -5.60 -1.22
C LYS A 378 -54.78 -5.51 -0.53
N CYS A 379 -53.76 -5.09 -1.26
CA CYS A 379 -52.42 -4.96 -0.72
C CYS A 379 -51.88 -3.58 -1.05
N TYR A 380 -51.38 -2.89 -0.02
CA TYR A 380 -51.01 -1.47 -0.14
C TYR A 380 -49.56 -1.36 -0.56
N GLY A 381 -49.31 -1.64 -1.83
CA GLY A 381 -47.97 -1.48 -2.40
C GLY A 381 -46.95 -2.39 -1.77
N VAL A 382 -47.41 -3.40 -1.03
CA VAL A 382 -46.48 -4.33 -0.40
C VAL A 382 -45.69 -5.04 -1.49
N SER A 383 -44.51 -5.54 -1.13
CA SER A 383 -43.67 -6.20 -2.10
C SER A 383 -43.76 -7.70 -1.92
N PRO A 384 -44.54 -8.42 -2.73
CA PRO A 384 -44.56 -9.88 -2.62
C PRO A 384 -43.27 -10.55 -3.09
N THR A 385 -42.24 -9.79 -3.43
CA THR A 385 -40.96 -10.40 -3.78
C THR A 385 -40.36 -11.14 -2.59
N LYS A 386 -39.97 -10.42 -1.54
CA LYS A 386 -39.43 -11.05 -0.36
C LYS A 386 -40.45 -11.12 0.76
N LEU A 387 -41.70 -10.77 0.46
CA LEU A 387 -42.79 -10.90 1.42
C LEU A 387 -42.74 -12.26 2.10
N ASN A 388 -42.49 -13.32 1.33
CA ASN A 388 -42.44 -14.66 1.91
C ASN A 388 -41.17 -14.92 2.71
N ASP A 389 -40.21 -14.00 2.71
CA ASP A 389 -38.94 -14.29 3.39
C ASP A 389 -38.54 -13.20 4.39
N LEU A 390 -38.83 -11.94 4.08
CA LEU A 390 -38.62 -10.88 5.05
C LEU A 390 -39.27 -11.24 6.39
N CYS A 391 -38.69 -10.75 7.48
CA CYS A 391 -39.34 -10.93 8.77
C CYS A 391 -38.72 -10.00 9.80
N PHE A 392 -39.59 -9.26 10.50
CA PHE A 392 -39.24 -8.28 11.51
C PHE A 392 -39.86 -8.74 12.82
N THR A 393 -39.82 -7.86 13.82
CA THR A 393 -40.69 -8.01 14.98
C THR A 393 -42.06 -7.42 14.66
N ASN A 394 -42.89 -7.27 15.69
CA ASN A 394 -44.11 -6.47 15.64
C ASN A 394 -45.08 -6.93 14.54
N VAL A 395 -45.71 -8.06 14.83
CA VAL A 395 -46.69 -8.65 13.93
C VAL A 395 -48.08 -8.36 14.47
N TYR A 396 -48.25 -7.17 15.07
CA TYR A 396 -49.57 -6.75 15.54
C TYR A 396 -50.60 -6.77 14.41
N ALA A 397 -51.78 -7.32 14.70
CA ALA A 397 -52.87 -7.42 13.73
C ALA A 397 -54.17 -6.94 14.34
N ASP A 398 -55.04 -6.36 13.49
CA ASP A 398 -56.29 -5.75 13.91
C ASP A 398 -57.44 -6.28 13.06
N SER A 399 -58.54 -6.67 13.71
CA SER A 399 -59.76 -7.14 13.05
C SER A 399 -60.95 -6.29 13.50
N PHE A 400 -61.86 -6.02 12.57
CA PHE A 400 -63.03 -5.20 12.90
C PHE A 400 -64.10 -5.39 11.85
N VAL A 401 -65.30 -4.88 12.16
CA VAL A 401 -66.45 -4.97 11.27
C VAL A 401 -66.51 -3.73 10.39
N ILE A 402 -66.66 -3.94 9.09
CA ILE A 402 -66.85 -2.87 8.12
C ILE A 402 -67.78 -3.36 7.03
N ARG A 403 -68.76 -2.54 6.67
CA ARG A 403 -69.75 -2.94 5.69
C ARG A 403 -69.14 -3.06 4.31
N GLY A 404 -69.93 -3.58 3.37
CA GLY A 404 -69.43 -3.90 2.05
C GLY A 404 -68.90 -2.73 1.25
N ASP A 405 -69.79 -1.85 0.78
CA ASP A 405 -69.39 -0.81 -0.17
C ASP A 405 -68.61 0.32 0.49
N GLU A 406 -68.13 0.10 1.70
CA GLU A 406 -67.21 1.01 2.36
C GLU A 406 -65.84 0.37 2.59
N VAL A 407 -65.67 -0.88 2.18
CA VAL A 407 -64.43 -1.61 2.44
C VAL A 407 -63.23 -0.81 1.93
N ARG A 408 -63.31 -0.35 0.69
CA ARG A 408 -62.21 0.34 0.05
C ARG A 408 -61.69 1.52 0.85
N GLN A 409 -62.48 2.02 1.80
CA GLN A 409 -62.08 3.24 2.47
C GLN A 409 -60.84 3.08 3.33
N ILE A 410 -60.36 1.87 3.55
CA ILE A 410 -59.15 1.67 4.34
C ILE A 410 -57.94 2.10 3.51
N ALA A 411 -57.44 3.30 3.78
CA ALA A 411 -56.32 3.85 3.03
C ALA A 411 -55.62 4.89 3.90
N PRO A 412 -54.32 5.13 3.67
CA PRO A 412 -53.60 6.10 4.49
C PRO A 412 -54.08 7.51 4.21
N GLY A 413 -54.52 8.20 5.26
CA GLY A 413 -55.12 9.50 5.08
C GLY A 413 -56.53 9.46 4.55
N GLN A 414 -57.20 8.31 4.62
CA GLN A 414 -58.58 8.17 4.17
C GLN A 414 -59.49 8.22 5.39
N THR A 415 -60.07 9.39 5.62
CA THR A 415 -61.04 9.60 6.69
C THR A 415 -62.40 9.10 6.23
N GLY A 416 -63.45 9.49 6.95
CA GLY A 416 -64.79 9.12 6.55
C GLY A 416 -65.74 9.24 7.72
N LYS A 417 -66.91 8.63 7.56
CA LYS A 417 -67.88 8.49 8.62
C LYS A 417 -67.92 7.08 9.17
N ILE A 418 -68.18 6.08 8.32
CA ILE A 418 -68.25 4.73 8.83
C ILE A 418 -66.86 4.14 9.00
N ALA A 419 -65.85 4.73 8.37
CA ALA A 419 -64.49 4.21 8.44
C ALA A 419 -63.57 5.03 9.32
N ASP A 420 -64.05 6.14 9.89
CA ASP A 420 -63.17 7.05 10.60
C ASP A 420 -63.56 7.25 12.07
N TYR A 421 -64.84 7.51 12.36
CA TYR A 421 -65.24 7.88 13.71
C TYR A 421 -64.89 6.85 14.78
N ASN A 422 -64.49 5.65 14.39
CA ASN A 422 -64.14 4.65 15.39
C ASN A 422 -62.92 3.83 14.97
N TYR A 423 -62.22 4.25 13.92
CA TYR A 423 -61.02 3.57 13.49
C TYR A 423 -60.23 4.51 12.58
N LYS A 424 -58.91 4.32 12.55
CA LYS A 424 -58.05 5.11 11.70
C LYS A 424 -56.65 4.51 11.65
N LEU A 425 -56.11 4.39 10.45
CA LEU A 425 -54.72 3.98 10.42
C LEU A 425 -53.83 5.17 10.12
N PRO A 426 -52.71 5.32 10.84
CA PRO A 426 -51.77 6.37 10.49
C PRO A 426 -51.11 6.08 9.16
N ASP A 427 -50.45 7.08 8.61
CA ASP A 427 -49.77 6.92 7.35
C ASP A 427 -48.68 5.85 7.48
N ASP A 428 -48.11 5.49 6.33
CA ASP A 428 -46.92 4.64 6.24
C ASP A 428 -47.17 3.25 6.85
N PHE A 429 -48.10 2.53 6.24
CA PHE A 429 -48.19 1.08 6.40
C PHE A 429 -48.44 0.47 5.04
N THR A 430 -47.42 -0.17 4.48
CA THR A 430 -47.52 -0.85 3.19
C THR A 430 -47.79 -2.32 3.45
N GLY A 431 -49.06 -2.68 3.58
CA GLY A 431 -49.46 -4.04 3.87
C GLY A 431 -50.71 -4.48 3.14
N CYS A 432 -51.37 -5.54 3.60
CA CYS A 432 -52.55 -6.08 2.95
C CYS A 432 -53.74 -6.12 3.89
N VAL A 433 -54.93 -5.93 3.33
CA VAL A 433 -56.19 -6.11 4.04
C VAL A 433 -57.13 -6.86 3.12
N ILE A 434 -57.85 -7.83 3.67
CA ILE A 434 -58.78 -8.65 2.89
C ILE A 434 -60.16 -8.50 3.52
N ALA A 435 -61.16 -8.30 2.68
CA ALA A 435 -62.54 -8.26 3.11
C ALA A 435 -63.30 -9.33 2.36
N TRP A 436 -64.46 -9.71 2.91
CA TRP A 436 -65.18 -10.84 2.34
C TRP A 436 -66.54 -10.94 3.01
N ASN A 437 -67.43 -11.70 2.37
CA ASN A 437 -68.74 -11.97 2.94
C ASN A 437 -68.62 -12.81 4.20
N SER A 438 -69.34 -12.40 5.24
CA SER A 438 -69.45 -13.21 6.46
C SER A 438 -70.88 -13.61 6.72
N ASN A 439 -71.74 -13.63 5.70
CA ASN A 439 -73.15 -13.87 5.93
C ASN A 439 -73.53 -15.34 5.92
N ASN A 440 -72.69 -16.22 5.36
CA ASN A 440 -73.03 -17.64 5.35
C ASN A 440 -73.12 -18.20 6.77
N LEU A 441 -72.40 -17.62 7.71
CA LEU A 441 -72.55 -17.96 9.12
C LEU A 441 -72.88 -16.75 9.99
N ASP A 442 -72.20 -15.62 9.80
CA ASP A 442 -72.40 -14.45 10.65
C ASP A 442 -73.34 -13.47 9.95
N SER A 443 -74.62 -13.82 9.96
CA SER A 443 -75.71 -12.90 9.65
C SER A 443 -77.01 -13.57 10.08
N LYS A 444 -78.07 -12.77 10.15
CA LYS A 444 -79.37 -13.29 10.55
C LYS A 444 -80.44 -12.34 10.05
N VAL A 445 -81.56 -12.91 9.64
CA VAL A 445 -82.68 -12.15 9.11
C VAL A 445 -83.41 -11.46 10.26
N GLY A 446 -83.95 -10.27 9.97
CA GLY A 446 -84.68 -9.51 10.96
C GLY A 446 -83.89 -8.47 11.72
N GLY A 447 -82.62 -8.26 11.35
CA GLY A 447 -81.78 -7.28 12.01
C GLY A 447 -80.79 -7.89 12.97
N ASN A 448 -79.54 -8.06 12.54
CA ASN A 448 -78.51 -8.69 13.36
C ASN A 448 -78.08 -7.72 14.46
N TYR A 449 -78.82 -7.73 15.55
CA TYR A 449 -78.58 -6.79 16.64
C TYR A 449 -77.31 -7.15 17.40
N ASN A 450 -76.14 -6.91 16.79
CA ASN A 450 -74.90 -7.33 17.41
C ASN A 450 -73.74 -6.34 17.32
N TYR A 451 -73.79 -5.34 16.45
CA TYR A 451 -72.65 -4.44 16.28
C TYR A 451 -73.03 -3.03 16.70
N LEU A 452 -72.02 -2.19 16.87
CA LEU A 452 -72.23 -0.84 17.34
C LEU A 452 -70.93 -0.07 17.25
N TYR A 453 -71.05 1.24 17.01
CA TYR A 453 -69.91 2.14 17.02
C TYR A 453 -70.45 3.56 17.14
N ARG A 454 -69.77 4.37 17.95
CA ARG A 454 -70.25 5.70 18.25
C ARG A 454 -70.23 6.55 16.99
N LEU A 455 -71.42 6.83 16.46
CA LEU A 455 -71.54 7.50 15.17
C LEU A 455 -71.21 8.99 15.22
N PHE A 456 -70.87 9.50 16.40
CA PHE A 456 -70.50 10.89 16.60
C PHE A 456 -69.28 10.97 17.50
N ARG A 457 -68.38 11.90 17.17
CA ARG A 457 -67.22 12.14 18.00
C ARG A 457 -66.71 13.54 17.68
N LYS A 458 -65.98 14.12 18.64
CA LYS A 458 -65.55 15.51 18.52
C LYS A 458 -64.46 15.72 17.49
N SER A 459 -63.79 14.65 17.06
CA SER A 459 -62.81 14.73 15.99
C SER A 459 -62.54 13.32 15.45
N ASN A 460 -61.50 13.20 14.64
CA ASN A 460 -61.06 11.91 14.09
C ASN A 460 -60.29 11.16 15.17
N LEU A 461 -59.53 10.14 14.76
CA LEU A 461 -58.69 9.38 15.65
C LEU A 461 -57.22 9.68 15.42
N LYS A 462 -56.43 9.58 16.49
CA LYS A 462 -54.99 9.70 16.43
C LYS A 462 -54.40 8.45 15.79
N PRO A 463 -53.09 8.46 15.49
CA PRO A 463 -52.46 7.24 14.95
C PRO A 463 -52.79 5.99 15.74
N PHE A 464 -53.55 5.10 15.11
CA PHE A 464 -53.97 3.83 15.72
C PHE A 464 -54.62 4.05 17.08
N GLU A 465 -55.29 5.18 17.24
CA GLU A 465 -55.96 5.46 18.51
C GLU A 465 -57.22 4.62 18.63
N ARG A 466 -57.48 4.13 19.84
CA ARG A 466 -58.68 3.34 20.11
C ARG A 466 -59.07 3.56 21.55
N ASP A 467 -60.08 4.38 21.80
CA ASP A 467 -60.48 4.71 23.16
C ASP A 467 -61.99 4.60 23.32
N ILE A 468 -62.41 3.81 24.30
CA ILE A 468 -63.82 3.67 24.61
C ILE A 468 -64.35 4.99 25.15
N SER A 469 -65.65 5.21 25.00
CA SER A 469 -66.25 6.45 25.46
C SER A 469 -67.76 6.27 25.57
N THR A 470 -68.29 6.44 26.77
CA THR A 470 -69.73 6.62 26.95
C THR A 470 -70.15 8.06 26.71
N GLU A 471 -69.22 8.93 26.37
CA GLU A 471 -69.51 10.35 26.25
C GLU A 471 -70.45 10.63 25.08
N ILE A 472 -71.38 11.54 25.31
CA ILE A 472 -72.26 12.00 24.25
C ILE A 472 -71.51 12.98 23.36
N TYR A 473 -72.04 13.19 22.16
CA TYR A 473 -71.50 14.26 21.34
C TYR A 473 -72.14 15.57 21.74
N GLN A 474 -71.47 16.68 21.41
CA GLN A 474 -71.90 17.99 21.86
C GLN A 474 -71.73 19.00 20.74
N ALA A 475 -72.74 19.85 20.58
CA ALA A 475 -72.61 21.11 19.87
C ALA A 475 -72.44 22.28 20.84
N GLY A 476 -73.38 22.42 21.76
CA GLY A 476 -73.20 23.25 22.93
C GLY A 476 -72.54 22.46 24.04
N SER A 477 -72.89 22.80 25.27
CA SER A 477 -72.37 22.12 26.44
C SER A 477 -73.47 21.38 27.20
N THR A 478 -74.52 21.00 26.50
CA THR A 478 -75.73 20.51 27.16
C THR A 478 -75.51 19.15 27.80
N PRO A 479 -75.67 19.01 29.12
CA PRO A 479 -75.52 17.71 29.78
C PRO A 479 -76.72 16.82 29.52
N CYS A 480 -76.53 15.81 28.69
CA CYS A 480 -77.57 14.83 28.38
C CYS A 480 -77.00 13.44 28.60
N ASN A 481 -77.78 12.58 29.26
CA ASN A 481 -77.35 11.22 29.54
C ASN A 481 -78.33 10.24 28.94
N GLY A 482 -78.76 10.50 27.71
CA GLY A 482 -79.67 9.59 27.02
C GLY A 482 -80.86 10.27 26.40
N VAL A 483 -81.20 11.47 26.87
CA VAL A 483 -82.34 12.20 26.34
C VAL A 483 -81.93 12.87 25.02
N GLU A 484 -82.75 12.68 23.99
CA GLU A 484 -82.43 13.11 22.62
C GLU A 484 -82.86 14.56 22.44
N GLY A 485 -81.90 15.47 22.50
CA GLY A 485 -82.11 16.86 22.22
C GLY A 485 -81.58 17.24 20.86
N PHE A 486 -81.33 18.54 20.68
CA PHE A 486 -80.73 19.01 19.44
C PHE A 486 -79.22 18.84 19.41
N ASN A 487 -78.57 18.68 20.58
CA ASN A 487 -77.13 18.44 20.59
C ASN A 487 -76.71 17.39 21.61
N CYS A 488 -77.65 16.73 22.28
CA CYS A 488 -77.29 15.67 23.23
C CYS A 488 -76.52 14.57 22.52
N TYR A 489 -77.14 13.96 21.50
CA TYR A 489 -76.43 13.24 20.46
C TYR A 489 -75.59 12.09 21.04
N PHE A 490 -76.27 11.09 21.57
CA PHE A 490 -75.56 9.87 21.95
C PHE A 490 -75.23 9.10 20.67
N PRO A 491 -73.96 8.86 20.38
CA PRO A 491 -73.55 8.40 19.05
C PRO A 491 -73.85 6.95 18.70
N LEU A 492 -74.72 6.30 19.50
CA LEU A 492 -74.97 4.87 19.33
C LEU A 492 -75.59 4.55 17.97
N GLN A 493 -74.81 3.95 17.08
CA GLN A 493 -75.28 3.54 15.76
C GLN A 493 -75.60 2.05 15.80
N SER A 494 -76.87 1.72 15.59
CA SER A 494 -77.38 0.37 15.86
C SER A 494 -77.32 -0.51 14.61
N TYR A 495 -76.22 -1.23 14.46
CA TYR A 495 -76.08 -2.24 13.41
C TYR A 495 -76.94 -3.45 13.74
N GLY A 496 -78.19 -3.43 13.30
CA GLY A 496 -78.90 -4.68 13.20
C GLY A 496 -79.02 -5.10 11.75
N PHE A 497 -78.13 -5.97 11.30
CA PHE A 497 -78.01 -6.26 9.87
C PHE A 497 -78.93 -7.39 9.45
N GLN A 498 -79.27 -7.38 8.17
CA GLN A 498 -80.10 -8.40 7.56
C GLN A 498 -79.38 -8.89 6.32
N PRO A 499 -79.25 -10.20 6.14
CA PRO A 499 -78.59 -10.71 4.92
C PRO A 499 -79.30 -10.34 3.64
N THR A 500 -80.56 -9.93 3.71
CA THR A 500 -81.26 -9.49 2.51
C THR A 500 -80.69 -8.20 1.96
N ASN A 501 -79.89 -7.48 2.73
CA ASN A 501 -79.35 -6.21 2.33
C ASN A 501 -78.37 -6.40 1.16
N GLY A 502 -77.92 -5.28 0.60
CA GLY A 502 -77.10 -5.34 -0.60
C GLY A 502 -75.72 -5.89 -0.34
N VAL A 503 -75.07 -6.31 -1.43
CA VAL A 503 -73.71 -6.84 -1.33
C VAL A 503 -72.74 -5.73 -0.95
N GLY A 504 -72.94 -4.54 -1.50
CA GLY A 504 -72.22 -3.40 -0.97
C GLY A 504 -72.64 -3.02 0.44
N TYR A 505 -73.61 -3.73 1.02
CA TYR A 505 -74.13 -3.40 2.34
C TYR A 505 -73.99 -4.53 3.34
N GLN A 506 -73.24 -5.57 3.03
CA GLN A 506 -73.07 -6.65 4.00
C GLN A 506 -71.98 -6.29 5.00
N PRO A 507 -72.01 -6.91 6.19
CA PRO A 507 -70.87 -6.77 7.12
C PRO A 507 -69.70 -7.61 6.63
N TYR A 508 -68.54 -6.99 6.49
CA TYR A 508 -67.37 -7.67 5.93
C TYR A 508 -66.24 -7.76 6.93
N ARG A 509 -65.64 -8.96 7.03
CA ARG A 509 -64.57 -9.29 7.96
C ARG A 509 -63.24 -8.87 7.33
N VAL A 510 -62.67 -7.78 7.80
CA VAL A 510 -61.43 -7.25 7.23
C VAL A 510 -60.39 -7.13 8.34
N VAL A 511 -59.13 -7.26 7.95
CA VAL A 511 -58.00 -7.24 8.88
C VAL A 511 -56.85 -6.46 8.28
N VAL A 512 -56.23 -5.62 9.09
CA VAL A 512 -55.01 -4.92 8.72
C VAL A 512 -53.86 -5.60 9.46
N LEU A 513 -52.63 -5.24 9.07
CA LEU A 513 -51.46 -5.80 9.74
C LEU A 513 -50.54 -4.67 10.19
N SER A 514 -49.33 -5.02 10.62
CA SER A 514 -48.37 -4.01 11.05
C SER A 514 -46.96 -4.54 10.85
N PHE A 515 -46.13 -3.78 10.13
CA PHE A 515 -44.76 -4.15 9.84
C PHE A 515 -43.86 -3.02 10.34
N GLU A 516 -43.38 -3.16 11.58
CA GLU A 516 -42.45 -2.19 12.14
C GLU A 516 -41.31 -2.94 12.82
N LEU A 517 -40.08 -2.49 12.55
CA LEU A 517 -38.87 -3.14 13.04
C LEU A 517 -38.38 -2.47 14.31
N LEU A 518 -37.92 -3.27 15.24
CA LEU A 518 -37.37 -2.79 16.50
C LEU A 518 -35.87 -3.04 16.55
N HIS A 519 -35.24 -2.56 17.62
CA HIS A 519 -33.81 -2.76 17.84
C HIS A 519 -33.67 -3.95 18.79
N ALA A 520 -33.92 -5.13 18.22
CA ALA A 520 -33.99 -6.38 18.94
C ALA A 520 -34.06 -7.50 17.90
N PRO A 521 -33.80 -8.75 18.28
CA PRO A 521 -33.89 -9.83 17.30
C PRO A 521 -35.26 -9.89 16.64
N ALA A 522 -35.31 -10.45 15.45
CA ALA A 522 -36.55 -10.54 14.72
C ALA A 522 -37.39 -11.73 15.19
N THR A 523 -38.70 -11.51 15.28
CA THR A 523 -39.68 -12.53 15.61
C THR A 523 -40.05 -13.34 14.37
N VAL A 524 -41.25 -13.92 14.40
CA VAL A 524 -41.75 -14.87 13.42
C VAL A 524 -41.31 -14.53 12.00
N CYS A 525 -40.93 -15.56 11.24
CA CYS A 525 -40.43 -15.42 9.89
C CYS A 525 -41.24 -16.29 8.92
N GLY A 526 -40.76 -16.37 7.68
CA GLY A 526 -41.43 -17.11 6.64
C GLY A 526 -40.67 -18.37 6.29
N PRO A 527 -41.15 -19.09 5.29
CA PRO A 527 -40.53 -20.38 4.93
C PRO A 527 -39.29 -20.17 4.08
N LYS A 528 -38.54 -21.25 3.91
CA LYS A 528 -37.30 -21.21 3.15
C LYS A 528 -37.17 -22.31 2.10
N LYS A 529 -38.06 -23.30 2.12
CA LYS A 529 -38.24 -24.31 1.07
C LYS A 529 -36.90 -24.86 0.57
N SER A 530 -36.26 -25.62 1.46
CA SER A 530 -35.12 -26.41 1.06
C SER A 530 -35.45 -27.24 -0.17
N THR A 531 -34.43 -27.59 -0.93
CA THR A 531 -34.63 -28.23 -2.23
C THR A 531 -34.10 -29.64 -2.20
N ASN A 532 -34.12 -30.29 -3.36
CA ASN A 532 -33.62 -31.63 -3.49
C ASN A 532 -32.10 -31.68 -3.26
N LEU A 533 -31.58 -32.90 -3.12
CA LEU A 533 -30.21 -33.12 -2.66
C LEU A 533 -29.50 -34.15 -3.54
N VAL A 534 -28.24 -33.86 -3.88
CA VAL A 534 -27.39 -34.76 -4.65
C VAL A 534 -26.08 -34.93 -3.90
N LYS A 535 -25.15 -35.64 -4.52
CA LYS A 535 -23.82 -35.83 -3.97
C LYS A 535 -22.84 -36.08 -5.12
N ASN A 536 -21.55 -36.07 -4.77
CA ASN A 536 -20.45 -36.57 -5.58
C ASN A 536 -20.18 -35.75 -6.83
N LYS A 537 -21.00 -34.78 -7.16
CA LYS A 537 -20.78 -33.93 -8.34
C LYS A 537 -20.76 -32.50 -7.85
N CYS A 538 -19.58 -31.93 -7.74
CA CYS A 538 -19.37 -30.79 -6.87
C CYS A 538 -20.29 -29.65 -7.24
N VAL A 539 -21.02 -29.15 -6.26
CA VAL A 539 -22.20 -28.32 -6.46
C VAL A 539 -22.10 -27.10 -5.58
N ASN A 540 -22.38 -25.93 -6.15
CA ASN A 540 -22.44 -24.72 -5.33
C ASN A 540 -23.48 -24.89 -4.24
N PHE A 541 -23.13 -24.46 -3.02
CA PHE A 541 -24.11 -24.57 -1.96
C PHE A 541 -23.76 -23.64 -0.81
N ASN A 542 -24.75 -22.90 -0.35
CA ASN A 542 -24.67 -21.99 0.78
C ASN A 542 -25.80 -22.39 1.73
N PHE A 543 -25.47 -23.11 2.78
CA PHE A 543 -26.48 -23.57 3.73
C PHE A 543 -26.89 -22.41 4.62
N ASN A 544 -27.61 -22.74 5.69
CA ASN A 544 -28.09 -21.74 6.63
C ASN A 544 -26.94 -21.14 7.42
N GLY A 545 -26.43 -20.01 6.94
CA GLY A 545 -25.28 -19.36 7.52
C GLY A 545 -23.96 -19.74 6.90
N LEU A 546 -23.91 -20.80 6.09
CA LEU A 546 -22.66 -21.36 5.62
C LEU A 546 -22.67 -21.49 4.11
N THR A 547 -21.74 -20.82 3.44
CA THR A 547 -21.56 -20.90 2.01
C THR A 547 -20.35 -21.78 1.69
N GLY A 548 -20.11 -21.98 0.40
CA GLY A 548 -18.98 -22.80 -0.02
C GLY A 548 -19.27 -23.46 -1.35
N THR A 549 -18.25 -24.15 -1.87
CA THR A 549 -18.35 -24.76 -3.18
C THR A 549 -17.47 -25.98 -3.25
N GLY A 550 -18.04 -27.10 -3.66
CA GLY A 550 -17.24 -28.30 -3.83
C GLY A 550 -18.08 -29.55 -3.80
N VAL A 551 -17.40 -30.67 -3.67
CA VAL A 551 -18.01 -31.99 -3.72
C VAL A 551 -18.42 -32.40 -2.31
N LEU A 552 -19.60 -33.00 -2.21
CA LEU A 552 -20.20 -33.30 -0.92
C LEU A 552 -20.27 -34.80 -0.73
N THR A 553 -19.63 -35.28 0.33
CA THR A 553 -19.78 -36.66 0.76
C THR A 553 -19.83 -36.72 2.27
N GLU A 554 -20.24 -37.86 2.78
CA GLU A 554 -20.32 -38.05 4.21
C GLU A 554 -18.92 -38.16 4.81
N SER A 555 -18.88 -38.34 6.13
CA SER A 555 -17.64 -38.61 6.84
C SER A 555 -17.92 -39.60 7.94
N ASN A 556 -16.88 -39.98 8.65
CA ASN A 556 -16.97 -41.03 9.65
C ASN A 556 -16.90 -40.51 11.08
N LYS A 557 -16.48 -39.27 11.27
CA LYS A 557 -16.34 -38.70 12.59
C LYS A 557 -17.71 -38.54 13.23
N LYS A 558 -17.72 -38.04 14.45
CA LYS A 558 -18.98 -37.79 15.17
C LYS A 558 -18.79 -36.52 15.97
N PHE A 559 -19.40 -35.43 15.50
CA PHE A 559 -19.38 -34.19 16.25
C PHE A 559 -20.14 -34.36 17.54
N LEU A 560 -20.00 -33.38 18.43
CA LEU A 560 -20.94 -33.31 19.54
C LEU A 560 -22.35 -33.13 18.99
N PRO A 561 -23.35 -33.69 19.64
CA PRO A 561 -24.66 -33.80 19.00
C PRO A 561 -25.25 -32.49 18.53
N PHE A 562 -24.94 -31.39 19.18
CA PHE A 562 -25.63 -30.12 18.91
C PHE A 562 -24.63 -29.01 18.67
N GLN A 563 -23.64 -29.27 17.86
CA GLN A 563 -22.72 -28.25 17.41
C GLN A 563 -22.77 -28.23 15.89
N GLN A 564 -23.16 -27.10 15.33
CA GLN A 564 -23.76 -27.09 14.01
C GLN A 564 -22.81 -27.59 12.94
N PHE A 565 -21.73 -26.84 12.70
CA PHE A 565 -20.82 -27.17 11.61
C PHE A 565 -19.39 -27.04 12.09
N GLY A 566 -18.47 -27.42 11.21
CA GLY A 566 -17.06 -27.35 11.57
C GLY A 566 -16.11 -26.93 10.48
N ARG A 567 -15.25 -25.97 10.79
CA ARG A 567 -14.05 -25.72 10.03
C ARG A 567 -12.92 -26.37 10.82
N ASP A 568 -12.31 -27.41 10.24
CA ASP A 568 -11.51 -28.33 11.05
C ASP A 568 -10.20 -27.69 11.49
N ILE A 569 -9.39 -27.23 10.54
CA ILE A 569 -8.04 -26.79 10.87
C ILE A 569 -7.65 -25.69 9.91
N ALA A 570 -6.86 -24.74 10.39
CA ALA A 570 -6.31 -23.67 9.58
C ALA A 570 -7.41 -22.87 8.90
N ASP A 571 -8.58 -22.80 9.54
CA ASP A 571 -9.72 -22.00 9.05
C ASP A 571 -10.18 -22.49 7.67
N THR A 572 -10.73 -23.70 7.68
CA THR A 572 -11.17 -24.37 6.46
C THR A 572 -12.59 -24.89 6.65
N THR A 573 -13.59 -24.14 6.17
CA THR A 573 -14.98 -24.53 6.33
C THR A 573 -15.23 -25.79 5.50
N ASP A 574 -15.34 -26.93 6.17
CA ASP A 574 -15.63 -28.15 5.42
C ASP A 574 -16.76 -28.96 6.00
N ALA A 575 -16.88 -28.99 7.32
CA ALA A 575 -17.73 -29.96 7.99
C ALA A 575 -19.06 -29.29 8.32
N VAL A 576 -20.12 -29.74 7.66
CA VAL A 576 -21.45 -29.19 7.85
C VAL A 576 -22.38 -30.33 8.22
N ARG A 577 -23.20 -30.12 9.24
CA ARG A 577 -24.28 -31.04 9.55
C ARG A 577 -25.50 -30.62 8.76
N ASP A 578 -26.08 -31.56 8.02
CA ASP A 578 -27.26 -31.21 7.26
C ASP A 578 -28.34 -30.70 8.19
N PRO A 579 -28.92 -29.55 7.93
CA PRO A 579 -30.00 -29.05 8.79
C PRO A 579 -31.17 -30.02 8.86
N GLN A 580 -31.52 -30.68 7.76
CA GLN A 580 -32.71 -31.52 7.77
C GLN A 580 -32.41 -32.91 8.34
N THR A 581 -31.55 -33.68 7.68
CA THR A 581 -31.41 -35.08 8.01
C THR A 581 -30.66 -35.33 9.30
N LEU A 582 -30.14 -34.28 9.94
CA LEU A 582 -29.31 -34.41 11.15
C LEU A 582 -28.17 -35.38 10.91
N GLU A 583 -27.33 -35.04 9.93
CA GLU A 583 -26.17 -35.84 9.61
C GLU A 583 -25.02 -34.93 9.20
N ILE A 584 -23.81 -35.30 9.59
CA ILE A 584 -22.63 -34.49 9.34
C ILE A 584 -22.09 -34.77 7.95
N LEU A 585 -21.82 -33.71 7.20
CA LEU A 585 -21.41 -33.83 5.81
C LEU A 585 -20.12 -33.05 5.58
N ASP A 586 -19.21 -33.67 4.84
CA ASP A 586 -17.91 -33.07 4.55
C ASP A 586 -17.78 -32.73 3.07
N ILE A 587 -16.97 -31.74 2.78
CA ILE A 587 -16.82 -31.20 1.45
C ILE A 587 -15.39 -31.38 1.00
N THR A 588 -15.16 -31.05 -0.26
CA THR A 588 -13.82 -30.89 -0.77
C THR A 588 -13.88 -29.96 -1.95
N PRO A 589 -13.31 -28.76 -1.87
CA PRO A 589 -13.28 -27.87 -3.03
C PRO A 589 -12.92 -28.63 -4.28
N CYS A 590 -13.53 -28.28 -5.40
CA CYS A 590 -13.48 -29.10 -6.60
C CYS A 590 -12.04 -29.25 -7.09
N SER A 591 -11.84 -30.20 -8.00
CA SER A 591 -10.56 -30.34 -8.67
C SER A 591 -10.22 -29.08 -9.45
N PHE A 592 -8.98 -28.60 -9.30
CA PHE A 592 -8.49 -27.51 -10.13
C PHE A 592 -7.00 -27.36 -9.96
N GLY A 593 -6.35 -26.84 -10.99
CA GLY A 593 -4.92 -26.68 -11.03
C GLY A 593 -4.47 -26.30 -12.42
N GLY A 594 -3.21 -25.93 -12.53
CA GLY A 594 -2.70 -25.38 -13.76
C GLY A 594 -2.66 -26.38 -14.90
N VAL A 595 -2.44 -25.84 -16.10
CA VAL A 595 -2.27 -26.62 -17.31
C VAL A 595 -0.90 -26.35 -17.89
N SER A 596 -0.39 -27.30 -18.66
CA SER A 596 0.92 -27.16 -19.27
C SER A 596 0.91 -27.69 -20.69
N VAL A 597 1.57 -26.97 -21.58
CA VAL A 597 1.66 -27.32 -22.99
C VAL A 597 3.10 -27.64 -23.33
N ILE A 598 3.34 -28.82 -23.86
CA ILE A 598 4.68 -29.30 -24.11
C ILE A 598 4.94 -29.15 -25.60
N THR A 599 5.58 -28.08 -25.99
CA THR A 599 5.83 -27.93 -27.41
C THR A 599 7.23 -28.36 -27.76
N PRO A 600 7.39 -29.26 -28.71
CA PRO A 600 8.73 -29.52 -29.24
C PRO A 600 9.31 -28.32 -29.91
N GLY A 601 8.53 -27.27 -30.11
CA GLY A 601 8.97 -26.14 -30.88
C GLY A 601 8.01 -25.91 -32.02
N THR A 602 7.54 -24.68 -32.18
CA THR A 602 6.43 -24.40 -33.07
C THR A 602 6.72 -24.75 -34.52
N ASN A 603 8.00 -24.91 -34.89
CA ASN A 603 8.34 -25.17 -36.27
C ASN A 603 9.08 -26.47 -36.49
N THR A 604 9.73 -27.01 -35.47
CA THR A 604 10.25 -28.37 -35.59
C THR A 604 9.12 -29.35 -35.86
N SER A 605 7.93 -29.03 -35.37
CA SER A 605 6.69 -29.72 -35.69
C SER A 605 5.58 -28.74 -35.37
N ASN A 606 4.35 -29.22 -35.31
CA ASN A 606 3.29 -28.34 -34.84
C ASN A 606 2.35 -28.98 -33.85
N GLN A 607 2.20 -30.29 -33.86
CA GLN A 607 1.37 -30.94 -32.85
C GLN A 607 1.98 -30.73 -31.48
N VAL A 608 1.12 -30.72 -30.46
CA VAL A 608 1.53 -30.51 -29.08
C VAL A 608 0.74 -31.43 -28.18
N ALA A 609 1.06 -31.38 -26.89
CA ALA A 609 0.37 -32.18 -25.89
C ALA A 609 0.15 -31.33 -24.66
N VAL A 610 -0.75 -31.80 -23.81
CA VAL A 610 -1.27 -31.01 -22.71
C VAL A 610 -1.07 -31.74 -21.41
N LEU A 611 -0.76 -31.00 -20.35
CA LEU A 611 -0.59 -31.57 -19.03
C LEU A 611 -1.71 -31.10 -18.11
N TYR A 612 -2.31 -32.04 -17.41
CA TYR A 612 -3.12 -31.75 -16.25
C TYR A 612 -2.39 -32.27 -15.03
N GLN A 613 -1.99 -31.38 -14.14
CA GLN A 613 -1.22 -31.77 -12.96
C GLN A 613 -2.10 -31.70 -11.72
N ASP A 614 -1.89 -32.66 -10.83
CA ASP A 614 -2.66 -32.83 -9.61
C ASP A 614 -4.15 -32.97 -9.88
N VAL A 615 -4.52 -33.38 -11.08
CA VAL A 615 -5.91 -33.66 -11.41
C VAL A 615 -6.01 -35.13 -11.76
N ASN A 616 -6.75 -35.88 -10.96
CA ASN A 616 -7.00 -37.28 -11.28
C ASN A 616 -7.83 -37.34 -12.56
N CYS A 617 -7.22 -37.74 -13.67
CA CYS A 617 -7.93 -37.77 -14.95
C CYS A 617 -9.04 -38.81 -14.95
N THR A 618 -10.12 -38.48 -14.27
CA THR A 618 -11.33 -39.25 -14.35
C THR A 618 -12.52 -38.36 -14.65
N GLU A 619 -12.33 -37.05 -14.65
CA GLU A 619 -13.40 -36.10 -14.86
C GLU A 619 -13.03 -35.04 -15.88
N VAL A 620 -11.82 -35.08 -16.39
CA VAL A 620 -11.26 -34.01 -17.20
C VAL A 620 -11.86 -33.83 -18.60
N PRO A 621 -12.41 -34.87 -19.29
CA PRO A 621 -12.72 -34.69 -20.72
C PRO A 621 -13.67 -33.56 -21.07
N VAL A 622 -14.14 -32.81 -20.08
CA VAL A 622 -14.96 -31.64 -20.37
C VAL A 622 -14.27 -30.41 -19.75
N ALA A 623 -12.94 -30.44 -19.69
CA ALA A 623 -12.19 -29.28 -19.24
C ALA A 623 -11.93 -28.30 -20.39
N ILE A 624 -11.16 -28.73 -21.40
CA ILE A 624 -10.85 -27.89 -22.55
C ILE A 624 -10.50 -28.75 -23.76
N HIS A 625 -11.07 -28.39 -24.92
CA HIS A 625 -10.73 -28.98 -26.24
C HIS A 625 -10.58 -30.49 -26.18
N ALA A 626 -11.37 -31.14 -25.32
CA ALA A 626 -11.21 -32.56 -25.03
C ALA A 626 -12.44 -33.38 -25.40
N ASP A 627 -13.32 -32.85 -26.24
CA ASP A 627 -14.49 -33.60 -26.70
C ASP A 627 -14.25 -34.26 -28.05
N GLN A 628 -13.13 -34.95 -28.17
CA GLN A 628 -12.63 -35.43 -29.45
C GLN A 628 -12.17 -36.88 -29.36
N THR A 638 -11.06 -36.10 -26.47
CA THR A 638 -9.85 -35.79 -25.72
C THR A 638 -8.62 -35.81 -26.60
N GLY A 639 -8.11 -37.01 -26.85
CA GLY A 639 -6.92 -37.17 -27.66
C GLY A 639 -6.55 -38.62 -27.92
N SER A 640 -5.25 -38.91 -27.94
CA SER A 640 -4.81 -40.26 -28.21
C SER A 640 -5.34 -41.20 -27.14
N ASN A 641 -4.83 -41.05 -25.93
CA ASN A 641 -5.30 -41.80 -24.77
C ASN A 641 -4.65 -41.24 -23.53
N VAL A 642 -5.30 -41.47 -22.40
CA VAL A 642 -4.94 -40.85 -21.14
C VAL A 642 -3.68 -41.50 -20.59
N PHE A 643 -3.15 -40.92 -19.53
CA PHE A 643 -2.04 -41.50 -18.79
C PHE A 643 -1.90 -40.72 -17.49
N GLN A 644 -1.53 -41.41 -16.44
CA GLN A 644 -1.43 -40.81 -15.13
C GLN A 644 0.03 -40.73 -14.68
N THR A 645 0.34 -39.72 -13.88
CA THR A 645 1.62 -39.61 -13.18
C THR A 645 1.38 -39.06 -11.80
N ARG A 646 2.34 -39.34 -10.90
CA ARG A 646 2.31 -38.69 -9.59
C ARG A 646 2.45 -37.18 -9.72
N ALA A 647 2.91 -36.70 -10.87
CA ALA A 647 2.89 -35.28 -11.15
C ALA A 647 1.64 -34.83 -11.84
N GLY A 648 0.78 -35.74 -12.27
CA GLY A 648 -0.45 -35.35 -12.92
C GLY A 648 -0.80 -36.31 -14.03
N CYS A 649 -1.77 -35.92 -14.85
CA CYS A 649 -2.17 -36.71 -15.98
C CYS A 649 -2.05 -35.88 -17.26
N LEU A 650 -1.51 -36.51 -18.29
CA LEU A 650 -1.17 -35.84 -19.53
C LEU A 650 -1.95 -36.45 -20.68
N ILE A 651 -2.10 -35.65 -21.72
CA ILE A 651 -2.78 -36.05 -22.94
C ILE A 651 -1.95 -35.65 -24.13
N GLY A 652 -1.63 -36.61 -24.99
CA GLY A 652 -0.91 -36.30 -26.20
C GLY A 652 0.44 -36.98 -26.28
N ALA A 653 0.57 -38.18 -25.71
CA ALA A 653 1.78 -38.95 -25.91
C ALA A 653 1.54 -40.39 -25.53
N GLU A 654 2.12 -41.30 -26.31
CA GLU A 654 2.14 -42.70 -25.91
C GLU A 654 3.12 -42.88 -24.76
N HIS A 655 2.71 -43.65 -23.76
CA HIS A 655 3.60 -43.95 -22.66
C HIS A 655 4.41 -45.18 -22.98
N VAL A 656 5.73 -45.10 -22.79
CA VAL A 656 6.64 -46.15 -23.17
C VAL A 656 7.55 -46.49 -22.01
N ASN A 657 8.52 -47.34 -22.27
CA ASN A 657 9.56 -47.63 -21.30
C ASN A 657 10.96 -47.29 -21.79
N ASN A 658 11.17 -47.19 -23.09
CA ASN A 658 12.52 -46.98 -23.59
C ASN A 658 13.10 -45.70 -23.01
N SER A 659 14.13 -45.85 -22.18
CA SER A 659 14.69 -44.69 -21.50
C SER A 659 15.43 -43.82 -22.49
N TYR A 660 15.45 -42.52 -22.21
CA TYR A 660 16.30 -41.58 -22.93
C TYR A 660 16.72 -40.50 -21.95
N GLU A 661 17.66 -39.67 -22.37
CA GLU A 661 17.94 -38.47 -21.62
C GLU A 661 16.80 -37.47 -21.81
N CYS A 662 16.85 -36.38 -21.05
CA CYS A 662 15.73 -35.48 -20.96
C CYS A 662 16.15 -34.05 -21.26
N ASP A 663 15.26 -33.32 -21.91
CA ASP A 663 15.37 -31.87 -21.98
C ASP A 663 14.03 -31.19 -21.75
N ILE A 664 13.02 -31.93 -21.30
CA ILE A 664 11.69 -31.40 -21.10
C ILE A 664 11.12 -32.02 -19.83
N PRO A 665 11.19 -31.35 -18.69
CA PRO A 665 10.83 -31.97 -17.43
C PRO A 665 9.39 -31.74 -17.04
N ILE A 666 8.85 -32.70 -16.28
CA ILE A 666 7.49 -32.58 -15.78
C ILE A 666 7.40 -32.83 -14.28
N GLY A 667 7.89 -33.96 -13.82
CA GLY A 667 7.79 -34.26 -12.40
C GLY A 667 7.98 -35.73 -12.12
N ALA A 668 8.24 -36.02 -10.84
CA ALA A 668 8.38 -37.37 -10.32
C ALA A 668 9.23 -38.25 -11.20
N GLY A 669 10.08 -37.64 -12.02
CA GLY A 669 10.91 -38.38 -12.93
C GLY A 669 10.32 -38.65 -14.29
N ILE A 670 9.48 -37.74 -14.79
CA ILE A 670 8.82 -37.95 -16.06
C ILE A 670 9.19 -36.80 -16.99
N CYS A 671 9.90 -37.13 -18.06
CA CYS A 671 10.21 -36.18 -19.11
C CYS A 671 9.56 -36.67 -20.40
N ALA A 672 9.50 -35.78 -21.38
CA ALA A 672 8.86 -36.13 -22.64
C ALA A 672 9.55 -35.40 -23.77
N SER A 673 9.54 -36.02 -24.94
CA SER A 673 10.16 -35.40 -26.11
C SER A 673 9.56 -36.03 -27.35
N TYR A 674 10.23 -35.82 -28.49
CA TYR A 674 9.75 -36.32 -29.76
C TYR A 674 10.36 -37.69 -30.03
N GLN A 675 9.69 -38.47 -30.88
CA GLN A 675 10.09 -39.86 -31.08
C GLN A 675 11.20 -39.98 -32.12
N THR A 676 11.00 -39.38 -33.29
CA THR A 676 11.91 -39.50 -34.42
C THR A 676 12.11 -40.96 -34.83
N SER A 691 5.53 -38.26 -33.62
CA SER A 691 4.68 -38.56 -32.47
C SER A 691 5.36 -38.13 -31.17
N ILE A 692 4.58 -37.67 -30.19
CA ILE A 692 5.11 -37.22 -28.90
C ILE A 692 5.06 -38.37 -27.91
N ILE A 693 6.04 -38.41 -27.03
CA ILE A 693 6.29 -39.57 -26.21
C ILE A 693 6.70 -39.10 -24.82
N ALA A 694 6.30 -39.86 -23.82
CA ALA A 694 6.74 -39.65 -22.46
C ALA A 694 7.56 -40.85 -22.01
N TYR A 695 8.34 -40.66 -20.94
CA TYR A 695 9.27 -41.69 -20.53
C TYR A 695 9.91 -41.30 -19.20
N THR A 696 10.19 -42.31 -18.39
CA THR A 696 10.93 -42.10 -17.16
C THR A 696 12.34 -41.62 -17.50
N MET A 697 12.86 -40.74 -16.66
CA MET A 697 14.14 -40.11 -16.93
C MET A 697 15.27 -41.11 -16.74
N SER A 698 16.37 -40.86 -17.44
CA SER A 698 17.51 -41.76 -17.47
C SER A 698 18.69 -41.06 -16.82
N LEU A 699 19.23 -41.67 -15.77
CA LEU A 699 20.45 -41.14 -15.19
C LEU A 699 21.52 -41.00 -16.25
N GLY A 700 21.62 -41.99 -17.13
CA GLY A 700 22.66 -42.03 -18.12
C GLY A 700 23.09 -43.48 -18.33
N ALA A 701 24.27 -43.64 -18.90
CA ALA A 701 24.80 -44.98 -19.11
C ALA A 701 25.02 -45.68 -17.77
N GLU A 702 24.78 -46.98 -17.76
CA GLU A 702 25.06 -47.81 -16.59
C GLU A 702 26.39 -48.51 -16.81
N ASN A 703 27.48 -47.75 -16.66
CA ASN A 703 28.81 -48.25 -16.96
C ASN A 703 29.50 -48.53 -15.64
N SER A 704 29.24 -49.71 -15.08
CA SER A 704 29.94 -50.06 -13.87
C SER A 704 31.41 -50.30 -14.18
N VAL A 705 32.19 -50.49 -13.12
CA VAL A 705 33.62 -50.75 -13.24
C VAL A 705 34.00 -51.78 -12.19
N ALA A 706 34.70 -52.82 -12.62
CA ALA A 706 35.03 -53.91 -11.72
C ALA A 706 36.09 -53.45 -10.73
N TYR A 707 36.59 -54.42 -9.97
CA TYR A 707 37.43 -54.12 -8.82
C TYR A 707 38.09 -55.40 -8.35
N SER A 708 39.30 -55.25 -7.83
CA SER A 708 39.99 -56.34 -7.16
C SER A 708 40.71 -55.71 -5.98
N ASN A 709 41.67 -56.42 -5.41
CA ASN A 709 42.53 -55.82 -4.40
C ASN A 709 43.99 -55.85 -4.84
N ASN A 710 44.24 -55.94 -6.13
CA ASN A 710 45.60 -55.96 -6.61
C ASN A 710 45.84 -55.30 -7.95
N SER A 711 44.83 -54.68 -8.57
CA SER A 711 44.97 -54.15 -9.93
C SER A 711 44.83 -52.64 -9.95
N ILE A 712 45.80 -51.97 -10.56
CA ILE A 712 45.79 -50.53 -10.70
C ILE A 712 45.47 -50.20 -12.14
N ALA A 713 44.74 -49.12 -12.34
CA ALA A 713 44.53 -48.56 -13.67
C ALA A 713 45.41 -47.33 -13.83
N ILE A 714 45.99 -47.16 -15.00
CA ILE A 714 46.91 -46.06 -15.23
C ILE A 714 46.73 -45.49 -16.64
N PRO A 715 46.70 -44.18 -16.79
CA PRO A 715 46.59 -43.59 -18.12
C PRO A 715 47.85 -43.81 -18.94
N THR A 716 47.70 -43.69 -20.26
CA THR A 716 48.84 -43.75 -21.17
C THR A 716 49.02 -42.50 -22.00
N ASN A 717 48.03 -42.10 -22.79
CA ASN A 717 48.08 -40.83 -23.47
C ASN A 717 47.45 -39.78 -22.58
N PHE A 718 47.26 -38.59 -23.14
CA PHE A 718 46.62 -37.51 -22.43
C PHE A 718 46.16 -36.50 -23.43
N THR A 719 44.96 -35.99 -23.24
CA THR A 719 44.42 -34.97 -24.14
C THR A 719 44.20 -33.70 -23.33
N ILE A 720 44.88 -32.64 -23.70
CA ILE A 720 44.49 -31.34 -23.22
C ILE A 720 43.16 -30.99 -23.85
N SER A 721 42.36 -30.18 -23.19
CA SER A 721 41.05 -29.82 -23.72
C SER A 721 40.66 -28.46 -23.22
N VAL A 722 40.27 -27.59 -24.13
CA VAL A 722 39.77 -26.30 -23.72
C VAL A 722 38.32 -26.44 -23.29
N THR A 723 37.83 -25.44 -22.56
CA THR A 723 36.46 -25.41 -22.09
C THR A 723 36.12 -23.96 -21.78
N THR A 724 34.87 -23.59 -22.02
CA THR A 724 34.43 -22.23 -21.78
C THR A 724 33.27 -22.25 -20.80
N GLU A 725 33.43 -21.56 -19.70
CA GLU A 725 32.40 -21.45 -18.69
C GLU A 725 32.15 -19.98 -18.42
N ILE A 726 30.88 -19.60 -18.31
CA ILE A 726 30.46 -18.21 -18.44
C ILE A 726 30.06 -17.66 -17.09
N LEU A 727 30.17 -16.34 -16.93
CA LEU A 727 29.75 -15.70 -15.71
C LEU A 727 29.34 -14.27 -15.99
N PRO A 728 28.14 -13.87 -15.58
CA PRO A 728 27.75 -12.46 -15.71
C PRO A 728 28.36 -11.66 -14.57
N VAL A 729 28.42 -10.34 -14.77
CA VAL A 729 28.92 -9.48 -13.70
C VAL A 729 28.03 -8.30 -13.39
N SER A 730 27.16 -7.81 -14.27
CA SER A 730 26.55 -6.53 -13.96
C SER A 730 25.28 -6.32 -14.76
N MET A 731 24.20 -5.96 -14.08
CA MET A 731 23.06 -5.43 -14.80
C MET A 731 23.35 -3.99 -15.22
N THR A 732 22.55 -3.50 -16.15
CA THR A 732 22.74 -2.15 -16.65
C THR A 732 22.42 -1.15 -15.56
N LYS A 733 23.28 -0.13 -15.42
CA LYS A 733 23.02 0.90 -14.44
C LYS A 733 21.76 1.63 -14.82
N THR A 734 20.68 1.40 -14.10
CA THR A 734 19.40 2.02 -14.42
C THR A 734 19.01 3.00 -13.34
N SER A 735 18.33 4.07 -13.75
CA SER A 735 17.90 5.07 -12.80
C SER A 735 16.57 5.65 -13.25
N VAL A 736 15.79 6.12 -12.28
CA VAL A 736 14.49 6.69 -12.58
C VAL A 736 14.10 7.59 -11.42
N ASP A 737 13.54 8.74 -11.74
CA ASP A 737 13.13 9.70 -10.73
C ASP A 737 11.63 9.65 -10.54
N CYS A 738 11.20 9.99 -9.32
CA CYS A 738 9.76 9.94 -9.05
C CYS A 738 9.04 11.04 -9.80
N THR A 739 9.33 12.29 -9.45
CA THR A 739 8.49 13.40 -9.90
C THR A 739 8.43 13.50 -11.42
N MET A 740 9.52 13.20 -12.11
CA MET A 740 9.45 13.19 -13.55
C MET A 740 8.63 12.03 -14.06
N TYR A 741 8.39 11.02 -13.22
CA TYR A 741 7.56 9.90 -13.63
C TYR A 741 6.33 9.72 -12.76
N ILE A 742 6.48 9.63 -11.44
CA ILE A 742 5.35 9.21 -10.62
C ILE A 742 4.19 10.17 -10.78
N CYS A 743 4.48 11.45 -10.98
CA CYS A 743 3.43 12.40 -11.32
C CYS A 743 3.65 12.98 -12.72
N GLY A 744 4.75 13.68 -12.94
CA GLY A 744 5.03 14.16 -14.26
C GLY A 744 4.36 15.48 -14.53
N ASP A 745 5.15 16.53 -14.75
CA ASP A 745 4.73 17.78 -15.37
C ASP A 745 3.35 18.27 -14.93
N SER A 746 3.02 18.15 -13.65
CA SER A 746 1.75 18.68 -13.15
C SER A 746 1.92 18.90 -11.65
N THR A 747 2.17 20.16 -11.27
CA THR A 747 2.66 20.45 -9.93
C THR A 747 1.68 19.96 -8.85
N GLU A 748 0.39 20.09 -9.09
CA GLU A 748 -0.59 19.70 -8.08
C GLU A 748 -0.38 18.26 -7.65
N CYS A 749 -0.01 17.41 -8.60
CA CYS A 749 0.33 16.03 -8.23
C CYS A 749 1.48 16.02 -7.24
N SER A 750 2.59 16.65 -7.60
CA SER A 750 3.66 16.83 -6.63
C SER A 750 3.16 17.59 -5.43
N ASN A 751 2.39 18.65 -5.65
CA ASN A 751 1.77 19.37 -4.54
C ASN A 751 0.86 18.46 -3.74
N LEU A 752 0.40 17.37 -4.33
CA LEU A 752 -0.23 16.31 -3.55
C LEU A 752 0.80 15.29 -3.10
N LEU A 753 1.99 15.29 -3.68
CA LEU A 753 3.03 14.34 -3.34
C LEU A 753 4.05 14.88 -2.34
N LEU A 754 4.52 16.11 -2.53
CA LEU A 754 5.51 16.64 -1.60
C LEU A 754 5.01 16.61 -0.17
N GLN A 755 3.71 16.46 0.02
CA GLN A 755 3.16 16.17 1.33
C GLN A 755 3.13 14.69 1.63
N TYR A 756 3.40 13.84 0.65
CA TYR A 756 3.16 12.41 0.84
C TYR A 756 4.29 11.72 1.58
N GLY A 757 5.18 12.48 2.20
CA GLY A 757 6.28 11.92 2.95
C GLY A 757 7.61 12.10 2.27
N SER A 758 8.41 11.05 2.19
CA SER A 758 9.64 11.14 1.42
C SER A 758 9.90 9.87 0.62
N PHE A 759 8.87 9.04 0.42
CA PHE A 759 9.03 7.79 -0.31
C PHE A 759 9.83 7.96 -1.57
N CYS A 760 9.47 8.93 -2.39
CA CYS A 760 10.24 9.02 -3.61
C CYS A 760 11.57 9.72 -3.42
N THR A 761 12.13 9.70 -2.22
CA THR A 761 13.53 10.06 -2.05
C THR A 761 14.37 8.92 -1.48
N GLN A 762 13.94 8.29 -0.39
CA GLN A 762 14.72 7.15 0.09
C GLN A 762 14.74 6.07 -0.95
N LEU A 763 13.70 6.01 -1.78
CA LEU A 763 13.74 5.09 -2.90
C LEU A 763 14.97 5.32 -3.74
N ASN A 764 15.23 6.56 -4.13
CA ASN A 764 16.35 6.80 -5.04
C ASN A 764 17.67 6.42 -4.40
N ARG A 765 17.89 6.78 -3.14
CA ARG A 765 19.14 6.42 -2.49
C ARG A 765 19.33 4.91 -2.51
N ALA A 766 18.30 4.17 -2.14
CA ALA A 766 18.42 2.72 -2.16
C ALA A 766 18.59 2.19 -3.57
N LEU A 767 18.05 2.88 -4.58
CA LEU A 767 18.31 2.46 -5.94
C LEU A 767 19.65 2.98 -6.43
N THR A 768 19.87 4.29 -6.35
CA THR A 768 21.10 4.83 -6.89
C THR A 768 22.33 4.28 -6.19
N GLY A 769 22.15 3.64 -5.03
CA GLY A 769 23.24 2.86 -4.47
C GLY A 769 23.71 1.79 -5.45
N ILE A 770 22.77 1.20 -6.18
CA ILE A 770 23.12 0.19 -7.16
C ILE A 770 24.08 0.75 -8.18
N ALA A 771 23.94 2.03 -8.51
CA ALA A 771 24.82 2.63 -9.50
C ALA A 771 26.28 2.48 -9.10
N VAL A 772 26.66 2.99 -7.93
CA VAL A 772 28.03 2.79 -7.51
C VAL A 772 28.25 1.35 -7.08
N GLU A 773 27.18 0.62 -6.76
CA GLU A 773 27.35 -0.78 -6.44
C GLU A 773 27.84 -1.55 -7.65
N GLN A 774 27.26 -1.29 -8.81
CA GLN A 774 27.68 -1.99 -10.01
C GLN A 774 29.14 -1.71 -10.31
N ASP A 775 29.46 -0.45 -10.64
CA ASP A 775 30.82 -0.10 -11.02
C ASP A 775 31.83 -0.44 -9.94
N LYS A 776 31.37 -0.83 -8.76
CA LYS A 776 32.27 -1.43 -7.80
C LYS A 776 32.57 -2.87 -8.18
N ASN A 777 31.62 -3.59 -8.78
CA ASN A 777 31.89 -4.97 -9.15
C ASN A 777 32.92 -5.04 -10.26
N THR A 778 32.59 -4.49 -11.42
CA THR A 778 33.50 -4.56 -12.55
C THR A 778 34.89 -4.13 -12.17
N GLN A 779 35.03 -2.95 -11.58
CA GLN A 779 36.32 -2.46 -11.14
C GLN A 779 37.04 -3.47 -10.25
N GLU A 780 36.29 -4.34 -9.59
CA GLU A 780 36.88 -5.26 -8.64
C GLU A 780 37.10 -6.64 -9.25
N VAL A 781 36.77 -6.84 -10.51
CA VAL A 781 36.96 -8.14 -11.14
C VAL A 781 38.00 -8.10 -12.26
N PHE A 782 38.34 -6.93 -12.77
CA PHE A 782 39.27 -6.87 -13.89
C PHE A 782 40.49 -6.00 -13.66
N ALA A 783 40.51 -5.17 -12.64
CA ALA A 783 41.74 -4.45 -12.30
C ALA A 783 42.50 -5.16 -11.18
N GLN A 784 42.73 -6.45 -11.34
CA GLN A 784 43.49 -7.19 -10.36
C GLN A 784 44.96 -7.26 -10.73
N VAL A 785 45.38 -6.41 -11.65
CA VAL A 785 46.79 -6.22 -11.95
C VAL A 785 47.11 -4.75 -11.75
N LYS A 786 48.27 -4.47 -11.15
CA LYS A 786 48.61 -3.10 -10.80
C LYS A 786 48.60 -2.20 -12.02
N GLN A 787 49.04 -2.72 -13.15
CA GLN A 787 49.18 -1.93 -14.35
C GLN A 787 48.90 -2.83 -15.54
N ILE A 788 49.33 -2.42 -16.72
CA ILE A 788 49.04 -3.19 -17.92
C ILE A 788 50.31 -3.88 -18.38
N TYR A 789 50.21 -4.68 -19.43
CA TYR A 789 51.38 -5.28 -20.04
C TYR A 789 51.17 -5.27 -21.54
N LYS A 790 52.18 -5.73 -22.25
CA LYS A 790 52.13 -5.75 -23.71
C LYS A 790 52.77 -7.02 -24.22
N THR A 791 52.04 -7.76 -25.03
CA THR A 791 52.65 -8.84 -25.79
C THR A 791 53.80 -8.28 -26.64
N PRO A 792 54.84 -9.07 -26.87
CA PRO A 792 55.93 -8.62 -27.70
C PRO A 792 55.66 -8.92 -29.16
N PRO A 793 56.16 -8.10 -30.08
CA PRO A 793 56.03 -8.43 -31.51
C PRO A 793 56.72 -9.73 -31.85
N ILE A 794 57.92 -9.95 -31.30
CA ILE A 794 58.60 -11.22 -31.46
C ILE A 794 57.74 -12.31 -30.86
N LYS A 795 57.30 -13.25 -31.69
CA LYS A 795 56.38 -14.29 -31.24
C LYS A 795 56.96 -15.64 -31.64
N ASP A 796 57.85 -16.16 -30.80
CA ASP A 796 58.35 -17.52 -30.90
C ASP A 796 57.77 -18.26 -29.70
N PHE A 797 56.56 -18.77 -29.85
CA PHE A 797 55.82 -19.34 -28.73
C PHE A 797 55.91 -20.85 -28.72
N GLY A 798 57.13 -21.35 -28.54
CA GLY A 798 57.38 -22.72 -28.14
C GLY A 798 56.40 -23.72 -28.71
N GLY A 799 56.07 -23.58 -29.97
CA GLY A 799 55.07 -24.42 -30.57
C GLY A 799 53.69 -24.14 -30.00
N PHE A 800 53.27 -22.89 -30.07
CA PHE A 800 51.90 -22.55 -29.69
C PHE A 800 51.38 -21.49 -30.66
N ASN A 801 50.09 -21.55 -30.92
CA ASN A 801 49.42 -20.59 -31.79
C ASN A 801 48.22 -20.02 -31.05
N PHE A 802 48.31 -18.75 -30.66
CA PHE A 802 47.27 -18.12 -29.87
C PHE A 802 46.48 -17.12 -30.70
N SER A 803 46.43 -17.33 -32.01
CA SER A 803 45.96 -16.31 -32.93
C SER A 803 44.60 -15.75 -32.57
N GLN A 804 43.79 -16.49 -31.82
CA GLN A 804 42.42 -16.08 -31.57
C GLN A 804 42.21 -15.43 -30.21
N ILE A 805 43.24 -15.32 -29.36
CA ILE A 805 43.04 -14.73 -28.05
C ILE A 805 44.00 -13.58 -27.86
N LEU A 806 45.11 -13.61 -28.57
CA LEU A 806 45.93 -12.43 -28.69
C LEU A 806 45.10 -11.29 -29.29
N PRO A 807 45.43 -10.05 -28.97
CA PRO A 807 44.74 -8.93 -29.62
C PRO A 807 45.51 -8.41 -30.83
N ASP A 808 44.77 -8.12 -31.90
CA ASP A 808 45.36 -7.52 -33.09
C ASP A 808 44.37 -6.53 -33.70
N PRO A 809 44.87 -5.39 -34.17
CA PRO A 809 43.98 -4.25 -34.50
C PRO A 809 43.26 -4.35 -35.84
N SER A 810 43.13 -5.55 -36.40
CA SER A 810 42.35 -5.69 -37.62
C SER A 810 40.92 -5.21 -37.40
N LYS A 811 40.32 -5.55 -36.27
CA LYS A 811 39.04 -5.06 -35.79
C LYS A 811 39.24 -3.59 -35.45
N PRO A 812 38.24 -2.88 -34.90
CA PRO A 812 38.53 -1.51 -34.46
C PRO A 812 39.56 -1.46 -33.34
N SER A 813 40.72 -2.04 -33.64
CA SER A 813 42.01 -1.84 -32.98
C SER A 813 42.09 -2.45 -31.60
N LYS A 814 40.97 -2.90 -31.07
CA LYS A 814 40.95 -3.24 -29.66
C LYS A 814 40.24 -4.53 -29.33
N ARG A 815 39.44 -5.07 -30.22
CA ARG A 815 38.72 -6.30 -29.93
C ARG A 815 39.67 -7.47 -30.12
N SER A 816 39.12 -8.68 -30.17
CA SER A 816 39.92 -9.85 -30.52
C SER A 816 38.96 -10.93 -30.99
N PHE A 817 39.51 -12.00 -31.54
CA PHE A 817 38.68 -12.91 -32.31
C PHE A 817 37.57 -13.49 -31.45
N ILE A 818 37.93 -14.25 -30.42
CA ILE A 818 36.91 -14.98 -29.69
C ILE A 818 36.10 -14.03 -28.83
N GLU A 819 36.41 -12.74 -28.92
CA GLU A 819 35.48 -11.75 -28.40
C GLU A 819 34.75 -10.99 -29.49
N ASP A 820 35.40 -10.72 -30.63
CA ASP A 820 34.66 -10.17 -31.75
C ASP A 820 33.62 -11.16 -32.22
N LEU A 821 33.95 -12.44 -32.20
CA LEU A 821 32.95 -13.47 -32.34
C LEU A 821 31.93 -13.40 -31.21
N LEU A 822 32.30 -12.86 -30.06
CA LEU A 822 31.46 -12.87 -28.87
C LEU A 822 30.66 -11.58 -28.68
N PHE A 823 31.30 -10.41 -28.86
CA PHE A 823 30.56 -9.16 -28.94
C PHE A 823 29.26 -9.34 -29.70
N ASN A 824 29.36 -9.93 -30.88
CA ASN A 824 28.27 -9.87 -31.84
C ASN A 824 27.15 -10.80 -31.44
N LYS A 825 27.48 -11.97 -30.88
CA LYS A 825 26.48 -13.02 -30.72
C LYS A 825 25.37 -12.59 -29.78
N VAL A 826 25.74 -11.99 -28.64
CA VAL A 826 24.72 -11.42 -27.77
C VAL A 826 24.08 -10.24 -28.48
N THR A 827 22.77 -10.08 -28.31
CA THR A 827 22.01 -9.08 -29.01
C THR A 827 21.83 -7.84 -28.14
N LEU A 828 21.04 -6.90 -28.65
CA LEU A 828 20.69 -5.71 -27.89
C LEU A 828 19.41 -6.00 -27.11
N ALA A 852 13.20 0.84 -22.77
CA ALA A 852 14.57 1.04 -22.35
C ALA A 852 15.14 2.31 -22.97
N GLN A 853 14.59 2.70 -24.11
CA GLN A 853 15.04 3.87 -24.82
C GLN A 853 14.67 5.13 -24.02
N LYS A 854 15.02 6.29 -24.59
CA LYS A 854 14.56 7.55 -24.02
C LYS A 854 13.05 7.59 -24.06
N PHE A 855 12.43 7.58 -22.89
CA PHE A 855 10.99 7.45 -22.76
C PHE A 855 10.53 8.30 -21.59
N ASN A 856 9.38 7.93 -21.04
CA ASN A 856 8.82 8.62 -19.90
C ASN A 856 9.74 8.49 -18.70
N GLY A 857 10.42 9.58 -18.36
CA GLY A 857 11.09 9.68 -17.08
C GLY A 857 12.38 8.91 -16.92
N LEU A 858 12.31 7.59 -16.89
CA LEU A 858 13.46 6.77 -16.54
C LEU A 858 14.61 7.02 -17.50
N THR A 859 15.80 6.61 -17.10
CA THR A 859 16.96 6.87 -17.92
C THR A 859 18.08 5.91 -17.55
N VAL A 860 18.87 5.54 -18.56
CA VAL A 860 19.91 4.54 -18.43
C VAL A 860 21.24 5.27 -18.31
N LEU A 861 21.71 5.45 -17.10
CA LEU A 861 22.97 6.14 -16.92
C LEU A 861 24.10 5.27 -17.44
N PRO A 862 24.96 5.79 -18.29
CA PRO A 862 25.91 4.96 -19.03
C PRO A 862 26.92 4.30 -18.10
N PRO A 863 27.54 3.22 -18.55
CA PRO A 863 28.46 2.49 -17.69
C PRO A 863 29.76 3.25 -17.52
N LEU A 864 30.48 2.87 -16.47
CA LEU A 864 31.70 3.59 -16.10
C LEU A 864 32.87 3.19 -16.98
N LEU A 865 33.27 1.93 -16.92
CA LEU A 865 34.38 1.45 -17.72
C LEU A 865 33.90 1.11 -19.11
N THR A 866 34.39 1.85 -20.11
CA THR A 866 33.86 1.63 -21.44
C THR A 866 34.29 0.29 -22.00
N ASP A 867 33.53 -0.17 -22.98
CA ASP A 867 33.85 -1.40 -23.65
C ASP A 867 35.19 -1.35 -24.35
N GLU A 868 35.79 -0.18 -24.46
CA GLU A 868 37.18 -0.11 -24.88
C GLU A 868 38.10 -0.54 -23.75
N MET A 869 38.11 0.24 -22.66
CA MET A 869 39.13 0.03 -21.64
C MET A 869 39.06 -1.37 -21.05
N ILE A 870 37.94 -2.07 -21.21
CA ILE A 870 37.92 -3.47 -20.81
C ILE A 870 38.94 -4.26 -21.61
N ALA A 871 39.03 -4.00 -22.90
CA ALA A 871 39.96 -4.75 -23.74
C ALA A 871 41.36 -4.68 -23.17
N GLN A 872 41.79 -3.50 -22.74
CA GLN A 872 43.13 -3.35 -22.20
C GLN A 872 43.37 -4.35 -21.08
N TYR A 873 42.50 -4.37 -20.08
CA TYR A 873 42.67 -5.32 -18.98
C TYR A 873 42.78 -6.74 -19.49
N THR A 874 41.71 -7.24 -20.11
CA THR A 874 41.69 -8.59 -20.63
C THR A 874 42.97 -8.92 -21.36
N SER A 875 43.34 -8.07 -22.30
CA SER A 875 44.55 -8.30 -23.06
C SER A 875 45.76 -8.37 -22.14
N ALA A 876 45.91 -7.38 -21.26
CA ALA A 876 47.08 -7.36 -20.40
C ALA A 876 47.13 -8.60 -19.51
N LEU A 877 45.98 -9.00 -18.98
CA LEU A 877 45.94 -10.22 -18.18
C LEU A 877 46.52 -11.41 -18.92
N LEU A 878 46.38 -11.44 -20.23
CA LEU A 878 47.00 -12.51 -21.00
C LEU A 878 48.50 -12.53 -20.75
N ALA A 879 49.16 -11.40 -21.03
CA ALA A 879 50.61 -11.34 -20.93
C ALA A 879 51.11 -11.94 -19.63
N GLY A 880 50.42 -11.66 -18.53
CA GLY A 880 50.84 -12.20 -17.25
C GLY A 880 50.96 -13.70 -17.28
N THR A 881 49.87 -14.37 -17.62
CA THR A 881 49.95 -15.81 -17.79
C THR A 881 50.82 -16.17 -18.97
N ILE A 882 50.85 -15.31 -19.98
CA ILE A 882 51.62 -15.62 -21.17
C ILE A 882 53.10 -15.71 -20.84
N THR A 883 53.62 -14.69 -20.17
CA THR A 883 55.05 -14.52 -20.07
C THR A 883 55.56 -14.73 -18.66
N SER A 884 55.06 -13.97 -17.70
CA SER A 884 55.54 -14.12 -16.34
C SER A 884 54.78 -15.19 -15.58
N GLY A 885 53.84 -15.85 -16.22
CA GLY A 885 53.12 -16.95 -15.63
C GLY A 885 52.59 -16.65 -14.26
N TRP A 886 52.45 -17.70 -13.47
CA TRP A 886 51.78 -17.66 -12.18
C TRP A 886 52.44 -16.67 -11.23
N THR A 887 53.58 -16.13 -11.61
CA THR A 887 54.33 -15.30 -10.69
C THR A 887 53.67 -13.95 -10.48
N PHE A 888 53.61 -13.15 -11.55
CA PHE A 888 53.34 -11.72 -11.40
C PHE A 888 52.14 -11.41 -10.54
N GLY A 889 51.16 -12.31 -10.50
CA GLY A 889 49.99 -12.05 -9.68
C GLY A 889 50.32 -11.81 -8.23
N ALA A 890 51.42 -12.37 -7.76
CA ALA A 890 51.84 -12.08 -6.39
C ALA A 890 52.55 -10.75 -6.30
N GLY A 891 53.50 -10.51 -7.21
CA GLY A 891 54.39 -9.37 -7.11
C GLY A 891 54.78 -8.78 -8.44
N ALA A 892 56.07 -8.62 -8.68
CA ALA A 892 56.57 -8.04 -9.91
C ALA A 892 56.45 -9.04 -11.07
N ALA A 893 56.99 -8.66 -12.22
CA ALA A 893 56.92 -9.48 -13.43
C ALA A 893 58.27 -10.14 -13.69
N LEU A 894 58.24 -11.40 -14.12
CA LEU A 894 59.44 -12.21 -14.31
C LEU A 894 59.33 -12.96 -15.63
N GLN A 895 60.26 -12.73 -16.54
CA GLN A 895 60.19 -13.39 -17.83
C GLN A 895 60.55 -14.86 -17.69
N ILE A 896 59.68 -15.74 -18.20
CA ILE A 896 59.91 -17.17 -18.22
C ILE A 896 59.69 -17.70 -19.62
N PRO A 897 60.64 -18.42 -20.20
CA PRO A 897 60.37 -19.04 -21.50
C PRO A 897 59.19 -19.98 -21.40
N PHE A 898 58.21 -19.77 -22.27
CA PHE A 898 56.88 -20.35 -22.05
C PHE A 898 56.95 -21.85 -21.87
N ALA A 899 57.82 -22.52 -22.64
CA ALA A 899 57.89 -23.97 -22.53
C ALA A 899 58.11 -24.39 -21.09
N MET A 900 59.02 -23.72 -20.42
CA MET A 900 59.24 -24.02 -19.00
C MET A 900 57.98 -23.75 -18.18
N GLN A 901 57.14 -22.83 -18.62
CA GLN A 901 56.01 -22.45 -17.79
C GLN A 901 55.19 -23.67 -17.44
N MET A 902 54.64 -24.33 -18.46
CA MET A 902 53.86 -25.53 -18.19
C MET A 902 54.66 -26.56 -17.43
N ALA A 903 55.99 -26.54 -17.56
CA ALA A 903 56.80 -27.47 -16.80
C ALA A 903 56.50 -27.33 -15.32
N TYR A 904 56.73 -26.15 -14.77
CA TYR A 904 56.29 -25.90 -13.39
C TYR A 904 54.87 -26.37 -13.23
N ARG A 905 54.01 -26.08 -14.20
CA ARG A 905 52.61 -26.40 -14.07
C ARG A 905 52.41 -27.90 -13.94
N PHE A 906 53.01 -28.67 -14.85
CA PHE A 906 52.83 -30.11 -14.75
C PHE A 906 53.43 -30.65 -13.47
N ASN A 907 54.38 -29.91 -12.87
CA ASN A 907 54.95 -30.38 -11.62
C ASN A 907 53.91 -30.40 -10.52
N GLY A 908 53.13 -29.34 -10.41
CA GLY A 908 52.14 -29.32 -9.36
C GLY A 908 51.02 -30.32 -9.54
N ILE A 909 50.88 -30.89 -10.73
CA ILE A 909 49.75 -31.72 -11.05
C ILE A 909 50.13 -33.21 -11.06
N GLY A 910 51.16 -33.57 -10.31
CA GLY A 910 51.55 -34.96 -10.20
C GLY A 910 52.02 -35.53 -11.52
N VAL A 911 52.94 -34.81 -12.17
CA VAL A 911 53.45 -35.19 -13.48
C VAL A 911 54.87 -34.70 -13.64
N THR A 912 55.80 -35.60 -13.94
CA THR A 912 57.18 -35.18 -14.10
C THR A 912 57.34 -34.35 -15.37
N GLN A 913 58.44 -33.61 -15.44
CA GLN A 913 58.63 -32.69 -16.54
C GLN A 913 58.88 -33.42 -17.85
N ASN A 914 59.51 -34.59 -17.78
CA ASN A 914 59.89 -35.34 -18.97
C ASN A 914 58.74 -35.41 -19.95
N VAL A 915 57.63 -36.01 -19.53
CA VAL A 915 56.53 -36.30 -20.44
C VAL A 915 56.14 -35.05 -21.20
N LEU A 916 56.24 -33.90 -20.55
CA LEU A 916 56.02 -32.67 -21.29
C LEU A 916 57.07 -32.53 -22.37
N TYR A 917 58.34 -32.46 -21.96
CA TYR A 917 59.41 -32.15 -22.89
C TYR A 917 59.46 -33.10 -24.08
N GLU A 918 58.81 -34.24 -24.00
CA GLU A 918 58.84 -35.19 -25.10
C GLU A 918 57.57 -35.17 -25.92
N ASN A 919 56.66 -34.26 -25.62
CA ASN A 919 55.42 -34.19 -26.38
C ASN A 919 55.11 -32.77 -26.81
N GLN A 920 56.12 -31.89 -26.78
CA GLN A 920 55.93 -30.52 -27.24
C GLN A 920 55.26 -30.53 -28.60
N LYS A 921 55.87 -31.21 -29.57
CA LYS A 921 55.26 -31.31 -30.89
C LYS A 921 53.87 -31.89 -30.80
N LEU A 922 53.65 -32.86 -29.92
CA LEU A 922 52.33 -33.46 -29.83
C LEU A 922 51.34 -32.50 -29.20
N ILE A 923 51.77 -31.81 -28.15
CA ILE A 923 50.83 -30.94 -27.44
C ILE A 923 50.46 -29.74 -28.27
N ALA A 924 51.40 -29.24 -29.08
CA ALA A 924 51.17 -28.02 -29.84
C ALA A 924 49.86 -28.06 -30.61
N ASN A 925 49.71 -29.06 -31.48
CA ASN A 925 48.48 -29.22 -32.22
C ASN A 925 47.29 -29.26 -31.27
N GLN A 926 47.33 -30.22 -30.33
CA GLN A 926 46.19 -30.45 -29.46
C GLN A 926 45.69 -29.15 -28.87
N PHE A 927 46.61 -28.27 -28.51
CA PHE A 927 46.19 -26.96 -28.04
C PHE A 927 45.59 -26.15 -29.17
N ASN A 928 46.41 -25.82 -30.18
CA ASN A 928 45.94 -24.95 -31.24
C ASN A 928 44.74 -25.55 -31.97
N SER A 929 44.67 -26.88 -32.03
CA SER A 929 43.48 -27.51 -32.58
C SER A 929 42.28 -27.30 -31.67
N ALA A 930 42.51 -27.26 -30.37
CA ALA A 930 41.39 -27.14 -29.44
C ALA A 930 40.79 -25.75 -29.48
N ILE A 931 41.62 -24.72 -29.34
CA ILE A 931 41.13 -23.35 -29.30
C ILE A 931 40.24 -23.07 -30.50
N GLY A 932 40.78 -23.28 -31.69
CA GLY A 932 40.00 -23.04 -32.89
C GLY A 932 38.72 -23.83 -32.92
N LYS A 933 38.72 -25.03 -32.33
CA LYS A 933 37.50 -25.80 -32.26
C LYS A 933 36.42 -25.11 -31.45
N ILE A 934 36.75 -24.04 -30.72
CA ILE A 934 35.74 -23.48 -29.84
C ILE A 934 34.63 -22.81 -30.63
N GLN A 935 34.92 -22.34 -31.85
CA GLN A 935 33.90 -21.55 -32.53
C GLN A 935 32.78 -22.43 -33.05
N ASP A 936 33.06 -23.70 -33.33
CA ASP A 936 31.98 -24.60 -33.72
C ASP A 936 31.03 -24.83 -32.56
N SER A 937 31.49 -24.59 -31.34
CA SER A 937 30.62 -24.69 -30.18
C SER A 937 29.87 -23.41 -29.89
N LEU A 938 30.22 -22.30 -30.55
CA LEU A 938 29.69 -21.03 -30.11
C LEU A 938 29.23 -20.17 -31.28
N SER A 939 29.87 -20.33 -32.44
CA SER A 939 29.74 -19.41 -33.55
C SER A 939 28.84 -19.92 -34.67
N SER A 940 28.84 -21.22 -34.94
CA SER A 940 28.07 -21.75 -36.06
C SER A 940 26.60 -21.46 -35.84
N THR A 941 26.02 -22.09 -34.83
CA THR A 941 24.73 -21.67 -34.30
C THR A 941 24.53 -22.35 -32.95
N ALA A 942 24.43 -21.54 -31.90
CA ALA A 942 24.11 -22.03 -30.57
C ALA A 942 23.66 -20.86 -29.75
N SER A 943 22.85 -21.14 -28.73
CA SER A 943 22.50 -20.15 -27.73
C SER A 943 23.23 -20.38 -26.42
N ALA A 944 24.26 -21.23 -26.46
CA ALA A 944 25.01 -21.58 -25.25
C ALA A 944 25.53 -20.37 -24.51
N LEU A 945 25.44 -19.17 -25.09
CA LEU A 945 25.65 -17.97 -24.29
C LEU A 945 24.73 -17.95 -23.08
N GLY A 946 23.57 -18.60 -23.18
CA GLY A 946 22.71 -18.84 -22.05
C GLY A 946 22.43 -17.64 -21.19
N LYS A 947 23.03 -17.62 -20.00
CA LYS A 947 22.69 -16.61 -19.01
C LYS A 947 23.02 -15.21 -19.51
N LEU A 948 24.21 -15.04 -20.10
CA LEU A 948 24.55 -13.71 -20.60
C LEU A 948 23.55 -13.22 -21.62
N GLN A 949 22.96 -14.13 -22.39
CA GLN A 949 22.02 -13.70 -23.42
C GLN A 949 20.81 -13.02 -22.80
N ASP A 950 20.38 -13.50 -21.64
CA ASP A 950 19.08 -13.11 -21.14
C ASP A 950 19.07 -12.42 -19.79
N VAL A 951 20.03 -12.70 -18.90
CA VAL A 951 19.96 -12.00 -17.63
C VAL A 951 20.20 -10.52 -17.79
N VAL A 952 20.52 -10.07 -19.01
CA VAL A 952 20.20 -8.69 -19.37
C VAL A 952 18.76 -8.59 -19.84
N ASN A 953 18.31 -9.54 -20.65
CA ASN A 953 16.96 -9.49 -21.19
C ASN A 953 15.92 -9.43 -20.07
N GLN A 954 15.88 -10.45 -19.22
CA GLN A 954 14.84 -10.46 -18.20
C GLN A 954 14.94 -9.28 -17.25
N ASN A 955 16.04 -8.56 -17.25
CA ASN A 955 16.02 -7.28 -16.56
C ASN A 955 15.36 -6.22 -17.41
N ALA A 956 15.48 -6.31 -18.73
CA ALA A 956 14.82 -5.32 -19.57
C ALA A 956 13.31 -5.37 -19.39
N GLN A 957 12.72 -6.54 -19.62
CA GLN A 957 11.26 -6.62 -19.51
C GLN A 957 10.80 -6.26 -18.11
N ALA A 958 11.54 -6.68 -17.08
CA ALA A 958 11.15 -6.29 -15.74
C ALA A 958 11.27 -4.79 -15.56
N LEU A 959 11.98 -4.11 -16.44
CA LEU A 959 11.86 -2.67 -16.52
C LEU A 959 10.75 -2.27 -17.48
N ASN A 960 10.44 -3.11 -18.45
CA ASN A 960 9.35 -2.77 -19.33
C ASN A 960 8.04 -2.76 -18.57
N THR A 961 7.86 -3.71 -17.65
CA THR A 961 6.60 -3.79 -16.91
C THR A 961 6.25 -2.49 -16.24
N LEU A 962 7.20 -1.57 -16.13
CA LEU A 962 6.91 -0.28 -15.55
C LEU A 962 5.83 0.44 -16.35
N VAL A 963 6.16 0.79 -17.60
CA VAL A 963 5.24 1.56 -18.42
C VAL A 963 3.89 0.87 -18.51
N LYS A 964 3.89 -0.45 -18.69
CA LYS A 964 2.64 -1.19 -18.73
C LYS A 964 1.88 -1.09 -17.43
N GLN A 965 2.42 -0.42 -16.41
CA GLN A 965 1.60 0.03 -15.30
C GLN A 965 1.41 1.53 -15.30
N LEU A 966 2.17 2.27 -16.11
CA LEU A 966 2.00 3.71 -16.14
C LEU A 966 0.59 4.10 -16.58
N SER A 967 -0.04 3.26 -17.40
CA SER A 967 -1.31 3.63 -17.99
C SER A 967 -2.40 2.64 -17.63
N SER A 968 -2.55 2.31 -16.36
CA SER A 968 -3.73 1.61 -15.87
C SER A 968 -4.57 2.57 -15.05
N ASN A 969 -5.88 2.32 -15.06
CA ASN A 969 -6.80 3.27 -14.44
C ASN A 969 -6.76 3.20 -12.92
N PHE A 970 -6.51 2.03 -12.36
CA PHE A 970 -6.53 1.83 -10.91
C PHE A 970 -7.88 2.20 -10.31
N GLY A 971 -8.95 2.04 -11.09
CA GLY A 971 -10.24 2.41 -10.57
C GLY A 971 -10.40 3.90 -10.38
N ALA A 972 -9.82 4.69 -11.28
CA ALA A 972 -10.11 6.11 -11.37
C ALA A 972 -11.03 6.33 -12.55
N ILE A 973 -11.30 7.60 -12.86
CA ILE A 973 -12.10 7.88 -14.04
C ILE A 973 -11.34 7.48 -15.29
N SER A 974 -10.04 7.75 -15.30
CA SER A 974 -9.13 7.36 -16.37
C SER A 974 -7.73 7.40 -15.78
N SER A 975 -6.72 7.46 -16.62
CA SER A 975 -5.36 7.41 -16.13
C SER A 975 -4.63 8.75 -16.25
N VAL A 976 -4.52 9.30 -17.45
CA VAL A 976 -3.60 10.42 -17.65
C VAL A 976 -4.05 11.63 -16.86
N LEU A 977 -3.07 12.37 -16.33
CA LEU A 977 -3.34 13.43 -15.37
C LEU A 977 -3.84 14.71 -16.02
N ASN A 978 -3.47 14.99 -17.26
CA ASN A 978 -4.04 16.17 -17.92
C ASN A 978 -5.54 16.02 -18.10
N ASP A 979 -5.98 14.87 -18.59
CA ASP A 979 -7.40 14.68 -18.87
C ASP A 979 -8.24 14.72 -17.62
N ILE A 980 -7.70 14.30 -16.48
CA ILE A 980 -8.51 14.25 -15.27
C ILE A 980 -8.94 15.64 -14.86
N LEU A 981 -7.99 16.57 -14.79
CA LEU A 981 -8.21 17.80 -14.04
C LEU A 981 -9.31 18.67 -14.64
N SER A 982 -9.77 18.38 -15.85
CA SER A 982 -10.95 19.07 -16.35
C SER A 982 -12.21 18.43 -15.79
N ARG A 983 -12.42 17.16 -16.11
CA ARG A 983 -13.71 16.52 -15.88
C ARG A 983 -14.00 16.26 -14.42
N LEU A 984 -13.17 16.76 -13.50
CA LEU A 984 -13.50 16.76 -12.07
C LEU A 984 -12.98 18.06 -11.46
N ASP A 985 -13.05 18.16 -10.15
CA ASP A 985 -12.96 19.43 -9.46
C ASP A 985 -12.10 19.34 -8.21
N PRO A 986 -11.52 20.45 -7.78
CA PRO A 986 -10.66 20.45 -6.57
C PRO A 986 -11.29 19.79 -5.36
N PRO A 987 -12.62 19.87 -5.17
CA PRO A 987 -13.19 19.19 -3.99
C PRO A 987 -12.88 17.72 -3.91
N GLU A 988 -13.05 17.00 -5.00
CA GLU A 988 -12.86 15.55 -4.94
C GLU A 988 -12.06 14.96 -6.09
N ALA A 989 -11.67 15.74 -7.10
CA ALA A 989 -10.78 15.19 -8.12
C ALA A 989 -9.55 14.56 -7.50
N GLU A 990 -9.00 15.20 -6.47
CA GLU A 990 -7.83 14.63 -5.81
C GLU A 990 -8.16 13.26 -5.22
N VAL A 991 -9.38 13.07 -4.71
CA VAL A 991 -9.74 11.77 -4.18
C VAL A 991 -9.70 10.73 -5.30
N GLN A 992 -9.86 11.16 -6.54
CA GLN A 992 -9.52 10.27 -7.62
C GLN A 992 -8.02 10.26 -7.89
N ILE A 993 -7.34 11.38 -7.70
CA ILE A 993 -5.89 11.39 -7.90
C ILE A 993 -5.20 10.63 -6.79
N ASP A 994 -5.66 10.81 -5.55
CA ASP A 994 -5.08 10.10 -4.42
C ASP A 994 -5.13 8.59 -4.65
N ARG A 995 -6.34 8.03 -4.69
CA ARG A 995 -6.45 6.61 -4.93
C ARG A 995 -5.71 6.19 -6.18
N LEU A 996 -5.41 7.13 -7.06
CA LEU A 996 -4.54 6.81 -8.19
C LEU A 996 -3.07 7.00 -7.86
N ILE A 997 -2.70 8.09 -7.20
CA ILE A 997 -1.28 8.37 -7.04
C ILE A 997 -0.60 7.21 -6.32
N THR A 998 -1.21 6.67 -5.27
CA THR A 998 -0.62 5.52 -4.62
C THR A 998 -0.55 4.35 -5.58
N GLY A 999 -1.67 4.09 -6.27
CA GLY A 999 -1.68 3.04 -7.27
C GLY A 999 -0.51 3.13 -8.22
N ARG A 1000 -0.13 4.34 -8.62
CA ARG A 1000 1.10 4.48 -9.37
C ARG A 1000 2.30 4.22 -8.46
N LEU A 1001 2.24 4.66 -7.22
CA LEU A 1001 3.42 4.54 -6.37
C LEU A 1001 3.65 3.10 -5.96
N GLN A 1002 2.60 2.35 -5.67
CA GLN A 1002 2.79 0.97 -5.26
C GLN A 1002 3.54 0.18 -6.31
N SER A 1003 3.46 0.60 -7.58
CA SER A 1003 4.22 -0.07 -8.61
C SER A 1003 5.70 0.25 -8.50
N LEU A 1004 6.05 1.52 -8.61
CA LEU A 1004 7.45 1.92 -8.59
C LEU A 1004 8.18 1.28 -7.42
N GLN A 1005 7.75 1.62 -6.20
CA GLN A 1005 8.42 1.08 -5.03
C GLN A 1005 8.46 -0.44 -5.05
N THR A 1006 7.43 -1.08 -5.58
CA THR A 1006 7.56 -2.52 -5.77
C THR A 1006 8.63 -2.84 -6.79
N TYR A 1007 8.62 -2.14 -7.92
CA TYR A 1007 9.60 -2.44 -8.94
C TYR A 1007 11.01 -2.43 -8.37
N VAL A 1008 11.31 -1.48 -7.51
CA VAL A 1008 12.69 -1.38 -7.07
C VAL A 1008 13.05 -2.57 -6.21
N THR A 1009 12.10 -3.12 -5.44
CA THR A 1009 12.42 -4.27 -4.62
C THR A 1009 12.91 -5.43 -5.48
N GLN A 1010 12.09 -5.87 -6.42
CA GLN A 1010 12.55 -6.90 -7.33
C GLN A 1010 13.74 -6.43 -8.13
N GLN A 1011 13.85 -5.12 -8.37
CA GLN A 1011 15.05 -4.56 -8.98
C GLN A 1011 16.21 -4.48 -8.00
N LEU A 1012 15.96 -4.81 -6.74
CA LEU A 1012 17.08 -4.88 -5.81
C LEU A 1012 17.58 -6.29 -5.63
N ILE A 1013 16.69 -7.21 -5.26
CA ILE A 1013 17.01 -8.61 -5.05
C ILE A 1013 18.01 -9.05 -6.08
N ARG A 1014 17.70 -8.72 -7.33
CA ARG A 1014 18.60 -9.01 -8.44
C ARG A 1014 20.04 -8.69 -8.09
N ALA A 1015 20.30 -7.47 -7.63
CA ALA A 1015 21.69 -7.07 -7.42
C ALA A 1015 22.37 -7.99 -6.43
N ALA A 1016 21.75 -8.23 -5.28
CA ALA A 1016 22.37 -9.11 -4.30
C ALA A 1016 22.60 -10.50 -4.86
N GLU A 1017 21.70 -10.97 -5.71
CA GLU A 1017 21.96 -12.22 -6.40
C GLU A 1017 23.19 -12.11 -7.28
N ILE A 1018 23.30 -11.02 -8.04
CA ILE A 1018 24.47 -10.82 -8.87
C ILE A 1018 25.74 -10.76 -8.04
N ARG A 1019 25.63 -10.27 -6.81
CA ARG A 1019 26.79 -10.22 -5.94
C ARG A 1019 27.52 -11.55 -5.93
N ALA A 1020 26.80 -12.63 -5.71
CA ALA A 1020 27.42 -13.94 -5.77
C ALA A 1020 28.11 -14.13 -7.11
N SER A 1021 27.34 -14.16 -8.19
CA SER A 1021 27.97 -14.32 -9.48
C SER A 1021 28.89 -13.17 -9.81
N ALA A 1022 28.99 -12.15 -8.96
CA ALA A 1022 30.02 -11.15 -9.17
C ALA A 1022 31.34 -11.60 -8.56
N ASN A 1023 31.37 -11.73 -7.24
CA ASN A 1023 32.62 -12.10 -6.58
C ASN A 1023 33.17 -13.40 -7.14
N LEU A 1024 32.31 -14.43 -7.21
CA LEU A 1024 32.75 -15.75 -7.63
C LEU A 1024 33.77 -15.63 -8.73
N ALA A 1025 33.42 -14.87 -9.78
CA ALA A 1025 34.41 -14.55 -10.79
C ALA A 1025 35.65 -13.94 -10.16
N ALA A 1026 35.49 -12.77 -9.53
CA ALA A 1026 36.65 -12.09 -8.99
C ALA A 1026 37.41 -12.94 -7.98
N THR A 1027 36.78 -13.96 -7.42
CA THR A 1027 37.58 -14.96 -6.73
C THR A 1027 38.15 -15.96 -7.73
N LYS A 1028 37.36 -16.36 -8.72
CA LYS A 1028 37.84 -17.38 -9.64
C LYS A 1028 38.89 -16.81 -10.58
N MET A 1029 38.60 -15.67 -11.21
CA MET A 1029 39.58 -15.08 -12.11
C MET A 1029 40.90 -14.90 -11.39
N SER A 1030 40.85 -14.33 -10.20
CA SER A 1030 42.04 -14.24 -9.37
C SER A 1030 42.69 -15.58 -9.21
N GLU A 1031 41.91 -16.63 -8.99
CA GLU A 1031 42.48 -17.92 -8.64
C GLU A 1031 42.93 -18.69 -9.86
N CYS A 1032 42.01 -18.99 -10.78
CA CYS A 1032 42.31 -19.91 -11.85
C CYS A 1032 42.93 -19.25 -13.07
N VAL A 1033 43.40 -18.02 -12.94
CA VAL A 1033 44.17 -17.45 -14.03
C VAL A 1033 45.50 -16.90 -13.53
N LEU A 1034 45.55 -16.46 -12.29
CA LEU A 1034 46.80 -15.92 -11.80
C LEU A 1034 47.76 -17.00 -11.36
N GLY A 1035 47.36 -18.25 -11.42
CA GLY A 1035 48.24 -19.31 -10.98
C GLY A 1035 47.54 -20.62 -10.77
N GLN A 1036 48.24 -21.70 -11.10
CA GLN A 1036 47.71 -23.04 -10.96
C GLN A 1036 47.02 -23.20 -9.61
N SER A 1037 45.93 -23.94 -9.61
CA SER A 1037 45.15 -24.14 -8.40
C SER A 1037 45.15 -25.61 -8.05
N LYS A 1038 45.99 -25.96 -7.08
CA LYS A 1038 46.05 -27.34 -6.60
C LYS A 1038 44.70 -27.83 -6.12
N ARG A 1039 43.75 -26.94 -5.85
CA ARG A 1039 42.40 -27.38 -5.57
C ARG A 1039 41.80 -27.93 -6.85
N VAL A 1040 40.88 -28.87 -6.70
CA VAL A 1040 40.43 -29.70 -7.81
C VAL A 1040 39.03 -29.31 -8.22
N ASP A 1041 38.78 -29.35 -9.53
CA ASP A 1041 37.47 -29.23 -10.14
C ASP A 1041 36.83 -27.88 -9.92
N PHE A 1042 37.47 -26.98 -9.17
CA PHE A 1042 36.93 -25.64 -9.02
C PHE A 1042 36.86 -24.92 -10.33
N CYS A 1043 37.54 -25.42 -11.35
CA CYS A 1043 37.71 -24.67 -12.58
C CYS A 1043 37.79 -25.66 -13.73
N GLY A 1044 36.66 -25.89 -14.39
CA GLY A 1044 36.62 -26.82 -15.50
C GLY A 1044 36.70 -28.26 -15.07
N LYS A 1045 36.40 -29.19 -15.97
CA LYS A 1045 36.41 -30.60 -15.66
C LYS A 1045 37.80 -31.16 -15.92
N GLY A 1046 38.44 -31.64 -14.88
CA GLY A 1046 39.75 -32.24 -14.99
C GLY A 1046 40.84 -31.39 -14.38
N TYR A 1047 42.02 -31.97 -14.32
CA TYR A 1047 43.17 -31.31 -13.72
C TYR A 1047 43.42 -29.96 -14.35
N HIS A 1048 43.30 -28.90 -13.56
CA HIS A 1048 43.55 -27.55 -14.05
C HIS A 1048 45.00 -27.39 -14.45
N LEU A 1049 45.23 -26.68 -15.56
CA LEU A 1049 46.58 -26.38 -16.01
C LEU A 1049 46.88 -24.89 -15.96
N MET A 1050 46.09 -24.10 -16.68
CA MET A 1050 46.24 -22.66 -16.76
C MET A 1050 44.97 -22.17 -17.45
N SER A 1051 44.97 -20.93 -17.88
CA SER A 1051 43.75 -20.40 -18.47
C SER A 1051 44.10 -19.18 -19.29
N PHE A 1052 43.07 -18.47 -19.75
CA PHE A 1052 43.16 -17.16 -20.30
C PHE A 1052 41.74 -16.67 -20.10
N PRO A 1053 41.56 -15.50 -19.54
CA PRO A 1053 40.21 -14.96 -19.41
C PRO A 1053 39.81 -14.33 -20.73
N GLN A 1054 38.56 -13.95 -20.83
CA GLN A 1054 38.19 -13.27 -22.05
C GLN A 1054 37.02 -12.34 -21.81
N SER A 1055 37.08 -11.17 -22.43
CA SER A 1055 36.11 -10.12 -22.18
C SER A 1055 34.72 -10.58 -22.54
N ALA A 1056 33.76 -9.72 -22.27
CA ALA A 1056 32.36 -10.05 -22.50
C ALA A 1056 31.59 -8.76 -22.62
N PRO A 1057 30.37 -8.80 -23.13
CA PRO A 1057 29.53 -7.60 -23.10
C PRO A 1057 29.22 -7.16 -21.68
N HIS A 1058 28.80 -8.09 -20.82
CA HIS A 1058 28.40 -7.70 -19.48
C HIS A 1058 28.91 -8.69 -18.45
N GLY A 1059 30.03 -9.34 -18.71
CA GLY A 1059 30.48 -10.32 -17.77
C GLY A 1059 31.86 -10.85 -18.07
N VAL A 1060 32.03 -12.15 -17.98
CA VAL A 1060 33.31 -12.77 -18.24
C VAL A 1060 33.07 -14.19 -18.71
N VAL A 1061 33.88 -14.63 -19.66
CA VAL A 1061 33.89 -16.02 -20.12
C VAL A 1061 35.33 -16.50 -20.07
N PHE A 1062 35.51 -17.75 -19.67
CA PHE A 1062 36.83 -18.25 -19.36
C PHE A 1062 37.23 -19.39 -20.29
N LEU A 1063 38.52 -19.68 -20.27
CA LEU A 1063 39.07 -20.87 -20.88
C LEU A 1063 39.70 -21.70 -19.78
N HIS A 1064 39.56 -23.02 -19.89
CA HIS A 1064 40.09 -23.95 -18.90
C HIS A 1064 40.83 -25.10 -19.58
N VAL A 1065 42.07 -24.85 -19.95
CA VAL A 1065 42.88 -25.90 -20.54
C VAL A 1065 43.26 -26.86 -19.42
N THR A 1066 42.86 -28.11 -19.58
CA THR A 1066 43.04 -29.07 -18.52
C THR A 1066 43.60 -30.37 -19.05
N TYR A 1067 44.64 -30.85 -18.40
CA TYR A 1067 45.23 -32.15 -18.72
C TYR A 1067 44.26 -33.23 -18.32
N VAL A 1068 43.79 -34.01 -19.27
CA VAL A 1068 42.80 -35.05 -19.03
C VAL A 1068 43.45 -36.40 -19.33
N PRO A 1069 43.35 -37.36 -18.44
CA PRO A 1069 43.88 -38.68 -18.73
C PRO A 1069 42.86 -39.59 -19.38
N ALA A 1070 43.22 -40.17 -20.52
CA ALA A 1070 42.42 -41.20 -21.16
C ALA A 1070 43.37 -42.20 -21.82
N GLN A 1071 42.79 -43.26 -22.36
CA GLN A 1071 43.56 -44.41 -22.85
C GLN A 1071 44.37 -45.03 -21.72
N GLU A 1072 43.65 -45.57 -20.76
CA GLU A 1072 44.22 -46.26 -19.62
C GLU A 1072 44.48 -47.71 -19.97
N LYS A 1073 45.03 -48.45 -19.02
CA LYS A 1073 45.23 -49.88 -19.19
C LYS A 1073 45.40 -50.52 -17.83
N ASN A 1074 44.76 -51.65 -17.63
CA ASN A 1074 44.88 -52.40 -16.40
C ASN A 1074 46.31 -52.88 -16.17
N PHE A 1075 46.60 -53.22 -14.92
CA PHE A 1075 47.78 -53.98 -14.55
C PHE A 1075 47.42 -54.77 -13.31
N THR A 1076 48.44 -55.24 -12.61
CA THR A 1076 48.26 -55.78 -11.27
C THR A 1076 49.33 -55.16 -10.39
N THR A 1077 49.11 -55.20 -9.08
CA THR A 1077 50.09 -54.62 -8.19
C THR A 1077 49.89 -55.16 -6.79
N ALA A 1078 50.79 -54.76 -5.92
CA ALA A 1078 50.75 -55.05 -4.51
C ALA A 1078 51.33 -53.86 -3.78
N PRO A 1079 50.84 -53.56 -2.61
CA PRO A 1079 51.29 -52.36 -1.90
C PRO A 1079 52.79 -52.31 -1.67
N ALA A 1080 53.33 -53.29 -0.96
CA ALA A 1080 54.72 -53.23 -0.54
C ALA A 1080 55.47 -54.46 -1.00
N ILE A 1081 56.79 -54.34 -1.02
CA ILE A 1081 57.68 -55.42 -1.42
C ILE A 1081 58.48 -55.84 -0.21
N CYS A 1082 58.84 -57.12 -0.18
CA CYS A 1082 59.71 -57.68 0.85
C CYS A 1082 60.88 -58.39 0.19
N HIS A 1083 62.08 -58.01 0.57
CA HIS A 1083 63.27 -58.53 -0.07
C HIS A 1083 64.47 -58.22 0.80
N ASP A 1084 65.47 -59.09 0.72
CA ASP A 1084 66.76 -58.82 1.35
C ASP A 1084 66.61 -58.67 2.85
N GLY A 1085 65.60 -59.33 3.41
CA GLY A 1085 65.36 -59.31 4.83
C GLY A 1085 65.00 -57.95 5.39
N LYS A 1086 64.58 -57.01 4.55
CA LYS A 1086 64.28 -55.66 4.99
C LYS A 1086 63.28 -55.06 4.04
N ALA A 1087 62.14 -54.63 4.57
CA ALA A 1087 61.05 -54.16 3.73
C ALA A 1087 61.45 -52.90 2.94
N HIS A 1088 60.57 -52.49 2.05
CA HIS A 1088 60.79 -51.29 1.24
C HIS A 1088 59.45 -50.71 0.83
N PHE A 1089 59.47 -49.44 0.44
CA PHE A 1089 58.26 -48.78 -0.02
C PHE A 1089 58.61 -47.80 -1.11
N PRO A 1090 57.80 -47.69 -2.15
CA PRO A 1090 58.15 -46.81 -3.27
C PRO A 1090 58.00 -45.35 -2.88
N ARG A 1091 59.05 -44.57 -3.14
CA ARG A 1091 59.07 -43.19 -2.66
C ARG A 1091 57.90 -42.40 -3.21
N GLU A 1092 57.55 -42.61 -4.47
CA GLU A 1092 56.35 -42.04 -5.05
C GLU A 1092 55.87 -42.99 -6.14
N GLY A 1093 54.85 -42.56 -6.89
CA GLY A 1093 54.33 -43.51 -7.83
C GLY A 1093 53.80 -44.72 -7.08
N VAL A 1094 53.77 -45.84 -7.77
CA VAL A 1094 53.39 -47.11 -7.15
C VAL A 1094 54.18 -48.25 -7.78
N PHE A 1095 53.89 -49.45 -7.32
CA PHE A 1095 54.43 -50.67 -7.91
C PHE A 1095 53.48 -51.18 -8.98
N VAL A 1096 54.04 -51.58 -10.13
CA VAL A 1096 53.22 -51.99 -11.26
C VAL A 1096 53.75 -53.29 -11.82
N SER A 1097 52.90 -53.99 -12.56
CA SER A 1097 53.19 -55.33 -13.05
C SER A 1097 53.06 -55.41 -14.55
N ASN A 1098 54.15 -55.74 -15.23
CA ASN A 1098 54.03 -56.21 -16.60
C ASN A 1098 53.37 -57.53 -16.66
N GLY A 1099 52.90 -58.03 -15.53
CA GLY A 1099 52.51 -59.41 -15.40
C GLY A 1099 53.59 -60.26 -14.76
N THR A 1100 54.83 -60.15 -15.25
CA THR A 1100 55.94 -60.94 -14.70
C THR A 1100 56.82 -60.11 -13.78
N HIS A 1101 57.41 -59.04 -14.31
CA HIS A 1101 58.42 -58.28 -13.59
C HIS A 1101 57.77 -57.15 -12.79
N TRP A 1102 58.58 -56.26 -12.24
CA TRP A 1102 58.08 -55.13 -11.48
C TRP A 1102 58.72 -53.85 -12.00
N PHE A 1103 57.95 -52.77 -11.96
CA PHE A 1103 58.42 -51.46 -12.38
C PHE A 1103 57.68 -50.42 -11.57
N VAL A 1104 58.18 -49.19 -11.59
CA VAL A 1104 57.65 -48.13 -10.75
C VAL A 1104 57.44 -46.89 -11.60
N THR A 1105 56.26 -46.28 -11.46
CA THR A 1105 55.89 -45.13 -12.26
C THR A 1105 54.94 -44.26 -11.46
N GLN A 1106 54.89 -42.98 -11.84
CA GLN A 1106 54.04 -42.03 -11.15
C GLN A 1106 52.59 -42.22 -11.55
N ARG A 1107 51.71 -41.82 -10.65
CA ARG A 1107 50.31 -42.21 -10.67
C ARG A 1107 49.57 -41.67 -11.76
N ASN A 1108 50.16 -41.02 -12.73
CA ASN A 1108 49.35 -40.52 -13.82
C ASN A 1108 50.06 -40.69 -15.16
N PHE A 1109 50.90 -41.72 -15.25
CA PHE A 1109 51.55 -42.06 -16.51
C PHE A 1109 52.15 -43.45 -16.35
N TYR A 1110 52.60 -44.01 -17.46
CA TYR A 1110 53.24 -45.31 -17.48
C TYR A 1110 54.71 -45.09 -17.83
N GLU A 1111 55.60 -45.34 -16.86
CA GLU A 1111 57.03 -45.10 -17.05
C GLU A 1111 57.80 -46.08 -16.19
N PRO A 1112 58.11 -47.24 -16.72
CA PRO A 1112 58.78 -48.26 -15.92
C PRO A 1112 60.23 -47.89 -15.63
N GLN A 1113 60.52 -47.54 -14.39
CA GLN A 1113 61.88 -47.30 -13.99
C GLN A 1113 62.32 -48.38 -13.02
N ILE A 1114 63.61 -48.69 -13.07
CA ILE A 1114 64.12 -49.82 -12.31
C ILE A 1114 63.92 -49.56 -10.83
N ILE A 1115 63.35 -50.55 -10.14
CA ILE A 1115 63.16 -50.45 -8.70
C ILE A 1115 64.53 -50.35 -8.07
N THR A 1116 64.83 -49.20 -7.49
CA THR A 1116 66.14 -48.93 -6.95
C THR A 1116 65.99 -48.23 -5.62
N THR A 1117 66.94 -48.46 -4.73
CA THR A 1117 66.96 -47.72 -3.48
C THR A 1117 66.92 -46.22 -3.73
N ASP A 1118 67.28 -45.79 -4.94
CA ASP A 1118 67.09 -44.40 -5.33
C ASP A 1118 65.68 -43.93 -5.05
N ASN A 1119 64.68 -44.62 -5.60
CA ASN A 1119 63.30 -44.19 -5.49
C ASN A 1119 62.49 -45.08 -4.57
N THR A 1120 63.10 -45.48 -3.46
CA THR A 1120 62.36 -46.13 -2.38
C THR A 1120 63.16 -45.92 -1.10
N PHE A 1121 62.57 -46.30 0.02
CA PHE A 1121 63.27 -46.25 1.29
C PHE A 1121 62.88 -47.48 2.08
N VAL A 1122 63.23 -47.48 3.36
CA VAL A 1122 63.18 -48.69 4.15
C VAL A 1122 62.41 -48.43 5.44
N SER A 1123 61.71 -49.46 5.89
CA SER A 1123 61.07 -49.44 7.20
C SER A 1123 60.61 -50.82 7.61
N GLY A 1124 61.09 -51.31 8.74
CA GLY A 1124 60.52 -52.50 9.36
C GLY A 1124 60.62 -53.78 8.57
N ASN A 1125 60.16 -54.87 9.19
CA ASN A 1125 60.20 -56.20 8.60
C ASN A 1125 59.05 -56.38 7.63
N CYS A 1126 58.75 -57.63 7.28
CA CYS A 1126 57.69 -57.94 6.34
C CYS A 1126 56.57 -58.77 6.91
N ASP A 1127 56.76 -59.40 8.07
CA ASP A 1127 55.77 -60.32 8.58
C ASP A 1127 54.50 -59.64 9.08
N VAL A 1128 54.49 -58.31 9.17
CA VAL A 1128 53.36 -57.64 9.78
C VAL A 1128 52.37 -57.09 8.76
N VAL A 1129 52.85 -56.66 7.60
CA VAL A 1129 51.99 -55.99 6.63
C VAL A 1129 51.41 -57.03 5.68
N ILE A 1130 50.27 -56.70 5.08
CA ILE A 1130 49.55 -57.62 4.21
C ILE A 1130 49.87 -57.29 2.77
N GLY A 1131 49.51 -58.21 1.87
CA GLY A 1131 49.65 -58.01 0.44
C GLY A 1131 51.04 -57.60 0.01
N ILE A 1132 52.00 -58.51 0.09
CA ILE A 1132 53.39 -58.17 -0.20
C ILE A 1132 53.98 -59.21 -1.15
N VAL A 1133 54.97 -58.77 -1.92
CA VAL A 1133 55.65 -59.63 -2.89
C VAL A 1133 57.13 -59.70 -2.52
N ASN A 1134 57.82 -60.64 -3.15
CA ASN A 1134 59.26 -60.79 -3.02
C ASN A 1134 59.89 -60.58 -4.38
N ASN A 1135 60.78 -59.60 -4.47
CA ASN A 1135 61.50 -59.33 -5.70
C ASN A 1135 62.91 -58.87 -5.31
N THR A 1136 63.61 -58.25 -6.24
CA THR A 1136 64.98 -57.80 -6.01
C THR A 1136 65.01 -56.28 -6.02
N VAL A 1137 65.53 -55.70 -4.96
CA VAL A 1137 65.83 -54.27 -4.94
C VAL A 1137 67.18 -54.08 -5.58
N TYR A 1138 67.20 -53.42 -6.73
CA TYR A 1138 68.44 -53.19 -7.44
C TYR A 1138 69.15 -51.97 -6.88
N ASP A 1139 70.49 -51.98 -6.99
CA ASP A 1139 71.32 -50.91 -6.49
C ASP A 1139 72.23 -50.41 -7.61
N PRO A 1140 72.54 -49.11 -7.63
CA PRO A 1140 73.41 -48.58 -8.68
C PRO A 1140 74.89 -48.57 -8.36
N LEU A 1141 75.29 -48.84 -7.13
CA LEU A 1141 76.69 -48.73 -6.76
C LEU A 1141 77.33 -50.04 -6.35
N GLN A 1142 76.67 -50.85 -5.52
CA GLN A 1142 77.25 -52.14 -5.16
C GLN A 1142 77.65 -52.96 -6.37
N PRO A 1143 76.86 -53.06 -7.44
CA PRO A 1143 77.39 -53.67 -8.67
C PRO A 1143 78.58 -52.93 -9.22
N GLU A 1144 78.69 -51.61 -8.96
CA GLU A 1144 79.83 -50.88 -9.44
C GLU A 1144 81.04 -51.02 -8.53
N LEU A 1145 80.82 -50.93 -7.21
CA LEU A 1145 81.93 -51.02 -6.28
C LEU A 1145 82.67 -52.34 -6.40
N ASP A 1146 82.03 -53.36 -6.97
CA ASP A 1146 82.71 -54.61 -7.24
C ASP A 1146 83.85 -54.46 -8.25
N SER A 1147 84.06 -53.25 -8.78
CA SER A 1147 85.13 -53.04 -9.75
C SER A 1147 86.48 -53.40 -9.15
N PHE A 1148 86.91 -52.66 -8.13
CA PHE A 1148 88.26 -52.79 -7.62
C PHE A 1148 88.47 -54.15 -6.98
N LYS A 1149 89.38 -54.94 -7.54
CA LYS A 1149 89.67 -56.26 -7.01
C LYS A 1149 91.13 -56.64 -7.26
N PRO B 26 18.46 54.21 -10.10
CA PRO B 26 17.29 54.11 -9.23
C PRO B 26 17.66 53.94 -7.77
N ALA B 27 18.96 54.09 -7.48
CA ALA B 27 19.50 53.94 -6.13
C ALA B 27 19.32 52.51 -5.61
N TYR B 28 19.66 51.55 -6.46
CA TYR B 28 19.75 50.16 -6.04
C TYR B 28 20.97 49.92 -5.18
N THR B 29 20.97 48.78 -4.48
CA THR B 29 22.15 48.28 -3.81
C THR B 29 21.92 46.81 -3.48
N ASN B 30 23.01 46.06 -3.43
CA ASN B 30 22.92 44.63 -3.20
C ASN B 30 22.59 44.32 -1.75
N SER B 31 21.80 43.26 -1.55
CA SER B 31 21.49 42.72 -0.23
C SER B 31 22.42 41.55 0.00
N PHE B 32 23.44 41.75 0.84
CA PHE B 32 24.50 40.76 0.90
C PHE B 32 24.16 39.58 1.79
N THR B 33 24.08 39.80 3.10
CA THR B 33 23.78 38.69 3.99
C THR B 33 22.76 39.01 5.07
N ARG B 34 22.42 40.27 5.31
CA ARG B 34 21.33 40.53 6.22
C ARG B 34 20.05 39.92 5.68
N GLY B 35 19.15 39.56 6.57
CA GLY B 35 17.85 39.13 6.09
C GLY B 35 17.40 37.73 6.45
N VAL B 36 17.78 37.26 7.62
CA VAL B 36 17.24 36.02 8.15
C VAL B 36 16.27 36.37 9.27
N TYR B 37 15.58 35.36 9.77
CA TYR B 37 14.78 35.52 10.96
C TYR B 37 14.34 34.16 11.43
N TYR B 38 14.45 33.94 12.72
CA TYR B 38 14.07 32.69 13.33
C TYR B 38 12.71 32.28 12.81
N PRO B 39 12.62 31.22 12.01
CA PRO B 39 11.36 30.91 11.34
C PRO B 39 10.27 30.51 12.29
N ASP B 40 10.58 30.30 13.56
CA ASP B 40 9.58 29.79 14.47
C ASP B 40 10.14 29.79 15.88
N LYS B 41 9.24 29.78 16.84
CA LYS B 41 9.56 30.03 18.23
C LYS B 41 10.09 28.81 18.95
N VAL B 42 10.65 27.87 18.21
CA VAL B 42 11.16 26.64 18.78
C VAL B 42 12.66 26.78 18.99
N PHE B 43 13.20 25.87 19.80
CA PHE B 43 14.62 25.81 20.06
C PHE B 43 15.18 24.49 19.56
N ARG B 44 16.42 24.52 19.10
CA ARG B 44 17.18 23.31 18.83
C ARG B 44 18.59 23.53 19.34
N SER B 45 19.30 22.43 19.54
CA SER B 45 20.61 22.45 20.21
C SER B 45 21.69 21.89 19.29
N SER B 46 22.37 22.78 18.57
CA SER B 46 23.59 22.44 17.86
C SER B 46 23.34 21.32 16.85
N VAL B 47 22.48 21.62 15.90
CA VAL B 47 22.04 20.65 14.91
C VAL B 47 21.95 21.39 13.59
N LEU B 48 21.77 20.65 12.52
CA LEU B 48 21.34 21.26 11.28
C LEU B 48 19.86 21.04 11.11
N HIS B 49 19.22 21.94 10.38
CA HIS B 49 17.77 21.94 10.29
C HIS B 49 17.37 22.76 9.08
N SER B 50 16.78 22.11 8.10
CA SER B 50 16.28 22.85 6.97
C SER B 50 14.84 23.29 7.25
N THR B 51 14.32 24.13 6.37
CA THR B 51 12.97 24.65 6.49
C THR B 51 12.65 25.44 5.24
N GLN B 52 11.39 25.39 4.82
CA GLN B 52 10.89 26.23 3.75
C GLN B 52 10.07 27.36 4.36
N ASP B 53 10.45 28.60 4.08
CA ASP B 53 9.67 29.75 4.48
C ASP B 53 10.06 30.91 3.56
N LEU B 54 9.71 32.13 3.98
CA LEU B 54 9.89 33.32 3.17
C LEU B 54 11.18 34.01 3.60
N PHE B 55 12.04 34.31 2.63
CA PHE B 55 13.30 34.98 2.93
C PHE B 55 13.64 35.89 1.77
N LEU B 56 14.84 36.43 1.78
CA LEU B 56 15.29 37.17 0.63
C LEU B 56 16.50 36.47 0.04
N PRO B 57 16.70 36.55 -1.27
CA PRO B 57 17.85 35.87 -1.88
C PRO B 57 19.13 36.58 -1.48
N PHE B 58 20.11 35.80 -1.04
CA PHE B 58 21.41 36.38 -0.76
C PHE B 58 21.99 36.95 -2.04
N PHE B 59 22.56 38.15 -1.94
CA PHE B 59 23.10 38.88 -3.09
C PHE B 59 21.99 39.32 -4.04
N SER B 60 20.93 39.89 -3.48
CA SER B 60 19.84 40.48 -4.24
C SER B 60 19.87 42.00 -4.08
N ASN B 61 18.99 42.68 -4.80
CA ASN B 61 19.02 44.14 -4.85
C ASN B 61 18.07 44.78 -3.86
N VAL B 62 18.49 45.93 -3.35
CA VAL B 62 17.67 46.75 -2.45
C VAL B 62 17.86 48.20 -2.84
N THR B 63 16.80 48.99 -2.70
CA THR B 63 16.82 50.40 -3.08
C THR B 63 16.91 51.28 -1.84
N TRP B 64 17.36 52.52 -2.04
CA TRP B 64 17.44 53.47 -0.95
C TRP B 64 17.36 54.89 -1.51
N PHE B 65 17.48 55.87 -0.61
CA PHE B 65 17.28 57.28 -0.90
C PHE B 65 17.55 58.03 0.41
N HIS B 66 17.54 59.35 0.34
CA HIS B 66 17.64 60.14 1.57
C HIS B 66 16.43 61.06 1.72
N PHE B 79 16.15 62.90 -1.03
CA PHE B 79 15.12 63.92 -1.12
C PHE B 79 13.85 63.47 -0.39
N ASP B 80 13.09 62.56 -1.00
CA ASP B 80 11.86 62.07 -0.39
C ASP B 80 11.59 60.64 -0.83
N ASN B 81 10.95 59.88 0.04
CA ASN B 81 10.73 58.45 -0.20
C ASN B 81 9.27 58.19 -0.52
N PRO B 82 8.93 57.89 -1.77
CA PRO B 82 7.53 57.62 -2.13
C PRO B 82 7.02 56.30 -1.59
N VAL B 83 5.80 55.93 -1.94
CA VAL B 83 5.20 54.70 -1.44
C VAL B 83 5.84 53.50 -2.15
N LEU B 84 5.96 52.40 -1.43
CA LEU B 84 6.40 51.14 -2.00
C LEU B 84 5.35 50.07 -1.76
N PRO B 85 5.15 49.15 -2.69
CA PRO B 85 4.14 48.12 -2.48
C PRO B 85 4.69 46.99 -1.64
N PHE B 86 3.92 46.60 -0.62
CA PHE B 86 4.37 45.59 0.34
C PHE B 86 4.69 44.27 -0.36
N ASN B 87 3.68 43.62 -0.93
CA ASN B 87 3.83 42.45 -1.77
C ASN B 87 4.56 41.33 -1.04
N ASP B 88 3.86 40.78 -0.05
CA ASP B 88 4.18 39.44 0.47
C ASP B 88 5.51 39.40 1.22
N GLY B 89 5.66 40.29 2.20
CA GLY B 89 6.82 40.25 3.07
C GLY B 89 7.90 41.23 2.66
N VAL B 90 8.45 41.98 3.62
CA VAL B 90 9.42 43.02 3.33
C VAL B 90 10.59 42.92 4.30
N TYR B 91 11.58 43.80 4.11
CA TYR B 91 12.78 43.77 4.91
C TYR B 91 13.42 45.16 4.92
N PHE B 92 13.70 45.67 6.12
CA PHE B 92 13.93 47.10 6.30
C PHE B 92 15.23 47.37 7.05
N ALA B 93 15.84 48.52 6.75
CA ALA B 93 17.08 48.92 7.38
C ALA B 93 17.13 50.44 7.51
N SER B 94 18.20 50.93 8.12
CA SER B 94 18.34 52.35 8.44
C SER B 94 19.71 52.85 8.01
N THR B 95 19.95 54.12 8.29
CA THR B 95 21.28 54.71 8.31
C THR B 95 21.72 54.91 9.75
N GLU B 96 22.82 55.65 9.92
CA GLU B 96 23.34 56.03 11.22
C GLU B 96 23.13 57.52 11.45
N LYS B 97 23.38 57.94 12.70
CA LYS B 97 23.42 59.35 13.10
C LYS B 97 22.11 60.07 12.79
N SER B 98 20.98 59.42 13.07
CA SER B 98 19.68 59.99 12.74
C SER B 98 18.59 59.16 13.38
N ASN B 99 17.43 59.77 13.54
CA ASN B 99 16.22 59.04 13.90
C ASN B 99 14.99 59.57 13.19
N ILE B 100 15.14 60.47 12.21
CA ILE B 100 14.01 61.18 11.62
C ILE B 100 12.92 60.21 11.21
N ILE B 101 13.31 59.03 10.77
CA ILE B 101 12.36 57.99 10.45
C ILE B 101 11.97 57.26 11.72
N ARG B 102 10.68 57.28 12.04
CA ARG B 102 10.18 56.70 13.29
C ARG B 102 8.98 55.80 13.05
N GLY B 103 8.99 55.02 11.97
CA GLY B 103 8.05 53.93 11.86
C GLY B 103 7.70 53.61 10.42
N TRP B 104 6.51 53.01 10.26
CA TRP B 104 6.01 52.58 8.97
C TRP B 104 4.49 52.61 8.99
N ILE B 105 3.91 52.56 7.81
CA ILE B 105 2.45 52.53 7.64
C ILE B 105 2.12 51.64 6.46
N PHE B 106 1.05 50.86 6.59
CA PHE B 106 0.73 49.85 5.60
C PHE B 106 -0.77 49.89 5.27
N GLY B 107 -1.16 49.03 4.34
CA GLY B 107 -2.55 48.91 3.95
C GLY B 107 -2.65 48.47 2.50
N THR B 108 -3.87 48.55 1.97
CA THR B 108 -4.10 48.32 0.54
C THR B 108 -4.60 49.57 -0.17
N THR B 109 -5.77 50.08 0.20
CA THR B 109 -6.30 51.25 -0.46
C THR B 109 -5.83 52.53 0.22
N LEU B 110 -5.38 52.42 1.47
CA LEU B 110 -4.56 53.44 2.10
C LEU B 110 -5.38 54.69 2.37
N ASP B 111 -6.66 54.51 2.69
CA ASP B 111 -7.56 55.62 2.99
C ASP B 111 -8.61 55.13 3.98
N SER B 112 -9.66 55.92 4.17
CA SER B 112 -10.66 55.60 5.16
C SER B 112 -11.52 54.41 4.78
N LYS B 113 -11.42 53.92 3.55
CA LYS B 113 -12.25 52.81 3.11
C LYS B 113 -11.94 51.54 3.90
N THR B 114 -10.69 51.11 3.87
CA THR B 114 -10.26 49.89 4.53
C THR B 114 -9.32 50.22 5.68
N GLN B 115 -9.51 49.56 6.82
CA GLN B 115 -8.75 49.88 8.02
C GLN B 115 -7.25 49.78 7.75
N SER B 116 -6.49 50.70 8.34
CA SER B 116 -5.07 50.85 8.10
C SER B 116 -4.33 50.85 9.44
N LEU B 117 -3.06 51.24 9.42
CA LEU B 117 -2.25 51.11 10.63
C LEU B 117 -1.05 52.03 10.55
N LEU B 118 -0.48 52.30 11.73
CA LEU B 118 0.63 53.23 11.88
C LEU B 118 1.39 52.90 13.14
N ILE B 119 2.72 52.99 13.07
CA ILE B 119 3.61 52.55 14.14
C ILE B 119 4.62 53.66 14.37
N VAL B 120 4.57 54.29 15.53
CA VAL B 120 5.58 55.27 15.94
C VAL B 120 5.71 55.17 17.46
N ASN B 121 6.72 55.84 18.00
CA ASN B 121 6.84 56.08 19.42
C ASN B 121 7.00 57.57 19.65
N ASN B 122 6.79 58.00 20.90
CA ASN B 122 7.02 59.39 21.28
C ASN B 122 7.95 59.46 22.49
N ALA B 123 9.04 58.72 22.44
CA ALA B 123 10.18 58.82 23.34
C ALA B 123 9.92 58.29 24.74
N THR B 124 8.68 57.93 25.06
CA THR B 124 8.45 57.21 26.31
C THR B 124 7.40 56.12 26.25
N ASN B 125 6.55 56.05 25.22
CA ASN B 125 5.52 55.02 25.15
C ASN B 125 5.05 54.90 23.71
N VAL B 126 5.20 53.70 23.14
CA VAL B 126 4.92 53.51 21.73
C VAL B 126 3.42 53.46 21.49
N VAL B 127 3.04 53.53 20.22
CA VAL B 127 1.64 53.54 19.82
C VAL B 127 1.47 52.64 18.60
N ILE B 128 0.38 51.89 18.58
CA ILE B 128 0.00 51.07 17.45
C ILE B 128 -1.49 51.15 17.29
N LYS B 129 -1.95 51.40 16.06
CA LYS B 129 -3.33 51.75 15.80
C LYS B 129 -3.91 50.87 14.69
N VAL B 130 -5.23 50.86 14.62
CA VAL B 130 -5.95 50.44 13.43
C VAL B 130 -6.65 51.69 12.92
N CYS B 131 -6.04 52.83 13.19
CA CYS B 131 -6.66 54.13 13.01
C CYS B 131 -6.64 54.54 11.54
N GLU B 132 -7.62 55.36 11.18
CA GLU B 132 -7.94 55.63 9.79
C GLU B 132 -7.33 56.96 9.33
N PHE B 133 -6.01 57.03 9.33
CA PHE B 133 -5.35 58.23 8.83
C PHE B 133 -5.07 58.09 7.34
N GLN B 134 -5.20 59.20 6.63
CA GLN B 134 -5.12 59.20 5.18
C GLN B 134 -3.72 59.53 4.72
N PHE B 135 -3.28 58.85 3.67
CA PHE B 135 -1.98 59.11 3.07
C PHE B 135 -1.99 60.48 2.43
N CYS B 136 -1.31 61.43 3.05
CA CYS B 136 -1.33 62.81 2.61
C CYS B 136 -0.45 62.93 1.37
N ASN B 137 -0.17 64.17 0.95
CA ASN B 137 0.87 64.38 -0.04
C ASN B 137 2.25 64.13 0.55
N ASP B 138 2.35 64.10 1.86
CA ASP B 138 3.60 63.93 2.57
C ASP B 138 3.29 63.54 4.02
N PRO B 139 2.95 62.30 4.28
CA PRO B 139 2.66 61.89 5.66
C PRO B 139 3.93 61.86 6.50
N PHE B 140 4.12 62.85 7.36
CA PHE B 140 5.40 63.01 8.04
C PHE B 140 5.20 63.78 9.34
N LEU B 141 6.31 63.93 10.08
CA LEU B 141 6.34 64.77 11.27
C LEU B 141 7.39 65.85 11.15
N MET B 153 11.99 71.51 15.40
CA MET B 153 12.53 70.29 15.99
C MET B 153 11.54 69.13 15.88
N GLU B 154 10.30 69.37 16.32
CA GLU B 154 9.24 68.36 16.30
C GLU B 154 7.95 68.96 15.77
N SER B 155 7.25 68.19 14.93
CA SER B 155 5.88 68.50 14.50
C SER B 155 5.08 67.21 14.73
N GLU B 156 4.56 67.06 15.94
CA GLU B 156 4.03 65.77 16.38
C GLU B 156 2.77 65.40 15.62
N PHE B 157 2.74 64.17 15.10
CA PHE B 157 1.57 63.60 14.44
C PHE B 157 1.11 64.43 13.25
N ARG B 158 1.97 65.29 12.70
CA ARG B 158 1.56 66.12 11.58
C ARG B 158 1.07 65.28 10.40
N VAL B 159 1.42 63.99 10.38
CA VAL B 159 0.81 63.07 9.42
C VAL B 159 -0.70 63.07 9.55
N TYR B 160 -1.21 63.33 10.75
CA TYR B 160 -2.60 63.03 11.09
C TYR B 160 -3.60 63.68 10.17
N SER B 161 -4.29 62.85 9.39
CA SER B 161 -5.40 63.28 8.56
C SER B 161 -6.72 63.23 9.31
N SER B 162 -7.08 62.04 9.80
CA SER B 162 -8.33 61.88 10.52
C SER B 162 -8.19 60.70 11.47
N ALA B 163 -8.48 60.93 12.74
CA ALA B 163 -8.46 59.88 13.75
C ALA B 163 -9.79 59.15 13.86
N ASN B 164 -10.63 59.23 12.81
CA ASN B 164 -11.97 58.70 12.87
C ASN B 164 -11.99 57.19 12.72
N ASN B 165 -12.97 56.55 13.37
CA ASN B 165 -13.31 55.15 13.15
C ASN B 165 -12.10 54.23 13.33
N CYS B 166 -11.55 54.27 14.54
CA CYS B 166 -10.38 53.48 14.88
C CYS B 166 -10.78 52.44 15.93
N THR B 167 -10.24 51.23 15.82
CA THR B 167 -10.79 50.10 16.57
C THR B 167 -9.83 49.40 17.51
N PHE B 168 -8.52 49.64 17.42
CA PHE B 168 -7.59 48.95 18.31
C PHE B 168 -6.34 49.79 18.52
N GLU B 169 -6.08 50.13 19.78
CA GLU B 169 -4.89 50.84 20.20
C GLU B 169 -3.83 49.83 20.61
N TYR B 170 -2.63 50.32 20.89
CA TYR B 170 -1.61 49.47 21.50
C TYR B 170 -0.49 50.36 22.01
N VAL B 171 -0.20 50.25 23.29
CA VAL B 171 0.83 51.07 23.93
C VAL B 171 1.80 50.13 24.63
N SER B 172 3.09 50.44 24.54
CA SER B 172 4.11 49.61 25.16
C SER B 172 5.44 50.37 25.20
N GLN B 173 6.50 49.64 25.55
CA GLN B 173 7.85 50.14 25.74
C GLN B 173 8.63 50.16 24.43
N PRO B 174 9.74 50.91 24.36
CA PRO B 174 10.37 51.21 23.07
C PRO B 174 11.42 50.21 22.62
N PHE B 175 11.77 50.34 21.34
CA PHE B 175 12.89 49.64 20.71
C PHE B 175 14.08 50.56 20.43
N LEU B 176 13.85 51.80 20.02
CA LEU B 176 14.95 52.68 19.67
C LEU B 176 14.43 54.11 19.54
N MET B 177 15.20 55.07 20.01
CA MET B 177 14.84 56.48 19.92
C MET B 177 15.26 57.07 18.58
N PHE B 186 27.32 57.04 13.64
CA PHE B 186 28.25 56.18 14.36
C PHE B 186 27.49 55.39 15.40
N LYS B 187 26.40 54.76 14.97
CA LYS B 187 25.40 54.28 15.90
C LYS B 187 24.92 52.90 15.47
N ASN B 188 23.80 52.49 16.06
CA ASN B 188 23.19 51.21 15.76
C ASN B 188 22.67 51.16 14.34
N LEU B 189 22.06 50.03 13.99
CA LEU B 189 21.39 49.87 12.73
C LEU B 189 20.03 49.25 13.01
N ARG B 190 19.11 49.45 12.08
CA ARG B 190 17.75 48.94 12.22
C ARG B 190 17.60 47.73 11.32
N GLU B 191 17.28 46.59 11.92
CA GLU B 191 17.24 45.30 11.22
C GLU B 191 15.86 44.70 11.45
N PHE B 192 14.90 45.09 10.63
CA PHE B 192 13.52 44.70 10.87
C PHE B 192 12.92 44.14 9.58
N VAL B 193 11.97 43.21 9.74
CA VAL B 193 11.24 42.63 8.63
C VAL B 193 9.80 42.39 9.06
N PHE B 194 8.90 42.39 8.07
CA PHE B 194 7.47 42.33 8.31
C PHE B 194 6.83 41.34 7.35
N LYS B 195 5.81 40.62 7.83
CA LYS B 195 5.14 39.64 7.00
C LYS B 195 3.74 39.38 7.53
N ASN B 196 2.86 38.99 6.62
CA ASN B 196 1.44 38.80 6.90
C ASN B 196 1.02 37.43 6.40
N ILE B 197 0.75 36.52 7.34
CA ILE B 197 0.45 35.13 7.01
C ILE B 197 -0.62 34.63 7.97
N ASP B 198 -1.51 33.77 7.47
CA ASP B 198 -2.57 33.16 8.28
C ASP B 198 -3.41 34.23 8.96
N GLY B 199 -3.71 35.29 8.21
CA GLY B 199 -4.42 36.42 8.77
C GLY B 199 -3.75 36.98 10.00
N TYR B 200 -2.44 37.13 9.97
CA TYR B 200 -1.69 37.63 11.10
C TYR B 200 -0.78 38.75 10.66
N PHE B 201 -0.27 39.46 11.66
CA PHE B 201 0.74 40.49 11.47
C PHE B 201 1.96 40.09 12.29
N LYS B 202 3.14 40.29 11.72
CA LYS B 202 4.38 39.80 12.32
C LYS B 202 5.37 40.94 12.52
N ILE B 203 6.52 40.58 13.08
CA ILE B 203 7.58 41.54 13.34
C ILE B 203 8.85 40.75 13.62
N TYR B 204 9.98 41.22 13.11
CA TYR B 204 11.25 40.66 13.51
C TYR B 204 12.32 41.74 13.48
N SER B 205 13.19 41.75 14.49
CA SER B 205 14.03 42.90 14.76
C SER B 205 15.34 42.47 15.43
N LYS B 206 16.18 43.46 15.72
CA LYS B 206 17.36 43.38 16.57
C LYS B 206 17.96 44.78 16.61
N HIS B 207 18.92 45.00 17.52
CA HIS B 207 19.59 46.29 17.68
C HIS B 207 21.09 46.05 17.71
N THR B 208 21.77 46.36 16.61
CA THR B 208 23.16 45.96 16.44
C THR B 208 24.04 47.16 16.12
N PRO B 209 25.32 47.10 16.46
CA PRO B 209 26.23 48.21 16.16
C PRO B 209 26.49 48.33 14.67
N ILE B 210 26.97 49.51 14.28
CA ILE B 210 27.21 49.80 12.87
C ILE B 210 28.29 50.86 12.77
N ASN B 211 29.11 50.75 11.74
CA ASN B 211 30.13 51.73 11.39
C ASN B 211 30.17 51.83 9.87
N LEU B 212 31.25 52.41 9.34
CA LEU B 212 31.45 52.49 7.89
C LEU B 212 30.33 53.29 7.22
N VAL B 213 30.38 54.59 7.49
CA VAL B 213 29.33 55.55 7.18
C VAL B 213 28.73 55.39 5.80
N ARG B 214 29.49 54.84 4.84
CA ARG B 214 29.08 54.88 3.44
C ARG B 214 27.76 54.12 3.21
N ASP B 215 27.73 52.83 3.52
CA ASP B 215 26.61 51.99 3.10
C ASP B 215 26.63 50.70 3.91
N LEU B 216 25.85 49.71 3.46
CA LEU B 216 25.59 48.50 4.24
C LEU B 216 26.87 47.77 4.62
N PRO B 217 26.84 46.99 5.69
CA PRO B 217 28.04 46.28 6.13
C PRO B 217 28.09 44.87 5.59
N GLN B 218 29.18 44.18 5.87
CA GLN B 218 29.21 42.74 5.77
C GLN B 218 29.06 42.15 7.16
N GLY B 219 29.32 40.86 7.29
CA GLY B 219 29.05 40.17 8.53
C GLY B 219 27.62 39.70 8.59
N PHE B 220 27.31 38.93 9.62
CA PHE B 220 26.04 38.25 9.65
C PHE B 220 25.52 38.13 11.08
N SER B 221 24.23 38.39 11.24
CA SER B 221 23.60 38.38 12.55
C SER B 221 22.29 37.61 12.49
N ALA B 222 21.80 37.25 13.67
CA ALA B 222 20.49 36.67 13.80
C ALA B 222 19.46 37.79 13.85
N LEU B 223 18.18 37.42 13.89
CA LEU B 223 17.10 38.38 14.08
C LEU B 223 16.20 37.91 15.21
N GLU B 224 15.28 38.77 15.63
CA GLU B 224 14.45 38.47 16.79
C GLU B 224 13.02 38.94 16.64
N PRO B 225 12.06 38.18 17.16
CA PRO B 225 10.68 38.65 17.19
C PRO B 225 10.48 39.70 18.27
N LEU B 226 9.60 40.66 17.97
CA LEU B 226 9.22 41.63 18.99
C LEU B 226 7.98 41.18 19.74
N VAL B 227 6.85 41.09 19.03
CA VAL B 227 5.66 40.44 19.54
C VAL B 227 4.66 40.33 18.40
N ASP B 228 3.87 39.27 18.37
CA ASP B 228 2.93 39.09 17.26
C ASP B 228 1.60 39.80 17.54
N LEU B 229 0.96 40.25 16.47
CA LEU B 229 -0.23 41.06 16.57
C LEU B 229 -1.36 40.45 15.74
N PRO B 230 -2.52 40.20 16.34
CA PRO B 230 -3.64 39.56 15.63
C PRO B 230 -4.54 40.57 14.93
N ILE B 231 -3.95 41.48 14.17
CA ILE B 231 -4.73 42.55 13.56
C ILE B 231 -5.63 41.99 12.47
N GLY B 232 -5.02 41.42 11.43
CA GLY B 232 -5.76 40.76 10.39
C GLY B 232 -6.16 41.63 9.23
N ILE B 233 -5.92 42.93 9.30
CA ILE B 233 -6.37 43.80 8.22
C ILE B 233 -5.60 43.48 6.96
N ASN B 234 -6.03 44.04 5.86
CA ASN B 234 -5.41 43.81 4.57
C ASN B 234 -4.31 44.84 4.33
N ILE B 235 -3.24 44.42 3.66
CA ILE B 235 -2.17 45.30 3.25
C ILE B 235 -1.68 44.87 1.88
N THR B 236 -1.54 45.81 0.96
CA THR B 236 -0.88 45.53 -0.31
C THR B 236 0.15 46.57 -0.71
N ARG B 237 0.22 47.70 -0.05
CA ARG B 237 1.27 48.68 -0.25
C ARG B 237 1.64 49.24 1.11
N PHE B 238 2.57 50.18 1.11
CA PHE B 238 2.96 50.86 2.35
C PHE B 238 3.72 52.13 1.97
N GLN B 239 4.25 52.80 3.00
CA GLN B 239 5.02 54.00 2.76
C GLN B 239 5.93 54.25 3.94
N THR B 240 7.14 54.73 3.64
CA THR B 240 8.09 55.09 4.67
C THR B 240 7.51 56.09 5.65
N LEU B 241 8.19 56.24 6.79
CA LEU B 241 7.84 57.28 7.76
C LEU B 241 9.03 58.23 7.85
N LEU B 242 8.91 59.36 7.19
CA LEU B 242 10.01 60.32 7.10
C LEU B 242 9.53 61.67 7.63
N ALA B 243 10.35 62.71 7.47
CA ALA B 243 9.93 64.04 7.92
C ALA B 243 10.77 65.11 7.23
N LEU B 244 10.32 66.35 7.39
CA LEU B 244 11.00 67.54 6.89
C LEU B 244 11.41 68.38 8.09
N HIS B 245 12.63 68.93 8.05
CA HIS B 245 13.18 69.70 9.14
C HIS B 245 13.31 71.16 8.73
N ARG B 246 12.55 72.03 9.38
CA ARG B 246 12.58 73.46 9.11
C ARG B 246 12.87 74.22 10.39
N GLY B 261 18.26 64.47 8.35
CA GLY B 261 17.70 64.95 7.11
C GLY B 261 18.05 64.07 5.93
N ALA B 262 19.33 63.72 5.81
CA ALA B 262 19.80 62.79 4.79
C ALA B 262 19.95 61.44 5.46
N ALA B 263 19.08 60.49 5.09
CA ALA B 263 19.02 59.20 5.74
C ALA B 263 19.02 58.09 4.71
N ALA B 264 18.74 56.87 5.16
CA ALA B 264 18.77 55.70 4.30
C ALA B 264 17.75 54.68 4.77
N TYR B 265 16.73 54.47 3.96
CA TYR B 265 15.77 53.39 4.12
C TYR B 265 16.12 52.29 3.11
N TYR B 266 15.73 51.05 3.40
CA TYR B 266 16.11 49.93 2.56
C TYR B 266 15.00 48.89 2.49
N VAL B 267 14.64 48.50 1.28
CA VAL B 267 13.50 47.61 1.05
C VAL B 267 13.84 46.54 0.04
N GLY B 268 13.56 45.30 0.40
CA GLY B 268 13.63 44.20 -0.54
C GLY B 268 12.49 43.23 -0.30
N TYR B 269 12.11 42.56 -1.37
CA TYR B 269 10.96 41.67 -1.30
C TYR B 269 11.38 40.32 -0.74
N LEU B 270 10.46 39.37 -0.77
CA LEU B 270 10.61 38.06 -0.19
C LEU B 270 10.17 37.01 -1.19
N GLN B 271 10.54 35.76 -0.94
CA GLN B 271 10.11 34.66 -1.79
C GLN B 271 9.99 33.41 -0.94
N PRO B 272 9.30 32.39 -1.42
CA PRO B 272 9.33 31.07 -0.75
C PRO B 272 10.49 30.19 -1.18
N ARG B 273 11.65 30.41 -0.57
CA ARG B 273 12.82 29.58 -0.80
C ARG B 273 13.14 28.77 0.45
N THR B 274 13.85 27.67 0.27
CA THR B 274 14.14 26.75 1.37
C THR B 274 15.57 26.94 1.84
N PHE B 275 15.75 27.05 3.15
CA PHE B 275 17.01 27.42 3.74
C PHE B 275 17.57 26.30 4.60
N LEU B 276 18.88 26.38 4.84
CA LEU B 276 19.59 25.40 5.65
C LEU B 276 20.24 26.14 6.82
N LEU B 277 19.71 25.92 8.01
CA LEU B 277 20.05 26.72 9.18
C LEU B 277 20.90 25.95 10.15
N LYS B 278 22.03 26.54 10.54
CA LYS B 278 22.94 25.94 11.51
C LYS B 278 22.80 26.63 12.85
N TYR B 279 22.59 25.86 13.91
CA TYR B 279 22.47 26.41 15.25
C TYR B 279 23.76 26.16 16.02
N ASN B 280 24.18 27.17 16.78
CA ASN B 280 25.42 27.11 17.53
C ASN B 280 25.27 26.18 18.72
N GLU B 281 26.27 26.20 19.60
CA GLU B 281 26.19 25.39 20.80
C GLU B 281 24.98 25.78 21.64
N ASN B 282 24.82 27.07 21.89
CA ASN B 282 23.81 27.51 22.84
C ASN B 282 22.41 27.48 22.24
N GLY B 283 22.27 27.67 20.94
CA GLY B 283 20.95 27.74 20.35
C GLY B 283 20.69 29.05 19.65
N THR B 284 21.73 29.65 19.11
CA THR B 284 21.63 30.88 18.34
C THR B 284 22.00 30.59 16.90
N ILE B 285 21.27 31.19 15.97
CA ILE B 285 21.51 30.95 14.56
C ILE B 285 22.75 31.68 14.10
N THR B 286 23.87 30.97 13.97
CA THR B 286 25.11 31.62 13.53
C THR B 286 24.93 32.19 12.13
N ASP B 287 24.72 31.33 11.15
CA ASP B 287 24.43 31.73 9.78
C ASP B 287 23.98 30.50 9.02
N ALA B 288 23.17 30.72 8.01
CA ALA B 288 22.60 29.67 7.22
C ALA B 288 23.08 29.82 5.79
N VAL B 289 22.55 28.99 4.89
CA VAL B 289 22.91 29.07 3.48
C VAL B 289 21.71 28.69 2.62
N ASP B 290 21.30 29.61 1.77
CA ASP B 290 20.25 29.32 0.80
C ASP B 290 20.77 28.35 -0.23
N CYS B 291 19.89 27.50 -0.73
CA CYS B 291 20.39 26.56 -1.73
C CYS B 291 19.66 26.73 -3.06
N ALA B 292 19.58 27.96 -3.54
CA ALA B 292 19.31 28.21 -4.95
C ALA B 292 20.35 29.06 -5.63
N LEU B 293 21.31 29.62 -4.91
CA LEU B 293 22.25 30.54 -5.53
C LEU B 293 23.09 29.85 -6.60
N ASP B 294 23.97 28.94 -6.21
CA ASP B 294 24.80 28.25 -7.18
C ASP B 294 24.92 26.80 -6.74
N PRO B 295 25.33 25.91 -7.65
CA PRO B 295 25.35 24.48 -7.30
C PRO B 295 26.08 24.17 -6.01
N LEU B 296 27.26 24.77 -5.77
CA LEU B 296 27.97 24.50 -4.54
C LEU B 296 27.04 24.59 -3.35
N SER B 297 26.25 25.67 -3.29
CA SER B 297 25.28 25.80 -2.23
C SER B 297 24.25 24.67 -2.30
N GLU B 298 23.74 24.39 -3.49
CA GLU B 298 22.64 23.42 -3.64
C GLU B 298 23.00 22.11 -2.98
N THR B 299 24.15 21.55 -3.35
CA THR B 299 24.60 20.30 -2.76
C THR B 299 24.56 20.39 -1.25
N LYS B 300 25.04 21.51 -0.70
CA LYS B 300 25.15 21.61 0.75
C LYS B 300 23.82 21.37 1.43
N CYS B 301 22.71 21.61 0.74
CA CYS B 301 21.43 21.31 1.36
C CYS B 301 20.88 19.95 0.96
N THR B 302 21.54 19.23 0.06
CA THR B 302 21.16 17.85 -0.22
C THR B 302 22.14 16.85 0.35
N LEU B 303 23.07 17.29 1.18
CA LEU B 303 23.85 16.40 2.02
C LEU B 303 23.75 16.72 3.49
N LYS B 304 23.08 17.82 3.85
CA LYS B 304 22.85 18.18 5.24
C LYS B 304 24.16 18.43 5.98
N SER B 305 24.97 19.34 5.45
CA SER B 305 26.15 19.82 6.18
C SER B 305 26.77 20.98 5.44
N PHE B 306 27.89 21.45 5.96
CA PHE B 306 28.69 22.49 5.34
C PHE B 306 29.99 21.94 4.77
N THR B 307 30.22 20.65 4.85
CA THR B 307 31.49 20.05 4.49
C THR B 307 31.24 18.97 3.43
N VAL B 308 31.31 19.36 2.17
CA VAL B 308 31.14 18.40 1.08
C VAL B 308 32.44 17.64 0.87
N GLU B 309 32.43 16.36 1.18
CA GLU B 309 33.58 15.53 0.90
C GLU B 309 33.80 15.43 -0.61
N LYS B 310 35.05 15.24 -1.00
CA LYS B 310 35.39 15.11 -2.40
C LYS B 310 34.53 14.05 -3.07
N GLY B 311 34.00 14.36 -4.25
CA GLY B 311 33.23 13.37 -4.98
C GLY B 311 32.29 13.92 -6.03
N ILE B 312 31.11 13.33 -6.08
CA ILE B 312 30.11 13.69 -7.09
C ILE B 312 28.74 13.34 -6.52
N TYR B 313 27.77 14.23 -6.75
CA TYR B 313 26.42 14.03 -6.28
C TYR B 313 25.46 14.63 -7.28
N GLN B 314 24.53 13.83 -7.77
CA GLN B 314 23.41 14.40 -8.49
C GLN B 314 22.50 15.06 -7.46
N THR B 315 21.99 16.23 -7.80
CA THR B 315 21.29 17.02 -6.79
C THR B 315 19.80 17.12 -7.04
N SER B 316 19.39 17.28 -8.28
CA SER B 316 18.02 17.63 -8.61
C SER B 316 17.86 17.41 -10.11
N ASN B 317 16.76 17.92 -10.67
CA ASN B 317 16.49 17.65 -12.06
C ASN B 317 16.12 18.94 -12.77
N PHE B 318 15.64 18.86 -14.00
CA PHE B 318 15.21 20.09 -14.66
C PHE B 318 14.39 19.74 -15.88
N ARG B 319 13.38 20.54 -16.16
CA ARG B 319 12.51 20.35 -17.32
C ARG B 319 12.52 21.62 -18.15
N VAL B 320 12.99 21.52 -19.39
CA VAL B 320 12.91 22.65 -20.31
C VAL B 320 11.48 22.72 -20.82
N GLN B 321 10.74 23.72 -20.37
CA GLN B 321 9.31 23.76 -20.61
C GLN B 321 9.00 24.04 -22.07
N PRO B 322 7.76 23.82 -22.46
CA PRO B 322 7.31 24.23 -23.81
C PRO B 322 7.18 25.73 -24.00
N THR B 323 6.67 26.15 -25.16
CA THR B 323 6.49 27.57 -25.44
C THR B 323 5.04 27.98 -25.66
N GLU B 324 4.30 27.36 -26.59
CA GLU B 324 3.10 28.02 -27.10
C GLU B 324 1.84 27.15 -27.20
N SER B 325 1.92 25.82 -27.16
CA SER B 325 0.74 24.95 -27.14
C SER B 325 -0.15 25.18 -28.36
N ILE B 326 0.41 24.83 -29.52
CA ILE B 326 -0.36 24.96 -30.75
C ILE B 326 -1.51 23.96 -30.76
N VAL B 327 -2.46 24.20 -31.66
CA VAL B 327 -3.59 23.29 -31.85
C VAL B 327 -3.98 23.28 -33.30
N ARG B 328 -4.27 22.09 -33.81
CA ARG B 328 -4.65 21.89 -35.19
C ARG B 328 -5.94 21.10 -35.23
N PHE B 329 -6.76 21.38 -36.24
CA PHE B 329 -8.06 20.73 -36.38
C PHE B 329 -8.53 20.91 -37.81
N PRO B 330 -9.57 20.19 -38.22
CA PRO B 330 -9.92 20.08 -39.64
C PRO B 330 -9.91 21.36 -40.45
N ASN B 331 -9.83 21.20 -41.77
CA ASN B 331 -9.46 22.28 -42.67
C ASN B 331 -10.42 23.46 -42.61
N ILE B 332 -11.68 23.29 -42.99
CA ILE B 332 -12.55 24.44 -43.16
C ILE B 332 -13.35 24.73 -41.89
N THR B 333 -14.20 23.78 -41.48
CA THR B 333 -15.02 23.90 -40.28
C THR B 333 -15.88 25.16 -40.31
N ASN B 334 -16.74 25.25 -41.31
CA ASN B 334 -17.72 26.35 -41.40
C ASN B 334 -18.90 25.83 -42.20
N LEU B 335 -20.09 25.85 -41.60
CA LEU B 335 -21.20 25.11 -42.17
C LEU B 335 -22.51 25.50 -41.49
N CYS B 336 -23.58 24.75 -41.77
CA CYS B 336 -24.86 24.77 -41.07
C CYS B 336 -25.63 26.09 -41.18
N PRO B 337 -26.32 26.33 -42.30
CA PRO B 337 -26.99 27.62 -42.53
C PRO B 337 -27.82 28.11 -41.35
N PHE B 338 -27.47 29.26 -40.80
CA PHE B 338 -28.01 29.67 -39.52
C PHE B 338 -28.59 31.08 -39.55
N GLY B 339 -28.00 31.96 -40.36
CA GLY B 339 -28.39 33.36 -40.34
C GLY B 339 -29.54 33.70 -41.27
N GLU B 340 -29.60 33.00 -42.41
CA GLU B 340 -30.72 33.20 -43.33
C GLU B 340 -32.05 32.85 -42.67
N VAL B 341 -32.03 31.93 -41.70
CA VAL B 341 -33.22 31.70 -40.89
C VAL B 341 -33.60 32.96 -40.14
N PHE B 342 -32.61 33.69 -39.64
CA PHE B 342 -32.90 34.99 -39.04
C PHE B 342 -32.99 36.08 -40.09
N ASN B 343 -32.28 35.92 -41.21
CA ASN B 343 -32.40 36.82 -42.34
C ASN B 343 -33.62 36.52 -43.20
N ALA B 344 -34.55 35.72 -42.69
CA ALA B 344 -35.72 35.31 -43.47
C ALA B 344 -36.64 36.49 -43.72
N THR B 345 -37.69 36.23 -44.51
CA THR B 345 -38.64 37.28 -44.85
C THR B 345 -39.71 37.44 -43.77
N ARG B 346 -40.52 36.41 -43.56
CA ARG B 346 -41.76 36.55 -42.82
C ARG B 346 -41.84 35.51 -41.72
N PHE B 347 -42.85 35.68 -40.86
CA PHE B 347 -43.07 34.82 -39.71
C PHE B 347 -44.51 34.95 -39.24
N ALA B 348 -44.86 34.14 -38.25
CA ALA B 348 -46.03 34.34 -37.42
C ALA B 348 -45.56 34.62 -36.00
N SER B 349 -46.51 34.67 -35.06
CA SER B 349 -46.17 34.93 -33.67
C SER B 349 -45.62 33.64 -33.05
N VAL B 350 -45.50 33.60 -31.72
CA VAL B 350 -44.85 32.49 -31.04
C VAL B 350 -45.57 31.17 -31.23
N TYR B 351 -46.82 31.19 -31.67
CA TYR B 351 -47.60 29.96 -31.82
C TYR B 351 -47.12 29.10 -32.99
N ALA B 352 -46.60 29.71 -34.03
CA ALA B 352 -46.22 28.99 -35.24
C ALA B 352 -44.81 29.38 -35.65
N TRP B 353 -43.90 29.43 -34.69
CA TRP B 353 -42.50 29.56 -35.03
C TRP B 353 -42.05 28.29 -35.74
N ASN B 354 -41.42 28.45 -36.90
CA ASN B 354 -41.14 27.30 -37.76
C ASN B 354 -40.07 26.40 -37.14
N ARG B 355 -40.42 25.12 -36.97
CA ARG B 355 -39.49 24.14 -36.41
C ARG B 355 -38.51 23.68 -37.49
N LYS B 356 -37.23 23.75 -37.20
CA LYS B 356 -36.20 23.47 -38.21
C LYS B 356 -34.98 22.88 -37.55
N ARG B 357 -34.66 21.63 -37.90
CA ARG B 357 -33.58 20.90 -37.22
C ARG B 357 -32.24 21.60 -37.39
N ILE B 358 -31.49 21.72 -36.30
CA ILE B 358 -30.15 22.31 -36.30
C ILE B 358 -29.20 21.26 -35.74
N SER B 359 -28.72 20.38 -36.62
CA SER B 359 -27.73 19.37 -36.25
C SER B 359 -27.06 18.91 -37.54
N ASN B 360 -26.09 17.99 -37.41
CA ASN B 360 -25.20 17.64 -38.51
C ASN B 360 -24.56 18.90 -39.08
N CYS B 361 -23.81 19.59 -38.22
CA CYS B 361 -23.58 21.01 -38.40
C CYS B 361 -22.30 21.40 -37.66
N VAL B 362 -22.00 22.69 -37.71
CA VAL B 362 -21.10 23.34 -36.77
C VAL B 362 -21.94 24.37 -36.03
N ALA B 363 -21.98 24.28 -34.70
CA ALA B 363 -22.71 25.26 -33.92
C ALA B 363 -21.98 26.60 -33.99
N ASP B 364 -22.52 27.54 -34.74
CA ASP B 364 -21.87 28.82 -34.98
C ASP B 364 -22.43 29.86 -34.03
N TYR B 365 -21.55 30.69 -33.49
CA TYR B 365 -21.96 31.82 -32.66
C TYR B 365 -21.11 33.06 -32.93
N SER B 366 -20.19 33.02 -33.89
CA SER B 366 -19.25 34.11 -34.08
C SER B 366 -19.93 35.33 -34.67
N VAL B 367 -20.58 35.17 -35.83
CA VAL B 367 -21.07 36.29 -36.63
C VAL B 367 -22.18 37.04 -35.90
N LEU B 368 -22.57 36.56 -34.72
CA LEU B 368 -23.75 37.09 -34.06
C LEU B 368 -23.55 38.55 -33.53
N TYR B 369 -22.45 39.23 -33.85
CA TYR B 369 -22.19 40.56 -33.33
C TYR B 369 -22.08 41.64 -34.39
N ASN B 370 -22.12 41.29 -35.68
CA ASN B 370 -21.77 42.24 -36.74
C ASN B 370 -22.71 42.13 -37.93
N SER B 371 -24.02 42.14 -37.67
CA SER B 371 -25.01 42.10 -38.74
C SER B 371 -25.68 43.44 -38.99
N ALA B 372 -25.35 44.47 -38.20
CA ALA B 372 -25.87 45.83 -38.32
C ALA B 372 -27.35 45.95 -37.98
N SER B 373 -27.98 44.90 -37.47
CA SER B 373 -29.41 44.89 -37.20
C SER B 373 -29.75 44.71 -35.73
N PHE B 374 -29.25 43.66 -35.10
CA PHE B 374 -29.63 43.34 -33.73
C PHE B 374 -29.25 44.47 -32.79
N SER B 375 -29.98 44.55 -31.67
CA SER B 375 -29.58 45.42 -30.56
C SER B 375 -29.70 44.78 -29.20
N THR B 376 -30.29 43.59 -29.09
CA THR B 376 -30.55 42.93 -27.81
C THR B 376 -29.85 41.58 -27.78
N PHE B 377 -28.55 41.61 -28.05
CA PHE B 377 -27.70 40.42 -27.95
C PHE B 377 -27.59 39.99 -26.49
N LYS B 378 -28.19 38.85 -26.16
CA LYS B 378 -28.34 38.46 -24.76
C LYS B 378 -28.53 36.96 -24.64
N CYS B 379 -28.10 36.43 -23.49
CA CYS B 379 -28.36 35.05 -23.11
C CYS B 379 -28.57 35.03 -21.60
N TYR B 380 -29.74 34.62 -21.15
CA TYR B 380 -29.95 34.46 -19.72
C TYR B 380 -29.12 33.30 -19.21
N GLY B 381 -28.82 33.32 -17.92
CA GLY B 381 -28.23 32.18 -17.23
C GLY B 381 -27.00 31.55 -17.85
N VAL B 382 -26.45 32.16 -18.89
CA VAL B 382 -25.24 31.68 -19.55
C VAL B 382 -24.67 32.79 -20.42
N SER B 383 -23.35 32.83 -20.56
CA SER B 383 -22.80 33.88 -21.41
C SER B 383 -22.77 33.41 -22.85
N PRO B 384 -23.32 34.18 -23.79
CA PRO B 384 -23.34 33.74 -25.20
C PRO B 384 -21.95 33.59 -25.79
N THR B 385 -21.01 34.46 -25.42
CA THR B 385 -19.67 34.33 -25.94
C THR B 385 -18.87 33.26 -25.22
N LYS B 386 -19.23 32.93 -23.97
CA LYS B 386 -18.55 31.87 -23.26
C LYS B 386 -18.92 30.48 -23.78
N LEU B 387 -19.94 30.38 -24.63
CA LEU B 387 -20.42 29.09 -25.10
C LEU B 387 -20.12 28.87 -26.59
N ASN B 388 -19.16 29.59 -27.17
CA ASN B 388 -18.67 29.23 -28.49
C ASN B 388 -17.92 27.91 -28.48
N ASP B 389 -17.88 27.25 -27.33
CA ASP B 389 -17.10 26.05 -27.07
C ASP B 389 -17.96 24.87 -26.65
N LEU B 390 -18.88 25.05 -25.70
CA LEU B 390 -19.86 24.02 -25.39
C LEU B 390 -20.91 23.96 -26.49
N CYS B 391 -21.70 22.87 -26.50
CA CYS B 391 -22.55 22.59 -27.65
C CYS B 391 -23.57 21.51 -27.31
N PHE B 392 -24.54 21.34 -28.21
CA PHE B 392 -25.72 20.52 -27.97
C PHE B 392 -26.17 19.88 -29.29
N THR B 393 -27.36 19.27 -29.27
CA THR B 393 -27.99 18.70 -30.46
C THR B 393 -29.38 19.31 -30.66
N ASN B 394 -29.83 19.28 -31.91
CA ASN B 394 -31.20 19.67 -32.29
C ASN B 394 -31.54 21.06 -31.73
N VAL B 395 -30.88 22.05 -32.32
CA VAL B 395 -30.67 23.36 -31.71
C VAL B 395 -31.57 24.36 -32.43
N TYR B 396 -32.81 23.94 -32.71
CA TYR B 396 -33.85 24.77 -33.32
C TYR B 396 -33.74 26.23 -32.88
N ALA B 397 -33.76 27.12 -33.86
CA ALA B 397 -33.62 28.56 -33.62
C ALA B 397 -34.88 29.28 -34.09
N ASP B 398 -35.32 30.23 -33.28
CA ASP B 398 -36.59 30.91 -33.49
C ASP B 398 -36.39 32.38 -33.83
N SER B 399 -37.43 32.96 -34.44
CA SER B 399 -37.49 34.40 -34.68
C SER B 399 -38.95 34.76 -34.93
N PHE B 400 -39.57 35.47 -33.99
CA PHE B 400 -40.93 35.95 -34.15
C PHE B 400 -40.98 37.45 -33.95
N VAL B 401 -41.83 38.12 -34.72
CA VAL B 401 -41.97 39.58 -34.61
C VAL B 401 -42.64 39.86 -33.27
N ILE B 402 -41.87 40.32 -32.33
CA ILE B 402 -42.39 40.65 -31.01
C ILE B 402 -43.03 42.02 -31.08
N ARG B 403 -43.99 42.27 -30.19
CA ARG B 403 -44.52 43.62 -30.08
C ARG B 403 -43.42 44.53 -29.53
N GLY B 404 -43.74 45.82 -29.41
CA GLY B 404 -42.76 46.79 -28.99
C GLY B 404 -42.13 46.51 -27.65
N ASP B 405 -42.92 46.63 -26.59
CA ASP B 405 -42.41 46.35 -25.25
C ASP B 405 -42.30 44.87 -24.96
N GLU B 406 -43.03 44.01 -25.69
CA GLU B 406 -43.05 42.59 -25.39
C GLU B 406 -41.70 41.92 -25.58
N VAL B 407 -40.72 42.63 -26.14
CA VAL B 407 -39.34 42.20 -26.02
C VAL B 407 -38.93 42.18 -24.56
N ARG B 408 -39.65 42.92 -23.71
CA ARG B 408 -39.47 42.85 -22.27
C ARG B 408 -40.46 41.92 -21.59
N GLN B 409 -41.48 41.44 -22.29
CA GLN B 409 -42.34 40.44 -21.65
C GLN B 409 -41.64 39.10 -21.46
N ILE B 410 -40.34 39.00 -21.73
CA ILE B 410 -39.62 37.81 -21.31
C ILE B 410 -39.35 38.04 -19.83
N ALA B 411 -40.34 37.64 -19.02
CA ALA B 411 -40.41 37.76 -17.57
C ALA B 411 -41.60 36.92 -17.13
N PRO B 412 -41.47 36.09 -16.10
CA PRO B 412 -42.49 35.07 -15.82
C PRO B 412 -43.87 35.66 -15.51
N GLY B 413 -44.88 34.81 -15.68
CA GLY B 413 -46.20 35.05 -15.12
C GLY B 413 -47.17 35.80 -16.01
N GLN B 414 -46.68 36.57 -16.97
CA GLN B 414 -47.51 37.49 -17.73
C GLN B 414 -48.27 36.77 -18.84
N THR B 415 -49.40 37.36 -19.23
CA THR B 415 -50.12 36.95 -20.43
C THR B 415 -49.53 37.66 -21.65
N GLY B 416 -49.19 36.88 -22.68
CA GLY B 416 -48.71 37.44 -23.93
C GLY B 416 -49.81 37.53 -24.97
N LYS B 417 -49.46 38.18 -26.09
CA LYS B 417 -50.42 38.32 -27.20
C LYS B 417 -50.68 36.98 -27.85
N ILE B 418 -49.63 36.22 -28.11
CA ILE B 418 -49.75 34.82 -28.47
C ILE B 418 -48.94 33.91 -27.56
N ALA B 419 -47.99 34.45 -26.80
CA ALA B 419 -47.35 33.70 -25.74
C ALA B 419 -48.35 33.19 -24.71
N ASP B 420 -49.63 33.55 -24.87
CA ASP B 420 -50.70 32.91 -24.12
C ASP B 420 -50.67 31.40 -24.28
N TYR B 421 -50.35 30.90 -25.48
CA TYR B 421 -50.40 29.45 -25.70
C TYR B 421 -49.32 28.74 -24.88
N ASN B 422 -48.05 29.13 -25.11
CA ASN B 422 -46.94 28.40 -24.47
C ASN B 422 -45.91 29.29 -23.77
N TYR B 423 -45.44 30.36 -24.42
CA TYR B 423 -44.30 31.16 -23.86
C TYR B 423 -44.56 31.79 -22.49
N LYS B 424 -43.57 32.51 -21.93
CA LYS B 424 -43.61 33.17 -20.60
C LYS B 424 -42.66 32.39 -19.67
N LEU B 425 -41.40 32.85 -19.55
CA LEU B 425 -40.39 32.10 -18.80
C LEU B 425 -40.91 31.43 -17.54
N PRO B 426 -41.01 30.11 -17.52
CA PRO B 426 -41.15 29.39 -16.25
C PRO B 426 -39.79 29.17 -15.61
N ASP B 427 -39.73 28.29 -14.61
CA ASP B 427 -38.51 28.08 -13.85
C ASP B 427 -37.31 27.70 -14.71
N ASP B 428 -36.35 28.62 -14.81
CA ASP B 428 -35.05 28.40 -15.45
C ASP B 428 -35.20 27.97 -16.91
N PHE B 429 -35.80 28.85 -17.70
CA PHE B 429 -35.63 28.84 -19.15
C PHE B 429 -34.71 30.01 -19.49
N THR B 430 -33.44 29.71 -19.74
CA THR B 430 -32.50 30.73 -20.18
C THR B 430 -32.42 30.77 -21.69
N GLY B 431 -33.58 30.80 -22.34
CA GLY B 431 -33.63 30.79 -23.78
C GLY B 431 -32.98 32.02 -24.37
N CYS B 432 -31.80 31.86 -24.95
CA CYS B 432 -31.10 32.98 -25.57
C CYS B 432 -31.95 33.68 -26.62
N VAL B 433 -31.86 35.00 -26.62
CA VAL B 433 -32.63 35.83 -27.55
C VAL B 433 -31.74 36.95 -28.01
N ILE B 434 -31.83 37.29 -29.30
CA ILE B 434 -31.07 38.39 -29.89
C ILE B 434 -32.08 39.27 -30.60
N ALA B 435 -32.41 40.42 -30.01
CA ALA B 435 -33.53 41.21 -30.49
C ALA B 435 -33.06 42.58 -30.98
N TRP B 436 -33.99 43.27 -31.65
CA TRP B 436 -33.76 44.62 -32.15
C TRP B 436 -35.10 45.22 -32.59
N ASN B 437 -35.02 46.42 -33.15
CA ASN B 437 -36.19 47.07 -33.70
C ASN B 437 -36.52 46.47 -35.06
N SER B 438 -37.69 45.89 -35.20
CA SER B 438 -38.10 45.36 -36.49
C SER B 438 -38.44 46.46 -37.49
N ASN B 439 -38.20 47.73 -37.15
CA ASN B 439 -38.73 48.83 -37.95
C ASN B 439 -38.04 48.98 -39.29
N ASN B 440 -37.16 48.06 -39.68
CA ASN B 440 -36.60 48.10 -41.02
C ASN B 440 -37.69 47.91 -42.07
N LEU B 441 -38.37 46.77 -42.04
CA LEU B 441 -39.42 46.47 -43.01
C LEU B 441 -40.70 45.92 -42.40
N ASP B 442 -40.73 45.64 -41.09
CA ASP B 442 -41.89 44.98 -40.50
C ASP B 442 -43.04 45.97 -40.29
N SER B 443 -43.40 46.70 -41.33
CA SER B 443 -44.54 47.61 -41.30
C SER B 443 -44.93 47.87 -42.74
N LYS B 444 -46.15 47.54 -43.12
CA LYS B 444 -46.50 47.48 -44.53
C LYS B 444 -47.61 48.46 -44.85
N VAL B 445 -47.58 48.96 -46.09
CA VAL B 445 -48.72 49.68 -46.63
C VAL B 445 -49.90 48.73 -46.68
N GLY B 446 -50.96 49.06 -45.95
CA GLY B 446 -52.00 48.11 -45.66
C GLY B 446 -51.76 47.31 -44.41
N GLY B 447 -50.62 47.49 -43.75
CA GLY B 447 -50.32 46.87 -42.48
C GLY B 447 -49.80 45.45 -42.63
N ASN B 448 -49.07 45.00 -41.60
CA ASN B 448 -48.70 43.59 -41.49
C ASN B 448 -49.87 42.81 -40.88
N TYR B 449 -51.00 42.88 -41.59
CA TYR B 449 -52.26 42.31 -41.12
C TYR B 449 -52.26 40.79 -41.20
N ASN B 450 -51.10 40.19 -41.39
CA ASN B 450 -50.93 38.74 -41.37
C ASN B 450 -50.49 38.23 -40.00
N TYR B 451 -50.18 39.13 -39.06
CA TYR B 451 -49.55 38.79 -37.78
C TYR B 451 -50.59 38.88 -36.67
N LEU B 452 -50.96 37.72 -36.12
CA LEU B 452 -52.13 37.54 -35.27
C LEU B 452 -51.79 37.67 -33.79
N TYR B 453 -52.82 37.88 -32.97
CA TYR B 453 -52.71 37.93 -31.52
C TYR B 453 -54.04 37.51 -30.90
N ARG B 454 -54.00 37.16 -29.61
CA ARG B 454 -55.12 36.55 -28.90
C ARG B 454 -55.36 37.24 -27.56
N LEU B 455 -56.64 37.42 -27.20
CA LEU B 455 -57.01 38.22 -26.03
C LEU B 455 -57.66 37.41 -24.91
N PHE B 456 -58.79 36.76 -25.17
CA PHE B 456 -59.56 36.03 -24.17
C PHE B 456 -59.15 34.56 -24.19
N ARG B 457 -58.79 34.02 -23.03
CA ARG B 457 -58.20 32.69 -22.97
C ARG B 457 -58.72 31.93 -21.75
N LYS B 458 -58.55 30.61 -21.78
CA LYS B 458 -58.84 29.80 -20.61
C LYS B 458 -57.81 30.03 -19.52
N SER B 459 -56.54 29.81 -19.83
CA SER B 459 -55.45 30.02 -18.88
C SER B 459 -54.13 29.90 -19.63
N ASN B 460 -53.09 30.53 -19.08
CA ASN B 460 -51.76 30.40 -19.65
C ASN B 460 -51.27 28.97 -19.51
N LEU B 461 -50.84 28.37 -20.61
CA LEU B 461 -50.47 26.96 -20.66
C LEU B 461 -48.95 26.83 -20.78
N LYS B 462 -48.48 25.59 -20.70
CA LYS B 462 -47.05 25.30 -20.64
C LYS B 462 -46.42 25.26 -22.03
N PRO B 463 -45.14 25.58 -22.13
CA PRO B 463 -44.53 25.81 -23.45
C PRO B 463 -44.44 24.55 -24.32
N PHE B 464 -44.16 24.80 -25.59
CA PHE B 464 -43.78 23.80 -26.58
C PHE B 464 -44.93 22.85 -26.91
N GLU B 465 -46.13 23.42 -27.05
CA GLU B 465 -47.30 22.74 -27.62
C GLU B 465 -47.97 23.75 -28.55
N ARG B 466 -47.56 23.74 -29.81
CA ARG B 466 -48.00 24.76 -30.77
C ARG B 466 -49.26 24.27 -31.47
N ASP B 467 -50.14 25.23 -31.76
CA ASP B 467 -51.46 24.92 -32.31
C ASP B 467 -51.79 25.94 -33.39
N ILE B 468 -51.85 25.48 -34.63
CA ILE B 468 -52.43 26.28 -35.71
C ILE B 468 -53.93 26.00 -35.67
N SER B 469 -54.60 26.68 -34.76
CA SER B 469 -56.05 26.59 -34.61
C SER B 469 -56.69 27.80 -35.28
N THR B 470 -57.75 27.53 -36.04
CA THR B 470 -58.47 28.56 -36.77
C THR B 470 -59.85 28.81 -36.15
N GLU B 471 -59.92 28.70 -34.84
CA GLU B 471 -61.20 28.81 -34.15
C GLU B 471 -61.70 30.24 -34.19
N ILE B 472 -63.00 30.38 -34.11
CA ILE B 472 -63.68 31.65 -33.87
C ILE B 472 -63.81 31.84 -32.37
N TYR B 473 -63.59 33.06 -31.90
CA TYR B 473 -63.47 33.28 -30.46
C TYR B 473 -64.82 33.17 -29.76
N GLN B 474 -64.89 32.30 -28.76
CA GLN B 474 -66.07 32.17 -27.89
C GLN B 474 -65.59 31.74 -26.51
N ALA B 475 -65.40 32.73 -25.63
CA ALA B 475 -65.18 32.44 -24.22
C ALA B 475 -66.48 32.34 -23.45
N GLY B 476 -67.58 32.81 -24.03
CA GLY B 476 -68.89 32.60 -23.48
C GLY B 476 -69.72 31.76 -24.43
N SER B 477 -70.57 30.90 -23.86
CA SER B 477 -71.33 29.96 -24.67
C SER B 477 -72.16 30.66 -25.72
N THR B 478 -72.67 31.84 -25.41
CA THR B 478 -73.45 32.60 -26.37
C THR B 478 -72.57 32.91 -27.59
N PRO B 479 -73.10 32.80 -28.81
CA PRO B 479 -72.27 33.05 -30.00
C PRO B 479 -71.71 34.47 -29.98
N CYS B 480 -70.43 34.57 -30.33
CA CYS B 480 -69.71 35.84 -30.31
C CYS B 480 -68.82 35.96 -31.54
N ASN B 481 -69.36 35.58 -32.70
CA ASN B 481 -68.61 35.50 -33.93
C ASN B 481 -69.13 36.47 -34.98
N GLY B 482 -69.36 37.71 -34.58
CA GLY B 482 -69.87 38.71 -35.49
C GLY B 482 -70.86 39.66 -34.84
N VAL B 483 -71.46 39.24 -33.73
CA VAL B 483 -72.41 40.04 -32.98
C VAL B 483 -71.66 40.64 -31.79
N GLU B 484 -71.15 41.85 -31.99
CA GLU B 484 -70.36 42.56 -30.99
C GLU B 484 -71.24 42.95 -29.81
N GLY B 485 -71.27 42.11 -28.78
CA GLY B 485 -72.15 42.31 -27.64
C GLY B 485 -71.47 42.90 -26.42
N PHE B 486 -72.15 42.74 -25.28
CA PHE B 486 -71.60 43.19 -24.01
C PHE B 486 -70.44 42.32 -23.54
N ASN B 487 -70.30 41.12 -24.09
CA ASN B 487 -69.13 40.30 -23.83
C ASN B 487 -68.39 39.86 -25.09
N CYS B 488 -69.03 39.90 -26.26
CA CYS B 488 -68.47 39.20 -27.41
C CYS B 488 -67.21 39.86 -27.91
N TYR B 489 -67.33 41.07 -28.45
CA TYR B 489 -66.21 41.88 -28.90
C TYR B 489 -65.12 41.05 -29.58
N PHE B 490 -65.44 40.43 -30.72
CA PHE B 490 -64.54 39.57 -31.48
C PHE B 490 -63.19 40.26 -31.72
N PRO B 491 -62.13 39.82 -31.06
CA PRO B 491 -60.83 40.52 -31.13
C PRO B 491 -59.80 39.96 -32.10
N LEU B 492 -60.15 38.99 -32.96
CA LEU B 492 -59.14 38.34 -33.79
C LEU B 492 -58.67 39.23 -34.93
N GLN B 493 -58.00 40.31 -34.59
CA GLN B 493 -57.42 41.25 -35.54
C GLN B 493 -55.94 40.88 -35.69
N SER B 494 -55.17 41.70 -36.41
CA SER B 494 -53.77 41.37 -36.64
C SER B 494 -52.88 42.57 -36.33
N TYR B 495 -51.58 42.39 -36.60
CA TYR B 495 -50.56 43.36 -36.22
C TYR B 495 -50.19 44.19 -37.45
N GLY B 496 -51.11 45.09 -37.81
CA GLY B 496 -50.86 45.93 -38.95
C GLY B 496 -50.10 47.16 -38.59
N PHE B 497 -48.78 47.09 -38.74
CA PHE B 497 -47.92 48.25 -38.53
C PHE B 497 -48.01 49.09 -39.78
N GLN B 498 -48.74 50.20 -39.72
CA GLN B 498 -48.84 51.07 -40.88
C GLN B 498 -47.46 51.59 -41.26
N PRO B 499 -47.22 51.85 -42.56
CA PRO B 499 -45.87 52.28 -42.99
C PRO B 499 -45.47 53.62 -42.40
N THR B 500 -46.31 54.17 -41.54
CA THR B 500 -46.02 55.39 -40.79
C THR B 500 -45.40 55.09 -39.44
N ASN B 501 -44.65 53.99 -39.32
CA ASN B 501 -44.08 53.61 -38.04
C ASN B 501 -42.94 54.56 -37.65
N GLY B 502 -42.96 54.98 -36.39
CA GLY B 502 -41.95 55.89 -35.85
C GLY B 502 -41.46 55.51 -34.46
N VAL B 503 -41.52 56.45 -33.52
CA VAL B 503 -41.08 56.21 -32.15
C VAL B 503 -42.31 56.39 -31.25
N GLY B 504 -43.47 55.99 -31.76
CA GLY B 504 -44.70 56.07 -31.03
C GLY B 504 -44.93 54.73 -30.35
N TYR B 505 -45.74 53.88 -30.96
CA TYR B 505 -45.96 52.52 -30.49
C TYR B 505 -45.30 51.55 -31.51
N GLN B 506 -43.97 51.38 -31.36
CA GLN B 506 -42.95 50.92 -32.31
C GLN B 506 -42.84 49.39 -32.30
N PRO B 507 -42.51 48.78 -33.44
CA PRO B 507 -42.31 47.32 -33.49
C PRO B 507 -40.85 46.93 -33.31
N TYR B 508 -40.66 45.70 -32.81
CA TYR B 508 -39.33 45.19 -32.54
C TYR B 508 -39.24 43.73 -32.98
N ARG B 509 -38.04 43.30 -33.34
CA ARG B 509 -37.79 41.93 -33.79
C ARG B 509 -36.84 41.23 -32.84
N VAL B 510 -37.00 39.91 -32.72
CA VAL B 510 -36.17 39.07 -31.87
C VAL B 510 -35.89 37.76 -32.61
N VAL B 511 -34.76 37.15 -32.28
CA VAL B 511 -34.45 35.78 -32.67
C VAL B 511 -34.16 34.97 -31.41
N VAL B 512 -34.58 33.70 -31.41
CA VAL B 512 -34.58 32.88 -30.20
C VAL B 512 -33.82 31.58 -30.45
N LEU B 513 -33.12 31.11 -29.43
CA LEU B 513 -32.36 29.87 -29.47
C LEU B 513 -33.05 28.79 -28.64
N SER B 514 -33.05 27.55 -29.17
CA SER B 514 -33.63 26.40 -28.47
C SER B 514 -32.78 25.17 -28.78
N PHE B 515 -31.80 24.90 -27.92
CA PHE B 515 -31.00 23.68 -27.99
C PHE B 515 -31.57 22.65 -27.02
N GLU B 516 -30.90 21.51 -26.91
CA GLU B 516 -31.26 20.48 -25.93
C GLU B 516 -30.24 19.35 -25.98
N LEU B 517 -30.12 18.63 -24.86
CA LEU B 517 -29.32 17.41 -24.81
C LEU B 517 -29.94 16.44 -23.81
N LEU B 518 -30.64 15.43 -24.32
CA LEU B 518 -31.02 14.29 -23.50
C LEU B 518 -29.90 13.26 -23.56
N HIS B 519 -30.15 12.03 -23.11
CA HIS B 519 -29.12 10.99 -23.19
C HIS B 519 -28.64 10.77 -24.62
N ALA B 520 -29.43 11.17 -25.61
CA ALA B 520 -29.04 10.99 -27.00
C ALA B 520 -27.72 11.71 -27.28
N PRO B 521 -26.72 11.03 -27.85
CA PRO B 521 -25.40 11.63 -28.04
C PRO B 521 -25.27 12.47 -29.30
N ALA B 522 -24.03 12.79 -29.66
CA ALA B 522 -23.67 13.42 -30.92
C ALA B 522 -24.16 14.86 -31.08
N THR B 523 -23.62 15.76 -30.26
CA THR B 523 -23.86 17.18 -30.39
C THR B 523 -23.40 17.73 -31.73
N VAL B 524 -23.64 19.02 -31.94
CA VAL B 524 -23.04 19.77 -33.04
C VAL B 524 -22.32 20.95 -32.42
N CYS B 525 -21.04 21.09 -32.74
CA CYS B 525 -20.19 21.97 -31.95
C CYS B 525 -19.49 22.96 -32.87
N GLY B 526 -18.89 23.97 -32.26
CA GLY B 526 -18.25 25.04 -32.99
C GLY B 526 -16.75 24.82 -33.13
N PRO B 527 -16.07 25.73 -33.80
CA PRO B 527 -14.64 25.57 -34.07
C PRO B 527 -13.78 26.04 -32.89
N LYS B 528 -12.47 25.79 -33.00
CA LYS B 528 -11.55 26.19 -31.90
C LYS B 528 -10.45 27.10 -32.46
N LYS B 529 -10.82 28.26 -33.03
CA LYS B 529 -9.82 29.25 -33.54
C LYS B 529 -8.51 28.55 -33.93
N SER B 530 -8.50 27.91 -35.11
CA SER B 530 -7.29 27.19 -35.58
C SER B 530 -6.04 28.05 -35.38
N THR B 531 -5.04 27.54 -34.65
CA THR B 531 -3.78 28.25 -34.44
C THR B 531 -2.71 27.75 -35.41
N ASN B 532 -1.57 28.42 -35.39
CA ASN B 532 -0.47 28.04 -36.27
C ASN B 532 0.27 26.85 -35.67
N LEU B 533 1.34 26.41 -36.34
CA LEU B 533 2.12 25.27 -35.89
C LEU B 533 3.58 25.56 -36.14
N VAL B 534 4.45 25.00 -35.28
CA VAL B 534 5.88 25.24 -35.38
C VAL B 534 6.61 23.91 -35.17
N LYS B 535 7.90 23.92 -35.51
CA LYS B 535 8.71 22.72 -35.49
C LYS B 535 10.00 22.95 -34.71
N ASN B 536 10.51 21.87 -34.13
CA ASN B 536 11.82 21.81 -33.48
C ASN B 536 11.84 22.46 -32.09
N LYS B 537 10.77 23.13 -31.69
CA LYS B 537 10.72 23.83 -30.41
C LYS B 537 9.78 23.06 -29.50
N CYS B 538 10.34 22.34 -28.54
CA CYS B 538 9.52 21.36 -27.84
C CYS B 538 8.42 22.11 -27.11
N VAL B 539 7.19 21.74 -27.43
CA VAL B 539 6.03 22.57 -27.14
C VAL B 539 4.91 21.67 -26.65
N ASN B 540 3.97 22.27 -25.94
CA ASN B 540 2.73 21.58 -25.69
C ASN B 540 1.90 21.55 -26.96
N PHE B 541 0.86 20.73 -26.95
CA PHE B 541 -0.06 20.68 -28.07
C PHE B 541 -1.35 20.04 -27.60
N ASN B 542 -2.36 20.11 -28.47
CA ASN B 542 -3.67 19.62 -28.15
C ASN B 542 -4.30 19.09 -29.44
N PHE B 543 -4.83 17.87 -29.39
CA PHE B 543 -5.37 17.25 -30.59
C PHE B 543 -6.70 16.61 -30.28
N ASN B 544 -7.32 16.07 -31.33
CA ASN B 544 -8.65 15.47 -31.22
C ASN B 544 -8.48 14.17 -30.44
N GLY B 545 -8.38 14.32 -29.13
CA GLY B 545 -8.19 13.19 -28.24
C GLY B 545 -6.74 12.87 -27.97
N LEU B 546 -5.81 13.68 -28.47
CA LEU B 546 -4.40 13.46 -28.22
C LEU B 546 -3.83 14.70 -27.55
N THR B 547 -2.97 14.46 -26.57
CA THR B 547 -2.36 15.54 -25.81
C THR B 547 -1.00 15.04 -25.34
N GLY B 548 -0.04 15.96 -25.27
CA GLY B 548 1.29 15.59 -24.83
C GLY B 548 2.21 16.79 -24.96
N THR B 549 3.46 16.55 -24.60
CA THR B 549 4.45 17.62 -24.52
C THR B 549 5.75 17.12 -25.14
N GLY B 550 6.41 17.98 -25.88
CA GLY B 550 7.74 17.66 -26.37
C GLY B 550 7.98 18.29 -27.74
N VAL B 551 9.06 17.86 -28.37
CA VAL B 551 9.44 18.40 -29.66
C VAL B 551 8.68 17.65 -30.74
N LEU B 552 8.68 18.17 -31.96
CA LEU B 552 8.01 17.55 -33.08
C LEU B 552 8.86 17.75 -34.32
N THR B 553 8.76 16.80 -35.25
CA THR B 553 9.53 16.88 -36.48
C THR B 553 8.87 16.00 -37.52
N GLU B 554 9.49 15.98 -38.69
CA GLU B 554 8.98 15.24 -39.84
C GLU B 554 9.15 13.75 -39.60
N SER B 555 8.86 12.96 -40.63
CA SER B 555 9.09 11.53 -40.58
C SER B 555 9.19 11.01 -41.99
N ASN B 556 9.43 9.71 -42.10
CA ASN B 556 9.39 9.00 -43.36
C ASN B 556 8.40 7.87 -43.37
N LYS B 557 8.15 7.24 -42.23
CA LYS B 557 7.19 6.15 -42.15
C LYS B 557 5.82 6.67 -42.52
N LYS B 558 5.32 6.29 -43.70
CA LYS B 558 4.03 6.78 -44.12
C LYS B 558 2.92 5.98 -43.45
N PHE B 559 1.78 6.63 -43.28
CA PHE B 559 0.64 6.02 -42.62
C PHE B 559 -0.46 5.77 -43.65
N LEU B 560 -1.18 4.67 -43.47
CA LEU B 560 -2.36 4.46 -44.28
C LEU B 560 -3.37 5.57 -44.00
N PRO B 561 -4.03 6.09 -45.03
CA PRO B 561 -4.85 7.30 -44.86
C PRO B 561 -6.04 7.13 -43.93
N PHE B 562 -6.14 5.99 -43.26
CA PHE B 562 -7.15 5.77 -42.25
C PHE B 562 -6.53 5.43 -40.91
N GLN B 563 -5.34 5.97 -40.66
CA GLN B 563 -4.68 5.86 -39.36
C GLN B 563 -4.33 7.26 -38.90
N GLN B 564 -4.85 7.65 -37.74
CA GLN B 564 -4.76 9.05 -37.34
C GLN B 564 -3.37 9.38 -36.80
N PHE B 565 -2.98 8.75 -35.70
CA PHE B 565 -1.76 9.11 -34.99
C PHE B 565 -0.95 7.85 -34.68
N GLY B 566 0.31 8.04 -34.32
CA GLY B 566 1.23 6.93 -34.15
C GLY B 566 1.96 6.79 -32.83
N ARG B 567 1.88 5.60 -32.24
CA ARG B 567 2.62 5.20 -31.06
C ARG B 567 3.40 3.95 -31.41
N ASP B 568 4.61 3.83 -30.88
CA ASP B 568 5.50 2.80 -31.41
C ASP B 568 5.37 1.49 -30.65
N ILE B 569 5.69 1.51 -29.37
CA ILE B 569 5.84 0.28 -28.60
C ILE B 569 5.52 0.62 -27.16
N ALA B 570 4.57 -0.09 -26.58
CA ALA B 570 4.24 0.07 -25.17
C ALA B 570 3.97 1.53 -24.82
N ASP B 571 2.95 2.10 -25.46
CA ASP B 571 2.30 3.30 -24.98
C ASP B 571 3.29 4.48 -24.89
N THR B 572 3.70 4.94 -26.06
CA THR B 572 4.46 6.18 -26.15
C THR B 572 3.94 6.98 -27.34
N THR B 573 3.12 7.98 -27.06
CA THR B 573 2.52 8.80 -28.10
C THR B 573 3.60 9.41 -28.98
N ASP B 574 3.67 9.01 -30.24
CA ASP B 574 4.79 9.44 -31.06
C ASP B 574 4.40 10.22 -32.30
N ALA B 575 3.50 9.71 -33.12
CA ALA B 575 3.26 10.29 -34.42
C ALA B 575 1.81 10.78 -34.54
N VAL B 576 1.62 11.83 -35.34
CA VAL B 576 0.30 12.41 -35.58
C VAL B 576 0.24 12.94 -37.00
N ARG B 577 -0.95 12.91 -37.57
CA ARG B 577 -1.26 13.67 -38.77
C ARG B 577 -1.92 14.97 -38.36
N ASP B 578 -1.65 16.02 -39.09
CA ASP B 578 -2.39 17.24 -38.83
C ASP B 578 -3.78 17.08 -39.39
N PRO B 579 -4.82 17.12 -38.61
CA PRO B 579 -6.16 16.96 -39.16
C PRO B 579 -6.52 18.09 -40.10
N GLN B 580 -5.57 18.98 -40.40
CA GLN B 580 -5.83 20.16 -41.20
C GLN B 580 -5.09 20.13 -42.54
N THR B 581 -3.77 19.93 -42.53
CA THR B 581 -2.99 20.12 -43.75
C THR B 581 -2.49 18.80 -44.33
N LEU B 582 -3.11 17.68 -43.98
CA LEU B 582 -2.78 16.38 -44.56
C LEU B 582 -1.28 16.13 -44.53
N GLU B 583 -0.68 16.35 -43.37
CA GLU B 583 0.75 16.24 -43.22
C GLU B 583 1.07 15.38 -41.99
N ILE B 584 2.15 14.62 -42.09
CA ILE B 584 2.53 13.65 -41.08
C ILE B 584 3.67 14.19 -40.25
N LEU B 585 3.61 13.98 -38.93
CA LEU B 585 4.66 14.43 -38.02
C LEU B 585 4.83 13.43 -36.89
N ASP B 586 5.98 13.52 -36.22
CA ASP B 586 6.31 12.64 -35.10
C ASP B 586 6.90 13.45 -33.95
N ILE B 587 6.50 13.11 -32.74
CA ILE B 587 6.88 13.82 -31.53
C ILE B 587 8.05 13.10 -30.87
N THR B 588 8.88 13.84 -30.14
CA THR B 588 9.94 13.27 -29.34
C THR B 588 10.06 14.04 -28.04
N PRO B 589 9.87 13.41 -26.89
CA PRO B 589 9.95 14.15 -25.64
C PRO B 589 11.29 14.84 -25.53
N CYS B 590 11.27 16.12 -25.21
CA CYS B 590 12.50 16.90 -25.33
C CYS B 590 13.43 16.61 -24.15
N SER B 591 14.51 17.39 -24.07
CA SER B 591 15.60 17.08 -23.16
C SER B 591 15.17 17.11 -21.71
N PHE B 592 15.48 16.06 -20.98
CA PHE B 592 15.25 16.04 -19.55
C PHE B 592 16.10 14.94 -18.97
N GLY B 593 16.76 15.23 -17.86
CA GLY B 593 17.70 14.28 -17.30
C GLY B 593 18.37 14.85 -16.07
N GLY B 594 19.35 14.09 -15.58
CA GLY B 594 19.96 14.41 -14.32
C GLY B 594 21.00 15.51 -14.43
N VAL B 595 21.15 16.25 -13.34
CA VAL B 595 22.22 17.22 -13.20
C VAL B 595 23.10 16.77 -12.05
N SER B 596 24.40 17.07 -12.15
CA SER B 596 25.35 16.63 -11.17
C SER B 596 26.42 17.68 -10.99
N VAL B 597 27.14 17.57 -9.86
CA VAL B 597 28.08 18.58 -9.44
C VAL B 597 29.46 17.96 -9.25
N ILE B 598 30.46 18.82 -9.24
CA ILE B 598 31.85 18.40 -9.26
C ILE B 598 32.63 19.33 -8.37
N THR B 599 33.43 18.76 -7.45
CA THR B 599 34.31 19.59 -6.65
C THR B 599 35.48 18.80 -6.13
N PRO B 600 36.64 19.38 -6.01
CA PRO B 600 37.74 18.69 -5.37
C PRO B 600 37.53 18.61 -3.87
N GLY B 601 36.32 18.90 -3.44
CA GLY B 601 35.98 18.79 -2.04
C GLY B 601 35.36 20.07 -1.56
N THR B 602 35.23 20.18 -0.24
CA THR B 602 34.68 21.39 0.35
C THR B 602 35.64 22.55 0.21
N ASN B 603 36.82 22.40 0.79
CA ASN B 603 37.65 23.55 1.13
C ASN B 603 38.96 23.63 0.38
N THR B 604 39.54 22.50 0.00
CA THR B 604 40.79 22.58 -0.75
C THR B 604 40.64 23.43 -2.00
N SER B 605 39.42 23.76 -2.37
CA SER B 605 39.12 24.79 -3.35
C SER B 605 37.66 25.15 -3.18
N ASN B 606 37.15 25.99 -4.05
CA ASN B 606 35.70 26.18 -3.95
C ASN B 606 34.99 26.10 -5.27
N GLN B 607 35.59 26.59 -6.35
CA GLN B 607 34.95 26.53 -7.66
C GLN B 607 34.50 25.12 -7.94
N VAL B 608 33.31 24.99 -8.50
CA VAL B 608 32.78 23.67 -8.77
C VAL B 608 32.59 23.55 -10.26
N ALA B 609 32.08 22.42 -10.71
CA ALA B 609 31.83 22.20 -12.13
C ALA B 609 30.46 21.57 -12.29
N VAL B 610 29.85 21.85 -13.43
CA VAL B 610 28.47 21.50 -13.67
C VAL B 610 28.43 20.31 -14.62
N LEU B 611 27.41 19.48 -14.46
CA LEU B 611 27.12 18.48 -15.48
C LEU B 611 25.64 18.17 -15.53
N TYR B 612 25.09 18.14 -16.73
CA TYR B 612 23.74 17.69 -17.00
C TYR B 612 23.83 16.38 -17.77
N GLN B 613 23.07 15.39 -17.35
CA GLN B 613 23.30 14.02 -17.81
C GLN B 613 22.36 13.64 -18.96
N ASP B 614 22.93 12.95 -19.93
CA ASP B 614 22.18 12.38 -21.05
C ASP B 614 21.51 13.47 -21.88
N VAL B 615 22.22 14.56 -22.13
CA VAL B 615 21.62 15.71 -22.77
C VAL B 615 22.59 16.35 -23.75
N ASN B 616 22.19 16.42 -25.01
CA ASN B 616 22.91 17.22 -25.99
C ASN B 616 22.90 18.67 -25.55
N CYS B 617 24.05 19.17 -25.13
CA CYS B 617 24.12 20.47 -24.48
C CYS B 617 24.59 21.50 -25.50
N THR B 618 23.63 22.25 -26.03
CA THR B 618 23.96 23.53 -26.65
C THR B 618 22.91 24.54 -26.25
N GLU B 619 22.04 24.19 -25.30
CA GLU B 619 20.86 24.99 -24.96
C GLU B 619 20.68 25.19 -23.48
N VAL B 620 21.29 24.37 -22.63
CA VAL B 620 21.06 24.50 -21.20
C VAL B 620 21.47 25.87 -20.68
N PRO B 621 22.70 26.35 -20.88
CA PRO B 621 23.14 27.57 -20.19
C PRO B 621 22.41 28.82 -20.61
N VAL B 622 21.48 28.74 -21.57
CA VAL B 622 20.81 29.93 -22.04
C VAL B 622 19.30 29.78 -21.91
N ALA B 623 18.80 28.54 -21.94
CA ALA B 623 17.35 28.35 -21.88
C ALA B 623 16.84 28.36 -20.45
N ILE B 624 17.20 27.33 -19.67
CA ILE B 624 16.77 27.18 -18.29
C ILE B 624 17.97 26.68 -17.49
N HIS B 625 17.95 26.97 -16.19
CA HIS B 625 19.06 26.69 -15.28
C HIS B 625 20.32 27.46 -15.73
N ALA B 626 20.21 28.79 -15.63
CA ALA B 626 21.38 29.65 -15.54
C ALA B 626 21.79 29.71 -14.07
N ASP B 627 21.87 28.54 -13.46
CA ASP B 627 22.36 28.33 -12.10
C ASP B 627 23.87 28.48 -12.13
N GLN B 628 24.32 29.73 -12.03
CA GLN B 628 25.75 30.05 -12.04
C GLN B 628 26.53 29.20 -11.04
N THR B 638 26.93 27.43 -18.38
CA THR B 638 26.79 28.82 -17.99
C THR B 638 28.16 29.45 -17.83
N GLY B 639 29.11 28.96 -18.60
CA GLY B 639 30.50 29.40 -18.52
C GLY B 639 31.12 29.62 -19.87
N SER B 640 32.24 28.96 -20.14
CA SER B 640 33.00 29.23 -21.34
C SER B 640 33.56 28.02 -22.08
N ASN B 641 33.44 26.80 -21.55
CA ASN B 641 34.07 25.67 -22.20
C ASN B 641 33.20 24.43 -22.10
N VAL B 642 33.49 23.48 -22.98
CA VAL B 642 32.63 22.35 -23.25
C VAL B 642 33.48 21.14 -23.56
N PHE B 643 33.01 19.97 -23.14
CA PHE B 643 33.59 18.71 -23.61
C PHE B 643 32.42 17.73 -23.70
N GLN B 644 31.89 17.56 -24.90
CA GLN B 644 30.76 16.67 -25.11
C GLN B 644 31.23 15.24 -24.95
N THR B 645 30.98 14.66 -23.77
CA THR B 645 31.38 13.30 -23.49
C THR B 645 30.23 12.35 -23.70
N ARG B 646 30.57 11.06 -23.79
CA ARG B 646 29.52 10.07 -23.94
C ARG B 646 28.58 10.08 -22.74
N ALA B 647 29.07 10.50 -21.58
CA ALA B 647 28.18 10.77 -20.48
C ALA B 647 27.40 12.05 -20.67
N GLY B 648 27.93 12.98 -21.45
CA GLY B 648 27.29 14.26 -21.64
C GLY B 648 28.30 15.36 -21.87
N CYS B 649 28.22 16.44 -21.10
CA CYS B 649 29.21 17.50 -21.22
C CYS B 649 29.30 18.26 -19.92
N LEU B 650 30.41 18.97 -19.77
CA LEU B 650 30.68 19.76 -18.58
C LEU B 650 31.00 21.18 -19.01
N ILE B 651 30.79 22.11 -18.09
CA ILE B 651 31.29 23.47 -18.25
C ILE B 651 31.96 23.84 -16.93
N GLY B 652 32.91 24.75 -17.00
CA GLY B 652 33.74 25.05 -15.85
C GLY B 652 34.84 24.04 -15.61
N ALA B 653 34.89 22.98 -16.40
CA ALA B 653 36.00 22.05 -16.41
C ALA B 653 36.76 22.24 -17.72
N GLU B 654 37.73 21.37 -17.96
CA GLU B 654 38.44 21.40 -19.22
C GLU B 654 39.24 20.12 -19.38
N HIS B 655 39.02 19.43 -20.48
CA HIS B 655 39.81 18.24 -20.72
C HIS B 655 41.22 18.63 -21.14
N VAL B 656 42.15 17.70 -20.94
CA VAL B 656 43.55 17.92 -21.28
C VAL B 656 44.05 16.70 -22.04
N ASN B 657 44.90 16.95 -23.04
CA ASN B 657 45.56 15.88 -23.78
C ASN B 657 46.01 14.80 -22.82
N ASN B 658 46.91 15.17 -21.92
CA ASN B 658 47.54 14.21 -21.05
C ASN B 658 46.53 13.59 -20.10
N SER B 659 46.95 12.52 -19.46
CA SER B 659 46.13 11.79 -18.52
C SER B 659 46.87 11.66 -17.21
N TYR B 660 46.16 11.13 -16.22
CA TYR B 660 46.74 10.80 -14.94
C TYR B 660 46.10 9.49 -14.48
N GLU B 661 46.39 9.10 -13.25
CA GLU B 661 45.54 8.13 -12.62
C GLU B 661 44.18 8.77 -12.39
N CYS B 662 43.15 7.95 -12.21
CA CYS B 662 41.80 8.49 -12.06
C CYS B 662 41.32 8.38 -10.62
N ASP B 663 40.61 9.41 -10.18
CA ASP B 663 40.01 9.46 -8.87
C ASP B 663 38.60 10.03 -8.87
N ILE B 664 38.08 10.44 -10.02
CA ILE B 664 36.79 11.10 -10.11
C ILE B 664 35.92 10.36 -11.10
N PRO B 665 34.95 9.58 -10.64
CA PRO B 665 34.12 8.80 -11.56
C PRO B 665 33.02 9.66 -12.17
N ILE B 666 32.91 9.60 -13.50
CA ILE B 666 31.82 10.27 -14.19
C ILE B 666 31.11 9.30 -15.13
N GLY B 667 31.89 8.63 -15.94
CA GLY B 667 31.36 7.73 -16.96
C GLY B 667 32.26 7.72 -18.17
N ALA B 668 32.00 6.77 -19.05
CA ALA B 668 32.71 6.67 -20.32
C ALA B 668 34.21 6.78 -20.12
N GLY B 669 34.69 6.37 -18.95
CA GLY B 669 36.09 6.53 -18.65
C GLY B 669 36.53 7.97 -18.70
N ILE B 670 35.71 8.88 -18.19
CA ILE B 670 36.05 10.29 -18.19
C ILE B 670 36.12 10.75 -16.76
N CYS B 671 37.32 11.10 -16.31
CA CYS B 671 37.53 11.52 -14.93
C CYS B 671 37.92 12.99 -14.91
N ALA B 672 37.66 13.64 -13.77
CA ALA B 672 37.79 15.08 -13.68
C ALA B 672 38.16 15.45 -12.24
N SER B 673 39.45 15.62 -11.99
CA SER B 673 39.94 16.10 -10.72
C SER B 673 40.71 17.40 -10.95
N TYR B 674 41.32 17.88 -9.88
CA TYR B 674 42.07 19.10 -9.91
C TYR B 674 43.45 18.83 -10.49
N GLN B 675 44.14 19.91 -10.88
CA GLN B 675 45.44 19.77 -11.50
C GLN B 675 46.50 19.48 -10.46
N GLN B 690 44.89 25.24 -10.52
CA GLN B 690 44.04 26.41 -10.71
C GLN B 690 42.59 26.00 -10.93
N SER B 691 42.27 25.58 -12.15
CA SER B 691 40.92 25.16 -12.50
C SER B 691 40.80 23.64 -12.34
N ILE B 692 39.73 23.07 -12.88
CA ILE B 692 39.42 21.65 -12.75
C ILE B 692 39.47 21.04 -14.14
N ILE B 693 40.04 19.84 -14.25
CA ILE B 693 40.34 19.26 -15.55
C ILE B 693 39.70 17.89 -15.66
N ALA B 694 38.88 17.72 -16.68
CA ALA B 694 38.47 16.39 -17.08
C ALA B 694 39.59 15.73 -17.84
N TYR B 695 39.51 14.41 -17.97
CA TYR B 695 40.56 13.69 -18.67
C TYR B 695 40.11 12.25 -18.85
N THR B 696 40.50 11.67 -19.97
CA THR B 696 40.22 10.27 -20.20
C THR B 696 41.05 9.41 -19.26
N MET B 697 40.36 8.55 -18.53
CA MET B 697 41.02 7.71 -17.53
C MET B 697 42.14 6.93 -18.19
N SER B 698 43.22 6.72 -17.46
CA SER B 698 44.33 5.94 -17.97
C SER B 698 44.59 4.81 -16.99
N LEU B 699 44.74 3.60 -17.52
CA LEU B 699 44.82 2.46 -16.61
C LEU B 699 46.08 2.49 -15.78
N GLY B 700 47.15 3.07 -16.31
CA GLY B 700 48.42 3.12 -15.63
C GLY B 700 49.55 2.93 -16.63
N ALA B 701 50.71 2.57 -16.11
CA ALA B 701 51.91 2.45 -16.92
C ALA B 701 51.85 1.21 -17.82
N GLU B 702 52.77 1.18 -18.78
CA GLU B 702 52.87 0.10 -19.77
C GLU B 702 54.32 -0.33 -19.90
N ASN B 703 54.74 -1.28 -19.06
CA ASN B 703 56.08 -1.84 -19.12
C ASN B 703 56.01 -3.22 -19.76
N SER B 704 56.76 -3.41 -20.84
CA SER B 704 56.78 -4.68 -21.52
C SER B 704 57.62 -5.69 -20.75
N VAL B 705 57.73 -6.88 -21.33
CA VAL B 705 58.52 -7.96 -20.75
C VAL B 705 59.52 -8.45 -21.79
N ALA B 706 60.80 -8.38 -21.45
CA ALA B 706 61.84 -8.87 -22.34
C ALA B 706 61.74 -10.37 -22.40
N TYR B 707 61.11 -10.88 -23.45
CA TYR B 707 60.76 -12.29 -23.53
C TYR B 707 61.66 -13.00 -24.52
N SER B 708 61.98 -14.25 -24.20
CA SER B 708 62.78 -15.10 -25.06
C SER B 708 62.66 -16.53 -24.57
N ASN B 709 62.87 -17.46 -25.50
CA ASN B 709 62.99 -18.86 -25.15
C ASN B 709 64.30 -19.15 -24.44
N ASN B 710 65.20 -18.18 -24.37
CA ASN B 710 66.47 -18.36 -23.69
C ASN B 710 66.57 -17.56 -22.41
N SER B 711 65.91 -16.41 -22.33
CA SER B 711 66.05 -15.49 -21.21
C SER B 711 65.05 -15.82 -20.10
N ILE B 712 65.48 -15.65 -18.85
CA ILE B 712 64.71 -16.08 -17.70
C ILE B 712 65.02 -15.17 -16.52
N ALA B 713 63.97 -14.79 -15.80
CA ALA B 713 64.11 -14.00 -14.58
C ALA B 713 64.08 -14.90 -13.36
N ILE B 714 64.77 -14.48 -12.31
CA ILE B 714 64.81 -15.18 -11.02
C ILE B 714 65.05 -14.17 -9.90
N PRO B 715 64.36 -14.27 -8.78
CA PRO B 715 64.55 -13.29 -7.70
C PRO B 715 65.74 -13.62 -6.81
N THR B 716 66.31 -12.56 -6.22
CA THR B 716 67.52 -12.68 -5.40
C THR B 716 67.30 -12.33 -3.94
N ASN B 717 66.88 -11.11 -3.65
CA ASN B 717 66.71 -10.63 -2.28
C ASN B 717 65.25 -10.30 -2.07
N PHE B 718 64.70 -10.79 -0.97
CA PHE B 718 63.27 -10.68 -0.74
C PHE B 718 62.97 -9.52 0.18
N THR B 719 61.68 -9.15 0.22
CA THR B 719 61.20 -8.11 1.11
C THR B 719 59.95 -8.62 1.81
N ILE B 720 60.03 -8.78 3.13
CA ILE B 720 58.83 -9.02 3.88
C ILE B 720 57.89 -7.82 3.71
N SER B 721 56.61 -8.06 3.94
CA SER B 721 55.66 -6.95 3.93
C SER B 721 54.33 -7.36 4.51
N VAL B 722 53.78 -6.54 5.38
CA VAL B 722 52.47 -6.77 5.98
C VAL B 722 51.49 -5.77 5.42
N THR B 723 50.31 -6.24 5.04
CA THR B 723 49.25 -5.35 4.64
C THR B 723 47.98 -5.80 5.32
N THR B 724 47.00 -4.89 5.34
CA THR B 724 45.85 -4.98 6.22
C THR B 724 44.60 -5.36 5.47
N GLU B 725 43.59 -5.77 6.23
CA GLU B 725 42.32 -6.15 5.66
C GLU B 725 41.23 -5.91 6.69
N ILE B 726 40.04 -5.59 6.19
CA ILE B 726 38.90 -5.27 7.04
C ILE B 726 37.58 -5.68 6.38
N LEU B 727 36.82 -6.52 7.07
CA LEU B 727 35.55 -7.02 6.61
C LEU B 727 34.57 -6.95 7.77
N PRO B 728 33.33 -6.54 7.51
CA PRO B 728 32.38 -6.33 8.60
C PRO B 728 31.71 -7.62 8.99
N VAL B 729 31.16 -7.65 10.20
CA VAL B 729 30.37 -8.81 10.60
C VAL B 729 29.03 -8.46 11.23
N SER B 730 28.81 -7.28 11.82
CA SER B 730 27.63 -7.12 12.66
C SER B 730 26.95 -5.78 12.47
N MET B 731 25.64 -5.83 12.24
CA MET B 731 24.77 -4.67 12.29
C MET B 731 24.01 -4.66 13.61
N THR B 732 23.74 -3.47 14.12
CA THR B 732 23.12 -3.36 15.43
C THR B 732 21.80 -4.07 15.44
N LYS B 733 21.54 -4.84 16.48
CA LYS B 733 20.27 -5.55 16.54
C LYS B 733 19.15 -4.54 16.69
N THR B 734 18.48 -4.20 15.60
CA THR B 734 17.41 -3.23 15.62
C THR B 734 16.07 -3.93 15.74
N SER B 735 15.24 -3.48 16.68
CA SER B 735 13.94 -4.10 16.87
C SER B 735 12.90 -3.01 17.01
N VAL B 736 11.89 -3.05 16.15
CA VAL B 736 10.76 -2.13 16.16
C VAL B 736 9.58 -2.87 16.75
N ASP B 737 8.77 -2.16 17.52
CA ASP B 737 7.55 -2.77 18.02
C ASP B 737 6.42 -2.64 17.01
N CYS B 738 5.51 -3.62 17.03
CA CYS B 738 4.34 -3.63 16.18
C CYS B 738 3.42 -2.44 16.38
N THR B 739 2.69 -2.45 17.47
CA THR B 739 1.54 -1.58 17.63
C THR B 739 1.84 -0.29 18.39
N MET B 740 2.56 -0.36 19.50
CA MET B 740 2.80 0.83 20.30
C MET B 740 3.48 1.91 19.48
N TYR B 741 4.08 1.54 18.36
CA TYR B 741 4.61 2.51 17.41
C TYR B 741 3.68 2.80 16.26
N ILE B 742 3.05 1.77 15.68
CA ILE B 742 2.36 2.01 14.41
C ILE B 742 1.17 2.93 14.61
N CYS B 743 0.55 2.89 15.79
CA CYS B 743 -0.46 3.87 16.14
C CYS B 743 0.02 4.78 17.26
N GLY B 744 0.32 4.21 18.43
CA GLY B 744 0.98 4.94 19.48
C GLY B 744 0.09 5.43 20.61
N ASP B 745 0.03 4.67 21.70
CA ASP B 745 -0.64 5.07 22.93
C ASP B 745 -2.09 5.50 22.66
N SER B 746 -2.87 4.52 22.22
CA SER B 746 -4.33 4.61 22.32
C SER B 746 -4.88 3.22 22.06
N THR B 747 -5.54 2.63 23.06
CA THR B 747 -5.98 1.24 22.93
C THR B 747 -6.98 1.08 21.78
N GLU B 748 -7.73 2.13 21.45
CA GLU B 748 -8.69 2.03 20.37
C GLU B 748 -8.02 1.77 19.03
N CYS B 749 -6.78 2.26 18.85
CA CYS B 749 -6.07 1.99 17.60
C CYS B 749 -5.95 0.50 17.36
N SER B 750 -5.67 -0.27 18.41
CA SER B 750 -5.58 -1.71 18.27
C SER B 750 -6.87 -2.28 17.69
N ASN B 751 -7.98 -2.08 18.41
CA ASN B 751 -9.28 -2.46 17.91
C ASN B 751 -9.55 -1.82 16.56
N LEU B 752 -8.87 -0.73 16.27
CA LEU B 752 -8.84 -0.15 14.94
C LEU B 752 -7.81 -0.79 14.02
N LEU B 753 -6.75 -1.38 14.59
CA LEU B 753 -5.69 -1.98 13.78
C LEU B 753 -5.74 -3.50 13.77
N LEU B 754 -5.98 -4.12 14.93
CA LEU B 754 -5.85 -5.57 15.04
C LEU B 754 -6.65 -6.30 13.97
N GLN B 755 -7.71 -5.68 13.46
CA GLN B 755 -8.46 -6.33 12.41
C GLN B 755 -7.79 -6.20 11.05
N TYR B 756 -6.51 -5.83 11.00
CA TYR B 756 -5.73 -6.03 9.79
C TYR B 756 -5.16 -7.42 9.70
N GLY B 757 -5.77 -8.37 10.34
CA GLY B 757 -5.39 -9.77 10.20
C GLY B 757 -4.21 -10.09 11.10
N SER B 758 -3.05 -10.35 10.50
CA SER B 758 -1.91 -10.67 11.33
C SER B 758 -0.63 -10.11 10.75
N PHE B 759 -0.69 -8.95 10.08
CA PHE B 759 0.55 -8.39 9.56
C PHE B 759 1.56 -8.12 10.64
N CYS B 760 1.25 -7.21 11.54
CA CYS B 760 2.32 -6.71 12.39
C CYS B 760 3.04 -7.83 13.12
N THR B 761 2.38 -8.96 13.37
CA THR B 761 3.13 -10.12 13.86
C THR B 761 4.12 -10.60 12.82
N GLN B 762 3.66 -10.79 11.60
CA GLN B 762 4.56 -11.13 10.50
C GLN B 762 5.60 -10.05 10.26
N LEU B 763 5.61 -8.99 11.04
CA LEU B 763 6.74 -8.08 11.05
C LEU B 763 7.74 -8.45 12.14
N ASN B 764 7.27 -8.75 13.34
CA ASN B 764 8.16 -9.09 14.43
C ASN B 764 8.99 -10.33 14.09
N ARG B 765 8.33 -11.48 13.96
CA ARG B 765 9.03 -12.71 13.61
C ARG B 765 9.98 -12.48 12.45
N ALA B 766 9.63 -11.58 11.54
CA ALA B 766 10.55 -11.26 10.46
C ALA B 766 11.77 -10.53 10.99
N LEU B 767 11.61 -9.68 12.00
CA LEU B 767 12.77 -8.94 12.49
C LEU B 767 13.57 -9.75 13.48
N THR B 768 12.95 -10.14 14.59
CA THR B 768 13.69 -10.86 15.63
C THR B 768 14.49 -12.02 15.08
N GLY B 769 14.13 -12.51 13.91
CA GLY B 769 14.98 -13.47 13.25
C GLY B 769 16.35 -12.90 13.03
N ILE B 770 16.45 -11.80 12.29
CA ILE B 770 17.77 -11.29 11.94
C ILE B 770 18.53 -10.89 13.18
N ALA B 771 17.82 -10.49 14.23
CA ALA B 771 18.51 -10.12 15.46
C ALA B 771 19.32 -11.29 15.98
N VAL B 772 18.64 -12.39 16.34
CA VAL B 772 19.38 -13.56 16.79
C VAL B 772 20.26 -14.08 15.68
N GLU B 773 19.90 -13.80 14.42
CA GLU B 773 20.74 -14.26 13.32
C GLU B 773 22.00 -13.41 13.21
N GLN B 774 21.86 -12.09 13.38
CA GLN B 774 23.04 -11.25 13.38
C GLN B 774 23.97 -11.63 14.53
N ASP B 775 23.40 -11.95 15.68
CA ASP B 775 24.22 -12.42 16.78
C ASP B 775 24.83 -13.79 16.49
N LYS B 776 24.28 -14.52 15.53
CA LYS B 776 24.82 -15.84 15.25
C LYS B 776 26.18 -15.77 14.59
N ASN B 777 26.34 -14.92 13.59
CA ASN B 777 27.57 -14.91 12.82
C ASN B 777 28.77 -14.65 13.71
N THR B 778 28.80 -13.49 14.36
CA THR B 778 29.92 -13.18 15.23
C THR B 778 30.20 -14.33 16.19
N GLN B 779 29.15 -14.92 16.78
CA GLN B 779 29.34 -16.12 17.57
C GLN B 779 30.02 -17.22 16.77
N GLU B 780 29.84 -17.22 15.46
CA GLU B 780 30.41 -18.33 14.72
C GLU B 780 31.82 -18.06 14.22
N VAL B 781 32.08 -16.89 13.66
CA VAL B 781 33.39 -16.66 13.06
C VAL B 781 34.47 -16.59 14.12
N PHE B 782 34.21 -15.92 15.24
CA PHE B 782 35.25 -15.81 16.24
C PHE B 782 35.36 -17.09 17.07
N ALA B 783 34.25 -17.63 17.54
CA ALA B 783 34.37 -18.80 18.38
C ALA B 783 34.75 -20.03 17.59
N GLN B 784 36.04 -20.28 17.48
CA GLN B 784 36.56 -21.44 16.79
C GLN B 784 37.38 -22.36 17.65
N VAL B 785 37.81 -21.92 18.82
CA VAL B 785 38.68 -22.72 19.68
C VAL B 785 37.96 -23.00 20.99
N LYS B 786 37.98 -24.26 21.40
CA LYS B 786 37.29 -24.63 22.61
C LYS B 786 38.02 -24.20 23.86
N GLN B 787 39.23 -23.66 23.74
CA GLN B 787 40.00 -23.31 24.91
C GLN B 787 40.68 -21.97 24.69
N ILE B 788 40.85 -21.22 25.77
CA ILE B 788 41.44 -19.88 25.68
C ILE B 788 42.93 -20.06 25.84
N TYR B 789 43.60 -20.34 24.74
CA TYR B 789 45.04 -20.52 24.79
C TYR B 789 45.68 -19.19 25.13
N LYS B 790 46.61 -19.20 26.07
CA LYS B 790 47.14 -17.98 26.66
C LYS B 790 48.64 -17.89 26.42
N THR B 791 49.12 -16.68 26.13
CA THR B 791 50.51 -16.50 25.77
C THR B 791 51.42 -16.93 26.92
N PRO B 792 52.60 -17.47 26.62
CA PRO B 792 53.53 -17.82 27.68
C PRO B 792 54.05 -16.58 28.37
N PRO B 793 54.42 -16.66 29.64
CA PRO B 793 54.75 -15.44 30.42
C PRO B 793 56.04 -14.77 29.99
N ILE B 794 56.84 -15.40 29.13
CA ILE B 794 58.06 -14.82 28.67
C ILE B 794 57.84 -14.24 27.29
N LYS B 795 58.81 -13.45 26.80
CA LYS B 795 58.75 -12.88 25.47
C LYS B 795 60.15 -12.91 24.86
N ASP B 796 60.44 -13.96 24.09
CA ASP B 796 61.71 -14.12 23.39
C ASP B 796 61.41 -14.92 22.11
N PHE B 797 61.20 -14.19 21.02
CA PHE B 797 60.83 -14.79 19.75
C PHE B 797 61.65 -14.16 18.65
N GLY B 798 62.82 -14.73 18.39
CA GLY B 798 63.55 -14.44 17.17
C GLY B 798 63.47 -13.00 16.74
N GLY B 799 63.44 -12.09 17.69
CA GLY B 799 63.31 -10.68 17.40
C GLY B 799 61.94 -10.23 16.93
N PHE B 800 60.98 -11.12 16.82
CA PHE B 800 59.66 -10.72 16.35
C PHE B 800 58.94 -10.02 17.49
N ASN B 801 59.22 -8.74 17.65
CA ASN B 801 58.60 -7.97 18.72
C ASN B 801 57.11 -7.88 18.46
N PHE B 802 56.34 -8.62 19.24
CA PHE B 802 54.91 -8.78 18.99
C PHE B 802 54.03 -7.95 19.89
N SER B 803 54.45 -7.69 21.12
CA SER B 803 53.56 -7.04 22.08
C SER B 803 53.02 -5.72 21.56
N GLN B 804 53.56 -5.21 20.47
CA GLN B 804 52.87 -4.17 19.76
C GLN B 804 51.50 -4.65 19.28
N ILE B 805 51.31 -5.96 19.16
CA ILE B 805 49.99 -6.50 18.85
C ILE B 805 49.47 -7.45 19.90
N LEU B 806 50.32 -8.08 20.70
CA LEU B 806 49.82 -8.94 21.74
C LEU B 806 48.89 -8.14 22.66
N PRO B 807 47.88 -8.77 23.24
CA PRO B 807 47.12 -8.10 24.29
C PRO B 807 48.05 -7.51 25.33
N ASP B 808 47.81 -6.26 25.69
CA ASP B 808 48.72 -5.55 26.57
C ASP B 808 48.38 -5.89 28.02
N PRO B 809 49.26 -6.56 28.76
CA PRO B 809 48.87 -7.13 30.06
C PRO B 809 48.51 -6.11 31.11
N SER B 810 48.86 -4.83 30.93
CA SER B 810 48.37 -3.82 31.84
C SER B 810 46.85 -3.81 31.86
N LYS B 811 46.23 -4.15 30.73
CA LYS B 811 44.80 -4.38 30.61
C LYS B 811 43.97 -3.17 31.03
N PRO B 812 44.11 -2.03 30.35
CA PRO B 812 43.17 -0.93 30.64
C PRO B 812 41.74 -1.32 30.32
N SER B 813 41.52 -1.89 29.13
CA SER B 813 40.23 -2.40 28.71
C SER B 813 40.34 -3.81 28.15
N LYS B 814 41.28 -4.59 28.69
CA LYS B 814 41.53 -5.96 28.26
C LYS B 814 41.93 -6.04 26.80
N ARG B 815 42.70 -5.06 26.33
CA ARG B 815 42.97 -4.97 24.90
C ARG B 815 44.45 -4.83 24.55
N SER B 816 44.74 -4.59 23.27
CA SER B 816 46.08 -4.39 22.79
C SER B 816 46.18 -3.04 22.09
N PHE B 817 47.33 -2.77 21.48
CA PHE B 817 47.58 -1.43 20.97
C PHE B 817 46.81 -1.17 19.69
N ILE B 818 47.04 -1.98 18.67
CA ILE B 818 46.52 -1.60 17.36
C ILE B 818 45.01 -1.66 17.35
N GLU B 819 44.41 -2.53 18.16
CA GLU B 819 42.97 -2.56 18.23
C GLU B 819 42.41 -1.31 18.88
N ASP B 820 43.14 -0.69 19.80
CA ASP B 820 42.71 0.61 20.31
C ASP B 820 42.59 1.61 19.18
N LEU B 821 43.55 1.62 18.27
CA LEU B 821 43.45 2.51 17.12
C LEU B 821 42.19 2.27 16.34
N LEU B 822 41.62 1.08 16.44
CA LEU B 822 40.33 0.85 15.81
C LEU B 822 39.23 1.60 16.56
N PHE B 823 38.98 1.21 17.81
CA PHE B 823 37.87 1.77 18.57
C PHE B 823 37.86 3.28 18.50
N ASN B 824 38.98 3.89 18.87
CA ASN B 824 38.98 5.34 19.02
C ASN B 824 38.85 6.05 17.68
N LYS B 825 39.03 5.36 16.57
CA LYS B 825 38.92 6.02 15.28
C LYS B 825 37.51 5.95 14.70
N VAL B 826 36.53 5.46 15.44
CA VAL B 826 35.17 5.40 14.96
C VAL B 826 34.26 6.07 15.98
N THR B 827 33.51 7.07 15.51
CA THR B 827 32.42 7.65 16.27
C THR B 827 31.19 7.66 15.35
N LEU B 828 30.14 8.37 15.71
CA LEU B 828 28.98 8.47 14.83
C LEU B 828 29.26 9.48 13.71
N ALA B 852 20.57 7.58 17.22
CA ALA B 852 20.52 6.22 17.77
C ALA B 852 20.50 6.26 19.29
N GLN B 853 19.33 6.54 19.87
CA GLN B 853 19.20 6.59 21.32
C GLN B 853 17.75 6.21 21.66
N LYS B 854 17.31 6.60 22.86
CA LYS B 854 15.97 6.23 23.33
C LYS B 854 14.88 7.00 22.57
N PHE B 855 13.95 6.24 21.98
CA PHE B 855 12.87 6.78 21.18
C PHE B 855 11.57 6.10 21.60
N ASN B 856 10.54 6.26 20.78
CA ASN B 856 9.24 5.64 21.04
C ASN B 856 9.18 4.30 20.31
N GLY B 857 9.46 3.22 21.02
CA GLY B 857 9.28 1.91 20.45
C GLY B 857 10.41 1.39 19.61
N LEU B 858 11.64 1.75 19.94
CA LEU B 858 12.80 1.28 19.21
C LEU B 858 13.75 0.66 20.22
N THR B 859 14.07 -0.62 20.04
CA THR B 859 14.87 -1.35 21.01
C THR B 859 16.13 -1.89 20.36
N VAL B 860 17.26 -1.66 21.02
CA VAL B 860 18.57 -2.05 20.50
C VAL B 860 19.14 -3.04 21.51
N LEU B 861 18.88 -4.32 21.30
CA LEU B 861 19.34 -5.33 22.23
C LEU B 861 20.87 -5.38 22.24
N PRO B 862 21.48 -5.85 23.32
CA PRO B 862 22.93 -5.95 23.34
C PRO B 862 23.39 -7.06 22.41
N PRO B 863 24.56 -6.93 21.80
CA PRO B 863 25.10 -8.05 21.03
C PRO B 863 25.46 -9.19 21.96
N LEU B 864 25.14 -10.41 21.53
CA LEU B 864 25.21 -11.57 22.42
C LEU B 864 26.56 -11.66 23.11
N LEU B 865 27.60 -11.07 22.52
CA LEU B 865 28.92 -11.10 23.12
C LEU B 865 29.47 -9.68 23.15
N THR B 866 29.68 -9.18 24.37
CA THR B 866 30.31 -7.88 24.54
C THR B 866 31.73 -7.92 24.01
N ASP B 867 32.25 -6.76 23.65
CA ASP B 867 33.49 -6.75 22.88
C ASP B 867 34.70 -7.15 23.72
N GLU B 868 34.70 -6.81 25.00
CA GLU B 868 35.86 -7.15 25.81
C GLU B 868 36.00 -8.65 25.97
N MET B 869 34.90 -9.38 25.98
CA MET B 869 35.07 -10.81 25.91
C MET B 869 35.36 -11.24 24.48
N ILE B 870 34.79 -10.54 23.49
CA ILE B 870 35.14 -10.80 22.10
C ILE B 870 36.63 -10.65 21.90
N ALA B 871 37.13 -9.43 22.09
CA ALA B 871 38.55 -9.18 21.88
C ALA B 871 39.40 -10.23 22.57
N GLN B 872 38.95 -10.73 23.71
CA GLN B 872 39.69 -11.79 24.37
C GLN B 872 39.85 -13.01 23.48
N TYR B 873 38.93 -13.22 22.54
CA TYR B 873 39.12 -14.30 21.58
C TYR B 873 40.38 -14.07 20.76
N THR B 874 40.54 -12.86 20.24
CA THR B 874 41.77 -12.55 19.51
C THR B 874 42.97 -12.92 20.34
N SER B 875 43.00 -12.45 21.59
CA SER B 875 44.07 -12.82 22.51
C SER B 875 44.33 -14.31 22.45
N ALA B 876 43.27 -15.10 22.64
CA ALA B 876 43.41 -16.53 22.52
C ALA B 876 44.01 -16.90 21.18
N LEU B 877 43.33 -16.53 20.09
CA LEU B 877 43.79 -16.95 18.78
C LEU B 877 45.22 -16.52 18.51
N LEU B 878 45.55 -15.27 18.81
CA LEU B 878 46.93 -14.86 18.65
C LEU B 878 47.84 -15.72 19.50
N ALA B 879 47.46 -15.92 20.76
CA ALA B 879 48.29 -16.74 21.63
C ALA B 879 48.44 -18.14 21.07
N GLY B 880 47.41 -18.64 20.40
CA GLY B 880 47.54 -19.95 19.80
C GLY B 880 48.60 -19.95 18.73
N THR B 881 48.28 -19.29 17.60
CA THR B 881 49.05 -19.46 16.38
C THR B 881 50.55 -19.35 16.62
N ILE B 882 50.97 -18.43 17.48
CA ILE B 882 52.39 -18.22 17.64
C ILE B 882 53.02 -19.40 18.34
N THR B 883 52.33 -19.99 19.30
CA THR B 883 52.96 -21.03 20.09
C THR B 883 52.93 -22.38 19.39
N SER B 884 51.74 -22.89 19.14
CA SER B 884 51.61 -24.22 18.57
C SER B 884 51.57 -24.21 17.07
N GLY B 885 51.88 -23.08 16.44
CA GLY B 885 51.86 -23.06 15.01
C GLY B 885 50.50 -23.39 14.44
N TRP B 886 50.51 -23.82 13.19
CA TRP B 886 49.27 -24.01 12.43
C TRP B 886 48.57 -25.28 12.80
N THR B 887 49.31 -26.29 13.21
CA THR B 887 48.71 -27.60 13.36
C THR B 887 47.65 -27.63 14.44
N PHE B 888 47.64 -26.67 15.35
CA PHE B 888 46.73 -26.75 16.49
C PHE B 888 45.27 -26.70 16.07
N GLY B 889 44.97 -26.31 14.84
CA GLY B 889 43.60 -26.37 14.39
C GLY B 889 43.03 -27.77 14.45
N ALA B 890 43.89 -28.78 14.38
CA ALA B 890 43.42 -30.16 14.39
C ALA B 890 42.86 -30.57 15.74
N GLY B 891 43.28 -29.90 16.80
CA GLY B 891 42.93 -30.33 18.13
C GLY B 891 44.05 -30.00 19.08
N ALA B 892 44.56 -31.01 19.76
CA ALA B 892 45.69 -30.83 20.67
C ALA B 892 46.79 -30.02 20.04
N ALA B 893 47.04 -28.84 20.60
CA ALA B 893 48.07 -27.96 20.10
C ALA B 893 49.45 -28.59 20.31
N LEU B 894 50.46 -27.92 19.77
CA LEU B 894 51.83 -28.41 19.86
C LEU B 894 52.78 -27.34 20.40
N GLN B 895 54.08 -27.63 20.37
CA GLN B 895 55.11 -26.72 20.88
C GLN B 895 56.18 -26.57 19.81
N ILE B 896 56.15 -25.47 19.08
CA ILE B 896 57.14 -25.18 18.06
C ILE B 896 57.72 -23.81 18.35
N PRO B 897 59.03 -23.66 18.49
CA PRO B 897 59.59 -22.33 18.62
C PRO B 897 59.26 -21.54 17.38
N PHE B 898 59.28 -20.23 17.53
CA PHE B 898 58.97 -19.42 16.37
C PHE B 898 59.97 -19.63 15.25
N ALA B 899 61.10 -20.29 15.52
CA ALA B 899 62.07 -20.54 14.47
C ALA B 899 61.52 -21.48 13.42
N MET B 900 61.23 -22.72 13.81
CA MET B 900 60.83 -23.73 12.84
C MET B 900 59.58 -23.31 12.10
N GLN B 901 58.58 -22.81 12.82
CA GLN B 901 57.30 -22.52 12.17
C GLN B 901 57.49 -21.52 11.04
N MET B 902 57.89 -20.30 11.39
CA MET B 902 58.11 -19.31 10.35
C MET B 902 59.09 -19.81 9.32
N ALA B 903 59.99 -20.69 9.71
CA ALA B 903 60.80 -21.37 8.71
C ALA B 903 59.93 -22.29 7.87
N TYR B 904 59.19 -23.18 8.53
CA TYR B 904 58.45 -24.19 7.81
C TYR B 904 57.59 -23.58 6.72
N ARG B 905 56.85 -22.52 7.05
CA ARG B 905 55.97 -21.93 6.08
C ARG B 905 56.69 -21.62 4.79
N PHE B 906 57.95 -21.22 4.89
CA PHE B 906 58.70 -20.98 3.67
C PHE B 906 58.80 -22.25 2.84
N ASN B 907 59.07 -23.38 3.49
CA ASN B 907 59.05 -24.64 2.76
C ASN B 907 57.70 -24.89 2.15
N GLY B 908 56.64 -24.35 2.75
CA GLY B 908 55.34 -24.44 2.13
C GLY B 908 55.21 -23.53 0.94
N ILE B 909 55.66 -22.27 1.08
CA ILE B 909 55.52 -21.39 -0.03
C ILE B 909 56.37 -21.84 -1.19
N GLY B 910 57.36 -22.68 -0.95
CA GLY B 910 58.19 -23.13 -2.04
C GLY B 910 59.54 -22.45 -2.07
N VAL B 911 60.16 -22.31 -0.91
CA VAL B 911 61.56 -21.91 -0.83
C VAL B 911 62.24 -22.81 0.17
N THR B 912 63.40 -23.33 -0.20
CA THR B 912 64.12 -24.26 0.66
C THR B 912 64.41 -23.61 2.02
N GLN B 913 64.29 -24.39 3.06
CA GLN B 913 64.26 -23.73 4.35
C GLN B 913 65.56 -23.27 4.77
N ASN B 914 66.58 -23.38 3.94
CA ASN B 914 67.88 -22.87 4.33
C ASN B 914 67.91 -21.35 4.39
N VAL B 915 67.11 -20.68 3.56
CA VAL B 915 67.25 -19.23 3.48
C VAL B 915 66.87 -18.56 4.78
N LEU B 916 65.76 -18.97 5.38
CA LEU B 916 65.28 -18.27 6.56
C LEU B 916 66.36 -18.25 7.64
N TYR B 917 66.79 -19.42 8.07
CA TYR B 917 67.84 -19.49 9.08
C TYR B 917 69.08 -18.75 8.63
N GLU B 918 69.30 -18.64 7.33
CA GLU B 918 70.44 -17.86 6.88
C GLU B 918 70.20 -16.36 7.00
N ASN B 919 68.98 -15.94 7.33
CA ASN B 919 68.75 -14.51 7.47
C ASN B 919 67.82 -14.21 8.63
N GLN B 920 67.83 -15.06 9.65
CA GLN B 920 66.90 -14.87 10.76
C GLN B 920 67.01 -13.46 11.32
N LYS B 921 68.19 -13.12 11.82
CA LYS B 921 68.38 -11.80 12.41
C LYS B 921 68.06 -10.67 11.44
N LEU B 922 67.93 -10.95 10.16
CA LEU B 922 67.37 -9.97 9.27
C LEU B 922 65.85 -10.03 9.23
N ILE B 923 65.27 -11.22 9.40
CA ILE B 923 63.85 -11.38 9.17
C ILE B 923 63.05 -10.48 10.11
N ALA B 924 63.20 -10.68 11.41
CA ALA B 924 62.45 -9.89 12.38
C ALA B 924 62.63 -8.41 12.15
N ASN B 925 63.89 -7.96 12.08
CA ASN B 925 64.18 -6.58 11.76
C ASN B 925 63.37 -6.15 10.55
N GLN B 926 63.41 -6.95 9.48
CA GLN B 926 62.55 -6.69 8.34
C GLN B 926 61.10 -6.74 8.76
N PHE B 927 60.73 -7.73 9.57
CA PHE B 927 59.36 -7.84 10.03
C PHE B 927 59.01 -6.68 10.94
N ASN B 928 59.74 -6.54 12.04
CA ASN B 928 59.47 -5.48 13.01
C ASN B 928 59.42 -4.11 12.36
N SER B 929 60.01 -3.95 11.18
CA SER B 929 59.87 -2.70 10.47
C SER B 929 58.42 -2.44 10.14
N ALA B 930 57.84 -3.27 9.28
CA ALA B 930 56.56 -2.93 8.67
C ALA B 930 55.43 -2.94 9.69
N ILE B 931 55.45 -3.89 10.61
CA ILE B 931 54.46 -3.88 11.69
C ILE B 931 54.41 -2.50 12.32
N GLY B 932 55.56 -1.86 12.43
CA GLY B 932 55.59 -0.50 12.94
C GLY B 932 54.70 0.39 12.10
N LYS B 933 55.12 0.65 10.86
CA LYS B 933 54.52 1.72 10.08
C LYS B 933 53.01 1.59 9.99
N ILE B 934 52.48 0.36 10.09
CA ILE B 934 51.04 0.21 9.92
C ILE B 934 50.29 0.87 11.06
N GLN B 935 50.83 0.80 12.28
CA GLN B 935 50.18 1.49 13.39
C GLN B 935 50.19 2.98 13.18
N ASP B 936 51.11 3.49 12.38
CA ASP B 936 51.05 4.87 11.92
C ASP B 936 50.31 4.98 10.60
N SER B 937 50.43 3.97 9.74
CA SER B 937 49.70 4.00 8.48
C SER B 937 48.20 3.90 8.70
N LEU B 938 47.78 3.33 9.82
CA LEU B 938 46.38 3.32 10.24
C LEU B 938 46.21 4.17 11.48
N SER B 939 46.93 5.30 11.54
CA SER B 939 46.81 6.25 12.63
C SER B 939 46.23 7.58 12.18
N SER B 940 46.74 8.14 11.10
CA SER B 940 46.32 9.46 10.64
C SER B 940 45.08 9.38 9.77
N THR B 941 45.18 8.66 8.66
CA THR B 941 44.03 8.51 7.78
C THR B 941 42.94 7.74 8.49
N ALA B 942 41.76 8.34 8.57
CA ALA B 942 40.56 7.63 9.01
C ALA B 942 39.79 7.13 7.80
N SER B 943 40.46 6.31 7.02
CA SER B 943 39.90 5.79 5.78
C SER B 943 39.84 4.28 5.75
N ALA B 944 40.81 3.59 6.31
CA ALA B 944 40.81 2.13 6.24
C ALA B 944 39.74 1.50 7.10
N LEU B 945 38.92 2.29 7.79
CA LEU B 945 37.73 1.71 8.39
C LEU B 945 36.61 1.59 7.39
N GLY B 946 36.58 2.46 6.39
CA GLY B 946 35.93 2.19 5.11
C GLY B 946 34.66 1.40 5.19
N LYS B 947 34.68 0.23 4.55
CA LYS B 947 33.53 -0.65 4.51
C LYS B 947 32.91 -0.80 5.89
N LEU B 948 33.74 -1.02 6.91
CA LEU B 948 33.19 -1.22 8.25
C LEU B 948 32.46 0.01 8.73
N GLN B 949 32.83 1.19 8.23
CA GLN B 949 32.27 2.40 8.78
C GLN B 949 30.80 2.55 8.42
N ASP B 950 30.49 2.53 7.13
CA ASP B 950 29.16 2.95 6.69
C ASP B 950 28.07 1.96 7.03
N VAL B 951 28.40 0.66 7.13
CA VAL B 951 27.38 -0.33 7.43
C VAL B 951 26.77 -0.14 8.81
N VAL B 952 27.28 0.78 9.61
CA VAL B 952 26.55 1.25 10.78
C VAL B 952 25.99 2.63 10.45
N ASN B 953 26.76 3.41 9.71
CA ASN B 953 26.27 4.70 9.24
C ASN B 953 25.03 4.51 8.37
N GLN B 954 25.19 3.87 7.22
CA GLN B 954 24.07 3.64 6.33
C GLN B 954 23.05 2.67 6.90
N ASN B 955 23.33 2.09 8.06
CA ASN B 955 22.30 1.35 8.76
C ASN B 955 21.56 2.20 9.76
N ALA B 956 22.21 3.21 10.33
CA ALA B 956 21.48 4.16 11.14
C ALA B 956 20.61 5.04 10.27
N GLN B 957 21.05 5.30 9.04
CA GLN B 957 20.38 6.29 8.20
C GLN B 957 18.93 5.94 8.00
N ALA B 958 18.64 4.72 7.54
CA ALA B 958 17.26 4.36 7.31
C ALA B 958 16.48 4.30 8.61
N LEU B 959 17.14 4.04 9.73
CA LEU B 959 16.43 4.07 11.00
C LEU B 959 15.93 5.48 11.30
N ASN B 960 16.74 6.49 10.99
CA ASN B 960 16.24 7.86 10.99
C ASN B 960 15.04 7.99 10.09
N THR B 961 15.26 7.92 8.78
CA THR B 961 14.21 8.24 7.82
C THR B 961 12.97 7.39 8.00
N LEU B 962 13.02 6.36 8.83
CA LEU B 962 11.78 5.76 9.28
C LEU B 962 10.99 6.76 10.12
N VAL B 963 11.64 7.37 11.11
CA VAL B 963 10.93 8.25 12.01
C VAL B 963 10.33 9.42 11.26
N LYS B 964 11.15 10.11 10.46
CA LYS B 964 10.66 11.32 9.83
C LYS B 964 9.49 11.06 8.91
N GLN B 965 9.30 9.83 8.45
CA GLN B 965 8.06 9.59 7.71
C GLN B 965 6.85 9.57 8.62
N LEU B 966 7.00 9.94 9.91
CA LEU B 966 5.84 10.03 10.78
C LEU B 966 5.09 11.33 10.60
N SER B 967 5.77 12.39 10.20
CA SER B 967 5.14 13.71 10.14
C SER B 967 4.60 13.95 8.75
N SER B 968 4.02 12.92 8.15
CA SER B 968 3.35 13.04 6.88
C SER B 968 1.87 12.76 7.02
N ASN B 969 1.08 13.40 6.16
CA ASN B 969 -0.37 13.34 6.29
C ASN B 969 -0.90 12.06 5.69
N PHE B 970 -0.56 11.81 4.43
CA PHE B 970 -1.21 10.79 3.61
C PHE B 970 -2.72 11.03 3.61
N GLY B 971 -3.10 12.23 3.20
CA GLY B 971 -4.50 12.59 3.14
C GLY B 971 -5.15 12.87 4.47
N ALA B 972 -4.52 12.48 5.57
CA ALA B 972 -5.05 12.86 6.88
C ALA B 972 -4.97 14.36 7.03
N ILE B 973 -6.07 14.97 7.47
CA ILE B 973 -6.08 16.42 7.53
C ILE B 973 -5.21 16.92 8.67
N SER B 974 -5.01 16.10 9.69
CA SER B 974 -4.06 16.41 10.75
C SER B 974 -2.97 15.36 10.78
N SER B 975 -1.88 15.69 11.47
CA SER B 975 -0.70 14.82 11.48
C SER B 975 -0.68 13.90 12.70
N VAL B 976 -0.65 14.49 13.88
CA VAL B 976 -0.57 13.70 15.11
C VAL B 976 -1.83 12.86 15.26
N LEU B 977 -1.72 11.75 15.98
CA LEU B 977 -2.90 10.95 16.26
C LEU B 977 -3.91 11.75 17.09
N ASN B 978 -3.44 12.37 18.17
CA ASN B 978 -4.35 12.93 19.16
C ASN B 978 -5.24 14.03 18.58
N ASP B 979 -4.75 14.77 17.59
CA ASP B 979 -5.61 15.77 16.95
C ASP B 979 -6.74 15.10 16.18
N ILE B 980 -6.40 14.12 15.35
CA ILE B 980 -7.43 13.33 14.70
C ILE B 980 -8.22 12.53 15.72
N LEU B 981 -7.71 12.40 16.95
CA LEU B 981 -8.53 11.80 17.99
C LEU B 981 -9.67 12.73 18.41
N SER B 982 -9.47 14.05 18.38
CA SER B 982 -10.44 14.98 18.95
C SER B 982 -11.29 15.69 17.91
N ARG B 983 -10.67 16.43 16.99
CA ARG B 983 -11.37 17.47 16.25
C ARG B 983 -12.20 16.94 15.12
N LEU B 984 -12.58 15.67 15.18
CA LEU B 984 -13.41 15.05 14.16
C LEU B 984 -14.34 14.07 14.86
N ASP B 985 -15.31 13.54 14.12
CA ASP B 985 -16.34 12.73 14.75
C ASP B 985 -15.83 11.32 15.06
N PRO B 986 -15.77 10.93 16.33
CA PRO B 986 -15.32 9.58 16.69
C PRO B 986 -16.09 8.48 15.99
N PRO B 987 -17.41 8.63 15.73
CA PRO B 987 -18.12 7.53 15.06
C PRO B 987 -17.49 7.03 13.78
N GLU B 988 -16.70 7.84 13.08
CA GLU B 988 -16.18 7.39 11.79
C GLU B 988 -14.70 7.72 11.64
N ALA B 989 -13.90 7.49 12.69
CA ALA B 989 -12.48 7.86 12.62
C ALA B 989 -11.79 7.29 11.40
N GLU B 990 -12.32 6.20 10.84
CA GLU B 990 -11.86 5.68 9.57
C GLU B 990 -12.12 6.63 8.42
N VAL B 991 -12.78 7.77 8.66
CA VAL B 991 -12.87 8.75 7.60
C VAL B 991 -11.48 9.34 7.35
N GLN B 992 -10.62 9.26 8.32
CA GLN B 992 -9.24 9.64 8.09
C GLN B 992 -8.25 8.57 8.53
N ILE B 993 -8.55 7.86 9.62
CA ILE B 993 -7.53 7.02 10.23
C ILE B 993 -7.11 5.89 9.30
N ASP B 994 -7.98 5.49 8.37
CA ASP B 994 -7.58 4.47 7.42
C ASP B 994 -6.60 5.04 6.41
N ARG B 995 -6.75 6.29 6.05
CA ARG B 995 -5.74 6.85 5.17
C ARG B 995 -4.50 7.29 5.93
N LEU B 996 -4.46 7.11 7.24
CA LEU B 996 -3.24 7.34 7.99
C LEU B 996 -2.58 6.06 8.48
N ILE B 997 -3.36 5.00 8.69
CA ILE B 997 -2.76 3.78 9.20
C ILE B 997 -1.86 3.15 8.14
N THR B 998 -2.27 3.19 6.88
CA THR B 998 -1.42 2.67 5.81
C THR B 998 -0.43 3.71 5.33
N GLY B 999 -0.64 4.98 5.66
CA GLY B 999 0.42 5.94 5.49
C GLY B 999 1.61 5.66 6.39
N ARG B 1000 1.40 4.87 7.45
CA ARG B 1000 2.49 4.45 8.32
C ARG B 1000 2.91 3.01 8.04
N LEU B 1001 1.97 2.07 8.17
CA LEU B 1001 2.32 0.66 8.04
C LEU B 1001 3.16 0.41 6.79
N GLN B 1002 2.78 0.99 5.67
CA GLN B 1002 3.60 0.86 4.48
C GLN B 1002 4.99 1.40 4.74
N SER B 1003 5.09 2.59 5.32
CA SER B 1003 6.39 3.17 5.58
C SER B 1003 7.26 2.21 6.39
N LEU B 1004 6.66 1.50 7.34
CA LEU B 1004 7.40 0.48 8.06
C LEU B 1004 7.72 -0.70 7.14
N GLN B 1005 6.73 -1.15 6.35
CA GLN B 1005 6.92 -2.32 5.50
C GLN B 1005 8.15 -2.18 4.61
N THR B 1006 8.42 -0.98 4.13
CA THR B 1006 9.73 -0.75 3.54
C THR B 1006 10.81 -1.07 4.54
N TYR B 1007 10.77 -0.42 5.69
CA TYR B 1007 11.90 -0.52 6.61
C TYR B 1007 12.25 -1.95 6.98
N VAL B 1008 11.33 -2.88 6.84
CA VAL B 1008 11.66 -4.26 7.15
C VAL B 1008 12.35 -4.93 5.97
N THR B 1009 11.66 -5.06 4.85
CA THR B 1009 12.30 -5.68 3.69
C THR B 1009 13.58 -4.95 3.32
N GLN B 1010 13.52 -3.64 3.26
CA GLN B 1010 14.73 -2.86 3.01
C GLN B 1010 15.83 -3.20 4.01
N GLN B 1011 15.46 -3.68 5.19
CA GLN B 1011 16.46 -4.16 6.14
C GLN B 1011 16.83 -5.59 5.87
N LEU B 1012 15.83 -6.47 5.76
CA LEU B 1012 16.12 -7.88 5.58
C LEU B 1012 17.15 -8.10 4.50
N ILE B 1013 17.14 -7.25 3.47
CA ILE B 1013 18.17 -7.35 2.45
C ILE B 1013 19.54 -7.20 3.08
N ARG B 1014 19.84 -6.02 3.61
CA ARG B 1014 21.23 -5.69 3.87
C ARG B 1014 21.86 -6.69 4.82
N ALA B 1015 21.06 -7.28 5.70
CA ALA B 1015 21.61 -8.38 6.50
C ALA B 1015 21.98 -9.54 5.62
N ALA B 1016 21.04 -10.04 4.83
CA ALA B 1016 21.32 -11.20 3.98
C ALA B 1016 22.49 -10.92 3.04
N GLU B 1017 22.74 -9.66 2.73
CA GLU B 1017 23.96 -9.32 2.03
C GLU B 1017 25.15 -9.39 2.97
N ILE B 1018 25.06 -8.73 4.12
CA ILE B 1018 26.14 -8.81 5.09
C ILE B 1018 26.36 -10.24 5.53
N ARG B 1019 25.29 -10.97 5.80
CA ARG B 1019 25.43 -12.36 6.22
C ARG B 1019 26.36 -13.12 5.31
N ALA B 1020 26.45 -12.74 4.04
CA ALA B 1020 27.51 -13.27 3.22
C ALA B 1020 28.86 -12.86 3.78
N SER B 1021 29.18 -11.57 3.72
CA SER B 1021 30.54 -11.14 4.00
C SER B 1021 31.03 -11.65 5.33
N ALA B 1022 30.12 -11.84 6.29
CA ALA B 1022 30.49 -12.61 7.46
C ALA B 1022 30.98 -13.98 7.04
N ASN B 1023 30.10 -14.75 6.41
CA ASN B 1023 30.39 -16.14 6.13
C ASN B 1023 31.66 -16.26 5.29
N LEU B 1024 31.89 -15.32 4.39
CA LEU B 1024 33.17 -15.29 3.69
C LEU B 1024 34.31 -15.13 4.67
N ALA B 1025 34.33 -14.00 5.37
CA ALA B 1025 35.36 -13.80 6.38
C ALA B 1025 35.39 -14.97 7.34
N ALA B 1026 34.22 -15.45 7.72
CA ALA B 1026 34.16 -16.63 8.58
C ALA B 1026 35.04 -17.75 8.06
N THR B 1027 35.05 -17.95 6.75
CA THR B 1027 36.10 -18.79 6.19
C THR B 1027 37.45 -18.15 6.45
N LYS B 1028 37.61 -16.91 5.99
CA LYS B 1028 38.94 -16.29 5.91
C LYS B 1028 39.74 -16.54 7.17
N MET B 1029 39.25 -16.04 8.31
CA MET B 1029 39.95 -16.23 9.57
C MET B 1029 40.13 -17.71 9.85
N SER B 1030 39.02 -18.44 9.91
CA SER B 1030 39.10 -19.88 10.13
C SER B 1030 39.96 -20.58 9.08
N GLU B 1031 40.37 -19.88 8.03
CA GLU B 1031 41.14 -20.49 6.96
C GLU B 1031 42.51 -19.85 6.80
N CYS B 1032 42.57 -18.53 6.73
CA CYS B 1032 43.83 -17.86 6.42
C CYS B 1032 44.59 -17.44 7.66
N VAL B 1033 44.23 -17.96 8.82
CA VAL B 1033 45.11 -17.83 9.98
C VAL B 1033 45.33 -19.15 10.67
N LEU B 1034 44.53 -20.17 10.44
CA LEU B 1034 44.88 -21.43 11.05
C LEU B 1034 46.03 -22.10 10.34
N GLY B 1035 46.57 -21.48 9.30
CA GLY B 1035 47.69 -22.07 8.61
C GLY B 1035 47.72 -21.58 7.17
N GLN B 1036 48.44 -22.32 6.35
CA GLN B 1036 48.59 -21.96 4.96
C GLN B 1036 47.23 -21.83 4.30
N SER B 1037 47.22 -21.14 3.18
CA SER B 1037 46.05 -21.12 2.29
C SER B 1037 46.63 -21.03 0.88
N LYS B 1038 46.86 -22.18 0.29
CA LYS B 1038 47.63 -22.25 -0.94
C LYS B 1038 47.05 -21.32 -2.00
N ARG B 1039 45.74 -21.20 -2.02
CA ARG B 1039 45.10 -20.26 -2.94
C ARG B 1039 45.74 -18.88 -2.84
N VAL B 1040 46.12 -18.35 -3.96
CA VAL B 1040 46.95 -17.17 -4.01
C VAL B 1040 46.08 -15.94 -4.09
N ASP B 1041 46.54 -14.88 -3.44
CA ASP B 1041 45.87 -13.59 -3.40
C ASP B 1041 44.46 -13.70 -2.83
N PHE B 1042 44.05 -14.89 -2.41
CA PHE B 1042 42.81 -14.95 -1.68
C PHE B 1042 42.97 -14.33 -0.31
N CYS B 1043 44.19 -14.24 0.20
CA CYS B 1043 44.42 -13.72 1.53
C CYS B 1043 45.67 -12.85 1.51
N GLY B 1044 45.46 -11.56 1.29
CA GLY B 1044 46.57 -10.65 1.10
C GLY B 1044 47.17 -10.83 -0.28
N LYS B 1045 47.81 -9.80 -0.80
CA LYS B 1045 48.44 -9.92 -2.11
C LYS B 1045 49.85 -10.47 -1.94
N GLY B 1046 50.32 -11.18 -2.96
CA GLY B 1046 51.59 -11.86 -2.87
C GLY B 1046 51.48 -13.21 -2.20
N TYR B 1047 52.60 -13.92 -2.18
CA TYR B 1047 52.65 -15.20 -1.49
C TYR B 1047 52.34 -15.03 -0.02
N HIS B 1048 51.59 -15.97 0.52
CA HIS B 1048 51.12 -15.89 1.89
C HIS B 1048 52.06 -16.63 2.82
N LEU B 1049 52.31 -16.07 4.00
CA LEU B 1049 53.04 -16.76 5.05
C LEU B 1049 52.17 -17.01 6.27
N MET B 1050 51.58 -15.96 6.83
CA MET B 1050 50.91 -16.01 8.11
C MET B 1050 49.88 -14.90 8.14
N SER B 1051 49.22 -14.76 9.29
CA SER B 1051 48.21 -13.71 9.43
C SER B 1051 47.84 -13.61 10.90
N PHE B 1052 47.21 -12.48 11.26
CA PHE B 1052 46.71 -12.29 12.60
C PHE B 1052 45.39 -11.55 12.55
N PRO B 1053 44.37 -12.04 13.22
CA PRO B 1053 43.13 -11.30 13.34
C PRO B 1053 43.23 -10.24 14.42
N GLN B 1054 42.25 -9.36 14.46
CA GLN B 1054 42.24 -8.26 15.40
C GLN B 1054 40.82 -7.82 15.65
N SER B 1055 40.46 -7.66 16.92
CA SER B 1055 39.10 -7.27 17.26
C SER B 1055 38.80 -5.87 16.74
N ALA B 1056 37.51 -5.52 16.74
CA ALA B 1056 37.04 -4.32 16.09
C ALA B 1056 35.74 -3.91 16.73
N PRO B 1057 35.21 -2.72 16.40
CA PRO B 1057 33.89 -2.36 16.92
C PRO B 1057 32.81 -3.35 16.55
N HIS B 1058 32.58 -3.54 15.26
CA HIS B 1058 31.53 -4.43 14.80
C HIS B 1058 32.07 -5.49 13.87
N GLY B 1059 33.33 -5.85 13.99
CA GLY B 1059 33.87 -6.75 13.00
C GLY B 1059 35.27 -7.23 13.28
N VAL B 1060 36.11 -7.25 12.25
CA VAL B 1060 37.44 -7.79 12.41
C VAL B 1060 38.35 -7.24 11.35
N VAL B 1061 39.53 -6.78 11.75
CA VAL B 1061 40.58 -6.41 10.83
C VAL B 1061 41.63 -7.49 10.82
N PHE B 1062 42.12 -7.82 9.65
CA PHE B 1062 43.22 -8.75 9.50
C PHE B 1062 44.53 -8.00 9.33
N LEU B 1063 45.60 -8.61 9.81
CA LEU B 1063 46.94 -8.24 9.37
C LEU B 1063 47.53 -9.43 8.64
N HIS B 1064 47.85 -9.23 7.37
CA HIS B 1064 48.47 -10.25 6.54
C HIS B 1064 49.95 -9.98 6.37
N VAL B 1065 50.77 -10.89 6.83
CA VAL B 1065 52.18 -10.88 6.50
C VAL B 1065 52.32 -11.54 5.15
N THR B 1066 53.21 -11.05 4.31
CA THR B 1066 53.29 -11.68 3.01
C THR B 1066 54.63 -11.39 2.35
N TYR B 1067 55.03 -12.34 1.51
CA TYR B 1067 56.31 -12.31 0.81
C TYR B 1067 56.18 -11.49 -0.46
N VAL B 1068 57.21 -10.72 -0.77
CA VAL B 1068 57.28 -10.05 -2.07
C VAL B 1068 58.72 -10.10 -2.56
N PRO B 1069 58.99 -10.82 -3.66
CA PRO B 1069 60.36 -10.87 -4.19
C PRO B 1069 60.66 -9.75 -5.16
N ALA B 1070 61.87 -9.22 -5.06
CA ALA B 1070 62.30 -8.13 -5.94
C ALA B 1070 63.81 -8.16 -6.07
N GLN B 1071 64.37 -7.08 -6.62
CA GLN B 1071 65.77 -6.98 -7.03
C GLN B 1071 66.25 -8.29 -7.63
N GLU B 1072 65.58 -8.68 -8.70
CA GLU B 1072 65.95 -9.84 -9.47
C GLU B 1072 66.94 -9.47 -10.55
N LYS B 1073 67.62 -10.48 -11.08
CA LYS B 1073 68.43 -10.28 -12.26
C LYS B 1073 68.30 -11.50 -13.16
N ASN B 1074 68.47 -11.27 -14.45
CA ASN B 1074 68.05 -12.20 -15.48
C ASN B 1074 69.23 -12.96 -16.05
N PHE B 1075 69.05 -14.26 -16.27
CA PHE B 1075 70.06 -15.12 -16.86
C PHE B 1075 69.49 -15.73 -18.14
N THR B 1076 70.23 -16.68 -18.70
CA THR B 1076 69.76 -17.45 -19.84
C THR B 1076 69.29 -18.81 -19.38
N THR B 1077 68.26 -19.33 -20.03
CA THR B 1077 67.67 -20.58 -19.62
C THR B 1077 68.24 -21.74 -20.41
N ALA B 1078 67.85 -22.92 -20.01
CA ALA B 1078 68.02 -24.12 -20.81
C ALA B 1078 67.01 -25.15 -20.32
N PRO B 1079 66.09 -25.59 -21.17
CA PRO B 1079 65.00 -26.44 -20.68
C PRO B 1079 65.48 -27.74 -20.11
N ALA B 1080 66.68 -28.19 -20.42
CA ALA B 1080 67.18 -29.42 -19.85
C ALA B 1080 68.68 -29.55 -20.14
N ILE B 1081 69.24 -30.67 -19.69
CA ILE B 1081 70.65 -30.98 -19.88
C ILE B 1081 70.78 -32.43 -20.34
N CYS B 1082 71.54 -32.65 -21.40
CA CYS B 1082 71.91 -34.00 -21.78
C CYS B 1082 73.42 -34.15 -21.74
N HIS B 1083 73.88 -35.37 -21.50
CA HIS B 1083 75.27 -35.75 -21.41
C HIS B 1083 75.36 -37.26 -21.48
N ASP B 1084 76.43 -37.75 -22.10
CA ASP B 1084 76.54 -39.16 -22.41
C ASP B 1084 75.32 -39.63 -23.17
N GLY B 1085 74.78 -38.73 -24.01
CA GLY B 1085 73.50 -38.93 -24.64
C GLY B 1085 72.33 -38.98 -23.69
N LYS B 1086 72.56 -38.90 -22.38
CA LYS B 1086 71.53 -39.12 -21.39
C LYS B 1086 70.96 -37.79 -20.91
N ALA B 1087 69.64 -37.76 -20.75
CA ALA B 1087 68.92 -36.52 -20.46
C ALA B 1087 68.85 -36.28 -18.97
N HIS B 1088 68.97 -35.01 -18.59
CA HIS B 1088 68.84 -34.60 -17.21
C HIS B 1088 67.79 -33.52 -17.09
N PHE B 1089 66.96 -33.65 -16.07
CA PHE B 1089 65.98 -32.65 -15.69
C PHE B 1089 66.22 -32.30 -14.24
N PRO B 1090 66.02 -31.05 -13.87
CA PRO B 1090 66.35 -30.64 -12.51
C PRO B 1090 65.43 -31.31 -11.50
N ARG B 1091 66.00 -31.67 -10.35
CA ARG B 1091 65.16 -32.11 -9.25
C ARG B 1091 64.16 -31.03 -8.89
N GLU B 1092 64.56 -29.77 -8.99
CA GLU B 1092 63.65 -28.65 -8.83
C GLU B 1092 64.30 -27.39 -9.38
N GLY B 1093 63.46 -26.44 -9.75
CA GLY B 1093 63.97 -25.21 -10.33
C GLY B 1093 64.43 -25.41 -11.75
N VAL B 1094 65.34 -24.55 -12.19
CA VAL B 1094 65.81 -24.55 -13.56
C VAL B 1094 67.32 -24.44 -13.56
N PHE B 1095 67.90 -24.48 -14.75
CA PHE B 1095 69.32 -24.28 -14.93
C PHE B 1095 69.55 -22.91 -15.54
N VAL B 1096 70.56 -22.19 -15.04
CA VAL B 1096 70.85 -20.85 -15.52
C VAL B 1096 72.33 -20.72 -15.82
N SER B 1097 72.65 -19.72 -16.64
CA SER B 1097 74.01 -19.41 -17.03
C SER B 1097 74.49 -18.15 -16.32
N ASN B 1098 75.52 -18.30 -15.48
CA ASN B 1098 76.23 -17.14 -14.95
C ASN B 1098 76.74 -16.24 -16.06
N GLY B 1099 76.72 -16.70 -17.31
CA GLY B 1099 77.48 -16.12 -18.39
C GLY B 1099 78.56 -17.07 -18.90
N THR B 1100 79.02 -17.97 -18.04
CA THR B 1100 80.00 -18.98 -18.40
C THR B 1100 79.50 -20.39 -18.19
N HIS B 1101 79.05 -20.73 -16.99
CA HIS B 1101 78.74 -22.09 -16.57
C HIS B 1101 77.28 -22.22 -16.20
N TRP B 1102 76.90 -23.39 -15.72
CA TRP B 1102 75.52 -23.72 -15.44
C TRP B 1102 75.31 -23.95 -13.96
N PHE B 1103 74.08 -23.68 -13.50
CA PHE B 1103 73.73 -23.86 -12.10
C PHE B 1103 72.24 -24.09 -11.99
N VAL B 1104 71.85 -24.78 -10.93
CA VAL B 1104 70.44 -25.05 -10.65
C VAL B 1104 70.08 -24.40 -9.33
N THR B 1105 68.80 -24.11 -9.17
CA THR B 1105 68.27 -23.55 -7.93
C THR B 1105 66.78 -23.85 -7.89
N GLN B 1106 66.07 -23.18 -6.99
CA GLN B 1106 64.62 -23.26 -6.91
C GLN B 1106 64.00 -21.94 -7.35
N ARG B 1107 62.76 -22.03 -7.85
CA ARG B 1107 62.24 -21.03 -8.76
C ARG B 1107 62.12 -19.64 -8.17
N ASN B 1108 62.32 -19.46 -6.87
CA ASN B 1108 61.99 -18.18 -6.27
C ASN B 1108 63.03 -17.75 -5.24
N PHE B 1109 64.31 -17.93 -5.54
CA PHE B 1109 65.43 -17.38 -4.77
C PHE B 1109 66.68 -17.54 -5.62
N TYR B 1110 67.84 -17.32 -5.03
CA TYR B 1110 69.09 -17.50 -5.77
C TYR B 1110 70.11 -18.20 -4.91
N GLU B 1111 70.54 -19.38 -5.34
CA GLU B 1111 71.60 -20.19 -4.75
C GLU B 1111 72.15 -21.15 -5.78
N PRO B 1112 73.01 -20.69 -6.68
CA PRO B 1112 73.56 -21.58 -7.70
C PRO B 1112 74.14 -22.84 -7.09
N GLN B 1113 74.09 -23.92 -7.86
CA GLN B 1113 74.61 -25.19 -7.42
C GLN B 1113 75.51 -25.76 -8.48
N ILE B 1114 76.50 -26.51 -8.04
CA ILE B 1114 77.23 -27.37 -8.96
C ILE B 1114 76.31 -28.53 -9.34
N ILE B 1115 76.12 -28.73 -10.64
CA ILE B 1115 75.12 -29.66 -11.10
C ILE B 1115 75.59 -31.08 -10.86
N THR B 1116 75.12 -31.70 -9.80
CA THR B 1116 75.53 -33.06 -9.51
C THR B 1116 74.80 -33.97 -10.49
N THR B 1117 74.88 -35.27 -10.24
CA THR B 1117 73.91 -36.19 -10.80
C THR B 1117 72.83 -36.54 -9.82
N ASP B 1118 73.01 -36.21 -8.55
CA ASP B 1118 72.02 -36.56 -7.54
C ASP B 1118 70.95 -35.49 -7.37
N ASN B 1119 71.26 -34.25 -7.71
CA ASN B 1119 70.29 -33.17 -7.68
C ASN B 1119 69.40 -33.16 -8.91
N THR B 1120 69.32 -34.28 -9.62
CA THR B 1120 68.53 -34.38 -10.83
C THR B 1120 68.07 -35.83 -10.96
N PHE B 1121 67.65 -36.22 -12.15
CA PHE B 1121 67.35 -37.61 -12.46
C PHE B 1121 67.49 -37.79 -13.97
N VAL B 1122 67.20 -38.98 -14.47
CA VAL B 1122 67.49 -39.34 -15.84
C VAL B 1122 66.28 -40.03 -16.46
N SER B 1123 66.09 -39.84 -17.77
CA SER B 1123 65.12 -40.57 -18.57
C SER B 1123 65.34 -40.24 -20.03
N GLY B 1124 64.90 -41.14 -20.90
CA GLY B 1124 64.92 -40.88 -22.33
C GLY B 1124 66.33 -40.77 -22.87
N ASN B 1125 66.57 -39.69 -23.62
CA ASN B 1125 67.88 -39.40 -24.17
C ASN B 1125 67.95 -37.91 -24.45
N CYS B 1126 68.97 -37.49 -25.19
CA CYS B 1126 69.18 -36.08 -25.51
C CYS B 1126 68.44 -35.65 -26.76
N ASP B 1127 67.67 -36.56 -27.36
CA ASP B 1127 67.25 -36.36 -28.74
C ASP B 1127 66.10 -35.37 -28.88
N VAL B 1128 64.93 -35.75 -28.37
CA VAL B 1128 63.71 -35.10 -28.83
C VAL B 1128 63.47 -33.77 -28.13
N VAL B 1129 63.84 -33.64 -26.86
CA VAL B 1129 63.65 -32.40 -26.14
C VAL B 1129 64.44 -31.29 -26.80
N ILE B 1130 63.80 -30.18 -27.04
CA ILE B 1130 64.32 -29.21 -27.99
C ILE B 1130 65.23 -28.20 -27.32
N GLY B 1131 66.19 -27.71 -28.10
CA GLY B 1131 67.01 -26.58 -27.69
C GLY B 1131 67.86 -26.84 -26.47
N ILE B 1132 68.43 -28.02 -26.34
CA ILE B 1132 69.23 -28.36 -25.17
C ILE B 1132 70.66 -27.89 -25.38
N VAL B 1133 71.42 -27.90 -24.30
CA VAL B 1133 72.85 -27.65 -24.35
C VAL B 1133 73.54 -28.69 -23.48
N ASN B 1134 74.68 -29.18 -23.94
CA ASN B 1134 75.38 -30.23 -23.24
C ASN B 1134 76.45 -29.64 -22.32
N ASN B 1135 76.67 -30.29 -21.18
CA ASN B 1135 77.63 -29.81 -20.20
C ASN B 1135 77.93 -30.93 -19.22
N THR B 1136 79.04 -30.77 -18.50
CA THR B 1136 79.42 -31.72 -17.47
C THR B 1136 78.26 -32.01 -16.53
N VAL B 1137 78.23 -33.25 -16.07
CA VAL B 1137 77.28 -33.68 -15.04
C VAL B 1137 78.12 -34.32 -13.94
N TYR B 1138 78.49 -33.51 -12.95
CA TYR B 1138 79.36 -34.02 -11.90
C TYR B 1138 78.68 -35.16 -11.14
N ASP B 1139 79.50 -36.07 -10.63
CA ASP B 1139 79.04 -37.18 -9.83
C ASP B 1139 79.80 -37.21 -8.51
N PRO B 1140 79.12 -37.49 -7.39
CA PRO B 1140 79.81 -37.44 -6.09
C PRO B 1140 80.84 -38.53 -5.89
N LEU B 1141 80.85 -39.57 -6.72
CA LEU B 1141 81.61 -40.76 -6.39
C LEU B 1141 82.94 -40.86 -7.12
N GLN B 1142 83.12 -40.15 -8.22
CA GLN B 1142 84.43 -40.13 -8.85
C GLN B 1142 85.54 -39.65 -7.91
N PRO B 1143 85.36 -38.59 -7.11
CA PRO B 1143 86.43 -38.23 -6.18
C PRO B 1143 86.74 -39.33 -5.18
N GLU B 1144 85.73 -39.85 -4.48
CA GLU B 1144 85.98 -40.87 -3.47
C GLU B 1144 86.53 -42.14 -4.11
N LEU B 1145 86.02 -42.49 -5.30
CA LEU B 1145 86.57 -43.63 -6.01
C LEU B 1145 88.04 -43.41 -6.34
N ASP B 1146 88.44 -42.15 -6.52
CA ASP B 1146 89.83 -41.83 -6.83
C ASP B 1146 90.66 -41.61 -5.57
N SER B 1147 90.09 -41.00 -4.52
CA SER B 1147 90.83 -40.82 -3.28
C SER B 1147 91.13 -42.16 -2.61
N PHE B 1148 90.42 -43.22 -3.00
CA PHE B 1148 90.78 -44.58 -2.63
C PHE B 1148 90.37 -45.46 -3.79
N LYS B 1149 91.35 -45.96 -4.54
CA LYS B 1149 91.11 -46.73 -5.76
C LYS B 1149 90.01 -47.78 -5.60
N PRO C 26 -18.10 -11.46 52.24
CA PRO C 26 -17.40 -12.52 52.96
C PRO C 26 -17.52 -13.86 52.25
N ALA C 27 -16.96 -14.92 52.84
CA ALA C 27 -17.14 -16.29 52.37
C ALA C 27 -16.65 -16.45 50.92
N TYR C 28 -15.33 -16.35 50.77
CA TYR C 28 -14.71 -16.56 49.47
C TYR C 28 -14.03 -17.90 49.42
N THR C 29 -13.96 -18.47 48.22
CA THR C 29 -13.40 -19.79 48.01
C THR C 29 -12.78 -19.86 46.62
N ASN C 30 -11.72 -20.66 46.52
CA ASN C 30 -11.01 -20.84 45.26
C ASN C 30 -11.96 -21.27 44.16
N SER C 31 -11.69 -20.79 42.95
CA SER C 31 -12.37 -21.22 41.72
C SER C 31 -11.30 -21.65 40.74
N PHE C 32 -10.86 -22.91 40.86
CA PHE C 32 -9.59 -23.31 40.29
C PHE C 32 -9.54 -23.11 38.79
N THR C 33 -10.38 -23.84 38.05
CA THR C 33 -10.28 -23.86 36.61
C THR C 33 -11.59 -23.63 35.89
N ARG C 34 -12.73 -23.69 36.56
CA ARG C 34 -14.01 -23.61 35.89
C ARG C 34 -14.15 -22.31 35.12
N GLY C 35 -15.08 -22.31 34.17
CA GLY C 35 -15.39 -21.08 33.46
C GLY C 35 -15.09 -21.10 31.97
N VAL C 36 -15.25 -22.25 31.33
CA VAL C 36 -14.98 -22.37 29.90
C VAL C 36 -16.24 -22.82 29.19
N TYR C 37 -16.38 -22.37 27.95
CA TYR C 37 -17.55 -22.67 27.15
C TYR C 37 -17.29 -22.27 25.73
N TYR C 38 -17.81 -23.05 24.82
CA TYR C 38 -17.43 -22.98 23.42
C TYR C 38 -17.76 -21.59 22.89
N PRO C 39 -16.77 -20.78 22.54
CA PRO C 39 -17.07 -19.45 21.96
C PRO C 39 -17.82 -19.52 20.65
N ASP C 40 -18.15 -20.72 20.17
CA ASP C 40 -19.08 -20.89 19.08
C ASP C 40 -19.43 -22.37 19.01
N LYS C 41 -20.40 -22.70 18.17
CA LYS C 41 -20.77 -24.08 17.92
C LYS C 41 -19.95 -24.69 16.78
N VAL C 42 -18.82 -24.08 16.44
CA VAL C 42 -17.95 -24.60 15.40
C VAL C 42 -17.29 -25.87 15.90
N PHE C 43 -16.61 -26.56 15.01
CA PHE C 43 -15.86 -27.76 15.38
C PHE C 43 -14.46 -27.66 14.83
N ARG C 44 -13.50 -28.04 15.65
CA ARG C 44 -12.13 -28.23 15.20
C ARG C 44 -11.70 -29.63 15.62
N SER C 45 -10.54 -30.06 15.15
CA SER C 45 -10.08 -31.42 15.37
C SER C 45 -8.66 -31.42 15.91
N SER C 46 -8.51 -31.84 17.16
CA SER C 46 -7.20 -32.14 17.75
C SER C 46 -6.20 -31.03 17.48
N VAL C 47 -6.57 -29.82 17.86
CA VAL C 47 -5.78 -28.65 17.54
C VAL C 47 -5.92 -27.62 18.65
N LEU C 48 -4.86 -26.87 18.86
CA LEU C 48 -4.87 -25.76 19.80
C LEU C 48 -5.38 -24.52 19.09
N HIS C 49 -6.27 -23.78 19.73
CA HIS C 49 -6.82 -22.57 19.12
C HIS C 49 -6.91 -21.45 20.15
N SER C 50 -6.81 -20.23 19.65
CA SER C 50 -6.90 -19.03 20.48
C SER C 50 -8.07 -18.19 20.04
N THR C 51 -8.75 -17.57 21.01
CA THR C 51 -9.80 -16.59 20.74
C THR C 51 -9.73 -15.50 21.78
N GLN C 52 -10.48 -14.43 21.51
CA GLN C 52 -10.56 -13.28 22.41
C GLN C 52 -12.00 -13.13 22.88
N ASP C 53 -12.27 -13.53 24.11
CA ASP C 53 -13.64 -13.50 24.61
C ASP C 53 -13.63 -13.56 26.13
N LEU C 54 -14.81 -13.80 26.71
CA LEU C 54 -15.05 -13.61 28.13
C LEU C 54 -15.13 -14.95 28.84
N PHE C 55 -14.36 -15.11 29.91
CA PHE C 55 -14.27 -16.35 30.66
C PHE C 55 -13.92 -16.02 32.11
N LEU C 56 -13.47 -17.04 32.86
CA LEU C 56 -13.11 -16.86 34.25
C LEU C 56 -11.62 -17.05 34.43
N PRO C 57 -10.86 -16.03 34.82
CA PRO C 57 -9.46 -16.26 35.17
C PRO C 57 -9.37 -17.27 36.30
N PHE C 58 -8.36 -18.13 36.22
CA PHE C 58 -8.34 -19.33 37.02
C PHE C 58 -8.06 -19.03 38.48
N PHE C 59 -8.58 -19.87 39.37
CA PHE C 59 -8.39 -19.76 40.81
C PHE C 59 -9.03 -18.53 41.42
N SER C 60 -9.93 -17.87 40.70
CA SER C 60 -10.43 -16.59 41.16
C SER C 60 -11.33 -16.77 42.39
N ASN C 61 -11.75 -15.66 42.94
CA ASN C 61 -12.70 -15.69 44.03
C ASN C 61 -14.12 -15.74 43.48
N VAL C 62 -15.01 -16.34 44.26
CA VAL C 62 -16.44 -16.28 44.04
C VAL C 62 -17.10 -16.02 45.39
N THR C 63 -18.43 -15.97 45.38
CA THR C 63 -19.19 -15.83 46.62
C THR C 63 -20.03 -17.08 46.82
N TRP C 64 -19.95 -17.66 48.02
CA TRP C 64 -20.68 -18.88 48.29
C TRP C 64 -21.36 -18.74 49.65
N PHE C 65 -22.32 -19.63 49.90
CA PHE C 65 -23.06 -19.66 51.14
C PHE C 65 -23.05 -21.08 51.70
N HIS C 66 -22.89 -21.16 53.01
CA HIS C 66 -22.81 -22.45 53.70
C HIS C 66 -24.14 -23.18 53.57
N PHE C 79 -26.79 -21.26 52.25
CA PHE C 79 -27.72 -20.86 53.29
C PHE C 79 -28.70 -19.84 52.72
N ASP C 80 -28.65 -18.63 53.26
CA ASP C 80 -29.48 -17.55 52.73
C ASP C 80 -29.14 -17.31 51.26
N ASN C 81 -30.03 -16.59 50.59
CA ASN C 81 -29.81 -16.19 49.19
C ASN C 81 -30.45 -14.83 48.97
N PRO C 82 -29.77 -13.77 49.37
CA PRO C 82 -30.20 -12.42 49.02
C PRO C 82 -29.63 -12.03 47.67
N VAL C 83 -30.20 -10.95 47.11
CA VAL C 83 -29.91 -10.61 45.73
C VAL C 83 -28.44 -10.26 45.57
N LEU C 84 -27.90 -10.59 44.39
CA LEU C 84 -26.52 -10.37 43.98
C LEU C 84 -26.51 -9.77 42.59
N PRO C 85 -25.57 -8.86 42.31
CA PRO C 85 -25.60 -8.14 41.03
C PRO C 85 -24.91 -8.89 39.91
N PHE C 86 -25.47 -8.77 38.70
CA PHE C 86 -25.00 -9.56 37.55
C PHE C 86 -23.81 -8.92 36.83
N ASN C 87 -24.02 -7.77 36.21
CA ASN C 87 -22.95 -6.93 35.67
C ASN C 87 -22.04 -7.68 34.70
N ASP C 88 -22.61 -8.03 33.55
CA ASP C 88 -21.84 -8.46 32.38
C ASP C 88 -21.10 -9.78 32.63
N GLY C 89 -21.86 -10.83 32.87
CA GLY C 89 -21.29 -12.16 32.95
C GLY C 89 -21.18 -12.70 34.36
N VAL C 90 -21.73 -13.90 34.58
CA VAL C 90 -21.75 -14.50 35.91
C VAL C 90 -21.62 -16.00 35.78
N TYR C 91 -20.75 -16.58 36.57
CA TYR C 91 -20.69 -18.03 36.70
C TYR C 91 -21.62 -18.45 37.83
N PHE C 92 -22.39 -19.50 37.60
CA PHE C 92 -23.33 -20.02 38.57
C PHE C 92 -22.92 -21.43 38.97
N ALA C 93 -23.18 -21.80 40.22
CA ALA C 93 -22.69 -23.06 40.72
C ALA C 93 -23.81 -23.88 41.32
N SER C 94 -23.48 -25.13 41.63
CA SER C 94 -24.43 -26.05 42.23
C SER C 94 -23.66 -27.05 43.08
N THR C 95 -24.00 -27.11 44.36
CA THR C 95 -23.41 -28.12 45.23
C THR C 95 -24.12 -29.45 45.01
N GLU C 96 -23.82 -30.43 45.85
CA GLU C 96 -24.45 -31.74 45.76
C GLU C 96 -25.20 -32.05 47.03
N LYS C 97 -26.12 -33.02 46.94
CA LYS C 97 -26.94 -33.46 48.07
C LYS C 97 -27.74 -32.30 48.66
N SER C 98 -28.28 -31.45 47.78
CA SER C 98 -29.12 -30.34 48.20
C SER C 98 -29.89 -29.80 46.99
N ASN C 99 -31.23 -29.78 47.07
CA ASN C 99 -32.06 -29.30 45.99
C ASN C 99 -32.59 -27.90 46.25
N ILE C 100 -31.89 -27.11 47.05
CA ILE C 100 -32.39 -25.80 47.45
C ILE C 100 -32.45 -24.86 46.26
N ILE C 101 -31.36 -24.77 45.49
CA ILE C 101 -31.32 -23.85 44.36
C ILE C 101 -32.35 -24.29 43.34
N ARG C 102 -33.35 -23.44 43.10
CA ARG C 102 -34.35 -23.76 42.10
C ARG C 102 -34.78 -22.57 41.26
N GLY C 103 -34.30 -21.37 41.53
CA GLY C 103 -34.84 -20.19 40.91
C GLY C 103 -33.76 -19.26 40.40
N TRP C 104 -34.18 -18.31 39.56
CA TRP C 104 -33.32 -17.28 39.03
C TRP C 104 -34.16 -16.01 38.91
N ILE C 105 -33.51 -14.95 38.43
CA ILE C 105 -34.19 -13.76 37.96
C ILE C 105 -33.17 -12.95 37.20
N PHE C 106 -33.62 -12.27 36.16
CA PHE C 106 -32.69 -11.63 35.24
C PHE C 106 -33.31 -10.33 34.75
N GLY C 107 -32.80 -9.21 35.25
CA GLY C 107 -33.33 -7.93 34.86
C GLY C 107 -32.71 -6.82 35.67
N THR C 108 -33.36 -5.66 35.65
CA THR C 108 -32.87 -4.47 36.32
C THR C 108 -33.50 -4.26 37.70
N THR C 109 -34.83 -4.25 37.76
CA THR C 109 -35.52 -3.92 38.99
C THR C 109 -36.27 -5.08 39.60
N LEU C 110 -36.84 -5.97 38.80
CA LEU C 110 -37.70 -7.05 39.28
C LEU C 110 -39.00 -6.50 39.88
N ASP C 111 -39.71 -5.71 39.08
CA ASP C 111 -41.03 -5.19 39.44
C ASP C 111 -41.83 -5.01 38.17
N SER C 112 -42.80 -4.10 38.21
CA SER C 112 -43.74 -3.92 37.12
C SER C 112 -43.35 -2.81 36.14
N LYS C 113 -42.05 -2.58 35.92
CA LYS C 113 -41.64 -1.57 34.94
C LYS C 113 -41.32 -2.17 33.58
N THR C 114 -40.30 -3.03 33.49
CA THR C 114 -39.83 -3.55 32.21
C THR C 114 -39.49 -5.03 32.37
N GLN C 115 -39.57 -5.76 31.27
CA GLN C 115 -39.53 -7.21 31.31
C GLN C 115 -38.27 -7.72 32.01
N SER C 116 -38.36 -8.98 32.43
CA SER C 116 -37.23 -9.70 33.03
C SER C 116 -37.31 -11.15 32.56
N LEU C 117 -36.61 -12.04 33.25
CA LEU C 117 -36.68 -13.46 32.94
C LEU C 117 -36.55 -14.28 34.21
N LEU C 118 -37.34 -15.34 34.29
CA LEU C 118 -37.42 -16.16 35.49
C LEU C 118 -37.64 -17.61 35.10
N ILE C 119 -37.19 -18.52 35.96
CA ILE C 119 -37.25 -19.94 35.68
C ILE C 119 -37.57 -20.71 36.95
N VAL C 120 -38.40 -21.75 36.84
CA VAL C 120 -38.63 -22.69 37.93
C VAL C 120 -39.33 -23.90 37.34
N ASN C 121 -39.22 -25.03 38.04
CA ASN C 121 -39.95 -26.22 37.63
C ASN C 121 -40.59 -26.88 38.84
N ASN C 122 -41.54 -27.77 38.56
CA ASN C 122 -42.27 -28.56 39.55
C ASN C 122 -42.33 -30.02 39.10
N ALA C 123 -41.18 -30.56 38.74
CA ALA C 123 -40.86 -31.95 38.42
C ALA C 123 -41.27 -32.37 37.00
N THR C 124 -41.98 -31.55 36.24
CA THR C 124 -42.29 -31.93 34.86
C THR C 124 -42.24 -30.78 33.86
N ASN C 125 -42.23 -29.51 34.27
CA ASN C 125 -42.34 -28.41 33.32
C ASN C 125 -41.65 -27.17 33.85
N VAL C 126 -40.60 -26.74 33.16
CA VAL C 126 -39.90 -25.51 33.49
C VAL C 126 -40.78 -24.33 33.15
N VAL C 127 -41.14 -23.55 34.16
CA VAL C 127 -42.01 -22.40 34.00
C VAL C 127 -41.12 -21.20 33.74
N ILE C 128 -41.21 -20.65 32.53
CA ILE C 128 -40.44 -19.47 32.14
C ILE C 128 -41.38 -18.50 31.47
N LYS C 129 -41.31 -17.25 31.88
CA LYS C 129 -42.04 -16.17 31.26
C LYS C 129 -41.11 -14.99 31.08
N VAL C 130 -41.52 -14.04 30.24
CA VAL C 130 -40.81 -12.76 30.14
C VAL C 130 -41.66 -11.75 30.91
N CYS C 131 -42.50 -12.25 31.80
CA CYS C 131 -43.59 -11.43 32.27
C CYS C 131 -43.13 -10.45 33.35
N GLU C 132 -43.99 -9.47 33.59
CA GLU C 132 -43.66 -8.29 34.38
C GLU C 132 -43.86 -8.55 35.87
N PHE C 133 -43.28 -9.64 36.36
CA PHE C 133 -43.51 -10.06 37.73
C PHE C 133 -42.92 -9.05 38.72
N GLN C 134 -43.17 -9.29 40.00
CA GLN C 134 -42.78 -8.37 41.05
C GLN C 134 -41.70 -8.99 41.92
N PHE C 135 -40.94 -8.13 42.58
CA PHE C 135 -40.01 -8.60 43.58
C PHE C 135 -40.78 -9.22 44.75
N CYS C 136 -40.02 -9.82 45.66
CA CYS C 136 -40.55 -10.31 46.92
C CYS C 136 -39.46 -10.11 47.97
N ASN C 137 -39.86 -9.77 49.19
CA ASN C 137 -38.86 -9.72 50.27
C ASN C 137 -38.41 -11.12 50.62
N ASP C 138 -39.24 -12.13 50.39
CA ASP C 138 -38.91 -13.53 50.67
C ASP C 138 -39.20 -14.39 49.45
N PRO C 139 -38.56 -14.11 48.30
CA PRO C 139 -38.87 -14.84 47.08
C PRO C 139 -38.27 -16.23 47.12
N PHE C 140 -39.11 -17.24 47.33
CA PHE C 140 -38.67 -18.62 47.35
C PHE C 140 -39.75 -19.47 46.67
N LEU C 141 -39.65 -20.78 46.82
CA LEU C 141 -40.68 -21.67 46.29
C LEU C 141 -42.04 -21.37 46.90
N MET C 153 -46.32 -30.51 47.41
CA MET C 153 -46.15 -31.01 48.77
C MET C 153 -45.76 -29.85 49.68
N GLU C 154 -46.06 -28.64 49.23
CA GLU C 154 -45.69 -27.40 49.91
C GLU C 154 -46.79 -26.37 49.66
N SER C 155 -46.46 -25.10 49.89
CA SER C 155 -47.21 -23.95 49.40
C SER C 155 -46.23 -23.09 48.60
N GLU C 156 -46.04 -23.45 47.33
CA GLU C 156 -44.97 -22.87 46.53
C GLU C 156 -45.37 -21.55 45.90
N PHE C 157 -44.59 -21.12 44.90
CA PHE C 157 -44.96 -20.00 44.01
C PHE C 157 -44.97 -18.66 44.74
N ARG C 158 -43.86 -18.33 45.39
CA ARG C 158 -43.87 -17.12 46.22
C ARG C 158 -43.74 -15.83 45.41
N VAL C 159 -43.35 -15.90 44.15
CA VAL C 159 -43.24 -14.70 43.34
C VAL C 159 -44.50 -14.46 42.50
N TYR C 160 -45.44 -15.40 42.50
CA TYR C 160 -46.58 -15.36 41.57
C TYR C 160 -47.54 -14.27 42.02
N SER C 161 -47.25 -13.05 41.61
CA SER C 161 -48.04 -11.88 42.01
C SER C 161 -48.64 -11.15 40.82
N SER C 162 -47.87 -10.94 39.76
CA SER C 162 -48.34 -10.24 38.58
C SER C 162 -48.05 -11.07 37.34
N ALA C 163 -48.94 -11.00 36.36
CA ALA C 163 -48.78 -11.83 35.18
C ALA C 163 -49.19 -11.10 33.89
N ASN C 164 -48.93 -9.80 33.79
CA ASN C 164 -49.48 -9.00 32.72
C ASN C 164 -48.44 -8.65 31.65
N ASN C 165 -48.92 -8.53 30.41
CA ASN C 165 -48.29 -7.71 29.37
C ASN C 165 -46.90 -8.21 28.99
N CYS C 166 -46.78 -9.50 28.75
CA CYS C 166 -45.48 -10.11 28.54
C CYS C 166 -45.32 -10.70 27.15
N THR C 167 -44.07 -11.05 26.84
CA THR C 167 -43.56 -11.08 25.48
C THR C 167 -43.26 -12.46 24.94
N PHE C 168 -42.90 -13.41 25.78
CA PHE C 168 -42.42 -14.71 25.31
C PHE C 168 -42.62 -15.72 26.42
N GLU C 169 -43.24 -16.85 26.10
CA GLU C 169 -43.44 -17.89 27.10
C GLU C 169 -42.85 -19.19 26.57
N TYR C 170 -42.52 -20.08 27.51
CA TYR C 170 -41.77 -21.27 27.15
C TYR C 170 -41.87 -22.27 28.29
N VAL C 171 -42.17 -23.52 27.92
CA VAL C 171 -42.28 -24.61 28.88
C VAL C 171 -41.95 -25.90 28.14
N SER C 172 -41.51 -26.91 28.87
CA SER C 172 -41.07 -28.16 28.25
C SER C 172 -41.17 -29.27 29.29
N GLN C 173 -40.53 -30.40 29.00
CA GLN C 173 -40.32 -31.45 29.99
C GLN C 173 -39.09 -31.10 30.83
N PRO C 174 -38.96 -31.66 32.03
CA PRO C 174 -37.93 -31.17 32.96
C PRO C 174 -36.52 -31.35 32.41
N PHE C 175 -35.84 -30.22 32.18
CA PHE C 175 -34.52 -30.22 31.56
C PHE C 175 -33.43 -30.71 32.50
N LEU C 176 -33.17 -29.97 33.57
CA LEU C 176 -31.97 -30.18 34.38
C LEU C 176 -32.34 -30.12 35.86
N MET C 177 -32.06 -31.20 36.57
CA MET C 177 -32.35 -31.26 38.00
C MET C 177 -31.09 -31.01 38.81
N PHE C 186 -23.94 -35.84 46.72
CA PHE C 186 -23.87 -37.12 46.04
C PHE C 186 -24.17 -36.96 44.56
N LYS C 187 -25.18 -36.15 44.27
CA LYS C 187 -25.73 -36.07 42.92
C LYS C 187 -24.84 -35.19 42.04
N ASN C 188 -25.36 -34.82 40.87
CA ASN C 188 -24.58 -34.14 39.86
C ASN C 188 -24.18 -32.74 40.31
N LEU C 189 -23.29 -32.14 39.53
CA LEU C 189 -22.86 -30.75 39.69
C LEU C 189 -23.20 -29.99 38.42
N ARG C 190 -24.15 -29.08 38.51
CA ARG C 190 -24.52 -28.24 37.38
C ARG C 190 -23.85 -26.88 37.50
N GLU C 191 -23.80 -26.19 36.37
CA GLU C 191 -23.09 -24.92 36.28
C GLU C 191 -23.57 -24.21 35.03
N PHE C 192 -23.54 -22.89 35.05
CA PHE C 192 -24.15 -22.16 33.96
C PHE C 192 -23.39 -20.86 33.74
N VAL C 193 -23.47 -20.35 32.52
CA VAL C 193 -22.77 -19.15 32.11
C VAL C 193 -23.80 -18.20 31.54
N PHE C 194 -24.18 -17.19 32.32
CA PHE C 194 -25.20 -16.25 31.89
C PHE C 194 -24.53 -15.17 31.08
N LYS C 195 -24.48 -15.35 29.76
CA LYS C 195 -23.93 -14.34 28.86
C LYS C 195 -25.06 -13.69 28.07
N ASN C 196 -25.01 -12.37 27.96
CA ASN C 196 -26.10 -11.58 27.41
C ASN C 196 -25.51 -10.54 26.47
N ILE C 197 -25.99 -10.51 25.24
CA ILE C 197 -25.36 -9.68 24.21
C ILE C 197 -26.31 -9.50 23.04
N ASP C 198 -26.29 -8.29 22.46
CA ASP C 198 -26.99 -7.97 21.21
C ASP C 198 -28.43 -8.47 21.24
N GLY C 199 -29.09 -8.24 22.37
CA GLY C 199 -30.41 -8.77 22.59
C GLY C 199 -30.47 -10.25 22.86
N TYR C 200 -29.37 -10.97 22.64
CA TYR C 200 -29.35 -12.41 22.86
C TYR C 200 -28.80 -12.69 24.26
N PHE C 201 -29.35 -13.72 24.89
CA PHE C 201 -29.10 -14.06 26.28
C PHE C 201 -28.66 -15.51 26.34
N LYS C 202 -27.34 -15.75 26.33
CA LYS C 202 -26.80 -17.08 26.17
C LYS C 202 -26.61 -17.77 27.51
N ILE C 203 -26.96 -19.05 27.56
CA ILE C 203 -27.05 -19.79 28.81
C ILE C 203 -26.72 -21.27 28.59
N TYR C 204 -25.74 -21.78 29.33
CA TYR C 204 -25.13 -23.08 29.09
C TYR C 204 -25.25 -23.95 30.34
N SER C 205 -24.74 -25.18 30.26
CA SER C 205 -24.89 -26.13 31.35
C SER C 205 -24.00 -27.36 31.13
N LYS C 206 -23.93 -28.18 32.17
CA LYS C 206 -23.50 -29.59 32.17
C LYS C 206 -23.65 -30.11 33.58
N HIS C 207 -23.74 -31.42 33.71
CA HIS C 207 -23.71 -32.11 34.99
C HIS C 207 -22.36 -32.80 35.21
N THR C 208 -22.15 -33.25 36.45
CA THR C 208 -21.04 -34.12 36.81
C THR C 208 -21.22 -34.72 38.20
N PRO C 209 -21.10 -36.02 38.36
CA PRO C 209 -21.17 -36.63 39.68
C PRO C 209 -19.89 -36.37 40.47
N ILE C 210 -20.03 -36.06 41.75
CA ILE C 210 -18.89 -35.63 42.56
C ILE C 210 -19.00 -36.07 44.01
N ASN C 211 -17.98 -35.75 44.78
CA ASN C 211 -17.91 -36.01 46.22
C ASN C 211 -17.28 -34.77 46.86
N LEU C 212 -16.79 -34.92 48.09
CA LEU C 212 -16.25 -33.79 48.87
C LEU C 212 -17.32 -32.71 49.01
N VAL C 213 -18.40 -33.10 49.67
CA VAL C 213 -19.63 -32.33 49.71
C VAL C 213 -19.42 -30.95 50.33
N ARG C 214 -18.20 -30.64 50.76
CA ARG C 214 -17.95 -29.34 51.37
C ARG C 214 -17.81 -28.22 50.34
N ASP C 215 -16.87 -28.37 49.40
CA ASP C 215 -16.60 -27.33 48.42
C ASP C 215 -16.44 -27.99 47.05
N LEU C 216 -16.16 -27.17 46.04
CA LEU C 216 -15.89 -27.72 44.72
C LEU C 216 -14.62 -28.53 44.68
N PRO C 217 -14.67 -29.78 44.25
CA PRO C 217 -13.44 -30.45 43.85
C PRO C 217 -12.87 -29.76 42.63
N GLN C 218 -11.57 -29.81 42.51
CA GLN C 218 -10.94 -29.39 41.28
C GLN C 218 -11.35 -30.34 40.17
N GLY C 219 -10.82 -30.11 38.99
CA GLY C 219 -11.19 -30.94 37.87
C GLY C 219 -11.71 -30.07 36.75
N PHE C 220 -11.60 -30.56 35.53
CA PHE C 220 -11.94 -29.75 34.37
C PHE C 220 -13.16 -30.31 33.67
N SER C 221 -13.99 -29.40 33.14
CA SER C 221 -15.18 -29.78 32.40
C SER C 221 -15.37 -28.80 31.26
N ALA C 222 -16.16 -29.21 30.28
CA ALA C 222 -16.58 -28.34 29.18
C ALA C 222 -18.06 -28.05 29.32
N LEU C 223 -18.48 -26.95 28.72
CA LEU C 223 -19.84 -26.46 28.90
C LEU C 223 -20.62 -26.57 27.61
N GLU C 224 -21.73 -27.30 27.65
CA GLU C 224 -22.64 -27.31 26.50
C GLU C 224 -23.65 -26.18 26.63
N PRO C 225 -23.99 -25.54 25.52
CA PRO C 225 -25.17 -24.69 25.52
C PRO C 225 -26.43 -25.54 25.50
N LEU C 226 -27.50 -24.96 26.00
CA LEU C 226 -28.80 -25.62 25.96
C LEU C 226 -29.87 -24.80 25.28
N VAL C 227 -29.79 -23.47 25.37
CA VAL C 227 -30.72 -22.60 24.67
C VAL C 227 -30.17 -21.20 24.53
N ASP C 228 -30.35 -20.61 23.35
CA ASP C 228 -30.15 -19.18 23.16
C ASP C 228 -31.48 -18.47 23.35
N LEU C 229 -31.42 -17.26 23.87
CA LEU C 229 -32.63 -16.47 24.14
C LEU C 229 -32.58 -15.16 23.40
N PRO C 230 -33.38 -14.98 22.37
CA PRO C 230 -33.47 -13.71 21.65
C PRO C 230 -34.57 -12.81 22.21
N ILE C 231 -34.38 -12.32 23.43
CA ILE C 231 -35.44 -11.60 24.13
C ILE C 231 -35.05 -10.17 24.48
N GLY C 232 -33.79 -9.78 24.37
CA GLY C 232 -33.39 -8.40 24.47
C GLY C 232 -33.89 -7.64 25.68
N ILE C 233 -33.38 -7.99 26.86
CA ILE C 233 -33.79 -7.36 28.11
C ILE C 233 -32.55 -7.02 28.92
N ASN C 234 -32.54 -5.81 29.50
CA ASN C 234 -31.38 -5.37 30.26
C ASN C 234 -31.41 -5.94 31.68
N ILE C 235 -30.23 -6.25 32.20
CA ILE C 235 -30.07 -6.88 33.50
C ILE C 235 -28.94 -6.19 34.25
N THR C 236 -29.09 -6.06 35.57
CA THR C 236 -28.01 -5.59 36.42
C THR C 236 -27.97 -6.31 37.77
N ARG C 237 -28.89 -7.23 38.04
CA ARG C 237 -28.92 -7.96 39.31
C ARG C 237 -29.72 -9.23 39.10
N PHE C 238 -29.66 -10.12 40.08
CA PHE C 238 -30.33 -11.41 39.98
C PHE C 238 -30.40 -12.05 41.36
N GLN C 239 -31.00 -13.23 41.42
CA GLN C 239 -31.23 -13.92 42.68
C GLN C 239 -31.86 -15.29 42.41
N THR C 240 -31.55 -16.25 43.25
CA THR C 240 -32.15 -17.58 43.20
C THR C 240 -33.20 -17.74 44.28
N LEU C 241 -33.70 -18.96 44.45
CA LEU C 241 -34.77 -19.23 45.41
C LEU C 241 -34.45 -20.47 46.24
N LEU C 242 -35.26 -20.68 47.28
CA LEU C 242 -35.06 -21.76 48.23
C LEU C 242 -36.42 -22.35 48.58
N ALA C 243 -36.42 -23.30 49.53
CA ALA C 243 -37.68 -23.86 50.06
C ALA C 243 -37.39 -24.55 51.38
N LEU C 244 -38.04 -24.10 52.44
CA LEU C 244 -37.94 -24.71 53.77
C LEU C 244 -39.27 -25.38 54.06
N HIS C 245 -39.43 -26.59 53.54
CA HIS C 245 -40.64 -27.38 53.73
C HIS C 245 -40.38 -28.77 53.16
N ARG C 246 -41.41 -29.62 53.18
CA ARG C 246 -41.30 -30.99 52.71
C ARG C 246 -41.04 -31.05 51.22
N GLY C 261 -29.54 -26.14 58.16
CA GLY C 261 -29.49 -26.54 56.77
C GLY C 261 -28.59 -25.66 55.92
N ALA C 262 -27.60 -26.27 55.29
CA ALA C 262 -26.61 -25.56 54.49
C ALA C 262 -27.01 -25.60 53.03
N ALA C 263 -26.88 -24.47 52.34
CA ALA C 263 -27.19 -24.36 50.93
C ALA C 263 -26.05 -23.65 50.22
N ALA C 264 -25.43 -24.32 49.26
CA ALA C 264 -24.24 -23.82 48.60
C ALA C 264 -24.54 -23.41 47.17
N TYR C 265 -24.09 -22.20 46.80
CA TYR C 265 -24.21 -21.68 45.46
C TYR C 265 -23.08 -20.68 45.27
N TYR C 266 -22.33 -20.79 44.16
CA TYR C 266 -21.15 -19.96 43.99
C TYR C 266 -21.34 -19.05 42.78
N VAL C 267 -20.78 -17.85 42.86
CA VAL C 267 -20.86 -16.89 41.77
C VAL C 267 -19.61 -16.04 41.75
N GLY C 268 -18.99 -15.95 40.59
CA GLY C 268 -17.96 -14.98 40.32
C GLY C 268 -18.35 -14.10 39.17
N TYR C 269 -17.38 -13.53 38.48
CA TYR C 269 -17.65 -12.60 37.41
C TYR C 269 -16.85 -12.95 36.17
N LEU C 270 -17.32 -12.44 35.04
CA LEU C 270 -16.71 -12.67 33.74
C LEU C 270 -15.93 -11.43 33.34
N GLN C 271 -14.98 -11.63 32.43
CA GLN C 271 -14.24 -10.52 31.84
C GLN C 271 -13.38 -11.05 30.71
N PRO C 272 -12.91 -10.16 29.84
CA PRO C 272 -12.21 -10.59 28.61
C PRO C 272 -10.77 -11.04 28.80
N ARG C 273 -10.58 -12.32 29.05
CA ARG C 273 -9.25 -12.93 29.13
C ARG C 273 -9.08 -13.85 27.92
N THR C 274 -8.19 -13.48 27.00
CA THR C 274 -8.00 -14.30 25.81
C THR C 274 -7.54 -15.70 26.19
N PHE C 275 -8.05 -16.69 25.47
CA PHE C 275 -7.89 -18.07 25.88
C PHE C 275 -7.32 -18.94 24.77
N LEU C 276 -6.65 -20.00 25.20
CA LEU C 276 -6.25 -21.10 24.34
C LEU C 276 -7.13 -22.30 24.65
N LEU C 277 -7.35 -23.12 23.64
CA LEU C 277 -8.25 -24.24 23.81
C LEU C 277 -7.65 -25.47 23.14
N LYS C 278 -7.86 -26.63 23.78
CA LYS C 278 -7.33 -27.90 23.31
C LYS C 278 -8.48 -28.88 23.12
N TYR C 279 -8.91 -29.07 21.87
CA TYR C 279 -9.83 -30.16 21.56
C TYR C 279 -9.03 -31.43 21.30
N ASN C 280 -9.63 -32.55 21.63
CA ASN C 280 -9.01 -33.82 21.30
C ASN C 280 -9.49 -34.25 19.92
N GLU C 281 -9.19 -35.50 19.54
CA GLU C 281 -9.67 -36.04 18.28
C GLU C 281 -11.15 -36.41 18.32
N ASN C 282 -11.86 -36.05 19.39
CA ASN C 282 -13.26 -36.39 19.55
C ASN C 282 -14.16 -35.17 19.59
N GLY C 283 -13.64 -33.98 19.33
CA GLY C 283 -14.46 -32.80 19.46
C GLY C 283 -14.94 -32.63 20.89
N THR C 284 -14.00 -32.50 21.82
CA THR C 284 -14.30 -32.26 23.21
C THR C 284 -13.14 -31.47 23.79
N ILE C 285 -13.42 -30.64 24.79
CA ILE C 285 -12.36 -29.87 25.42
C ILE C 285 -11.99 -30.59 26.71
N THR C 286 -10.98 -31.43 26.63
CA THR C 286 -10.47 -32.08 27.83
C THR C 286 -9.65 -31.10 28.65
N ASP C 287 -8.93 -30.19 27.98
CA ASP C 287 -8.15 -29.19 28.69
C ASP C 287 -8.01 -27.94 27.82
N ALA C 288 -7.72 -26.85 28.49
CA ALA C 288 -7.42 -25.56 27.86
C ALA C 288 -6.72 -24.70 28.88
N VAL C 289 -5.83 -23.85 28.41
CA VAL C 289 -4.98 -23.05 29.29
C VAL C 289 -5.11 -21.59 28.90
N ASP C 290 -4.95 -20.71 29.88
CA ASP C 290 -5.29 -19.31 29.77
C ASP C 290 -4.08 -18.44 29.44
N CYS C 291 -4.28 -17.12 29.49
CA CYS C 291 -3.21 -16.16 29.27
C CYS C 291 -3.17 -15.12 30.38
N ALA C 292 -3.72 -15.43 31.55
CA ALA C 292 -3.75 -14.46 32.62
C ALA C 292 -3.50 -15.12 33.97
N LEU C 293 -2.54 -16.03 34.04
CA LEU C 293 -2.15 -16.62 35.30
C LEU C 293 -0.73 -16.27 35.70
N ASP C 294 0.22 -16.38 34.77
CA ASP C 294 1.63 -16.16 35.05
C ASP C 294 2.40 -16.07 33.74
N PRO C 295 3.63 -15.57 33.74
CA PRO C 295 4.44 -15.67 32.53
C PRO C 295 4.61 -17.10 32.08
N LEU C 296 4.65 -18.05 33.02
CA LEU C 296 4.88 -19.46 32.70
C LEU C 296 4.05 -19.88 31.50
N SER C 297 2.73 -19.84 31.66
CA SER C 297 1.87 -20.14 30.54
C SER C 297 1.75 -18.97 29.58
N GLU C 298 2.02 -17.75 30.05
CA GLU C 298 1.91 -16.59 29.18
C GLU C 298 2.73 -16.77 27.91
N THR C 299 3.84 -17.50 28.01
CA THR C 299 4.57 -17.91 26.84
C THR C 299 3.68 -18.71 25.90
N LYS C 300 3.06 -19.77 26.43
CA LYS C 300 2.24 -20.64 25.60
C LYS C 300 1.25 -19.82 24.79
N CYS C 301 0.78 -18.72 25.37
CA CYS C 301 -0.15 -17.85 24.69
C CYS C 301 0.50 -17.14 23.51
N THR C 302 1.82 -17.23 23.37
CA THR C 302 2.51 -16.79 22.17
C THR C 302 3.35 -17.88 21.54
N LEU C 303 3.15 -19.12 21.91
CA LEU C 303 3.72 -20.23 21.17
C LEU C 303 2.67 -21.19 20.66
N LYS C 304 1.39 -20.92 20.93
CA LYS C 304 0.31 -21.68 20.33
C LYS C 304 0.45 -23.17 20.60
N SER C 305 1.06 -23.53 21.71
CA SER C 305 1.22 -24.93 22.08
C SER C 305 1.47 -24.99 23.59
N PHE C 306 1.61 -26.20 24.10
CA PHE C 306 1.81 -26.38 25.52
C PHE C 306 3.23 -26.71 25.90
N THR C 307 3.96 -27.44 25.05
CA THR C 307 5.28 -27.93 25.42
C THR C 307 6.37 -27.03 24.86
N VAL C 308 6.39 -25.78 25.32
CA VAL C 308 7.50 -24.90 24.97
C VAL C 308 8.78 -25.54 25.48
N GLU C 309 9.85 -25.39 24.72
CA GLU C 309 11.10 -26.01 25.12
C GLU C 309 12.10 -24.97 25.60
N LYS C 310 13.15 -25.48 26.23
CA LYS C 310 14.22 -24.69 26.80
C LYS C 310 14.73 -23.62 25.85
N GLY C 311 14.53 -22.35 26.22
CA GLY C 311 15.00 -21.23 25.43
C GLY C 311 14.61 -19.90 26.02
N ILE C 312 14.33 -18.90 25.18
CA ILE C 312 13.77 -17.64 25.65
C ILE C 312 12.75 -17.20 24.62
N TYR C 313 11.77 -16.42 25.05
CA TYR C 313 10.83 -15.83 24.11
C TYR C 313 10.32 -14.52 24.67
N GLN C 314 10.14 -13.54 23.80
CA GLN C 314 9.47 -12.32 24.17
C GLN C 314 8.00 -12.48 23.83
N THR C 315 7.14 -12.12 24.76
CA THR C 315 5.73 -12.38 24.60
C THR C 315 4.86 -11.14 24.56
N SER C 316 5.31 -10.05 25.18
CA SER C 316 4.46 -8.87 25.30
C SER C 316 5.30 -7.70 25.74
N ASN C 317 5.12 -6.57 25.07
CA ASN C 317 5.74 -5.35 25.51
C ASN C 317 5.04 -4.85 26.77
N PHE C 318 5.48 -3.71 27.27
CA PHE C 318 4.71 -2.99 28.28
C PHE C 318 5.27 -1.59 28.37
N ARG C 319 4.47 -0.70 28.96
CA ARG C 319 4.87 0.69 29.14
C ARG C 319 4.24 1.19 30.42
N VAL C 320 5.00 2.01 31.16
CA VAL C 320 4.48 2.57 32.40
C VAL C 320 3.47 3.66 32.06
N GLN C 321 2.19 3.33 32.20
CA GLN C 321 1.13 4.23 31.80
C GLN C 321 1.22 5.55 32.57
N PRO C 322 0.65 6.62 32.03
CA PRO C 322 0.63 7.89 32.75
C PRO C 322 -0.54 7.92 33.72
N THR C 323 -0.46 8.82 34.68
CA THR C 323 -1.46 8.86 35.74
C THR C 323 -2.22 10.18 35.82
N GLU C 324 -1.52 11.30 35.93
CA GLU C 324 -2.19 12.53 36.34
C GLU C 324 -2.92 13.21 35.19
N SER C 325 -2.21 13.47 34.09
CA SER C 325 -2.67 14.40 33.05
C SER C 325 -2.81 15.82 33.61
N ILE C 326 -1.70 16.35 34.09
CA ILE C 326 -1.65 17.72 34.56
C ILE C 326 -1.42 18.64 33.36
N VAL C 327 -1.88 19.88 33.48
CA VAL C 327 -1.80 20.84 32.38
C VAL C 327 -1.19 22.13 32.89
N ARG C 328 -0.62 22.88 31.95
CA ARG C 328 0.09 24.12 32.28
C ARG C 328 -0.25 25.18 31.24
N PHE C 329 -0.98 26.19 31.66
CA PHE C 329 -1.25 27.37 30.86
C PHE C 329 -0.46 28.53 31.42
N PRO C 330 -0.37 29.64 30.69
CA PRO C 330 0.34 30.80 31.21
C PRO C 330 -0.18 31.25 32.56
N ASN C 331 0.75 31.45 33.50
CA ASN C 331 0.44 31.90 34.86
C ASN C 331 -0.36 33.19 34.88
N ILE C 332 0.16 34.22 34.20
CA ILE C 332 -0.13 35.59 34.61
C ILE C 332 -1.61 35.94 34.41
N THR C 333 -2.10 35.83 33.17
CA THR C 333 -3.53 35.99 32.88
C THR C 333 -4.04 37.37 33.34
N ASN C 334 -3.53 38.41 32.70
CA ASN C 334 -3.70 39.79 33.14
C ASN C 334 -4.33 40.67 32.05
N LEU C 335 -5.66 40.65 31.95
CA LEU C 335 -6.31 41.54 31.00
C LEU C 335 -7.73 41.85 31.44
N CYS C 336 -8.35 42.78 30.71
CA CYS C 336 -9.78 42.94 30.48
C CYS C 336 -10.67 43.01 31.71
N PRO C 337 -10.67 44.13 32.43
CA PRO C 337 -11.69 44.32 33.46
C PRO C 337 -13.10 44.27 32.86
N PHE C 338 -14.06 44.02 33.74
CA PHE C 338 -15.45 43.86 33.33
C PHE C 338 -16.43 44.55 34.24
N GLY C 339 -16.01 45.08 35.38
CA GLY C 339 -16.90 45.54 36.43
C GLY C 339 -17.49 46.90 36.21
N GLU C 340 -16.70 47.86 35.73
CA GLU C 340 -17.21 49.21 35.54
C GLU C 340 -18.39 49.22 34.57
N VAL C 341 -18.33 48.39 33.54
CA VAL C 341 -19.43 48.32 32.59
C VAL C 341 -20.57 47.54 33.22
N PHE C 342 -20.39 47.09 34.46
CA PHE C 342 -21.43 46.38 35.17
C PHE C 342 -21.70 46.96 36.55
N ASN C 343 -21.10 48.09 36.89
CA ASN C 343 -21.36 48.73 38.17
C ASN C 343 -21.44 50.23 38.01
N ALA C 344 -21.90 50.70 36.85
CA ALA C 344 -21.84 52.11 36.48
C ALA C 344 -22.92 52.93 37.19
N THR C 345 -22.68 54.24 37.23
CA THR C 345 -23.61 55.14 37.92
C THR C 345 -24.89 55.36 37.13
N ARG C 346 -24.84 55.20 35.80
CA ARG C 346 -26.02 55.30 34.95
C ARG C 346 -25.84 54.36 33.77
N PHE C 347 -26.95 53.83 33.28
CA PHE C 347 -26.92 52.81 32.25
C PHE C 347 -27.32 53.42 30.91
N ALA C 348 -26.68 52.97 29.84
CA ALA C 348 -26.98 53.46 28.49
C ALA C 348 -28.36 52.97 28.09
N SER C 349 -29.36 53.83 28.29
CA SER C 349 -30.74 53.39 28.36
C SER C 349 -31.26 52.87 27.01
N VAL C 350 -32.52 52.43 27.03
CA VAL C 350 -33.01 51.54 25.98
C VAL C 350 -33.46 52.29 24.72
N TYR C 351 -33.31 53.61 24.66
CA TYR C 351 -33.19 54.26 23.36
C TYR C 351 -31.87 54.99 23.24
N ALA C 352 -30.95 54.75 24.17
CA ALA C 352 -29.57 55.21 24.09
C ALA C 352 -28.61 54.03 24.10
N TRP C 353 -28.94 53.00 23.32
CA TRP C 353 -28.07 51.85 23.15
C TRP C 353 -26.75 52.26 22.50
N ASN C 354 -25.66 51.66 22.96
CA ASN C 354 -24.34 51.84 22.36
C ASN C 354 -23.69 50.48 22.19
N ARG C 355 -23.43 50.10 20.93
CA ARG C 355 -22.70 48.87 20.68
C ARG C 355 -21.24 49.07 21.04
N LYS C 356 -20.94 49.16 22.33
CA LYS C 356 -19.59 49.50 22.77
C LYS C 356 -18.68 48.28 22.73
N ARG C 357 -17.39 48.54 22.60
CA ARG C 357 -16.44 47.54 22.14
C ARG C 357 -15.73 46.85 23.31
N ILE C 358 -15.60 45.53 23.18
CA ILE C 358 -14.79 44.70 24.06
C ILE C 358 -14.06 43.70 23.17
N SER C 359 -12.74 43.74 23.18
CA SER C 359 -11.95 42.81 22.39
C SER C 359 -10.54 42.72 22.96
N ASN C 360 -9.73 41.87 22.34
CA ASN C 360 -8.34 41.62 22.71
C ASN C 360 -8.18 41.60 24.23
N CYS C 361 -9.12 40.96 24.91
CA CYS C 361 -9.06 40.92 26.36
C CYS C 361 -9.81 39.70 26.85
N VAL C 362 -9.33 39.13 27.93
CA VAL C 362 -9.95 37.95 28.53
C VAL C 362 -10.75 38.39 29.74
N ALA C 363 -12.06 38.17 29.69
CA ALA C 363 -12.98 38.57 30.75
C ALA C 363 -13.51 37.35 31.47
N ASP C 364 -13.36 37.34 32.80
CA ASP C 364 -13.96 36.28 33.59
C ASP C 364 -15.47 36.31 33.45
N TYR C 365 -16.08 35.13 33.40
CA TYR C 365 -17.53 35.06 33.29
C TYR C 365 -18.14 34.17 34.35
N SER C 366 -17.41 33.14 34.78
CA SER C 366 -17.97 32.22 35.76
C SER C 366 -17.97 32.81 37.17
N VAL C 367 -17.02 33.70 37.48
CA VAL C 367 -17.03 34.35 38.79
C VAL C 367 -18.29 35.17 38.97
N LEU C 368 -18.97 35.47 37.86
CA LEU C 368 -20.22 36.21 37.90
C LEU C 368 -21.34 35.35 38.45
N TYR C 369 -21.33 34.04 38.16
CA TYR C 369 -22.42 33.17 38.57
C TYR C 369 -22.46 33.03 40.09
N ASN C 370 -21.36 32.53 40.68
CA ASN C 370 -21.27 32.44 42.13
C ASN C 370 -21.35 33.81 42.81
N SER C 371 -21.18 34.89 42.06
CA SER C 371 -21.38 36.23 42.62
C SER C 371 -22.85 36.58 42.75
N ALA C 372 -23.68 36.06 41.84
CA ALA C 372 -25.12 36.29 41.87
C ALA C 372 -25.44 37.79 41.78
N SER C 373 -24.57 38.57 41.15
CA SER C 373 -24.85 39.99 40.96
C SER C 373 -26.02 40.19 39.99
N PHE C 374 -26.05 39.41 38.92
CA PHE C 374 -27.27 39.36 38.13
C PHE C 374 -28.30 38.49 38.83
N SER C 375 -29.54 38.57 38.37
CA SER C 375 -30.61 37.82 39.03
C SER C 375 -31.52 37.08 38.09
N THR C 376 -31.38 37.22 36.78
CA THR C 376 -32.27 36.59 35.81
C THR C 376 -31.46 35.94 34.70
N PHE C 377 -30.46 35.15 35.07
CA PHE C 377 -29.58 34.56 34.06
C PHE C 377 -30.37 33.64 33.13
N LYS C 378 -30.31 33.94 31.83
CA LYS C 378 -30.89 33.11 30.78
C LYS C 378 -30.20 33.43 29.47
N CYS C 379 -29.73 32.42 28.75
CA CYS C 379 -29.22 32.73 27.43
C CYS C 379 -29.15 31.49 26.55
N TYR C 380 -28.76 31.73 25.30
CA TYR C 380 -28.81 30.77 24.21
C TYR C 380 -27.49 30.80 23.44
N GLY C 381 -27.42 30.01 22.38
CA GLY C 381 -26.23 29.92 21.55
C GLY C 381 -25.07 29.20 22.17
N VAL C 382 -25.05 29.03 23.49
CA VAL C 382 -23.93 28.40 24.18
C VAL C 382 -24.39 28.02 25.57
N SER C 383 -23.87 26.91 26.07
CA SER C 383 -24.03 26.60 27.49
C SER C 383 -23.28 27.64 28.31
N PRO C 384 -23.89 28.15 29.39
CA PRO C 384 -23.20 29.16 30.20
C PRO C 384 -21.86 28.68 30.72
N THR C 385 -21.82 27.51 31.36
CA THR C 385 -20.59 26.96 31.89
C THR C 385 -19.58 26.61 30.82
N LYS C 386 -19.91 26.77 29.54
CA LYS C 386 -18.97 26.52 28.47
C LYS C 386 -18.43 27.79 27.83
N LEU C 387 -19.13 28.92 27.96
CA LEU C 387 -18.64 30.16 27.39
C LEU C 387 -17.37 30.62 28.09
N ASN C 388 -17.22 30.29 29.37
CA ASN C 388 -16.00 30.58 30.13
C ASN C 388 -14.82 29.81 29.57
N ASP C 389 -15.04 29.04 28.50
CA ASP C 389 -14.00 28.25 27.88
C ASP C 389 -13.73 28.68 26.45
N LEU C 390 -14.74 28.74 25.60
CA LEU C 390 -14.58 29.18 24.23
C LEU C 390 -15.34 30.48 24.04
N CYS C 391 -14.75 31.41 23.30
CA CYS C 391 -15.42 32.62 22.84
C CYS C 391 -14.55 33.25 21.75
N PHE C 392 -14.90 34.45 21.33
CA PHE C 392 -14.34 35.02 20.12
C PHE C 392 -14.05 36.49 20.37
N THR C 393 -13.87 37.24 19.29
CA THR C 393 -13.93 38.70 19.32
C THR C 393 -15.40 39.13 19.30
N ASN C 394 -15.63 40.41 19.03
CA ASN C 394 -16.99 40.94 18.85
C ASN C 394 -17.83 40.73 20.11
N VAL C 395 -17.43 41.47 21.14
CA VAL C 395 -17.98 41.31 22.47
C VAL C 395 -18.74 42.59 22.80
N TYR C 396 -19.37 43.18 21.79
CA TYR C 396 -20.16 44.38 22.01
C TYR C 396 -21.32 44.11 22.97
N ALA C 397 -21.62 45.09 23.82
CA ALA C 397 -22.57 44.91 24.90
C ALA C 397 -23.47 46.13 25.02
N ASP C 398 -24.42 46.05 25.95
CA ASP C 398 -25.34 47.13 26.25
C ASP C 398 -25.67 47.09 27.73
N SER C 399 -25.96 48.26 28.29
CA SER C 399 -26.36 48.37 29.69
C SER C 399 -27.39 49.47 29.79
N PHE C 400 -28.66 49.10 30.03
CA PHE C 400 -29.73 50.09 29.96
C PHE C 400 -30.63 50.04 31.19
N VAL C 401 -31.71 50.82 31.15
CA VAL C 401 -32.69 50.87 32.22
C VAL C 401 -34.01 50.39 31.64
N ILE C 402 -34.65 49.44 32.31
CA ILE C 402 -35.88 48.86 31.81
C ILE C 402 -36.85 48.68 32.97
N ARG C 403 -38.11 49.02 32.73
CA ARG C 403 -39.16 48.75 33.68
C ARG C 403 -39.26 47.25 33.94
N GLY C 404 -39.26 46.88 35.22
CA GLY C 404 -39.18 45.48 35.62
C GLY C 404 -40.13 44.53 34.94
N ASP C 405 -41.17 45.06 34.29
CA ASP C 405 -42.18 44.21 33.68
C ASP C 405 -41.64 43.52 32.43
N GLU C 406 -41.13 44.30 31.49
CA GLU C 406 -40.88 43.82 30.14
C GLU C 406 -39.76 42.80 30.07
N VAL C 407 -38.91 42.73 31.10
CA VAL C 407 -37.74 41.85 31.08
C VAL C 407 -38.13 40.44 30.71
N ARG C 408 -39.24 39.94 31.24
CA ARG C 408 -39.60 38.54 31.06
C ARG C 408 -39.71 38.12 29.61
N GLN C 409 -39.63 39.04 28.66
CA GLN C 409 -39.78 38.69 27.26
C GLN C 409 -38.59 39.06 26.39
N ILE C 410 -37.52 39.60 26.96
CA ILE C 410 -36.31 39.91 26.18
C ILE C 410 -35.78 38.61 25.60
N ALA C 411 -35.80 38.51 24.27
CA ALA C 411 -35.59 37.20 23.65
C ALA C 411 -35.38 37.36 22.14
N PRO C 412 -35.06 36.28 21.42
CA PRO C 412 -35.06 36.37 19.95
C PRO C 412 -36.48 36.31 19.41
N GLY C 413 -36.88 37.35 18.69
CA GLY C 413 -38.19 37.38 18.07
C GLY C 413 -39.30 37.74 19.05
N GLN C 414 -39.18 37.26 20.28
CA GLN C 414 -40.09 37.62 21.36
C GLN C 414 -39.48 38.79 22.12
N THR C 415 -40.28 39.83 22.31
CA THR C 415 -39.82 41.01 23.03
C THR C 415 -41.04 41.81 23.43
N GLY C 416 -41.11 42.16 24.71
CA GLY C 416 -42.14 43.04 25.20
C GLY C 416 -42.24 44.26 24.30
N LYS C 417 -43.45 44.59 23.90
CA LYS C 417 -43.63 45.57 22.83
C LYS C 417 -43.24 46.96 23.31
N ILE C 418 -42.82 47.07 24.57
CA ILE C 418 -42.16 48.30 25.02
C ILE C 418 -40.86 48.50 24.25
N ALA C 419 -39.97 47.51 24.30
CA ALA C 419 -38.73 47.55 23.56
C ALA C 419 -38.91 47.08 22.13
N ASP C 420 -40.15 46.89 21.69
CA ASP C 420 -40.43 46.66 20.28
C ASP C 420 -39.63 47.61 19.39
N TYR C 421 -39.48 48.87 19.81
CA TYR C 421 -38.64 49.82 19.09
C TYR C 421 -37.31 49.99 19.80
N ASN C 422 -37.37 50.05 21.13
CA ASN C 422 -36.23 50.46 21.93
C ASN C 422 -35.06 49.50 21.75
N TYR C 423 -35.34 48.20 21.64
CA TYR C 423 -34.29 47.21 21.50
C TYR C 423 -34.91 45.89 21.09
N LYS C 424 -34.48 45.35 19.95
CA LYS C 424 -34.99 44.07 19.48
C LYS C 424 -33.83 43.22 18.98
N LEU C 425 -33.97 41.91 19.14
CA LEU C 425 -33.03 40.84 18.86
C LEU C 425 -33.53 39.92 17.77
N PRO C 426 -32.63 39.32 17.00
CA PRO C 426 -33.01 38.26 16.08
C PRO C 426 -32.79 36.89 16.72
N ASP C 427 -33.19 35.86 15.99
CA ASP C 427 -32.74 34.52 16.31
C ASP C 427 -31.30 34.37 15.81
N ASP C 428 -30.76 33.16 15.97
CA ASP C 428 -29.38 32.88 15.57
C ASP C 428 -28.42 33.85 16.23
N PHE C 429 -28.74 34.22 17.47
CA PHE C 429 -27.99 35.21 18.24
C PHE C 429 -27.05 34.46 19.18
N THR C 430 -25.76 34.48 18.88
CA THR C 430 -24.78 33.75 19.67
C THR C 430 -24.24 34.69 20.74
N GLY C 431 -24.80 34.61 21.94
CA GLY C 431 -24.36 35.44 23.04
C GLY C 431 -25.12 35.09 24.29
N CYS C 432 -25.22 36.04 25.20
CA CYS C 432 -26.10 35.88 26.35
C CYS C 432 -26.78 37.19 26.70
N VAL C 433 -27.86 37.06 27.46
CA VAL C 433 -28.70 38.17 27.87
C VAL C 433 -29.08 38.00 29.33
N ILE C 434 -28.44 38.77 30.22
CA ILE C 434 -28.63 38.61 31.65
C ILE C 434 -29.11 39.92 32.23
N ALA C 435 -29.73 39.85 33.41
CA ALA C 435 -30.38 41.03 33.96
C ALA C 435 -30.66 40.86 35.45
N TRP C 436 -30.92 41.98 36.10
CA TRP C 436 -31.25 42.03 37.53
C TRP C 436 -31.89 43.38 37.84
N ASN C 437 -32.00 43.71 39.13
CA ASN C 437 -32.77 44.85 39.61
C ASN C 437 -31.91 46.10 39.74
N SER C 438 -32.56 47.28 39.61
CA SER C 438 -31.89 48.56 39.79
C SER C 438 -32.72 49.58 40.55
N ASN C 439 -33.82 49.18 41.18
CA ASN C 439 -34.66 50.13 41.89
C ASN C 439 -34.01 50.69 43.14
N ASN C 440 -32.76 50.32 43.40
CA ASN C 440 -32.06 50.78 44.59
C ASN C 440 -31.79 52.29 44.53
N LEU C 441 -31.13 52.76 43.49
CA LEU C 441 -30.93 54.19 43.31
C LEU C 441 -31.55 54.73 42.04
N ASP C 442 -31.71 53.90 41.01
CA ASP C 442 -32.19 54.35 39.70
C ASP C 442 -33.71 54.53 39.72
N SER C 443 -34.14 55.45 40.56
CA SER C 443 -35.54 55.77 40.80
C SER C 443 -35.58 57.01 41.67
N LYS C 444 -36.53 57.89 41.41
CA LYS C 444 -36.60 59.15 42.13
C LYS C 444 -38.03 59.46 42.52
N VAL C 445 -38.17 60.28 43.57
CA VAL C 445 -39.50 60.68 44.00
C VAL C 445 -40.20 61.39 42.84
N GLY C 446 -41.52 61.30 42.84
CA GLY C 446 -42.28 61.80 41.72
C GLY C 446 -42.08 61.07 40.42
N GLY C 447 -41.23 60.04 40.39
CA GLY C 447 -41.00 59.29 39.18
C GLY C 447 -39.88 59.88 38.34
N ASN C 448 -38.99 59.03 37.82
CA ASN C 448 -37.86 59.50 37.04
C ASN C 448 -38.32 59.69 35.59
N TYR C 449 -38.91 60.84 35.34
CA TYR C 449 -39.32 61.17 33.98
C TYR C 449 -38.13 61.46 33.07
N ASN C 450 -36.91 61.40 33.62
CA ASN C 450 -35.69 61.67 32.88
C ASN C 450 -35.58 60.84 31.61
N TYR C 451 -36.28 59.72 31.55
CA TYR C 451 -36.23 58.84 30.39
C TYR C 451 -37.61 58.70 29.78
N LEU C 452 -37.70 58.89 28.47
CA LEU C 452 -38.91 58.59 27.71
C LEU C 452 -38.69 57.32 26.92
N TYR C 453 -39.66 56.43 26.96
CA TYR C 453 -39.60 55.19 26.20
C TYR C 453 -40.54 55.28 25.00
N ARG C 454 -40.06 54.83 23.85
CA ARG C 454 -40.82 54.92 22.61
C ARG C 454 -41.99 53.95 22.64
N LEU C 455 -43.03 54.27 21.86
CA LEU C 455 -44.30 53.57 22.02
C LEU C 455 -44.70 52.74 20.81
N PHE C 456 -45.03 53.39 19.70
CA PHE C 456 -45.78 52.72 18.62
C PHE C 456 -45.61 53.49 17.32
N ARG C 457 -45.21 52.75 16.30
CA ARG C 457 -44.86 53.23 14.96
C ARG C 457 -45.84 52.66 13.94
N LYS C 458 -45.88 53.29 12.76
CA LYS C 458 -46.73 52.77 11.70
C LYS C 458 -46.17 51.47 11.11
N SER C 459 -44.95 51.10 11.48
CA SER C 459 -44.31 49.92 10.92
C SER C 459 -43.41 49.25 11.97
N ASN C 460 -43.30 47.92 11.85
CA ASN C 460 -42.51 47.12 12.77
C ASN C 460 -41.02 47.48 12.67
N LEU C 461 -40.27 47.01 13.66
CA LEU C 461 -38.82 47.10 13.64
C LEU C 461 -38.20 45.72 13.56
N LYS C 462 -37.12 45.63 12.81
CA LYS C 462 -36.26 44.47 12.67
C LYS C 462 -34.99 44.67 13.50
N PRO C 463 -34.38 43.59 13.99
CA PRO C 463 -33.38 43.73 15.04
C PRO C 463 -32.13 44.47 14.56
N PHE C 464 -31.40 45.00 15.55
CA PHE C 464 -30.13 45.69 15.39
C PHE C 464 -30.27 47.11 14.86
N GLU C 465 -31.44 47.47 14.37
CA GLU C 465 -31.69 48.82 13.94
C GLU C 465 -32.96 49.34 14.60
N ARG C 466 -32.95 50.63 14.91
CA ARG C 466 -33.97 51.26 15.74
C ARG C 466 -34.36 52.57 15.08
N ASP C 467 -35.09 53.42 15.83
CA ASP C 467 -35.44 54.76 15.36
C ASP C 467 -35.12 55.75 16.47
N ILE C 468 -34.01 56.48 16.31
CA ILE C 468 -33.56 57.36 17.38
C ILE C 468 -33.76 58.82 17.00
N SER C 469 -34.93 59.35 17.36
CA SER C 469 -35.28 60.77 17.30
C SER C 469 -36.64 60.90 17.97
N THR C 470 -36.95 62.12 18.40
CA THR C 470 -38.11 62.34 19.26
C THR C 470 -39.40 61.93 18.55
N GLU C 471 -40.23 61.15 19.25
CA GLU C 471 -41.50 60.65 18.73
C GLU C 471 -42.63 61.35 19.49
N ILE C 472 -43.43 62.11 18.75
CA ILE C 472 -44.68 62.65 19.27
C ILE C 472 -45.79 62.00 18.46
N TYR C 473 -46.55 61.12 19.11
CA TYR C 473 -47.40 60.21 18.36
C TYR C 473 -48.32 60.96 17.42
N GLN C 474 -48.45 60.44 16.21
CA GLN C 474 -49.32 61.01 15.19
C GLN C 474 -50.60 60.20 15.13
N ALA C 475 -51.73 60.84 15.44
CA ALA C 475 -53.02 60.17 15.28
C ALA C 475 -53.28 59.79 13.84
N GLY C 476 -52.59 60.47 12.92
CA GLY C 476 -52.73 60.18 11.48
C GLY C 476 -51.58 60.79 10.69
N SER C 477 -51.78 61.08 9.41
CA SER C 477 -50.73 61.77 8.62
C SER C 477 -50.05 62.79 9.52
N THR C 478 -50.83 63.69 10.13
CA THR C 478 -50.26 64.68 11.09
C THR C 478 -50.75 64.29 12.49
N PRO C 479 -50.08 64.72 13.59
CA PRO C 479 -50.57 64.43 14.94
C PRO C 479 -51.84 65.22 15.22
N CYS C 480 -52.41 65.07 16.41
CA CYS C 480 -53.71 65.68 16.65
C CYS C 480 -53.55 67.19 16.68
N ASN C 481 -53.72 67.83 15.54
CA ASN C 481 -53.53 69.26 15.41
C ASN C 481 -54.86 69.96 15.19
N TYR C 489 -50.35 68.16 19.91
CA TYR C 489 -50.11 67.78 21.30
C TYR C 489 -49.32 66.48 21.29
N PHE C 490 -49.01 65.94 22.46
CA PHE C 490 -48.04 64.87 22.59
C PHE C 490 -48.54 63.71 23.44
N PRO C 491 -48.64 62.49 22.90
CA PRO C 491 -48.83 61.31 23.74
C PRO C 491 -47.54 60.57 24.11
N LEU C 492 -46.38 61.06 23.67
CA LEU C 492 -45.11 60.43 24.02
C LEU C 492 -45.03 60.26 25.53
N GLN C 493 -44.43 59.15 25.96
CA GLN C 493 -44.45 58.81 27.37
C GLN C 493 -43.04 58.64 27.91
N SER C 494 -42.85 59.04 29.16
CA SER C 494 -41.60 58.87 29.88
C SER C 494 -41.84 58.01 31.11
N TYR C 495 -40.82 57.25 31.49
CA TYR C 495 -40.91 56.44 32.68
C TYR C 495 -41.07 57.29 33.93
N GLY C 496 -41.53 56.64 35.00
CA GLY C 496 -41.55 57.19 36.33
C GLY C 496 -41.20 56.11 37.34
N PHE C 497 -40.24 56.38 38.22
CA PHE C 497 -39.73 55.37 39.13
C PHE C 497 -39.57 55.96 40.52
N GLN C 498 -40.61 55.79 41.33
CA GLN C 498 -40.55 56.12 42.74
C GLN C 498 -39.84 55.00 43.49
N PRO C 499 -38.90 55.30 44.38
CA PRO C 499 -38.22 54.24 45.14
C PRO C 499 -39.18 53.29 45.84
N THR C 500 -40.46 53.66 45.94
CA THR C 500 -41.49 52.77 46.45
C THR C 500 -42.34 52.19 45.33
N ASN C 501 -41.74 51.84 44.19
CA ASN C 501 -42.51 51.33 43.07
C ASN C 501 -42.90 49.86 43.30
N GLY C 502 -43.71 49.34 42.37
CA GLY C 502 -44.25 48.00 42.48
C GLY C 502 -43.28 46.93 42.03
N VAL C 503 -43.74 45.68 42.12
CA VAL C 503 -42.90 44.54 41.80
C VAL C 503 -42.58 44.49 40.32
N GLY C 504 -43.60 44.53 39.48
CA GLY C 504 -43.37 44.49 38.05
C GLY C 504 -42.86 45.78 37.46
N TYR C 505 -42.50 46.76 38.28
CA TYR C 505 -42.07 48.05 37.76
C TYR C 505 -40.80 48.57 38.42
N GLN C 506 -40.03 47.67 39.02
CA GLN C 506 -38.67 48.03 39.41
C GLN C 506 -37.87 48.29 38.14
N PRO C 507 -37.34 49.50 37.95
CA PRO C 507 -36.38 49.69 36.85
C PRO C 507 -35.25 48.69 37.02
N TYR C 508 -35.20 47.73 36.12
CA TYR C 508 -34.27 46.62 36.27
C TYR C 508 -32.90 46.96 35.69
N ARG C 509 -31.92 46.15 36.06
CA ARG C 509 -30.57 46.21 35.50
C ARG C 509 -30.40 45.11 34.47
N VAL C 510 -29.87 45.48 33.31
CA VAL C 510 -29.93 44.65 32.12
C VAL C 510 -28.63 44.79 31.33
N VAL C 511 -28.18 43.67 30.76
CA VAL C 511 -26.97 43.62 29.93
C VAL C 511 -27.18 42.58 28.84
N VAL C 512 -26.58 42.82 27.68
CA VAL C 512 -26.61 41.89 26.55
C VAL C 512 -25.19 41.67 26.07
N LEU C 513 -24.85 40.43 25.73
CA LEU C 513 -23.50 40.10 25.33
C LEU C 513 -23.48 39.50 23.94
N SER C 514 -22.40 39.75 23.21
CA SER C 514 -22.23 39.32 21.83
C SER C 514 -21.03 38.39 21.72
N PHE C 515 -21.23 37.22 21.11
CA PHE C 515 -20.18 36.22 20.90
C PHE C 515 -20.24 35.75 19.45
N GLU C 516 -19.56 36.48 18.56
CA GLU C 516 -19.47 36.09 17.16
C GLU C 516 -18.04 36.33 16.69
N LEU C 517 -17.73 35.88 15.48
CA LEU C 517 -16.37 35.97 14.99
C LEU C 517 -16.39 36.30 13.51
N LEU C 518 -15.77 37.42 13.14
CA LEU C 518 -15.45 37.70 11.74
C LEU C 518 -14.22 36.89 11.36
N HIS C 519 -13.63 37.20 10.22
CA HIS C 519 -12.44 36.49 9.79
C HIS C 519 -11.18 37.01 10.45
N ALA C 520 -11.33 37.93 11.39
CA ALA C 520 -10.22 38.44 12.16
C ALA C 520 -9.68 37.35 13.10
N PRO C 521 -8.55 37.61 13.77
CA PRO C 521 -8.05 36.71 14.82
C PRO C 521 -8.68 36.92 16.20
N ALA C 522 -8.01 36.37 17.21
CA ALA C 522 -8.20 36.72 18.62
C ALA C 522 -9.48 36.21 19.28
N THR C 523 -9.61 34.90 19.39
CA THR C 523 -10.49 34.32 20.41
C THR C 523 -9.97 34.65 21.80
N VAL C 524 -10.61 35.61 22.46
CA VAL C 524 -10.05 36.14 23.70
C VAL C 524 -10.90 35.64 24.87
N CYS C 525 -10.50 34.51 25.44
CA CYS C 525 -11.39 33.76 26.32
C CYS C 525 -10.65 33.36 27.58
N GLY C 526 -11.39 32.75 28.51
CA GLY C 526 -10.89 32.47 29.83
C GLY C 526 -9.72 31.51 29.85
N PRO C 527 -8.78 31.74 30.76
CA PRO C 527 -7.62 30.85 30.92
C PRO C 527 -8.04 29.58 31.65
N LYS C 528 -7.07 28.70 31.91
CA LYS C 528 -7.40 27.38 32.52
C LYS C 528 -7.15 27.38 34.03
N LYS C 529 -7.13 28.56 34.67
CA LYS C 529 -6.97 28.65 36.15
C LYS C 529 -5.56 28.21 36.58
N SER C 530 -4.87 27.43 35.75
CA SER C 530 -3.48 26.97 36.05
C SER C 530 -3.47 25.82 37.06
N THR C 531 -2.92 24.67 36.69
CA THR C 531 -2.79 23.52 37.58
C THR C 531 -1.35 23.29 37.97
N ASN C 532 -1.13 22.90 39.23
CA ASN C 532 0.22 22.82 39.78
C ASN C 532 0.99 21.67 39.15
N LEU C 533 2.23 21.94 38.76
CA LEU C 533 3.02 20.98 38.02
C LEU C 533 3.52 19.86 38.92
N VAL C 534 4.04 18.81 38.29
CA VAL C 534 4.58 17.66 39.00
C VAL C 534 5.86 17.24 38.29
N LYS C 535 6.79 16.68 39.07
CA LYS C 535 8.03 16.15 38.56
C LYS C 535 8.19 14.71 39.04
N ASN C 536 9.22 14.04 38.50
CA ASN C 536 9.66 12.75 38.98
C ASN C 536 8.53 11.72 39.02
N LYS C 537 7.59 11.82 38.09
CA LYS C 537 6.54 10.82 37.96
C LYS C 537 5.97 10.91 36.55
N CYS C 538 6.10 9.83 35.80
CA CYS C 538 5.61 9.81 34.43
C CYS C 538 4.14 10.24 34.41
N VAL C 539 3.80 11.13 33.49
CA VAL C 539 2.50 11.76 33.47
C VAL C 539 2.07 11.99 32.03
N ASN C 540 0.77 12.04 31.84
CA ASN C 540 0.18 12.48 30.58
C ASN C 540 0.09 14.01 30.58
N PHE C 541 1.25 14.64 30.72
CA PHE C 541 1.31 16.09 30.76
C PHE C 541 0.74 16.68 29.47
N ASN C 542 0.27 17.92 29.57
CA ASN C 542 -0.32 18.60 28.43
C ASN C 542 -0.15 20.10 28.64
N PHE C 543 0.85 20.67 27.98
CA PHE C 543 1.11 22.10 28.07
C PHE C 543 0.21 22.84 27.09
N ASN C 544 0.54 24.10 26.81
CA ASN C 544 -0.38 24.96 26.10
C ASN C 544 -0.58 24.50 24.66
N GLY C 545 -1.27 23.37 24.49
CA GLY C 545 -1.46 22.76 23.19
C GLY C 545 -0.51 21.61 22.96
N LEU C 546 0.75 21.78 23.35
CA LEU C 546 1.69 20.68 23.33
C LEU C 546 1.26 19.64 24.34
N THR C 547 1.51 18.37 24.01
CA THR C 547 1.28 17.29 24.95
C THR C 547 2.16 16.11 24.59
N GLY C 548 2.23 15.16 25.50
CA GLY C 548 3.06 13.99 25.32
C GLY C 548 2.98 13.12 26.55
N THR C 549 4.12 12.68 27.06
CA THR C 549 4.15 11.89 28.27
C THR C 549 5.56 11.97 28.81
N GLY C 550 5.76 11.45 30.02
CA GLY C 550 7.12 11.32 30.51
C GLY C 550 7.35 11.87 31.89
N VAL C 551 8.62 11.88 32.30
CA VAL C 551 9.01 12.52 33.54
C VAL C 551 9.61 13.89 33.25
N LEU C 552 9.03 14.91 33.84
CA LEU C 552 9.65 16.22 33.80
C LEU C 552 10.70 16.29 34.90
N THR C 553 11.80 16.97 34.61
CA THR C 553 12.90 17.01 35.55
C THR C 553 13.70 18.29 35.30
N GLU C 554 14.84 18.40 35.96
CA GLU C 554 15.71 19.54 35.75
C GLU C 554 16.04 19.69 34.28
N SER C 555 16.56 20.86 33.94
CA SER C 555 16.88 21.18 32.55
C SER C 555 18.00 22.20 32.57
N ASN C 556 19.24 21.72 32.44
CA ASN C 556 20.35 22.66 32.46
C ASN C 556 20.37 23.52 31.21
N LYS C 557 19.89 22.99 30.08
CA LYS C 557 20.00 23.68 28.82
C LYS C 557 19.41 25.07 28.92
N LYS C 558 20.17 26.06 28.46
CA LYS C 558 19.87 27.46 28.69
C LYS C 558 19.19 28.03 27.46
N PHE C 559 17.90 28.33 27.56
CA PHE C 559 17.18 28.88 26.42
C PHE C 559 17.51 30.35 26.22
N LEU C 560 16.74 30.99 25.35
CA LEU C 560 16.74 32.40 25.09
C LEU C 560 15.33 32.92 25.29
N PRO C 561 15.14 34.23 25.44
CA PRO C 561 13.88 34.73 25.99
C PRO C 561 12.70 34.63 25.04
N PHE C 562 12.82 33.87 23.95
CA PHE C 562 11.76 33.89 22.95
C PHE C 562 11.52 32.51 22.38
N GLN C 563 11.79 31.46 23.14
CA GLN C 563 11.75 30.11 22.61
C GLN C 563 10.77 29.28 23.43
N GLN C 564 9.57 29.09 22.89
CA GLN C 564 8.53 28.39 23.63
C GLN C 564 9.01 27.02 24.09
N PHE C 565 9.46 26.18 23.17
CA PHE C 565 9.78 24.81 23.49
C PHE C 565 10.88 24.33 22.57
N GLY C 566 11.37 23.12 22.83
CA GLY C 566 12.56 22.65 22.17
C GLY C 566 12.45 21.22 21.67
N ARG C 567 13.18 20.95 20.59
CA ARG C 567 13.37 19.62 20.04
C ARG C 567 14.81 19.52 19.58
N ASP C 568 15.34 18.29 19.58
CA ASP C 568 16.78 18.10 19.34
C ASP C 568 17.09 17.64 17.92
N ILE C 569 16.56 16.49 17.52
CA ILE C 569 16.78 15.94 16.18
C ILE C 569 15.78 14.81 15.96
N ALA C 570 15.42 14.59 14.70
CA ALA C 570 14.33 13.72 14.29
C ALA C 570 12.99 14.23 14.77
N ASP C 571 12.94 15.47 15.25
CA ASP C 571 11.72 16.07 15.81
C ASP C 571 11.21 15.26 16.99
N THR C 572 12.02 15.22 18.04
CA THR C 572 11.67 14.67 19.32
C THR C 572 11.54 15.82 20.31
N THR C 573 10.39 15.92 20.97
CA THR C 573 10.12 17.02 21.87
C THR C 573 10.75 16.74 23.24
N ASP C 574 11.68 17.59 23.65
CA ASP C 574 12.49 17.29 24.83
C ASP C 574 12.81 18.47 25.73
N ALA C 575 12.32 19.67 25.46
CA ALA C 575 12.70 20.81 26.29
C ALA C 575 11.63 21.89 26.18
N VAL C 576 10.87 22.09 27.26
CA VAL C 576 9.78 23.05 27.29
C VAL C 576 10.06 24.10 28.34
N ARG C 577 9.90 25.35 27.97
CA ARG C 577 9.84 26.43 28.95
C ARG C 577 8.46 26.41 29.59
N ASP C 578 8.40 26.30 30.91
CA ASP C 578 7.09 26.27 31.55
C ASP C 578 6.40 27.61 31.36
N PRO C 579 5.10 27.62 31.07
CA PRO C 579 4.42 28.89 30.86
C PRO C 579 4.37 29.73 32.10
N GLN C 580 4.51 29.11 33.27
CA GLN C 580 4.32 29.87 34.50
C GLN C 580 5.47 30.82 34.74
N THR C 581 6.68 30.29 34.91
CA THR C 581 7.78 31.08 35.42
C THR C 581 8.96 31.16 34.46
N LEU C 582 8.73 30.90 33.18
CA LEU C 582 9.75 30.94 32.13
C LEU C 582 10.80 29.87 32.33
N GLU C 583 10.76 29.15 33.44
CA GLU C 583 11.77 28.14 33.74
C GLU C 583 11.67 27.01 32.71
N ILE C 584 12.67 26.14 32.69
CA ILE C 584 12.87 25.18 31.61
C ILE C 584 12.66 23.76 32.12
N LEU C 585 11.88 22.98 31.38
CA LEU C 585 11.51 21.63 31.79
C LEU C 585 11.89 20.60 30.74
N ASP C 586 12.23 19.41 31.22
CA ASP C 586 12.69 18.30 30.40
C ASP C 586 11.57 17.28 30.23
N ILE C 587 11.63 16.54 29.14
CA ILE C 587 10.65 15.50 28.82
C ILE C 587 11.40 14.24 28.44
N THR C 588 10.89 13.10 28.88
CA THR C 588 11.57 11.87 28.55
C THR C 588 10.60 10.71 28.57
N PRO C 589 10.29 10.11 27.42
CA PRO C 589 9.36 8.98 27.42
C PRO C 589 9.95 7.90 28.30
N CYS C 590 9.23 7.58 29.37
CA CYS C 590 9.88 6.87 30.45
C CYS C 590 9.79 5.36 30.23
N SER C 591 10.11 4.61 31.28
CA SER C 591 10.41 3.18 31.16
C SER C 591 9.35 2.43 30.39
N PHE C 592 9.79 1.69 29.38
CA PHE C 592 8.89 0.94 28.53
C PHE C 592 9.73 0.02 27.66
N GLY C 593 9.08 -0.94 27.06
CA GLY C 593 9.77 -1.88 26.21
C GLY C 593 9.04 -3.22 26.27
N GLY C 594 9.82 -4.28 26.21
CA GLY C 594 9.28 -5.62 26.13
C GLY C 594 9.83 -6.54 27.20
N VAL C 595 8.97 -7.40 27.70
CA VAL C 595 9.36 -8.40 28.67
C VAL C 595 9.90 -9.60 27.92
N SER C 596 10.56 -10.49 28.64
CA SER C 596 11.05 -11.72 28.05
C SER C 596 11.11 -12.78 29.13
N VAL C 597 10.79 -14.00 28.75
CA VAL C 597 10.72 -15.11 29.69
C VAL C 597 11.89 -16.04 29.45
N ILE C 598 12.38 -16.66 30.52
CA ILE C 598 13.44 -17.64 30.46
C ILE C 598 12.88 -18.94 30.96
N THR C 599 12.94 -19.99 30.15
CA THR C 599 12.39 -21.23 30.63
C THR C 599 13.44 -22.32 30.64
N PRO C 600 13.39 -23.22 31.59
CA PRO C 600 14.28 -24.36 31.56
C PRO C 600 13.73 -25.44 30.66
N GLY C 601 12.40 -25.51 30.55
CA GLY C 601 11.79 -26.54 29.75
C GLY C 601 10.50 -27.06 30.34
N THR C 602 9.45 -27.13 29.51
CA THR C 602 8.11 -27.36 30.02
C THR C 602 8.04 -28.62 30.85
N ASN C 603 8.21 -29.77 30.23
CA ASN C 603 7.97 -31.01 30.96
C ASN C 603 9.12 -31.35 31.90
N THR C 604 10.01 -30.40 32.17
CA THR C 604 11.04 -30.61 33.16
C THR C 604 10.68 -29.99 34.49
N SER C 605 10.15 -28.76 34.46
CA SER C 605 9.65 -28.06 35.64
C SER C 605 8.78 -26.92 35.15
N ASN C 606 8.48 -25.98 36.04
CA ASN C 606 7.80 -24.78 35.57
C ASN C 606 8.29 -23.49 36.19
N GLN C 607 9.26 -23.54 37.10
CA GLN C 607 9.70 -22.34 37.79
C GLN C 607 10.54 -21.52 36.84
N VAL C 608 9.94 -20.54 36.21
CA VAL C 608 10.57 -19.83 35.14
C VAL C 608 11.12 -18.52 35.67
N ALA C 609 11.98 -17.91 34.89
CA ALA C 609 12.52 -16.61 35.20
C ALA C 609 11.68 -15.55 34.50
N VAL C 610 12.20 -14.33 34.44
CA VAL C 610 11.53 -13.24 33.77
C VAL C 610 12.56 -12.17 33.47
N LEU C 611 12.40 -11.48 32.36
CA LEU C 611 13.36 -10.43 32.00
C LEU C 611 12.65 -9.25 31.39
N TYR C 612 12.76 -8.10 32.04
CA TYR C 612 12.38 -6.83 31.44
C TYR C 612 13.64 -6.18 30.90
N GLN C 613 13.52 -5.52 29.77
CA GLN C 613 14.68 -4.97 29.09
C GLN C 613 14.76 -3.46 29.27
N ASP C 614 15.97 -2.92 29.15
CA ASP C 614 16.18 -1.50 28.98
C ASP C 614 15.57 -0.70 30.13
N VAL C 615 15.70 -1.24 31.34
CA VAL C 615 15.01 -0.68 32.50
C VAL C 615 15.90 -0.81 33.72
N ASN C 616 16.18 0.30 34.39
CA ASN C 616 16.72 0.23 35.73
C ASN C 616 15.74 -0.52 36.61
N CYS C 617 16.17 -1.62 37.20
CA CYS C 617 15.20 -2.54 37.80
C CYS C 617 14.65 -1.97 39.11
N THR C 618 14.06 -0.79 39.00
CA THR C 618 13.37 -0.19 40.12
C THR C 618 11.99 0.31 39.72
N GLU C 619 11.79 0.65 38.45
CA GLU C 619 10.50 1.21 38.05
C GLU C 619 9.40 0.18 38.16
N VAL C 620 9.49 -0.87 37.34
CA VAL C 620 8.38 -1.88 37.26
C VAL C 620 8.39 -2.92 38.38
N PRO C 621 9.52 -3.33 39.00
CA PRO C 621 9.53 -4.38 40.01
C PRO C 621 8.12 -4.65 40.56
N VAL C 622 7.46 -3.64 41.11
CA VAL C 622 6.05 -3.80 41.57
C VAL C 622 5.29 -2.51 41.23
N ALA C 623 5.03 -2.26 39.94
CA ALA C 623 4.39 -1.00 39.58
C ALA C 623 3.29 -1.19 38.53
N ILE C 624 3.64 -1.70 37.35
CA ILE C 624 2.67 -1.90 36.28
C ILE C 624 2.98 -3.20 35.56
N HIS C 625 1.93 -3.79 34.99
CA HIS C 625 2.02 -4.91 34.07
C HIS C 625 2.64 -6.14 34.75
N ALA C 626 1.96 -6.59 35.80
CA ALA C 626 2.23 -7.92 36.31
C ALA C 626 1.69 -8.94 35.31
N ASP C 627 2.56 -9.81 34.81
CA ASP C 627 2.13 -10.82 33.84
C ASP C 627 1.47 -11.99 34.54
N GLN C 628 0.53 -11.68 35.42
CA GLN C 628 -0.17 -12.71 36.18
C GLN C 628 -1.21 -13.33 35.26
N THR C 638 6.90 -10.76 42.72
CA THR C 638 6.38 -12.06 42.32
C THR C 638 7.27 -13.19 42.81
N GLY C 639 8.54 -12.88 43.09
CA GLY C 639 9.53 -13.91 43.39
C GLY C 639 10.51 -13.61 44.51
N SER C 640 11.81 -13.71 44.22
CA SER C 640 12.85 -13.68 45.24
C SER C 640 13.77 -12.47 45.15
N ASN C 641 14.44 -12.26 44.02
CA ASN C 641 15.50 -11.27 43.95
C ASN C 641 15.55 -10.65 42.57
N VAL C 642 16.41 -9.65 42.42
CA VAL C 642 16.60 -8.95 41.16
C VAL C 642 18.09 -8.70 40.97
N PHE C 643 18.67 -9.26 39.92
CA PHE C 643 20.09 -9.14 39.65
C PHE C 643 20.27 -8.14 38.53
N GLN C 644 20.63 -6.91 38.89
CA GLN C 644 20.83 -5.89 37.88
C GLN C 644 21.88 -6.34 36.88
N THR C 645 21.65 -6.03 35.61
CA THR C 645 22.57 -6.42 34.55
C THR C 645 22.80 -5.24 33.62
N ARG C 646 23.64 -5.48 32.61
CA ARG C 646 23.76 -4.49 31.55
C ARG C 646 22.57 -4.56 30.60
N ALA C 647 22.02 -5.76 30.39
CA ALA C 647 20.86 -5.89 29.54
C ALA C 647 19.60 -5.40 30.22
N GLY C 648 19.43 -5.75 31.48
CA GLY C 648 18.24 -5.38 32.23
C GLY C 648 18.22 -6.03 33.58
N CYS C 649 17.10 -6.61 33.97
CA CYS C 649 17.05 -7.30 35.25
C CYS C 649 16.13 -8.50 35.12
N LEU C 650 15.97 -9.20 36.24
CA LEU C 650 15.24 -10.45 36.23
C LEU C 650 14.78 -10.76 37.64
N ILE C 651 13.93 -11.79 37.74
CA ILE C 651 13.44 -12.30 39.01
C ILE C 651 13.41 -13.82 38.93
N GLY C 652 14.11 -14.48 39.85
CA GLY C 652 14.03 -15.92 39.90
C GLY C 652 15.37 -16.62 39.97
N ALA C 653 16.43 -15.96 39.53
CA ALA C 653 17.76 -16.53 39.59
C ALA C 653 18.69 -15.48 40.20
N GLU C 654 19.96 -15.85 40.35
CA GLU C 654 20.95 -14.90 40.81
C GLU C 654 22.31 -15.31 40.27
N HIS C 655 23.31 -14.52 40.60
CA HIS C 655 24.65 -14.76 40.11
C HIS C 655 25.40 -15.72 41.03
N VAL C 656 26.39 -16.38 40.45
CA VAL C 656 27.35 -17.17 41.20
C VAL C 656 28.72 -16.89 40.61
N ASN C 657 29.73 -16.83 41.49
CA ASN C 657 31.06 -16.36 41.07
C ASN C 657 31.64 -17.21 39.95
N ASN C 658 31.22 -18.46 39.84
CA ASN C 658 31.81 -19.38 38.87
C ASN C 658 31.28 -19.03 37.49
N SER C 659 31.46 -19.94 36.54
CA SER C 659 30.69 -19.86 35.30
C SER C 659 30.68 -21.24 34.67
N TYR C 660 30.03 -21.33 33.52
CA TYR C 660 29.92 -22.58 32.76
C TYR C 660 29.87 -22.19 31.29
N GLU C 661 29.39 -23.11 30.45
CA GLU C 661 29.17 -22.82 29.04
C GLU C 661 27.75 -22.32 28.84
N CYS C 662 27.57 -21.45 27.84
CA CYS C 662 26.27 -20.83 27.63
C CYS C 662 25.24 -21.86 27.23
N ASP C 663 24.06 -21.75 27.78
CA ASP C 663 23.01 -22.71 27.52
C ASP C 663 21.69 -22.07 27.11
N ILE C 664 21.34 -20.94 27.69
CA ILE C 664 20.15 -20.18 27.32
C ILE C 664 20.56 -18.71 27.36
N PRO C 665 20.75 -18.10 26.23
CA PRO C 665 21.51 -16.86 26.18
C PRO C 665 20.66 -15.62 26.37
N ILE C 666 21.14 -14.68 27.18
CA ILE C 666 20.42 -13.42 27.37
C ILE C 666 21.03 -12.35 26.51
N GLY C 667 22.27 -12.01 26.82
CA GLY C 667 22.91 -10.87 26.21
C GLY C 667 23.90 -10.25 27.17
N ALA C 668 24.55 -9.18 26.69
CA ALA C 668 25.53 -8.44 27.48
C ALA C 668 26.52 -9.37 28.16
N GLY C 669 26.75 -10.52 27.54
CA GLY C 669 27.62 -11.50 28.16
C GLY C 669 27.04 -12.14 29.39
N ILE C 670 25.74 -12.43 29.37
CA ILE C 670 25.10 -13.13 30.48
C ILE C 670 24.23 -14.24 29.92
N CYS C 671 24.53 -15.47 30.30
CA CYS C 671 23.69 -16.62 30.01
C CYS C 671 23.17 -17.17 31.32
N ALA C 672 21.97 -17.72 31.30
CA ALA C 672 21.35 -18.27 32.48
C ALA C 672 20.87 -19.68 32.19
N SER C 673 21.02 -20.55 33.18
CA SER C 673 20.78 -21.97 32.97
C SER C 673 20.09 -22.54 34.20
N TYR C 674 19.96 -23.87 34.20
CA TYR C 674 19.17 -24.59 35.18
C TYR C 674 20.02 -25.73 35.73
N GLN C 675 20.34 -25.67 37.02
CA GLN C 675 20.98 -26.82 37.65
C GLN C 675 20.03 -27.36 38.69
N GLN C 690 18.79 -26.83 41.38
CA GLN C 690 17.48 -26.82 42.01
C GLN C 690 16.53 -25.86 41.31
N SER C 691 17.07 -24.83 40.67
CA SER C 691 16.24 -23.83 40.04
C SER C 691 17.07 -23.11 38.99
N ILE C 692 16.55 -21.99 38.50
CA ILE C 692 17.22 -21.21 37.48
C ILE C 692 18.34 -20.40 38.11
N ILE C 693 19.46 -20.33 37.42
CA ILE C 693 20.64 -19.62 37.90
C ILE C 693 21.17 -18.77 36.76
N ALA C 694 21.71 -17.61 37.11
CA ALA C 694 22.36 -16.73 36.16
C ALA C 694 23.84 -16.64 36.48
N TYR C 695 24.59 -16.07 35.56
CA TYR C 695 26.04 -15.98 35.71
C TYR C 695 26.60 -15.16 34.57
N THR C 696 27.88 -14.87 34.68
CA THR C 696 28.64 -14.36 33.56
C THR C 696 29.25 -15.51 32.80
N MET C 697 29.61 -15.24 31.55
CA MET C 697 29.99 -16.27 30.61
C MET C 697 31.45 -16.68 30.80
N SER C 698 31.73 -17.96 30.68
CA SER C 698 33.09 -18.48 30.70
C SER C 698 33.41 -19.05 29.34
N LEU C 699 34.55 -18.66 28.79
CA LEU C 699 34.87 -19.10 27.44
C LEU C 699 35.35 -20.54 27.39
N GLY C 700 35.43 -21.23 28.53
CA GLY C 700 35.81 -22.62 28.52
C GLY C 700 36.85 -22.97 29.55
N ALA C 701 37.99 -23.50 29.12
CA ALA C 701 39.11 -23.79 29.99
C ALA C 701 40.28 -22.92 29.59
N GLU C 702 41.07 -22.49 30.57
CA GLU C 702 42.21 -21.63 30.32
C GLU C 702 43.48 -22.47 30.43
N ASN C 703 43.84 -23.12 29.32
CA ASN C 703 45.04 -23.93 29.32
C ASN C 703 46.23 -23.10 28.89
N SER C 704 47.40 -23.72 28.93
CA SER C 704 48.64 -23.04 28.60
C SER C 704 49.50 -23.96 27.77
N VAL C 705 49.97 -23.44 26.64
CA VAL C 705 50.90 -24.18 25.82
C VAL C 705 52.12 -24.53 26.65
N ALA C 706 52.75 -25.64 26.33
CA ALA C 706 54.01 -26.01 26.98
C ALA C 706 55.19 -25.37 26.27
N TYR C 707 55.10 -24.08 26.02
CA TYR C 707 56.08 -23.43 25.18
C TYR C 707 57.38 -23.23 25.93
N SER C 708 58.47 -23.24 25.16
CA SER C 708 59.76 -22.80 25.64
C SER C 708 60.56 -22.38 24.42
N ASN C 709 61.85 -22.13 24.62
CA ASN C 709 62.70 -21.70 23.52
C ASN C 709 62.88 -22.82 22.50
N ASN C 710 63.13 -24.04 22.97
CA ASN C 710 63.58 -25.12 22.11
C ASN C 710 62.89 -26.41 22.48
N SER C 711 61.59 -26.37 22.71
CA SER C 711 60.84 -27.56 23.06
C SER C 711 59.90 -27.94 21.93
N ILE C 712 59.71 -29.25 21.75
CA ILE C 712 58.84 -29.75 20.70
C ILE C 712 58.07 -30.95 21.22
N ALA C 713 56.79 -31.01 20.89
CA ALA C 713 55.97 -32.19 21.07
C ALA C 713 55.56 -32.73 19.72
N ILE C 714 55.43 -34.05 19.62
CA ILE C 714 55.18 -34.69 18.34
C ILE C 714 54.21 -35.85 18.53
N PRO C 715 53.15 -35.92 17.74
CA PRO C 715 52.14 -36.95 17.97
C PRO C 715 52.71 -38.36 17.86
N THR C 716 52.07 -39.29 18.56
CA THR C 716 52.38 -40.70 18.40
C THR C 716 51.21 -41.52 17.91
N ASN C 717 50.10 -41.55 18.63
CA ASN C 717 48.96 -42.39 18.30
C ASN C 717 47.91 -41.52 17.65
N PHE C 718 47.37 -41.98 16.52
CA PHE C 718 46.51 -41.16 15.68
C PHE C 718 45.12 -41.77 15.61
N THR C 719 44.13 -41.01 16.03
CA THR C 719 42.75 -41.49 16.10
C THR C 719 41.97 -40.98 14.91
N ILE C 720 41.44 -41.89 14.13
CA ILE C 720 40.60 -41.49 13.01
C ILE C 720 39.23 -41.12 13.55
N SER C 721 38.50 -40.28 12.83
CA SER C 721 37.28 -39.76 13.40
C SER C 721 36.36 -39.25 12.32
N VAL C 722 35.06 -39.30 12.60
CA VAL C 722 34.05 -38.84 11.68
C VAL C 722 33.24 -37.75 12.35
N THR C 723 32.40 -37.10 11.56
CA THR C 723 31.53 -36.08 12.09
C THR C 723 30.40 -35.83 11.14
N THR C 724 29.36 -35.20 11.65
CA THR C 724 28.24 -34.80 10.82
C THR C 724 28.47 -33.39 10.32
N GLU C 725 27.84 -33.05 9.21
CA GLU C 725 27.99 -31.75 8.57
C GLU C 725 26.83 -31.64 7.60
N ILE C 726 25.92 -30.72 7.83
CA ILE C 726 24.66 -30.72 7.09
C ILE C 726 24.48 -29.39 6.38
N LEU C 727 23.90 -29.44 5.19
CA LEU C 727 23.56 -28.27 4.42
C LEU C 727 22.21 -28.49 3.77
N PRO C 728 21.37 -27.48 3.71
CA PRO C 728 20.10 -27.62 3.01
C PRO C 728 20.33 -27.47 1.53
N VAL C 729 19.41 -28.03 0.74
CA VAL C 729 19.60 -27.87 -0.69
C VAL C 729 18.31 -27.51 -1.41
N SER C 730 17.17 -27.58 -0.73
CA SER C 730 15.93 -27.34 -1.45
C SER C 730 14.83 -26.96 -0.48
N MET C 731 13.91 -26.15 -0.96
CA MET C 731 12.67 -25.87 -0.25
C MET C 731 11.52 -26.33 -1.13
N THR C 732 10.44 -26.74 -0.47
CA THR C 732 9.29 -27.27 -1.19
C THR C 732 8.75 -26.24 -2.17
N LYS C 733 8.74 -26.58 -3.45
CA LYS C 733 8.23 -25.67 -4.46
C LYS C 733 6.81 -25.27 -4.15
N THR C 734 6.45 -24.04 -4.50
CA THR C 734 5.14 -23.52 -4.15
C THR C 734 4.80 -22.40 -5.11
N SER C 735 3.51 -22.26 -5.40
CA SER C 735 3.05 -21.11 -6.17
C SER C 735 1.57 -20.91 -5.88
N VAL C 736 1.10 -19.69 -6.16
CA VAL C 736 -0.30 -19.37 -6.02
C VAL C 736 -0.73 -18.55 -7.22
N ASP C 737 -1.90 -18.87 -7.76
CA ASP C 737 -2.53 -18.01 -8.77
C ASP C 737 -2.76 -16.61 -8.23
N CYS C 738 -2.40 -15.61 -9.02
CA CYS C 738 -2.64 -14.24 -8.58
C CYS C 738 -4.12 -14.00 -8.35
N THR C 739 -4.95 -14.36 -9.32
CA THR C 739 -6.31 -13.84 -9.30
C THR C 739 -7.27 -14.70 -8.48
N MET C 740 -7.28 -16.02 -8.64
CA MET C 740 -8.30 -16.79 -7.94
C MET C 740 -8.16 -16.62 -6.45
N TYR C 741 -6.92 -16.59 -5.95
CA TYR C 741 -6.74 -16.44 -4.53
C TYR C 741 -7.11 -15.05 -4.08
N ILE C 742 -6.69 -14.04 -4.83
CA ILE C 742 -6.97 -12.68 -4.42
C ILE C 742 -8.46 -12.39 -4.46
N CYS C 743 -9.26 -13.19 -5.16
CA CYS C 743 -10.69 -12.98 -5.18
C CYS C 743 -11.48 -14.14 -4.58
N GLY C 744 -11.45 -15.30 -5.21
CA GLY C 744 -12.28 -16.38 -4.76
C GLY C 744 -13.63 -16.31 -5.45
N ASP C 745 -13.84 -17.19 -6.44
CA ASP C 745 -15.16 -17.46 -7.02
C ASP C 745 -16.01 -16.21 -7.22
N SER C 746 -15.54 -15.32 -8.09
CA SER C 746 -16.32 -14.12 -8.37
C SER C 746 -15.93 -13.53 -9.70
N THR C 747 -16.86 -13.51 -10.64
CA THR C 747 -16.58 -12.93 -11.96
C THR C 747 -16.24 -11.45 -11.82
N GLU C 748 -17.16 -10.67 -11.28
CA GLU C 748 -16.96 -9.24 -11.12
C GLU C 748 -15.64 -8.92 -10.45
N CYS C 749 -15.14 -9.82 -9.61
CA CYS C 749 -13.86 -9.58 -8.99
C CYS C 749 -12.76 -9.52 -10.04
N SER C 750 -12.72 -10.53 -10.92
CA SER C 750 -11.91 -10.39 -12.11
C SER C 750 -12.21 -9.08 -12.80
N ASN C 751 -13.49 -8.82 -13.05
CA ASN C 751 -13.88 -7.57 -13.70
C ASN C 751 -13.50 -6.35 -12.89
N LEU C 752 -13.09 -6.51 -11.64
CA LEU C 752 -12.59 -5.41 -10.85
C LEU C 752 -11.08 -5.44 -10.65
N LEU C 753 -10.50 -6.59 -10.38
CA LEU C 753 -9.06 -6.60 -10.20
C LEU C 753 -8.34 -6.21 -11.47
N LEU C 754 -8.86 -6.66 -12.61
CA LEU C 754 -8.18 -6.42 -13.87
C LEU C 754 -8.05 -4.95 -14.21
N GLN C 755 -8.65 -4.07 -13.41
CA GLN C 755 -8.36 -2.66 -13.59
C GLN C 755 -6.94 -2.34 -13.16
N TYR C 756 -6.45 -2.97 -12.09
CA TYR C 756 -5.08 -2.73 -11.64
C TYR C 756 -4.10 -2.96 -12.77
N GLY C 757 -4.40 -3.87 -13.68
CA GLY C 757 -3.55 -4.10 -14.81
C GLY C 757 -2.73 -5.37 -14.71
N SER C 758 -1.47 -5.24 -14.36
CA SER C 758 -0.58 -6.37 -14.47
C SER C 758 0.22 -6.62 -13.20
N PHE C 759 -0.24 -6.12 -12.05
CA PHE C 759 0.41 -6.57 -10.82
C PHE C 759 0.30 -8.06 -10.66
N CYS C 760 -0.91 -8.61 -10.68
CA CYS C 760 -1.03 -9.99 -10.27
C CYS C 760 -0.32 -10.92 -11.25
N THR C 761 -0.38 -10.62 -12.55
CA THR C 761 0.33 -11.45 -13.51
C THR C 761 1.84 -11.33 -13.35
N GLN C 762 2.36 -10.11 -13.21
CA GLN C 762 3.78 -9.93 -12.98
C GLN C 762 4.26 -10.69 -11.76
N LEU C 763 3.36 -11.22 -10.96
CA LEU C 763 3.76 -12.03 -9.82
C LEU C 763 3.99 -13.49 -10.18
N ASN C 764 3.30 -14.01 -11.19
CA ASN C 764 3.54 -15.40 -11.56
C ASN C 764 4.99 -15.62 -11.93
N ARG C 765 5.56 -14.71 -12.74
CA ARG C 765 6.96 -14.87 -13.13
C ARG C 765 7.87 -14.80 -11.92
N ALA C 766 7.45 -14.13 -10.86
CA ALA C 766 8.26 -14.13 -9.65
C ALA C 766 8.35 -15.53 -9.07
N LEU C 767 7.23 -16.08 -8.62
CA LEU C 767 7.26 -17.39 -8.00
C LEU C 767 7.86 -18.43 -8.94
N THR C 768 7.39 -18.46 -10.19
CA THR C 768 7.91 -19.47 -11.11
C THR C 768 9.38 -19.25 -11.37
N GLY C 769 9.83 -18.00 -11.40
CA GLY C 769 11.23 -17.69 -11.59
C GLY C 769 12.14 -18.22 -10.50
N ILE C 770 11.58 -18.84 -9.46
CA ILE C 770 12.41 -19.55 -8.49
C ILE C 770 12.02 -21.01 -8.47
N ALA C 771 10.75 -21.30 -8.72
CA ALA C 771 10.28 -22.68 -8.59
C ALA C 771 11.06 -23.60 -9.51
N VAL C 772 11.44 -23.11 -10.69
CA VAL C 772 12.35 -23.89 -11.51
C VAL C 772 13.78 -23.68 -11.03
N GLU C 773 14.12 -22.48 -10.57
CA GLU C 773 15.47 -22.26 -10.08
C GLU C 773 15.74 -23.12 -8.86
N GLN C 774 14.71 -23.40 -8.07
CA GLN C 774 14.87 -24.28 -6.93
C GLN C 774 15.31 -25.67 -7.36
N ASP C 775 14.82 -26.13 -8.51
CA ASP C 775 15.22 -27.45 -8.97
C ASP C 775 16.36 -27.42 -9.96
N LYS C 776 16.59 -26.30 -10.64
CA LYS C 776 17.87 -26.16 -11.32
C LYS C 776 19.01 -26.29 -10.32
N ASN C 777 18.75 -25.91 -9.07
CA ASN C 777 19.77 -26.04 -8.03
C ASN C 777 20.16 -27.49 -7.84
N THR C 778 19.25 -28.29 -7.27
CA THR C 778 19.60 -29.63 -6.83
C THR C 778 20.38 -30.39 -7.89
N GLN C 779 19.98 -30.24 -9.14
CA GLN C 779 20.67 -30.84 -10.27
C GLN C 779 22.06 -30.25 -10.49
N GLU C 780 22.51 -29.33 -9.63
CA GLU C 780 23.91 -28.94 -9.61
C GLU C 780 24.57 -29.27 -8.28
N VAL C 781 24.01 -30.20 -7.53
CA VAL C 781 24.69 -30.64 -6.33
C VAL C 781 24.73 -32.14 -6.35
N PHE C 782 23.97 -32.75 -7.23
CA PHE C 782 23.93 -34.19 -7.28
C PHE C 782 24.25 -34.78 -8.63
N ALA C 783 23.87 -34.13 -9.71
CA ALA C 783 24.28 -34.59 -11.03
C ALA C 783 25.60 -33.95 -11.44
N GLN C 784 26.56 -34.00 -10.52
CA GLN C 784 27.88 -33.55 -10.87
C GLN C 784 28.61 -34.57 -11.72
N VAL C 785 28.27 -35.84 -11.59
CA VAL C 785 28.99 -36.91 -12.24
C VAL C 785 28.32 -37.24 -13.56
N LYS C 786 29.13 -37.56 -14.55
CA LYS C 786 28.61 -37.74 -15.90
C LYS C 786 27.77 -38.99 -15.99
N GLN C 787 28.22 -40.08 -15.38
CA GLN C 787 27.56 -41.36 -15.50
C GLN C 787 27.22 -41.88 -14.12
N ILE C 788 26.87 -43.16 -14.06
CA ILE C 788 26.62 -43.82 -12.81
C ILE C 788 27.83 -44.68 -12.48
N TYR C 789 27.85 -45.22 -11.28
CA TYR C 789 28.76 -46.30 -10.96
C TYR C 789 28.04 -47.30 -10.08
N LYS C 790 28.54 -48.52 -10.06
CA LYS C 790 27.96 -49.54 -9.20
C LYS C 790 29.06 -50.19 -8.39
N THR C 791 28.82 -50.34 -7.10
CA THR C 791 29.77 -51.02 -6.25
C THR C 791 30.02 -52.43 -6.79
N PRO C 792 31.24 -52.92 -6.73
CA PRO C 792 31.48 -54.30 -7.14
C PRO C 792 30.69 -55.24 -6.26
N PRO C 793 30.34 -56.41 -6.78
CA PRO C 793 29.38 -57.28 -6.06
C PRO C 793 29.86 -57.72 -4.70
N ILE C 794 31.04 -58.33 -4.62
CA ILE C 794 31.54 -58.82 -3.35
C ILE C 794 31.96 -57.65 -2.46
N LYS C 795 32.19 -57.96 -1.19
CA LYS C 795 32.62 -56.99 -0.20
C LYS C 795 33.98 -57.43 0.34
N ASP C 796 35.04 -56.76 -0.09
CA ASP C 796 36.35 -56.96 0.55
C ASP C 796 37.18 -55.69 0.39
N PHE C 797 37.22 -54.89 1.45
CA PHE C 797 38.07 -53.71 1.52
C PHE C 797 38.85 -53.80 2.81
N GLY C 798 39.97 -54.51 2.78
CA GLY C 798 40.95 -54.48 3.85
C GLY C 798 40.36 -54.36 5.25
N GLY C 799 39.29 -55.10 5.51
CA GLY C 799 38.64 -54.94 6.79
C GLY C 799 37.91 -53.64 6.97
N PHE C 800 37.74 -52.84 5.92
CA PHE C 800 36.92 -51.65 6.02
C PHE C 800 35.46 -52.05 5.83
N ASN C 801 34.73 -52.13 6.93
CA ASN C 801 33.32 -52.41 6.89
C ASN C 801 32.59 -51.21 6.35
N PHE C 802 31.68 -51.42 5.42
CA PHE C 802 30.90 -50.32 4.88
C PHE C 802 29.42 -50.66 4.89
N SER C 803 29.02 -51.48 5.84
CA SER C 803 27.63 -51.94 5.94
C SER C 803 26.68 -50.77 6.04
N GLN C 804 26.79 -50.03 7.13
CA GLN C 804 25.80 -49.02 7.44
C GLN C 804 25.80 -47.86 6.48
N ILE C 805 26.59 -47.88 5.42
CA ILE C 805 26.61 -46.73 4.53
C ILE C 805 26.33 -47.12 3.09
N LEU C 806 26.67 -48.35 2.71
CA LEU C 806 26.51 -48.78 1.33
C LEU C 806 25.03 -48.79 0.95
N PRO C 807 24.74 -48.58 -0.32
CA PRO C 807 23.35 -48.72 -0.77
C PRO C 807 22.90 -50.16 -0.64
N ASP C 808 21.95 -50.41 0.27
CA ASP C 808 21.54 -51.76 0.66
C ASP C 808 21.11 -52.58 -0.56
N PRO C 809 21.91 -53.58 -0.96
CA PRO C 809 21.51 -54.40 -2.11
C PRO C 809 20.34 -55.33 -1.84
N SER C 810 19.95 -55.52 -0.59
CA SER C 810 18.70 -56.21 -0.32
C SER C 810 17.49 -55.34 -0.66
N LYS C 811 17.72 -54.06 -0.92
CA LYS C 811 16.70 -53.13 -1.37
C LYS C 811 15.46 -53.16 -0.47
N PRO C 812 15.55 -52.61 0.73
CA PRO C 812 14.31 -52.43 1.52
C PRO C 812 13.34 -51.51 0.81
N SER C 813 13.79 -50.31 0.43
CA SER C 813 13.00 -49.38 -0.36
C SER C 813 13.87 -48.62 -1.35
N LYS C 814 14.92 -49.27 -1.88
CA LYS C 814 15.88 -48.63 -2.77
C LYS C 814 16.55 -47.44 -2.08
N ARG C 815 17.16 -47.73 -0.96
CA ARG C 815 17.78 -46.72 -0.12
C ARG C 815 19.01 -47.36 0.54
N SER C 816 19.53 -46.72 1.58
CA SER C 816 20.58 -47.31 2.38
C SER C 816 20.21 -47.16 3.85
N PHE C 817 21.10 -47.63 4.72
CA PHE C 817 20.73 -47.79 6.11
C PHE C 817 20.52 -46.44 6.80
N ILE C 818 21.57 -45.64 6.90
CA ILE C 818 21.44 -44.37 7.61
C ILE C 818 20.58 -43.38 6.86
N GLU C 819 20.18 -43.69 5.64
CA GLU C 819 19.14 -42.90 5.00
C GLU C 819 17.90 -42.85 5.88
N ASP C 820 17.26 -44.01 6.08
CA ASP C 820 16.03 -44.05 6.87
C ASP C 820 16.29 -43.53 8.27
N LEU C 821 17.35 -44.03 8.91
CA LEU C 821 17.71 -43.51 10.22
C LEU C 821 17.82 -42.00 10.20
N LEU C 822 18.22 -41.44 9.07
CA LEU C 822 18.03 -40.01 8.85
C LEU C 822 16.59 -39.72 8.47
N PHE C 823 16.09 -40.40 7.43
CA PHE C 823 14.82 -40.09 6.82
C PHE C 823 13.65 -40.26 7.79
N ASN C 824 13.89 -40.84 8.95
CA ASN C 824 12.85 -41.06 9.94
C ASN C 824 12.74 -39.92 10.93
N LYS C 825 13.69 -38.99 10.93
CA LYS C 825 13.74 -37.95 11.93
C LYS C 825 13.35 -36.59 11.41
N VAL C 826 13.05 -36.47 10.12
CA VAL C 826 12.34 -35.28 9.61
C VAL C 826 10.86 -35.63 9.69
N THR C 827 10.30 -35.50 10.88
CA THR C 827 8.93 -35.91 11.16
C THR C 827 8.02 -34.69 11.02
N LEU C 828 7.32 -34.62 9.91
CA LEU C 828 6.42 -33.51 9.61
C LEU C 828 5.28 -33.47 10.61
N ALA C 852 -2.07 -26.63 3.33
CA ALA C 852 -0.93 -27.37 2.78
C ALA C 852 -1.39 -28.48 1.84
N GLN C 853 -2.60 -28.99 2.07
CA GLN C 853 -3.20 -29.99 1.20
C GLN C 853 -3.96 -29.28 0.09
N LYS C 854 -4.80 -30.02 -0.62
CA LYS C 854 -5.47 -29.49 -1.81
C LYS C 854 -6.65 -28.60 -1.43
N PHE C 855 -6.48 -27.30 -1.63
CA PHE C 855 -7.60 -26.36 -1.74
C PHE C 855 -7.09 -25.09 -2.42
N ASN C 856 -7.85 -24.01 -2.31
CA ASN C 856 -7.67 -22.82 -3.13
C ASN C 856 -6.22 -22.35 -3.14
N GLY C 857 -5.75 -21.95 -4.32
CA GLY C 857 -4.50 -21.24 -4.48
C GLY C 857 -3.25 -21.98 -4.10
N LEU C 858 -3.36 -23.14 -3.47
CA LEU C 858 -2.19 -23.92 -3.09
C LEU C 858 -1.79 -24.79 -4.26
N THR C 859 -0.60 -24.57 -4.79
CA THR C 859 -0.07 -25.42 -5.84
C THR C 859 1.33 -25.87 -5.39
N VAL C 860 1.37 -27.02 -4.73
CA VAL C 860 2.62 -27.64 -4.33
C VAL C 860 3.12 -28.47 -5.50
N LEU C 861 3.83 -27.82 -6.42
CA LEU C 861 4.37 -28.52 -7.57
C LEU C 861 5.25 -29.67 -7.11
N PRO C 862 5.26 -30.79 -7.81
CA PRO C 862 6.04 -31.92 -7.38
C PRO C 862 7.51 -31.68 -7.64
N PRO C 863 8.40 -32.31 -6.89
CA PRO C 863 9.83 -32.10 -7.13
C PRO C 863 10.19 -32.61 -8.50
N LEU C 864 11.23 -32.03 -9.08
CA LEU C 864 11.66 -32.47 -10.40
C LEU C 864 12.48 -33.75 -10.34
N LEU C 865 12.97 -34.13 -9.16
CA LEU C 865 13.70 -35.38 -8.97
C LEU C 865 13.10 -36.11 -7.79
N THR C 866 12.93 -37.41 -7.92
CA THR C 866 12.24 -38.16 -6.89
C THR C 866 13.08 -38.18 -5.62
N ASP C 867 12.42 -38.43 -4.52
CA ASP C 867 13.25 -38.69 -3.36
C ASP C 867 13.83 -40.04 -3.39
N GLU C 868 13.78 -40.73 -4.52
CA GLU C 868 14.45 -42.01 -4.66
C GLU C 868 15.52 -41.97 -5.74
N MET C 869 15.16 -41.54 -6.94
CA MET C 869 16.18 -41.41 -7.99
C MET C 869 17.39 -40.66 -7.48
N ILE C 870 17.18 -39.65 -6.63
CA ILE C 870 18.30 -38.96 -6.02
C ILE C 870 19.23 -39.95 -5.36
N ALA C 871 18.68 -40.84 -4.54
CA ALA C 871 19.52 -41.79 -3.81
C ALA C 871 20.42 -42.56 -4.76
N GLN C 872 19.98 -42.76 -6.00
CA GLN C 872 20.83 -43.46 -6.95
C GLN C 872 22.13 -42.70 -7.17
N TYR C 873 22.06 -41.38 -7.25
CA TYR C 873 23.29 -40.61 -7.28
C TYR C 873 24.16 -40.92 -6.07
N THR C 874 23.60 -40.74 -4.88
CA THR C 874 24.38 -40.99 -3.68
C THR C 874 24.95 -42.39 -3.67
N SER C 875 24.17 -43.36 -4.11
CA SER C 875 24.71 -44.71 -4.25
C SER C 875 25.92 -44.70 -5.17
N ALA C 876 25.77 -44.09 -6.34
CA ALA C 876 26.89 -44.02 -7.27
C ALA C 876 28.07 -43.30 -6.63
N LEU C 877 27.85 -42.06 -6.19
CA LEU C 877 28.95 -41.28 -5.66
C LEU C 877 29.61 -41.97 -4.48
N LEU C 878 28.82 -42.67 -3.67
CA LEU C 878 29.43 -43.44 -2.59
C LEU C 878 30.35 -44.50 -3.17
N ALA C 879 29.96 -45.10 -4.28
CA ALA C 879 30.91 -45.91 -5.02
C ALA C 879 31.84 -45.06 -5.86
N GLY C 880 31.51 -43.78 -6.03
CA GLY C 880 32.32 -42.92 -6.87
C GLY C 880 33.75 -42.83 -6.42
N THR C 881 33.97 -42.91 -5.12
CA THR C 881 35.33 -42.90 -4.60
C THR C 881 35.82 -44.30 -4.22
N ILE C 882 35.06 -45.02 -3.39
CA ILE C 882 35.52 -46.28 -2.83
C ILE C 882 35.91 -47.29 -3.89
N THR C 883 35.61 -47.02 -5.15
CA THR C 883 36.01 -47.91 -6.22
C THR C 883 37.23 -47.38 -6.95
N SER C 884 37.13 -46.21 -7.55
CA SER C 884 38.19 -45.65 -8.36
C SER C 884 38.81 -44.43 -7.71
N GLY C 885 38.75 -44.37 -6.40
CA GLY C 885 39.46 -43.32 -5.70
C GLY C 885 39.06 -41.97 -6.21
N TRP C 886 40.06 -41.16 -6.52
CA TRP C 886 39.87 -39.75 -6.73
C TRP C 886 40.28 -39.33 -8.13
N THR C 887 39.94 -40.14 -9.11
CA THR C 887 40.27 -39.82 -10.49
C THR C 887 39.05 -39.50 -11.33
N PHE C 888 37.99 -40.29 -11.18
CA PHE C 888 36.84 -40.22 -12.07
C PHE C 888 36.29 -38.80 -12.17
N GLY C 889 36.44 -38.01 -11.11
CA GLY C 889 35.99 -36.64 -11.19
C GLY C 889 36.62 -35.92 -12.36
N ALA C 890 37.89 -36.20 -12.64
CA ALA C 890 38.59 -35.50 -13.71
C ALA C 890 38.35 -36.13 -15.07
N GLY C 891 38.08 -37.44 -15.12
CA GLY C 891 37.87 -38.12 -16.38
C GLY C 891 37.42 -39.53 -16.20
N ALA C 892 37.93 -40.46 -17.00
CA ALA C 892 37.56 -41.86 -16.85
C ALA C 892 38.06 -42.38 -15.52
N ALA C 893 37.29 -43.29 -14.93
CA ALA C 893 37.66 -43.88 -13.65
C ALA C 893 38.93 -44.71 -13.80
N LEU C 894 39.49 -45.11 -12.67
CA LEU C 894 40.70 -45.91 -12.67
C LEU C 894 40.65 -46.85 -11.48
N GLN C 895 40.64 -48.15 -11.74
CA GLN C 895 40.54 -49.11 -10.66
C GLN C 895 41.77 -49.04 -9.75
N ILE C 896 41.55 -48.82 -8.46
CA ILE C 896 42.62 -48.88 -7.47
C ILE C 896 42.15 -49.71 -6.28
N PRO C 897 42.97 -50.64 -5.78
CA PRO C 897 42.60 -51.34 -4.56
C PRO C 897 42.52 -50.36 -3.41
N PHE C 898 41.48 -50.51 -2.59
CA PHE C 898 41.15 -49.44 -1.66
C PHE C 898 42.15 -49.34 -0.53
N ALA C 899 42.59 -50.47 0.02
CA ALA C 899 43.50 -50.44 1.14
C ALA C 899 44.65 -49.48 0.86
N MET C 900 45.42 -49.76 -0.18
CA MET C 900 46.48 -48.84 -0.54
C MET C 900 45.94 -47.52 -1.02
N GLN C 901 44.68 -47.45 -1.42
CA GLN C 901 44.15 -46.21 -1.93
C GLN C 901 44.24 -45.13 -0.87
N MET C 902 43.75 -45.41 0.33
CA MET C 902 43.93 -44.45 1.41
C MET C 902 45.39 -44.10 1.57
N ALA C 903 46.26 -45.09 1.48
CA ALA C 903 47.67 -44.83 1.69
C ALA C 903 48.11 -43.62 0.89
N TYR C 904 47.75 -43.59 -0.38
CA TYR C 904 48.13 -42.43 -1.16
C TYR C 904 47.57 -41.16 -0.56
N ARG C 905 46.44 -41.25 0.13
CA ARG C 905 45.89 -40.04 0.71
C ARG C 905 46.83 -39.47 1.76
N PHE C 906 47.28 -40.31 2.70
CA PHE C 906 48.13 -39.80 3.77
C PHE C 906 49.31 -39.02 3.21
N ASN C 907 49.80 -39.42 2.03
CA ASN C 907 50.85 -38.65 1.38
C ASN C 907 50.41 -37.22 1.14
N GLY C 908 49.13 -36.92 1.26
CA GLY C 908 48.70 -35.55 1.15
C GLY C 908 48.83 -34.74 2.42
N ILE C 909 49.02 -35.39 3.55
CA ILE C 909 48.94 -34.67 4.80
C ILE C 909 50.26 -34.82 5.51
N GLY C 910 51.34 -34.88 4.73
CA GLY C 910 52.68 -34.96 5.29
C GLY C 910 52.83 -36.13 6.24
N VAL C 911 52.60 -37.33 5.73
CA VAL C 911 52.70 -38.56 6.52
C VAL C 911 53.16 -39.66 5.60
N THR C 912 54.25 -40.31 5.94
CA THR C 912 54.81 -41.32 5.04
C THR C 912 53.88 -42.51 4.91
N GLN C 913 53.62 -42.91 3.67
CA GLN C 913 52.59 -43.90 3.43
C GLN C 913 52.88 -45.23 4.09
N ASN C 914 54.08 -45.41 4.65
CA ASN C 914 54.35 -46.67 5.32
C ASN C 914 53.47 -46.85 6.54
N VAL C 915 53.17 -45.76 7.24
CA VAL C 915 52.53 -45.90 8.54
C VAL C 915 51.14 -46.50 8.37
N LEU C 916 50.49 -46.23 7.24
CA LEU C 916 49.15 -46.75 7.03
C LEU C 916 49.16 -48.27 6.98
N TYR C 917 49.96 -48.83 6.08
CA TYR C 917 50.11 -50.28 6.02
C TYR C 917 50.43 -50.84 7.39
N GLU C 918 51.45 -50.28 8.04
CA GLU C 918 51.95 -50.82 9.28
C GLU C 918 50.92 -50.75 10.39
N ASN C 919 49.72 -50.25 10.08
CA ASN C 919 48.65 -50.27 11.07
C ASN C 919 47.29 -50.57 10.45
N GLN C 920 47.25 -51.24 9.30
CA GLN C 920 45.98 -51.35 8.59
C GLN C 920 44.92 -52.03 9.41
N LYS C 921 45.31 -53.01 10.23
CA LYS C 921 44.32 -53.72 11.03
C LYS C 921 43.58 -52.77 11.97
N LEU C 922 44.33 -52.07 12.82
CA LEU C 922 43.70 -51.26 13.84
C LEU C 922 42.93 -50.08 13.26
N ILE C 923 43.41 -49.52 12.15
CA ILE C 923 42.73 -48.36 11.58
C ILE C 923 41.28 -48.69 11.28
N ALA C 924 41.04 -49.78 10.58
CA ALA C 924 39.68 -50.25 10.43
C ALA C 924 39.03 -50.42 11.80
N ASN C 925 39.76 -51.01 12.74
CA ASN C 925 39.21 -51.17 14.08
C ASN C 925 38.91 -49.83 14.72
N GLN C 926 39.37 -48.73 14.15
CA GLN C 926 38.85 -47.42 14.51
C GLN C 926 37.68 -47.03 13.62
N PHE C 927 37.91 -47.04 12.30
CA PHE C 927 36.90 -46.57 11.37
C PHE C 927 35.57 -47.27 11.58
N ASN C 928 35.59 -48.60 11.54
CA ASN C 928 34.38 -49.35 11.80
C ASN C 928 33.70 -48.86 13.06
N SER C 929 34.47 -48.68 14.14
CA SER C 929 33.88 -48.19 15.36
C SER C 929 33.30 -46.80 15.18
N ALA C 930 33.90 -46.00 14.31
CA ALA C 930 33.44 -44.63 14.17
C ALA C 930 32.03 -44.59 13.61
N ILE C 931 31.85 -45.07 12.39
CA ILE C 931 30.54 -45.03 11.76
C ILE C 931 29.52 -45.73 12.63
N GLY C 932 29.94 -46.81 13.29
CA GLY C 932 29.05 -47.51 14.19
C GLY C 932 28.61 -46.70 15.39
N LYS C 933 29.21 -45.52 15.59
CA LYS C 933 28.81 -44.63 16.66
C LYS C 933 27.98 -43.46 16.18
N ILE C 934 28.28 -42.92 15.00
CA ILE C 934 27.59 -41.73 14.54
C ILE C 934 26.11 -42.01 14.35
N GLN C 935 25.76 -43.18 13.80
CA GLN C 935 24.35 -43.45 13.60
C GLN C 935 23.60 -43.37 14.92
N ASP C 936 24.28 -43.62 16.03
CA ASP C 936 23.68 -43.34 17.32
C ASP C 936 23.46 -41.87 17.52
N SER C 937 24.45 -41.04 17.17
CA SER C 937 24.23 -39.60 17.20
C SER C 937 23.14 -39.15 16.24
N LEU C 938 22.61 -40.07 15.42
CA LEU C 938 21.39 -39.83 14.66
C LEU C 938 20.33 -40.88 14.98
N SER C 939 20.44 -41.57 16.11
CA SER C 939 19.50 -42.64 16.44
C SER C 939 18.49 -42.24 17.50
N SER C 940 18.96 -41.83 18.67
CA SER C 940 18.03 -41.59 19.78
C SER C 940 17.21 -40.33 19.54
N THR C 941 17.88 -39.22 19.29
CA THR C 941 17.21 -37.98 18.92
C THR C 941 18.26 -37.08 18.28
N ALA C 942 17.89 -36.45 17.17
CA ALA C 942 18.82 -35.61 16.42
C ALA C 942 18.18 -34.27 16.09
N SER C 943 18.25 -33.34 17.05
CA SER C 943 17.89 -31.96 16.77
C SER C 943 18.84 -31.32 15.78
N ALA C 944 20.08 -31.80 15.72
CA ALA C 944 21.04 -31.30 14.73
C ALA C 944 20.56 -31.46 13.30
N LEU C 945 19.47 -32.19 13.09
CA LEU C 945 18.76 -32.08 11.83
C LEU C 945 18.52 -30.61 11.50
N GLY C 946 18.27 -29.80 12.52
CA GLY C 946 18.61 -28.39 12.51
C GLY C 946 18.39 -27.67 11.20
N LYS C 947 19.49 -27.19 10.62
CA LYS C 947 19.43 -26.41 9.39
C LYS C 947 18.57 -27.05 8.33
N LEU C 948 18.47 -28.38 8.35
CA LEU C 948 17.55 -29.02 7.43
C LEU C 948 16.14 -29.07 8.00
N GLN C 949 16.01 -29.25 9.31
CA GLN C 949 14.69 -29.34 9.90
C GLN C 949 13.92 -28.04 9.70
N ASP C 950 14.49 -26.94 10.20
CA ASP C 950 13.72 -25.72 10.35
C ASP C 950 13.34 -25.14 8.99
N VAL C 951 14.31 -25.02 8.08
CA VAL C 951 14.08 -24.30 6.83
C VAL C 951 12.78 -24.73 6.18
N VAL C 952 12.38 -25.98 6.36
CA VAL C 952 11.03 -26.38 6.00
C VAL C 952 10.03 -25.49 6.75
N ASN C 953 10.08 -25.51 8.08
CA ASN C 953 9.05 -24.84 8.86
C ASN C 953 8.93 -23.36 8.54
N GLN C 954 9.96 -22.57 8.87
CA GLN C 954 9.78 -21.12 8.80
C GLN C 954 9.58 -20.64 7.39
N ASN C 955 9.50 -21.54 6.41
CA ASN C 955 8.86 -21.23 5.15
C ASN C 955 7.53 -21.92 4.99
N ALA C 956 7.45 -23.22 5.27
CA ALA C 956 6.17 -23.90 5.16
C ALA C 956 5.14 -23.27 6.07
N GLN C 957 5.55 -22.85 7.27
CA GLN C 957 4.63 -22.14 8.13
C GLN C 957 4.16 -20.84 7.50
N ALA C 958 5.00 -20.20 6.70
CA ALA C 958 4.60 -18.99 6.02
C ALA C 958 3.56 -19.24 4.93
N LEU C 959 3.06 -20.46 4.79
CA LEU C 959 1.84 -20.68 4.04
C LEU C 959 0.62 -20.51 4.93
N ASN C 960 0.59 -21.21 6.05
CA ASN C 960 -0.55 -21.13 6.95
C ASN C 960 -0.82 -19.70 7.41
N THR C 961 0.12 -18.79 7.18
CA THR C 961 -0.18 -17.39 7.41
C THR C 961 -0.95 -16.78 6.26
N LEU C 962 -1.07 -17.45 5.12
CA LEU C 962 -1.91 -16.89 4.07
C LEU C 962 -3.37 -17.19 4.32
N VAL C 963 -3.68 -18.45 4.63
CA VAL C 963 -5.07 -18.83 4.82
C VAL C 963 -5.72 -17.97 5.90
N LYS C 964 -4.96 -17.61 6.94
CA LYS C 964 -5.50 -16.71 7.94
C LYS C 964 -5.91 -15.38 7.34
N GLN C 965 -5.19 -14.92 6.32
CA GLN C 965 -5.51 -13.63 5.74
C GLN C 965 -6.90 -13.62 5.13
N LEU C 966 -7.40 -14.77 4.68
CA LEU C 966 -8.75 -14.79 4.13
C LEU C 966 -9.77 -14.40 5.19
N SER C 967 -9.54 -14.76 6.44
CA SER C 967 -10.48 -14.46 7.51
C SER C 967 -10.26 -13.09 8.12
N SER C 968 -9.72 -12.17 7.34
CA SER C 968 -9.39 -10.84 7.82
C SER C 968 -10.08 -9.80 6.96
N ASN C 969 -10.61 -8.77 7.59
CA ASN C 969 -11.49 -7.85 6.90
C ASN C 969 -10.78 -6.67 6.25
N PHE C 970 -9.60 -6.31 6.73
CA PHE C 970 -8.86 -5.16 6.22
C PHE C 970 -9.68 -3.88 6.25
N GLY C 971 -10.78 -3.86 6.98
CA GLY C 971 -11.69 -2.75 7.02
C GLY C 971 -13.05 -3.03 6.45
N ALA C 972 -13.19 -4.05 5.61
CA ALA C 972 -14.46 -4.33 4.97
C ALA C 972 -15.47 -4.87 5.97
N ILE C 973 -16.75 -4.55 5.71
CA ILE C 973 -17.81 -4.92 6.65
C ILE C 973 -18.13 -6.40 6.60
N SER C 974 -17.40 -7.17 5.80
CA SER C 974 -17.49 -8.62 5.86
C SER C 974 -16.23 -9.20 5.26
N SER C 975 -15.93 -10.43 5.65
CA SER C 975 -14.75 -11.08 5.09
C SER C 975 -15.06 -11.66 3.74
N VAL C 976 -15.95 -12.64 3.69
CA VAL C 976 -16.15 -13.41 2.48
C VAL C 976 -16.79 -12.54 1.40
N LEU C 977 -16.35 -12.71 0.17
CA LEU C 977 -16.89 -11.93 -0.92
C LEU C 977 -18.22 -12.46 -1.44
N ASN C 978 -18.89 -13.33 -0.68
CA ASN C 978 -20.26 -13.69 -1.00
C ASN C 978 -21.26 -12.90 -0.17
N ASP C 979 -21.05 -12.85 1.14
CA ASP C 979 -21.95 -12.09 2.00
C ASP C 979 -22.00 -10.62 1.60
N ILE C 980 -20.86 -10.06 1.22
CA ILE C 980 -20.86 -8.66 0.78
C ILE C 980 -21.76 -8.50 -0.42
N LEU C 981 -21.46 -9.19 -1.51
CA LEU C 981 -22.31 -9.07 -2.69
C LEU C 981 -23.68 -9.68 -2.49
N SER C 982 -23.95 -10.26 -1.32
CA SER C 982 -25.30 -10.71 -1.03
C SER C 982 -26.20 -9.53 -0.69
N ARG C 983 -25.90 -8.81 0.39
CA ARG C 983 -26.83 -7.83 0.91
C ARG C 983 -26.25 -6.43 0.93
N LEU C 984 -25.65 -6.00 -0.17
CA LEU C 984 -25.26 -4.61 -0.26
C LEU C 984 -25.40 -4.16 -1.71
N ASP C 985 -25.68 -2.88 -1.88
CA ASP C 985 -25.99 -2.34 -3.19
C ASP C 985 -24.79 -2.44 -4.12
N PRO C 986 -24.93 -3.03 -5.30
CA PRO C 986 -23.79 -3.22 -6.19
C PRO C 986 -23.19 -1.91 -6.68
N PRO C 987 -23.97 -0.99 -7.26
CA PRO C 987 -23.33 0.17 -7.92
C PRO C 987 -22.54 1.09 -7.01
N GLU C 988 -22.40 0.73 -5.73
CA GLU C 988 -21.42 1.40 -4.89
C GLU C 988 -20.58 0.42 -4.09
N ALA C 989 -20.76 -0.89 -4.29
CA ALA C 989 -20.02 -1.88 -3.51
C ALA C 989 -18.52 -1.79 -3.73
N GLU C 990 -18.07 -0.96 -4.68
CA GLU C 990 -16.64 -0.83 -4.94
C GLU C 990 -15.86 -0.62 -3.65
N VAL C 991 -16.41 0.17 -2.73
CA VAL C 991 -15.71 0.40 -1.47
C VAL C 991 -15.70 -0.88 -0.64
N GLN C 992 -16.78 -1.64 -0.67
CA GLN C 992 -16.79 -2.87 0.10
C GLN C 992 -16.10 -4.01 -0.62
N ILE C 993 -15.43 -3.76 -1.75
CA ILE C 993 -14.64 -4.77 -2.42
C ILE C 993 -13.21 -4.29 -2.65
N ASP C 994 -13.04 -3.08 -3.17
CA ASP C 994 -11.68 -2.65 -3.49
C ASP C 994 -10.88 -2.47 -2.21
N ARG C 995 -11.50 -1.97 -1.16
CA ARG C 995 -10.84 -1.96 0.13
C ARG C 995 -10.57 -3.38 0.61
N LEU C 996 -11.27 -4.38 0.08
CA LEU C 996 -10.89 -5.75 0.30
C LEU C 996 -9.96 -6.26 -0.78
N ILE C 997 -9.47 -5.38 -1.65
CA ILE C 997 -8.53 -5.78 -2.67
C ILE C 997 -7.10 -5.37 -2.36
N THR C 998 -6.87 -4.12 -1.99
CA THR C 998 -5.49 -3.76 -1.64
C THR C 998 -4.99 -4.63 -0.52
N GLY C 999 -5.82 -4.84 0.49
CA GLY C 999 -5.44 -5.73 1.58
C GLY C 999 -5.06 -7.11 1.09
N ARG C 1000 -5.98 -7.78 0.40
CA ARG C 1000 -5.67 -9.12 -0.10
C ARG C 1000 -4.43 -9.10 -0.97
N LEU C 1001 -4.32 -8.12 -1.86
CA LEU C 1001 -3.13 -8.02 -2.68
C LEU C 1001 -1.89 -7.82 -1.83
N GLN C 1002 -1.93 -6.86 -0.90
CA GLN C 1002 -0.72 -6.49 -0.20
C GLN C 1002 -0.15 -7.66 0.60
N SER C 1003 -1.00 -8.50 1.17
CA SER C 1003 -0.50 -9.68 1.84
C SER C 1003 0.31 -10.53 0.89
N LEU C 1004 -0.29 -10.91 -0.24
CA LEU C 1004 0.43 -11.66 -1.25
C LEU C 1004 1.73 -10.97 -1.63
N GLN C 1005 1.62 -9.77 -2.19
CA GLN C 1005 2.80 -9.05 -2.66
C GLN C 1005 3.84 -8.92 -1.56
N THR C 1006 3.45 -9.07 -0.31
CA THR C 1006 4.47 -9.25 0.72
C THR C 1006 4.91 -10.70 0.82
N TYR C 1007 3.98 -11.66 0.79
CA TYR C 1007 4.38 -13.05 0.90
C TYR C 1007 5.46 -13.39 -0.12
N VAL C 1008 5.26 -12.95 -1.36
CA VAL C 1008 6.21 -13.29 -2.41
C VAL C 1008 7.60 -12.81 -2.05
N THR C 1009 7.72 -11.58 -1.56
CA THR C 1009 9.06 -11.09 -1.23
C THR C 1009 9.70 -11.93 -0.14
N GLN C 1010 8.93 -12.28 0.88
CA GLN C 1010 9.41 -13.28 1.84
C GLN C 1010 9.90 -14.50 1.10
N GLN C 1011 9.01 -15.16 0.37
CA GLN C 1011 9.37 -16.36 -0.35
C GLN C 1011 10.50 -16.12 -1.34
N LEU C 1012 10.78 -14.87 -1.69
CA LEU C 1012 11.94 -14.67 -2.55
C LEU C 1012 13.22 -14.77 -1.75
N ILE C 1013 13.29 -14.10 -0.59
CA ILE C 1013 14.55 -13.97 0.13
C ILE C 1013 15.12 -15.34 0.47
N ARG C 1014 14.41 -16.10 1.29
CA ARG C 1014 14.91 -17.40 1.71
C ARG C 1014 15.39 -18.21 0.51
N ALA C 1015 14.62 -18.19 -0.57
CA ALA C 1015 15.10 -18.80 -1.80
C ALA C 1015 16.43 -18.20 -2.19
N ALA C 1016 16.47 -16.89 -2.37
CA ALA C 1016 17.73 -16.24 -2.71
C ALA C 1016 18.79 -16.50 -1.64
N GLU C 1017 18.38 -16.91 -0.46
CA GLU C 1017 19.35 -17.29 0.55
C GLU C 1017 19.74 -18.75 0.43
N ILE C 1018 18.77 -19.63 0.19
CA ILE C 1018 19.10 -21.02 -0.04
C ILE C 1018 20.08 -21.16 -1.18
N ARG C 1019 19.76 -20.53 -2.30
CA ARG C 1019 20.58 -20.67 -3.50
C ARG C 1019 22.03 -20.38 -3.19
N ALA C 1020 22.29 -19.39 -2.34
CA ALA C 1020 23.65 -19.25 -1.84
C ALA C 1020 24.05 -20.49 -1.06
N SER C 1021 23.38 -20.75 0.06
CA SER C 1021 23.77 -21.87 0.90
C SER C 1021 23.90 -23.14 0.09
N ALA C 1022 22.94 -23.40 -0.79
CA ALA C 1022 23.05 -24.59 -1.61
C ALA C 1022 24.28 -24.53 -2.49
N ASN C 1023 24.55 -23.36 -3.07
CA ASN C 1023 25.73 -23.23 -3.90
C ASN C 1023 26.97 -23.64 -3.11
N LEU C 1024 26.99 -23.32 -1.82
CA LEU C 1024 28.09 -23.79 -0.98
C LEU C 1024 28.20 -25.31 -1.04
N ALA C 1025 27.06 -25.99 -0.98
CA ALA C 1025 27.10 -27.45 -1.00
C ALA C 1025 27.93 -27.94 -2.17
N ALA C 1026 27.54 -27.55 -3.37
CA ALA C 1026 28.17 -28.09 -4.57
C ALA C 1026 29.67 -28.13 -4.44
N THR C 1027 30.28 -26.97 -4.22
CA THR C 1027 31.73 -26.92 -4.10
C THR C 1027 32.21 -27.99 -3.15
N LYS C 1028 31.52 -28.17 -2.03
CA LYS C 1028 31.95 -29.20 -1.10
C LYS C 1028 31.91 -30.58 -1.73
N MET C 1029 30.93 -30.84 -2.59
CA MET C 1029 30.98 -32.09 -3.34
C MET C 1029 32.15 -32.10 -4.31
N SER C 1030 32.38 -30.99 -4.98
CA SER C 1030 33.50 -30.94 -5.91
C SER C 1030 34.81 -30.62 -5.24
N GLU C 1031 34.86 -30.58 -3.92
CA GLU C 1031 36.11 -30.26 -3.25
C GLU C 1031 36.40 -31.09 -2.02
N CYS C 1032 35.44 -31.84 -1.49
CA CYS C 1032 35.77 -32.64 -0.33
C CYS C 1032 35.13 -34.03 -0.34
N VAL C 1033 34.59 -34.47 -1.46
CA VAL C 1033 34.16 -35.86 -1.54
C VAL C 1033 34.63 -36.42 -2.87
N LEU C 1034 35.24 -35.58 -3.65
CA LEU C 1034 35.72 -35.99 -4.94
C LEU C 1034 37.21 -35.74 -5.10
N GLY C 1035 37.81 -35.00 -4.20
CA GLY C 1035 39.24 -34.76 -4.24
C GLY C 1035 39.86 -34.94 -2.88
N GLN C 1036 40.75 -34.02 -2.51
CA GLN C 1036 41.36 -34.05 -1.19
C GLN C 1036 41.82 -32.62 -0.90
N SER C 1037 41.02 -31.88 -0.16
CA SER C 1037 41.23 -30.44 -0.06
C SER C 1037 42.36 -30.11 0.90
N LYS C 1038 43.32 -29.33 0.42
CA LYS C 1038 44.39 -28.87 1.29
C LYS C 1038 43.88 -27.86 2.30
N ARG C 1039 42.70 -27.29 2.05
CA ARG C 1039 42.12 -26.35 2.99
C ARG C 1039 41.92 -27.00 4.34
N VAL C 1040 41.75 -26.17 5.36
CA VAL C 1040 41.67 -26.63 6.73
C VAL C 1040 40.30 -26.29 7.28
N ASP C 1041 39.69 -27.26 7.93
CA ASP C 1041 38.38 -27.13 8.56
C ASP C 1041 37.32 -26.77 7.53
N PHE C 1042 37.73 -26.68 6.27
CA PHE C 1042 36.73 -26.48 5.24
C PHE C 1042 35.81 -27.67 5.11
N CYS C 1043 36.25 -28.85 5.55
CA CYS C 1043 35.37 -29.99 5.56
C CYS C 1043 35.80 -30.92 6.69
N GLY C 1044 35.14 -30.77 7.83
CA GLY C 1044 35.43 -31.51 9.03
C GLY C 1044 36.41 -30.77 9.93
N LYS C 1045 36.42 -31.15 11.20
CA LYS C 1045 37.44 -30.61 12.07
C LYS C 1045 38.75 -31.34 11.81
N GLY C 1046 39.86 -30.66 12.07
CA GLY C 1046 41.16 -31.28 11.89
C GLY C 1046 41.61 -31.39 10.44
N TYR C 1047 42.32 -32.47 10.13
CA TYR C 1047 42.80 -32.71 8.78
C TYR C 1047 41.66 -33.32 7.95
N HIS C 1048 42.02 -33.91 6.81
CA HIS C 1048 41.01 -34.40 5.87
C HIS C 1048 41.45 -35.69 5.20
N LEU C 1049 40.56 -36.69 5.21
CA LEU C 1049 40.80 -37.90 4.42
C LEU C 1049 39.91 -38.00 3.19
N MET C 1050 38.60 -38.16 3.39
CA MET C 1050 37.67 -38.34 2.29
C MET C 1050 36.34 -37.78 2.75
N SER C 1051 35.28 -38.20 2.08
CA SER C 1051 33.96 -38.04 2.65
C SER C 1051 33.00 -38.93 1.90
N PHE C 1052 31.79 -38.98 2.40
CA PHE C 1052 30.69 -39.70 1.78
C PHE C 1052 29.42 -38.90 1.99
N PRO C 1053 28.72 -38.53 0.94
CA PRO C 1053 27.47 -37.79 1.09
C PRO C 1053 26.32 -38.75 1.29
N GLN C 1054 25.17 -38.19 1.65
CA GLN C 1054 23.99 -38.99 1.92
C GLN C 1054 22.74 -38.20 1.52
N SER C 1055 21.76 -38.92 1.01
CA SER C 1055 20.52 -38.29 0.59
C SER C 1055 19.79 -37.74 1.80
N ALA C 1056 19.07 -36.64 1.57
CA ALA C 1056 18.38 -35.95 2.64
C ALA C 1056 17.16 -35.27 2.07
N PRO C 1057 16.05 -35.24 2.80
CA PRO C 1057 14.79 -34.77 2.21
C PRO C 1057 14.91 -33.47 1.45
N HIS C 1058 15.63 -32.49 1.98
CA HIS C 1058 15.76 -31.26 1.23
C HIS C 1058 17.15 -30.66 1.34
N GLY C 1059 18.10 -31.44 1.79
CA GLY C 1059 19.48 -30.99 1.85
C GLY C 1059 20.37 -32.13 1.53
N VAL C 1060 21.47 -32.24 2.26
CA VAL C 1060 22.39 -33.35 2.09
C VAL C 1060 23.20 -33.41 3.36
N VAL C 1061 23.78 -34.57 3.63
CA VAL C 1061 24.54 -34.76 4.84
C VAL C 1061 25.89 -35.35 4.48
N PHE C 1062 26.94 -34.80 5.06
CA PHE C 1062 28.28 -35.27 4.82
C PHE C 1062 28.71 -36.22 5.93
N LEU C 1063 29.62 -37.12 5.59
CA LEU C 1063 30.36 -37.88 6.57
C LEU C 1063 31.82 -37.64 6.25
N HIS C 1064 32.45 -36.73 6.97
CA HIS C 1064 33.88 -36.56 6.81
C HIS C 1064 34.64 -37.55 7.67
N VAL C 1065 35.85 -37.86 7.25
CA VAL C 1065 36.76 -38.67 8.03
C VAL C 1065 38.06 -37.90 8.10
N THR C 1066 38.50 -37.59 9.31
CA THR C 1066 39.60 -36.66 9.49
C THR C 1066 40.66 -37.23 10.41
N TYR C 1067 41.90 -36.89 10.11
CA TYR C 1067 43.04 -37.38 10.85
C TYR C 1067 43.20 -36.58 12.13
N VAL C 1068 43.44 -37.27 13.24
CA VAL C 1068 43.58 -36.57 14.51
C VAL C 1068 44.77 -37.10 15.29
N PRO C 1069 45.77 -36.28 15.54
CA PRO C 1069 46.89 -36.69 16.38
C PRO C 1069 46.52 -36.61 17.85
N ALA C 1070 47.13 -37.48 18.64
CA ALA C 1070 46.87 -37.47 20.09
C ALA C 1070 47.93 -38.30 20.82
N GLN C 1071 48.00 -38.07 22.13
CA GLN C 1071 48.83 -38.86 23.04
C GLN C 1071 50.30 -38.86 22.61
N GLU C 1072 50.89 -37.68 22.75
CA GLU C 1072 52.25 -37.43 22.33
C GLU C 1072 53.16 -37.26 23.54
N LYS C 1073 54.44 -37.04 23.25
CA LYS C 1073 55.45 -36.70 24.23
C LYS C 1073 55.98 -35.32 23.90
N ASN C 1074 57.05 -34.91 24.56
CA ASN C 1074 57.66 -33.62 24.26
C ASN C 1074 59.17 -33.75 24.26
N PHE C 1075 59.83 -32.96 23.41
CA PHE C 1075 61.23 -33.19 23.11
C PHE C 1075 61.94 -31.86 22.88
N THR C 1076 63.26 -31.92 23.07
CA THR C 1076 64.13 -30.82 22.70
C THR C 1076 64.42 -30.89 21.22
N THR C 1077 64.78 -29.76 20.64
CA THR C 1077 65.09 -29.72 19.22
C THR C 1077 66.25 -28.77 18.97
N ALA C 1078 66.61 -28.66 17.71
CA ALA C 1078 67.63 -27.73 17.27
C ALA C 1078 67.41 -27.45 15.79
N PRO C 1079 67.38 -26.19 15.39
CA PRO C 1079 67.04 -25.86 14.01
C PRO C 1079 68.03 -26.36 12.98
N ALA C 1080 69.26 -26.68 13.36
CA ALA C 1080 70.28 -27.03 12.38
C ALA C 1080 71.18 -28.12 12.97
N ILE C 1081 72.31 -28.34 12.31
CA ILE C 1081 73.26 -29.35 12.73
C ILE C 1081 74.65 -28.90 12.31
N CYS C 1082 75.58 -28.90 13.26
CA CYS C 1082 77.00 -28.70 12.97
C CYS C 1082 77.69 -30.03 12.75
N HIS C 1083 78.52 -30.08 11.72
CA HIS C 1083 79.38 -31.23 11.48
C HIS C 1083 80.46 -30.79 10.52
N ASP C 1084 81.72 -30.97 10.93
CA ASP C 1084 82.85 -30.70 10.06
C ASP C 1084 82.80 -29.29 9.51
N GLY C 1085 82.23 -28.37 10.28
CA GLY C 1085 81.98 -27.04 9.79
C GLY C 1085 80.91 -26.95 8.72
N LYS C 1086 80.29 -28.06 8.35
CA LYS C 1086 79.25 -28.08 7.33
C LYS C 1086 77.89 -28.10 8.02
N ALA C 1087 76.98 -27.27 7.53
CA ALA C 1087 75.64 -27.20 8.09
C ALA C 1087 74.79 -28.35 7.57
N HIS C 1088 73.69 -28.61 8.26
CA HIS C 1088 72.82 -29.71 7.88
C HIS C 1088 71.38 -29.37 8.26
N PHE C 1089 70.57 -29.11 7.26
CA PHE C 1089 69.15 -28.98 7.43
C PHE C 1089 68.47 -30.20 6.85
N PRO C 1090 67.33 -30.62 7.40
CA PRO C 1090 66.72 -31.87 6.96
C PRO C 1090 66.06 -31.74 5.60
N ARG C 1091 66.22 -32.79 4.79
CA ARG C 1091 65.42 -32.89 3.58
C ARG C 1091 63.95 -32.91 3.92
N GLU C 1092 63.61 -33.48 5.07
CA GLU C 1092 62.25 -33.61 5.49
C GLU C 1092 62.24 -33.56 7.01
N GLY C 1093 61.11 -33.17 7.57
CA GLY C 1093 60.96 -33.34 9.00
C GLY C 1093 61.87 -32.44 9.82
N VAL C 1094 62.08 -32.86 11.07
CA VAL C 1094 62.69 -32.04 12.09
C VAL C 1094 63.71 -32.86 12.84
N PHE C 1095 64.43 -32.20 13.74
CA PHE C 1095 65.48 -32.81 14.54
C PHE C 1095 65.04 -32.84 16.00
N VAL C 1096 64.88 -34.03 16.56
CA VAL C 1096 64.55 -34.20 17.97
C VAL C 1096 65.59 -35.12 18.58
N SER C 1097 65.52 -35.24 19.91
CA SER C 1097 66.48 -36.02 20.68
C SER C 1097 65.74 -36.93 21.65
N ASN C 1098 66.16 -38.19 21.70
CA ASN C 1098 65.72 -39.07 22.78
C ASN C 1098 65.91 -38.42 24.13
N GLY C 1099 66.96 -37.59 24.26
CA GLY C 1099 67.43 -37.08 25.53
C GLY C 1099 68.93 -37.08 25.56
N THR C 1100 69.53 -37.96 24.75
CA THR C 1100 70.97 -37.99 24.52
C THR C 1100 71.33 -37.80 23.06
N HIS C 1101 70.74 -38.61 22.18
CA HIS C 1101 71.13 -38.69 20.78
C HIS C 1101 70.47 -37.61 19.94
N TRP C 1102 70.49 -37.81 18.63
CA TRP C 1102 69.64 -37.06 17.73
C TRP C 1102 68.90 -38.01 16.82
N PHE C 1103 67.83 -37.51 16.20
CA PHE C 1103 67.04 -38.32 15.30
C PHE C 1103 66.44 -37.44 14.23
N VAL C 1104 65.69 -38.06 13.32
CA VAL C 1104 64.98 -37.36 12.26
C VAL C 1104 63.65 -38.03 12.07
N THR C 1105 62.59 -37.24 12.01
CA THR C 1105 61.27 -37.81 11.80
C THR C 1105 60.36 -36.72 11.25
N GLN C 1106 59.23 -37.18 10.74
CA GLN C 1106 58.31 -36.34 9.98
C GLN C 1106 57.26 -35.70 10.86
N ARG C 1107 56.94 -34.45 10.56
CA ARG C 1107 56.33 -33.53 11.52
C ARG C 1107 55.08 -34.07 12.16
N ASN C 1108 54.56 -35.20 11.72
CA ASN C 1108 53.38 -35.75 12.35
C ASN C 1108 53.63 -37.16 12.86
N PHE C 1109 54.88 -37.61 12.90
CA PHE C 1109 55.22 -38.90 13.48
C PHE C 1109 56.64 -38.93 14.00
N TYR C 1110 56.79 -39.57 15.15
CA TYR C 1110 58.11 -39.85 15.68
C TYR C 1110 58.51 -41.23 15.18
N GLU C 1111 59.13 -41.26 14.00
CA GLU C 1111 59.85 -42.44 13.53
C GLU C 1111 61.30 -42.08 13.37
N PRO C 1112 62.16 -42.45 14.29
CA PRO C 1112 63.54 -41.98 14.26
C PRO C 1112 64.38 -42.65 13.18
N GLN C 1113 64.87 -41.87 12.23
CA GLN C 1113 65.85 -42.33 11.26
C GLN C 1113 67.16 -41.62 11.55
N ILE C 1114 68.23 -42.38 11.74
CA ILE C 1114 69.50 -41.78 12.11
C ILE C 1114 69.90 -40.74 11.08
N ILE C 1115 70.55 -39.68 11.54
CA ILE C 1115 70.82 -38.54 10.67
C ILE C 1115 71.92 -38.93 9.72
N THR C 1116 71.53 -39.39 8.54
CA THR C 1116 72.49 -39.77 7.53
C THR C 1116 72.84 -38.54 6.70
N THR C 1117 73.47 -38.75 5.56
CA THR C 1117 73.61 -37.67 4.60
C THR C 1117 72.43 -37.58 3.66
N ASP C 1118 71.84 -38.71 3.29
CA ASP C 1118 70.77 -38.67 2.30
C ASP C 1118 69.55 -37.95 2.83
N ASN C 1119 69.18 -38.20 4.08
CA ASN C 1119 67.99 -37.58 4.64
C ASN C 1119 68.16 -36.09 4.86
N THR C 1120 69.30 -35.52 4.50
CA THR C 1120 69.53 -34.11 4.74
C THR C 1120 70.26 -33.52 3.55
N PHE C 1121 70.78 -32.32 3.73
CA PHE C 1121 71.51 -31.62 2.69
C PHE C 1121 72.25 -30.46 3.34
N VAL C 1122 73.34 -30.07 2.70
CA VAL C 1122 74.28 -29.13 3.29
C VAL C 1122 74.27 -27.83 2.51
N SER C 1123 74.69 -26.75 3.17
CA SER C 1123 74.79 -25.45 2.52
C SER C 1123 75.57 -24.52 3.43
N GLY C 1124 76.46 -23.74 2.81
CA GLY C 1124 77.20 -22.72 3.54
C GLY C 1124 78.06 -23.32 4.62
N ASN C 1125 77.75 -22.96 5.86
CA ASN C 1125 78.43 -23.49 7.02
C ASN C 1125 77.49 -23.33 8.22
N CYS C 1126 77.89 -23.91 9.35
CA CYS C 1126 77.04 -23.90 10.53
C CYS C 1126 77.42 -22.81 11.51
N ASP C 1127 77.86 -21.66 11.00
CA ASP C 1127 78.47 -20.65 11.85
C ASP C 1127 77.53 -19.48 12.14
N VAL C 1128 76.61 -19.19 11.22
CA VAL C 1128 75.75 -18.02 11.33
C VAL C 1128 74.41 -18.35 11.95
N VAL C 1129 73.83 -19.50 11.60
CA VAL C 1129 72.52 -19.85 12.12
C VAL C 1129 72.61 -20.10 13.61
N ILE C 1130 71.53 -19.80 14.33
CA ILE C 1130 71.58 -19.78 15.78
C ILE C 1130 71.34 -21.18 16.34
N GLY C 1131 71.75 -21.34 17.60
CA GLY C 1131 71.32 -22.47 18.40
C GLY C 1131 71.59 -23.82 17.81
N ILE C 1132 72.68 -23.96 17.10
CA ILE C 1132 72.99 -25.24 16.50
C ILE C 1132 73.64 -26.11 17.55
N VAL C 1133 73.64 -27.42 17.33
CA VAL C 1133 74.30 -28.37 18.22
C VAL C 1133 75.54 -28.91 17.51
N ASN C 1134 76.60 -29.11 18.28
CA ASN C 1134 77.88 -29.55 17.75
C ASN C 1134 77.86 -31.07 17.66
N ASN C 1135 77.51 -31.60 16.48
CA ASN C 1135 77.26 -33.04 16.37
C ASN C 1135 78.00 -33.70 15.20
N THR C 1136 77.69 -34.97 14.95
CA THR C 1136 78.30 -35.75 13.88
C THR C 1136 77.23 -36.33 12.97
N VAL C 1137 77.46 -36.20 11.67
CA VAL C 1137 76.54 -36.70 10.66
C VAL C 1137 76.96 -38.09 10.25
N TYR C 1138 76.03 -39.02 10.25
CA TYR C 1138 76.28 -40.37 9.80
C TYR C 1138 76.29 -40.43 8.28
N ASP C 1139 76.93 -41.47 7.74
CA ASP C 1139 76.93 -41.71 6.31
C ASP C 1139 77.18 -43.19 6.07
N PRO C 1140 76.63 -43.76 4.99
CA PRO C 1140 76.84 -45.19 4.74
C PRO C 1140 77.95 -45.51 3.74
N LEU C 1141 78.55 -44.50 3.12
CA LEU C 1141 79.51 -44.79 2.05
C LEU C 1141 80.79 -45.39 2.62
N GLN C 1142 81.50 -44.64 3.45
CA GLN C 1142 82.80 -45.07 3.91
C GLN C 1142 82.82 -46.43 4.60
N PRO C 1143 81.80 -46.86 5.35
CA PRO C 1143 81.85 -48.20 5.97
C PRO C 1143 82.06 -49.34 4.98
N GLU C 1144 82.05 -49.07 3.68
CA GLU C 1144 82.37 -50.10 2.70
C GLU C 1144 83.74 -49.89 2.07
N LEU C 1145 84.01 -48.68 1.58
CA LEU C 1145 85.27 -48.44 0.88
C LEU C 1145 86.46 -48.59 1.81
N ASP C 1146 86.49 -47.79 2.87
CA ASP C 1146 87.66 -47.78 3.75
C ASP C 1146 87.96 -49.17 4.30
N SER C 1147 86.92 -49.97 4.51
CA SER C 1147 87.11 -51.34 4.92
C SER C 1147 87.75 -52.16 3.81
N PHE C 1148 87.09 -52.22 2.66
CA PHE C 1148 87.49 -53.12 1.59
C PHE C 1148 88.63 -52.50 0.80
N LYS C 1149 89.83 -53.05 0.98
CA LYS C 1149 91.03 -52.57 0.29
C LYS C 1149 90.85 -52.60 -1.22
N ASP D 1 -60.76 54.63 15.69
CA ASP D 1 -60.42 55.89 15.06
C ASP D 1 -59.06 56.40 15.52
N LYS D 2 -58.95 57.71 15.65
CA LYS D 2 -57.68 58.32 16.05
C LYS D 2 -57.39 58.00 17.50
N GLU D 3 -56.21 58.44 17.96
CA GLU D 3 -55.78 58.23 19.34
C GLU D 3 -56.07 59.45 20.21
N TRP D 4 -57.18 60.13 19.95
CA TRP D 4 -57.57 61.26 20.79
C TRP D 4 -57.86 60.83 22.22
N ILE D 5 -58.68 59.81 22.38
CA ILE D 5 -58.97 59.28 23.71
C ILE D 5 -57.69 58.81 24.37
N LEU D 6 -56.80 58.19 23.60
CA LEU D 6 -55.51 57.75 24.12
C LEU D 6 -54.71 58.93 24.66
N GLN D 7 -54.71 60.04 23.90
CA GLN D 7 -53.99 61.24 24.31
C GLN D 7 -54.56 61.82 25.58
N LYS D 8 -55.89 61.85 25.70
CA LYS D 8 -56.50 62.34 26.93
C LYS D 8 -56.18 61.42 28.10
N ILE D 9 -56.10 60.11 27.87
CA ILE D 9 -55.69 59.22 28.95
C ILE D 9 -54.26 59.54 29.37
N TYR D 10 -53.40 59.83 28.39
CA TYR D 10 -52.06 60.27 28.73
C TYR D 10 -52.12 61.53 29.59
N GLU D 11 -52.95 62.48 29.19
CA GLU D 11 -53.09 63.71 29.97
C GLU D 11 -53.55 63.42 31.38
N ILE D 12 -54.44 62.44 31.55
CA ILE D 12 -54.90 62.06 32.88
C ILE D 12 -53.74 61.56 33.72
N MET D 13 -53.02 60.57 33.19
CA MET D 13 -51.91 60.04 33.97
C MET D 13 -50.83 61.08 34.19
N ARG D 14 -50.68 62.05 33.30
CA ARG D 14 -49.67 63.06 33.51
C ARG D 14 -50.12 64.08 34.54
N LEU D 15 -51.42 64.36 34.62
CA LEU D 15 -51.90 65.18 35.72
C LEU D 15 -51.72 64.46 37.04
N LEU D 16 -51.88 63.13 37.03
CA LEU D 16 -51.56 62.38 38.23
C LEU D 16 -50.06 62.38 38.51
N ASP D 17 -49.25 62.41 37.47
CA ASP D 17 -47.81 62.61 37.61
C ASP D 17 -47.53 63.93 38.32
N GLU D 18 -48.25 64.97 37.93
CA GLU D 18 -48.16 66.28 38.58
C GLU D 18 -48.75 66.27 39.98
N LEU D 19 -49.65 65.34 40.27
CA LEU D 19 -50.19 65.20 41.61
C LEU D 19 -49.13 64.68 42.56
N DAL D 20 -48.55 63.53 42.22
CA DAL D 20 -47.46 62.96 43.01
CB DAL D 20 -46.17 62.98 42.21
C DAL D 20 -47.78 61.54 43.49
O DAL D 20 -47.76 61.27 44.68
N ASP D 21 -48.04 60.64 42.54
CA ASP D 21 -48.25 59.24 42.88
C ASP D 21 -47.06 58.39 42.45
N AIB D 22 -46.50 58.71 41.29
CA AIB D 22 -45.34 58.01 40.76
C AIB D 22 -45.40 56.49 40.82
O AIB D 22 -44.46 55.77 41.19
CB1 AIB D 22 -44.05 58.44 41.47
CB2 AIB D 22 -45.18 58.32 39.25
N GLU D 23 -46.56 55.99 40.44
CA GLU D 23 -46.81 54.55 40.34
C GLU D 23 -48.13 54.37 39.61
N ALA D 24 -49.11 55.18 40.01
CA ALA D 24 -50.42 55.12 39.37
C ALA D 24 -50.32 55.54 37.91
N SER D 25 -49.69 56.68 37.65
CA SER D 25 -49.49 57.11 36.27
C SER D 25 -48.71 56.07 35.49
N MET D 26 -47.75 55.42 36.14
CA MET D 26 -47.02 54.36 35.46
C MET D 26 -47.95 53.23 35.04
N ARG D 27 -48.81 52.78 35.96
CA ARG D 27 -49.79 51.76 35.60
C ARG D 27 -50.64 52.20 34.41
N VAL D 28 -51.12 53.45 34.46
CA VAL D 28 -51.96 53.96 33.39
C VAL D 28 -51.21 53.93 32.07
N SER D 29 -49.94 54.33 32.09
CA SER D 29 -49.12 54.29 30.90
C SER D 29 -48.98 52.86 30.38
N ASP D 30 -48.77 51.91 31.28
CA ASP D 30 -48.68 50.52 30.86
C ASP D 30 -49.93 50.09 30.14
N LEU D 31 -51.09 50.48 30.67
CA LEU D 31 -52.33 50.02 30.06
C LEU D 31 -52.63 50.78 28.77
N ILE D 32 -52.18 52.03 28.68
CA ILE D 32 -52.23 52.75 27.41
C ILE D 32 -51.42 52.02 26.35
N TYR D 33 -50.20 51.60 26.72
CA TYR D 33 -49.40 50.76 25.85
C TYR D 33 -50.19 49.53 25.44
N GLU D 34 -50.86 48.90 26.41
CA GLU D 34 -51.61 47.69 26.11
C GLU D 34 -52.70 47.95 25.09
N PHE D 35 -53.37 49.10 25.18
CA PHE D 35 -54.43 49.39 24.22
C PHE D 35 -53.86 49.73 22.85
N MET D 36 -52.76 50.47 22.81
CA MET D 36 -52.17 50.81 21.52
C MET D 36 -51.72 49.56 20.78
N LYS D 37 -51.10 48.61 21.49
CA LYS D 37 -50.71 47.38 20.82
C LYS D 37 -51.90 46.46 20.55
N LYS D 38 -52.89 46.44 21.44
CA LYS D 38 -54.07 45.62 21.24
C LYS D 38 -54.75 45.89 19.91
N ASP E 1 -61.07 41.81 21.65
CA ASP E 1 -60.35 42.91 22.28
C ASP E 1 -61.24 43.66 23.26
N LYS E 2 -62.53 43.76 22.91
CA LYS E 2 -63.44 44.61 23.66
C LYS E 2 -63.51 44.17 25.11
N GLU E 3 -63.65 42.86 25.34
CA GLU E 3 -63.70 42.37 26.71
C GLU E 3 -62.42 42.71 27.46
N TRP E 4 -61.26 42.48 26.84
CA TRP E 4 -59.99 42.69 27.53
C TRP E 4 -59.72 44.17 27.76
N ILE E 5 -59.90 44.98 26.72
CA ILE E 5 -59.66 46.41 26.85
C ILE E 5 -60.61 47.01 27.88
N LEU E 6 -61.86 46.55 27.87
CA LEU E 6 -62.84 47.03 28.84
C LEU E 6 -62.45 46.61 30.26
N GLN E 7 -62.10 45.34 30.44
CA GLN E 7 -61.66 44.85 31.74
C GLN E 7 -60.49 45.67 32.26
N LYS E 8 -59.50 45.90 31.41
CA LYS E 8 -58.31 46.60 31.84
C LYS E 8 -58.59 48.07 32.13
N ILE E 9 -59.39 48.73 31.29
CA ILE E 9 -59.64 50.14 31.55
C ILE E 9 -60.53 50.31 32.78
N TYR E 10 -61.40 49.33 33.06
CA TYR E 10 -62.11 49.39 34.32
C TYR E 10 -61.16 49.17 35.48
N GLU E 11 -60.14 48.33 35.30
CA GLU E 11 -59.12 48.23 36.34
C GLU E 11 -58.42 49.56 36.54
N ILE E 12 -58.20 50.30 35.46
CA ILE E 12 -57.55 51.61 35.58
C ILE E 12 -58.44 52.56 36.37
N MET E 13 -59.72 52.63 36.01
CA MET E 13 -60.61 53.50 36.75
C MET E 13 -60.71 53.06 38.20
N ARG E 14 -60.59 51.77 38.46
CA ARG E 14 -60.60 51.27 39.83
C ARG E 14 -59.37 51.73 40.60
N LEU E 15 -58.19 51.65 39.97
CA LEU E 15 -56.97 52.10 40.61
C LEU E 15 -57.06 53.59 40.94
N LEU E 16 -57.35 54.41 39.93
CA LEU E 16 -57.46 55.84 40.17
C LEU E 16 -58.67 56.19 41.03
N ASP E 17 -59.58 55.24 41.23
CA ASP E 17 -60.55 55.39 42.31
C ASP E 17 -59.85 55.27 43.65
N GLU E 18 -59.04 54.22 43.81
CA GLU E 18 -58.37 54.00 45.09
C GLU E 18 -57.47 55.18 45.44
N LEU E 19 -56.77 55.72 44.46
CA LEU E 19 -55.97 56.92 44.69
C LEU E 19 -56.80 58.15 44.37
N DAL E 20 -57.26 58.80 45.43
CA DAL E 20 -58.24 59.88 45.34
CB DAL E 20 -59.65 59.32 45.34
C DAL E 20 -58.07 60.86 44.20
O DAL E 20 -57.25 61.77 44.26
N ASP E 21 -58.84 60.64 43.14
CA ASP E 21 -59.08 61.69 42.15
C ASP E 21 -60.33 61.36 41.34
N AIB E 22 -61.45 61.90 41.81
CA AIB E 22 -62.76 61.67 41.23
C AIB E 22 -62.98 62.12 39.78
O AIB E 22 -63.62 61.45 38.98
CB1 AIB E 22 -63.14 60.18 41.27
CB2 AIB E 22 -63.82 62.44 42.04
N GLU E 23 -62.44 63.28 39.44
CA GLU E 23 -62.66 63.86 38.12
C GLU E 23 -62.01 63.03 37.02
N ALA E 24 -60.78 62.58 37.26
CA ALA E 24 -60.07 61.81 36.24
C ALA E 24 -60.57 60.37 36.17
N SER E 25 -60.85 59.75 37.31
CA SER E 25 -61.48 58.45 37.31
C SER E 25 -62.82 58.50 36.59
N MET E 26 -63.64 59.51 36.90
CA MET E 26 -64.94 59.63 36.26
C MET E 26 -64.79 59.94 34.78
N ARG E 27 -63.72 60.63 34.38
CA ARG E 27 -63.49 60.90 32.96
C ARG E 27 -63.11 59.62 32.21
N VAL E 28 -62.25 58.81 32.81
CA VAL E 28 -61.91 57.53 32.16
C VAL E 28 -63.14 56.65 32.09
N SER E 29 -63.97 56.65 33.14
CA SER E 29 -65.19 55.87 33.08
C SER E 29 -66.18 56.45 32.06
N ASP E 30 -66.13 57.75 31.81
CA ASP E 30 -66.96 58.32 30.75
C ASP E 30 -66.51 57.85 29.38
N LEU E 31 -65.19 57.71 29.19
CA LEU E 31 -64.72 57.08 27.95
C LEU E 31 -65.13 55.61 27.87
N ILE E 32 -65.19 54.92 29.01
CA ILE E 32 -65.66 53.55 28.97
C ILE E 32 -67.14 53.50 28.60
N TYR E 33 -67.93 54.43 29.16
CA TYR E 33 -69.31 54.57 28.70
C TYR E 33 -69.37 54.98 27.24
N GLU E 34 -68.31 55.60 26.72
CA GLU E 34 -68.22 55.84 25.28
C GLU E 34 -68.06 54.53 24.53
N PHE E 35 -67.19 53.66 25.01
CA PHE E 35 -67.11 52.30 24.48
C PHE E 35 -68.48 51.64 24.49
N MET E 36 -69.25 51.90 25.55
CA MET E 36 -70.64 51.45 25.58
C MET E 36 -71.46 52.11 24.47
N LYS E 37 -71.20 53.39 24.22
CA LYS E 37 -71.88 54.14 23.16
C LYS E 37 -71.21 53.97 21.81
N LYS E 38 -69.92 53.63 21.79
CA LYS E 38 -69.22 53.34 20.54
C LYS E 38 -68.82 51.87 20.46
N ASP F 1 -75.86 26.45 13.17
CA ASP F 1 -76.08 26.51 11.74
C ASP F 1 -77.40 25.84 11.35
N LYS F 2 -77.30 24.61 10.84
CA LYS F 2 -78.48 23.86 10.40
C LYS F 2 -78.98 22.91 11.47
N GLU F 3 -78.86 23.29 12.75
CA GLU F 3 -79.17 22.36 13.84
C GLU F 3 -80.56 21.76 13.70
N TRP F 4 -81.53 22.54 13.17
CA TRP F 4 -82.83 21.97 12.84
C TRP F 4 -82.67 20.77 11.93
N ILE F 5 -81.98 20.97 10.80
CA ILE F 5 -81.81 19.91 9.82
C ILE F 5 -81.10 18.73 10.45
N LEU F 6 -80.09 19.00 11.27
CA LEU F 6 -79.32 17.93 11.89
C LEU F 6 -80.21 17.09 12.80
N GLN F 7 -80.99 17.75 13.64
CA GLN F 7 -81.93 17.04 14.50
C GLN F 7 -82.92 16.24 13.69
N LYS F 8 -83.43 16.83 12.61
CA LYS F 8 -84.46 16.14 11.82
C LYS F 8 -83.89 14.91 11.13
N ILE F 9 -82.69 15.01 10.55
CA ILE F 9 -82.15 13.86 9.84
C ILE F 9 -81.65 12.81 10.82
N TYR F 10 -81.27 13.21 12.03
CA TYR F 10 -81.00 12.21 13.05
C TYR F 10 -82.28 11.47 13.42
N GLU F 11 -83.37 12.20 13.60
CA GLU F 11 -84.68 11.56 13.76
C GLU F 11 -84.97 10.60 12.62
N ILE F 12 -84.62 11.01 11.39
CA ILE F 12 -84.87 10.15 10.25
C ILE F 12 -84.08 8.87 10.37
N MET F 13 -82.82 8.96 10.77
CA MET F 13 -82.04 7.76 11.01
C MET F 13 -82.70 6.88 12.06
N ARG F 14 -83.16 7.50 13.15
CA ARG F 14 -83.83 6.75 14.20
C ARG F 14 -85.00 5.95 13.64
N LEU F 15 -85.93 6.64 13.01
CA LEU F 15 -87.11 5.97 12.46
C LEU F 15 -86.73 5.00 11.35
N LEU F 16 -85.63 5.26 10.64
CA LEU F 16 -85.32 4.47 9.45
C LEU F 16 -84.71 3.13 9.83
N ASP F 17 -83.90 3.09 10.90
CA ASP F 17 -83.53 1.78 11.43
C ASP F 17 -84.61 1.22 12.34
N GLU F 18 -85.56 2.04 12.78
CA GLU F 18 -86.78 1.52 13.37
C GLU F 18 -87.76 1.02 12.31
N LEU F 19 -87.38 1.09 11.05
CA LEU F 19 -88.16 0.55 9.95
C LEU F 19 -87.78 -0.91 9.69
N DAL F 20 -86.72 -1.10 8.91
CA DAL F 20 -86.22 -2.42 8.53
CB DAL F 20 -85.62 -3.13 9.73
C DAL F 20 -85.19 -2.26 7.42
O DAL F 20 -84.27 -3.06 7.27
N ASP F 21 -85.36 -1.18 6.67
CA ASP F 21 -84.53 -0.86 5.51
C ASP F 21 -83.24 -0.20 5.99
N AIB F 22 -82.58 -0.88 6.92
CA AIB F 22 -81.35 -0.40 7.52
C AIB F 22 -80.18 -0.27 6.53
O AIB F 22 -79.40 -1.19 6.28
CB1 AIB F 22 -81.50 0.97 8.22
CB2 AIB F 22 -80.87 -1.42 8.56
N GLU F 23 -80.08 0.92 5.97
CA GLU F 23 -79.10 1.18 4.94
C GLU F 23 -79.08 2.65 4.57
N ALA F 24 -80.25 3.25 4.48
CA ALA F 24 -80.31 4.70 4.24
C ALA F 24 -80.02 5.49 5.50
N SER F 25 -80.24 4.90 6.66
CA SER F 25 -79.76 5.53 7.89
C SER F 25 -78.28 5.78 7.80
N MET F 26 -77.52 4.80 7.34
CA MET F 26 -76.07 4.93 7.30
C MET F 26 -75.65 5.91 6.21
N ARG F 27 -76.41 5.95 5.11
CA ARG F 27 -76.17 6.97 4.11
C ARG F 27 -76.35 8.36 4.70
N VAL F 28 -77.46 8.58 5.40
CA VAL F 28 -77.67 9.85 6.09
C VAL F 28 -76.55 10.09 7.09
N SER F 29 -75.99 9.03 7.64
CA SER F 29 -74.87 9.18 8.57
C SER F 29 -73.67 9.82 7.87
N ASP F 30 -73.29 9.27 6.71
CA ASP F 30 -72.20 9.90 5.99
C ASP F 30 -72.59 11.30 5.52
N LEU F 31 -73.88 11.54 5.29
CA LEU F 31 -74.32 12.89 4.96
C LEU F 31 -74.05 13.85 6.12
N ILE F 32 -74.33 13.42 7.35
CA ILE F 32 -74.02 14.27 8.51
C ILE F 32 -72.52 14.45 8.63
N TYR F 33 -71.75 13.41 8.32
CA TYR F 33 -70.31 13.59 8.26
C TYR F 33 -69.96 14.71 7.29
N GLU F 34 -70.65 14.73 6.15
CA GLU F 34 -70.38 15.76 5.15
C GLU F 34 -70.73 17.15 5.69
N PHE F 35 -71.85 17.25 6.41
CA PHE F 35 -72.23 18.52 7.02
C PHE F 35 -71.17 19.00 8.01
N MET F 36 -70.72 18.10 8.88
CA MET F 36 -69.77 18.47 9.91
C MET F 36 -68.44 18.89 9.31
N LYS F 37 -67.98 18.18 8.29
CA LYS F 37 -66.74 18.58 7.63
C LYS F 37 -66.92 19.85 6.80
N LYS F 38 -68.14 20.30 6.60
CA LYS F 38 -68.37 21.51 5.81
C LYS F 38 -69.12 22.55 6.62
N ASP G 1 -71.34 20.55 -3.68
CA ASP G 1 -71.18 21.12 -2.35
C ASP G 1 -72.54 21.44 -1.73
N LYS G 2 -72.95 22.71 -1.84
CA LYS G 2 -74.30 23.07 -1.44
C LYS G 2 -75.34 22.34 -2.27
N GLU G 3 -75.12 22.30 -3.59
CA GLU G 3 -76.02 21.56 -4.47
C GLU G 3 -75.88 20.06 -4.28
N TRP G 4 -74.70 19.58 -3.93
CA TRP G 4 -74.55 18.18 -3.55
C TRP G 4 -75.38 17.86 -2.31
N ILE G 5 -75.41 18.77 -1.34
CA ILE G 5 -76.21 18.55 -0.14
C ILE G 5 -77.70 18.56 -0.48
N LEU G 6 -78.13 19.57 -1.24
CA LEU G 6 -79.54 19.64 -1.58
C LEU G 6 -79.96 18.44 -2.42
N GLN G 7 -79.07 17.92 -3.28
CA GLN G 7 -79.46 16.79 -4.10
C GLN G 7 -79.31 15.46 -3.37
N LYS G 8 -78.42 15.36 -2.39
CA LYS G 8 -78.40 14.17 -1.57
C LYS G 8 -79.64 14.07 -0.72
N ILE G 9 -80.19 15.20 -0.27
CA ILE G 9 -81.44 15.09 0.47
C ILE G 9 -82.65 15.03 -0.48
N TYR G 10 -82.53 15.61 -1.67
CA TYR G 10 -83.40 15.28 -2.79
C TYR G 10 -83.54 13.77 -2.89
N GLU G 11 -82.40 13.08 -2.97
CA GLU G 11 -82.41 11.63 -3.02
C GLU G 11 -82.92 11.01 -1.74
N ILE G 12 -82.71 11.68 -0.60
CA ILE G 12 -83.30 11.18 0.65
C ILE G 12 -84.80 11.05 0.48
N MET G 13 -85.44 12.13 0.05
CA MET G 13 -86.85 12.10 -0.28
C MET G 13 -87.18 11.00 -1.28
N ARG G 14 -86.38 10.92 -2.35
CA ARG G 14 -86.64 9.94 -3.40
C ARG G 14 -86.63 8.52 -2.84
N LEU G 15 -85.58 8.19 -2.08
CA LEU G 15 -85.43 6.85 -1.54
C LEU G 15 -86.53 6.53 -0.54
N LEU G 16 -86.83 7.46 0.38
CA LEU G 16 -87.87 7.20 1.37
C LEU G 16 -89.21 6.96 0.69
N ASP G 17 -89.52 7.74 -0.35
CA ASP G 17 -90.69 7.46 -1.16
C ASP G 17 -90.59 6.10 -1.82
N GLU G 18 -89.38 5.70 -2.20
CA GLU G 18 -89.16 4.36 -2.72
C GLU G 18 -89.28 3.30 -1.63
N LEU G 19 -89.37 3.70 -0.37
CA LEU G 19 -89.60 2.73 0.70
C LEU G 19 -91.09 2.59 0.94
N DAL G 20 -91.71 3.65 1.44
CA DAL G 20 -93.16 3.70 1.52
CB DAL G 20 -93.69 4.79 0.60
C DAL G 20 -93.69 3.93 2.93
O DAL G 20 -93.97 2.98 3.67
N ASP G 21 -93.82 5.19 3.27
CA ASP G 21 -94.47 5.60 4.51
C ASP G 21 -94.84 7.07 4.36
N AIB G 22 -96.12 7.32 4.11
CA AIB G 22 -96.64 8.66 3.92
C AIB G 22 -96.15 9.70 4.95
O AIB G 22 -95.82 10.85 4.67
CB1 AIB G 22 -96.27 9.23 2.54
CB2 AIB G 22 -98.17 8.67 4.03
N GLU G 23 -96.09 9.24 6.20
CA GLU G 23 -95.75 10.10 7.32
C GLU G 23 -94.31 10.60 7.24
N ALA G 24 -93.35 9.68 7.24
CA ALA G 24 -91.95 10.07 7.16
C ALA G 24 -91.64 10.82 5.88
N SER G 25 -92.31 10.45 4.79
CA SER G 25 -92.12 11.16 3.53
C SER G 25 -92.56 12.61 3.67
N MET G 26 -93.74 12.84 4.25
CA MET G 26 -94.18 14.20 4.51
C MET G 26 -93.17 14.94 5.38
N ARG G 27 -92.62 14.25 6.38
CA ARG G 27 -91.70 14.91 7.30
C ARG G 27 -90.44 15.35 6.58
N VAL G 28 -89.86 14.48 5.75
CA VAL G 28 -88.63 14.84 5.07
C VAL G 28 -88.89 15.84 3.94
N SER G 29 -90.09 15.83 3.36
CA SER G 29 -90.42 16.88 2.41
C SER G 29 -90.50 18.23 3.10
N ASP G 30 -91.13 18.26 4.27
CA ASP G 30 -91.06 19.45 5.11
C ASP G 30 -89.61 19.83 5.35
N LEU G 31 -88.76 18.82 5.54
CA LEU G 31 -87.33 19.06 5.77
C LEU G 31 -86.67 19.78 4.61
N ILE G 32 -86.88 19.28 3.39
CA ILE G 32 -86.22 19.90 2.25
C ILE G 32 -86.78 21.28 1.97
N TYR G 33 -88.10 21.45 2.09
CA TYR G 33 -88.66 22.78 1.92
C TYR G 33 -88.16 23.74 2.98
N GLU G 34 -87.81 23.21 4.16
CA GLU G 34 -87.24 24.03 5.21
C GLU G 34 -85.79 24.40 4.90
N PHE G 35 -84.98 23.42 4.52
CA PHE G 35 -83.56 23.65 4.31
C PHE G 35 -83.33 24.59 3.14
N MET G 36 -84.00 24.35 2.01
CA MET G 36 -83.76 25.19 0.84
C MET G 36 -83.99 26.66 1.14
N LYS G 37 -84.85 26.96 2.10
CA LYS G 37 -85.03 28.32 2.58
C LYS G 37 -83.93 28.73 3.55
N LYS G 38 -83.02 27.82 3.91
CA LYS G 38 -82.07 28.06 4.97
C LYS G 38 -80.70 27.49 4.63
N ASP H 1 -69.39 48.25 -13.07
CA ASP H 1 -69.45 48.06 -14.51
C ASP H 1 -68.08 47.79 -15.13
N LYS H 2 -67.38 46.78 -14.59
CA LYS H 2 -66.10 46.38 -15.16
C LYS H 2 -66.29 45.84 -16.58
N GLU H 3 -67.37 45.09 -16.82
CA GLU H 3 -67.64 44.65 -18.17
C GLU H 3 -68.08 45.80 -19.05
N TRP H 4 -68.80 46.79 -18.49
CA TRP H 4 -69.06 48.01 -19.24
C TRP H 4 -67.79 48.84 -19.41
N ILE H 5 -66.84 48.68 -18.49
CA ILE H 5 -65.51 49.27 -18.69
C ILE H 5 -64.86 48.66 -19.93
N LEU H 6 -64.85 47.33 -20.01
CA LEU H 6 -64.38 46.63 -21.20
C LEU H 6 -65.12 47.12 -22.44
N GLN H 7 -66.43 47.32 -22.30
CA GLN H 7 -67.24 47.81 -23.41
C GLN H 7 -66.72 49.14 -23.92
N LYS H 8 -66.69 50.15 -23.03
CA LYS H 8 -66.20 51.48 -23.42
C LYS H 8 -64.81 51.40 -24.01
N ILE H 9 -63.92 50.62 -23.39
CA ILE H 9 -62.53 50.66 -23.79
C ILE H 9 -62.32 49.95 -25.13
N TYR H 10 -63.03 48.86 -25.38
CA TYR H 10 -62.86 48.27 -26.71
C TYR H 10 -63.60 49.05 -27.78
N GLU H 11 -64.65 49.80 -27.42
CA GLU H 11 -65.18 50.76 -28.40
C GLU H 11 -64.13 51.80 -28.74
N ILE H 12 -63.40 52.27 -27.72
CA ILE H 12 -62.26 53.14 -27.95
C ILE H 12 -61.27 52.47 -28.89
N MET H 13 -61.03 51.18 -28.71
CA MET H 13 -60.05 50.49 -29.55
C MET H 13 -60.52 50.36 -30.99
N ARG H 14 -61.80 50.04 -31.19
CA ARG H 14 -62.33 49.96 -32.55
C ARG H 14 -62.23 51.32 -33.23
N LEU H 15 -62.60 52.39 -32.53
CA LEU H 15 -62.52 53.71 -33.16
C LEU H 15 -61.08 54.09 -33.43
N LEU H 16 -60.15 53.72 -32.56
CA LEU H 16 -58.74 53.95 -32.82
C LEU H 16 -58.30 53.23 -34.08
N ASP H 17 -58.73 51.98 -34.25
CA ASP H 17 -58.44 51.25 -35.48
C ASP H 17 -58.99 51.94 -36.71
N GLU H 18 -60.18 52.53 -36.59
CA GLU H 18 -60.75 53.17 -37.77
C GLU H 18 -60.06 54.48 -38.11
N LEU H 19 -59.62 55.23 -37.10
CA LEU H 19 -59.02 56.54 -37.36
C LEU H 19 -57.72 56.41 -38.15
N DAL H 20 -56.98 55.34 -37.94
CA DAL H 20 -55.76 55.11 -38.70
CB DAL H 20 -55.74 53.69 -39.26
C DAL H 20 -54.50 55.40 -37.90
O DAL H 20 -53.43 55.60 -38.48
N ASP H 21 -54.62 55.44 -36.57
CA ASP H 21 -53.46 55.63 -35.71
C ASP H 21 -52.49 54.47 -35.80
N AIB H 22 -53.03 53.28 -36.04
CA AIB H 22 -52.24 52.05 -36.03
C AIB H 22 -51.39 51.84 -34.76
O AIB H 22 -51.54 50.87 -34.01
CB1 AIB H 22 -53.16 50.82 -36.10
CB2 AIB H 22 -51.27 51.97 -37.22
N GLU H 23 -50.49 52.78 -34.55
CA GLU H 23 -49.64 52.87 -33.38
C GLU H 23 -50.45 52.80 -32.10
N ALA H 24 -51.22 53.88 -31.90
CA ALA H 24 -52.10 53.98 -30.75
C ALA H 24 -52.96 52.74 -30.63
N SER H 25 -53.55 52.28 -31.72
CA SER H 25 -54.41 51.11 -31.65
C SER H 25 -53.65 49.93 -31.07
N MET H 26 -52.46 49.65 -31.60
CA MET H 26 -51.71 48.46 -31.17
C MET H 26 -51.39 48.51 -29.68
N ARG H 27 -50.74 49.59 -29.23
CA ARG H 27 -50.30 49.50 -27.84
C ARG H 27 -51.33 49.97 -26.83
N VAL H 28 -52.32 50.78 -27.23
CA VAL H 28 -53.48 50.94 -26.38
C VAL H 28 -54.26 49.64 -26.28
N SER H 29 -54.17 48.78 -27.30
CA SER H 29 -54.73 47.44 -27.16
C SER H 29 -53.89 46.62 -26.19
N ASP H 30 -52.58 46.84 -26.17
CA ASP H 30 -51.77 46.28 -25.09
C ASP H 30 -52.29 46.75 -23.73
N LEU H 31 -52.64 48.03 -23.64
CA LEU H 31 -53.22 48.58 -22.42
C LEU H 31 -54.50 47.85 -22.04
N ILE H 32 -55.42 47.70 -22.99
CA ILE H 32 -56.68 47.01 -22.74
C ILE H 32 -56.43 45.55 -22.35
N TYR H 33 -55.41 44.94 -22.93
CA TYR H 33 -55.05 43.58 -22.57
C TYR H 33 -54.67 43.49 -21.11
N GLU H 34 -53.75 44.35 -20.67
CA GLU H 34 -53.39 44.39 -19.25
C GLU H 34 -54.47 45.03 -18.39
N PHE H 35 -55.55 45.52 -19.01
CA PHE H 35 -56.72 46.00 -18.29
C PHE H 35 -57.69 44.87 -17.96
N MET H 36 -58.08 44.10 -18.99
CA MET H 36 -59.03 43.02 -18.81
C MET H 36 -58.38 41.80 -18.15
N LYS H 37 -57.14 41.48 -18.53
CA LYS H 37 -56.40 40.47 -17.80
C LYS H 37 -56.20 40.90 -16.35
N LYS H 38 -55.96 42.19 -16.14
CA LYS H 38 -55.63 42.71 -14.82
C LYS H 38 -55.87 44.21 -14.74
N ASP I 1 -54.12 48.25 -8.72
CA ASP I 1 -55.49 47.80 -8.96
C ASP I 1 -56.25 48.77 -9.86
N LYS I 2 -57.45 49.15 -9.41
CA LYS I 2 -58.26 50.09 -10.17
C LYS I 2 -57.57 51.43 -10.36
N GLU I 3 -56.56 51.74 -9.54
CA GLU I 3 -55.78 52.95 -9.77
C GLU I 3 -55.10 52.93 -11.13
N TRP I 4 -54.42 51.83 -11.45
CA TRP I 4 -53.77 51.72 -12.75
C TRP I 4 -54.78 51.84 -13.87
N ILE I 5 -55.97 51.27 -13.69
CA ILE I 5 -56.97 51.29 -14.76
C ILE I 5 -57.51 52.71 -14.97
N LEU I 6 -57.87 53.39 -13.88
CA LEU I 6 -58.36 54.75 -14.04
C LEU I 6 -57.26 55.68 -14.54
N GLN I 7 -56.00 55.38 -14.22
CA GLN I 7 -54.91 56.12 -14.83
C GLN I 7 -54.80 55.80 -16.31
N LYS I 8 -55.11 54.56 -16.69
CA LYS I 8 -55.23 54.22 -18.10
C LYS I 8 -56.26 55.10 -18.78
N ILE I 9 -57.40 55.29 -18.12
CA ILE I 9 -58.45 56.14 -18.70
C ILE I 9 -58.01 57.59 -18.72
N TYR I 10 -57.16 57.99 -17.76
CA TYR I 10 -56.53 59.31 -17.84
C TYR I 10 -55.68 59.44 -19.09
N GLU I 11 -54.82 58.44 -19.33
CA GLU I 11 -53.98 58.45 -20.53
C GLU I 11 -54.84 58.45 -21.79
N ILE I 12 -56.00 57.76 -21.73
CA ILE I 12 -56.90 57.70 -22.88
C ILE I 12 -57.50 59.07 -23.14
N MET I 13 -57.96 59.75 -22.10
CA MET I 13 -58.51 61.08 -22.28
C MET I 13 -57.43 62.06 -22.74
N ARG I 14 -56.19 61.83 -22.34
CA ARG I 14 -55.10 62.69 -22.81
C ARG I 14 -54.82 62.45 -24.28
N LEU I 15 -54.76 61.18 -24.70
CA LEU I 15 -54.63 60.85 -26.11
C LEU I 15 -55.78 61.46 -26.92
N LEU I 16 -56.99 61.44 -26.38
CA LEU I 16 -58.13 62.01 -27.08
C LEU I 16 -57.97 63.52 -27.21
N ASP I 17 -57.72 64.22 -26.11
CA ASP I 17 -57.59 65.67 -26.19
C ASP I 17 -56.37 66.09 -26.99
N GLU I 18 -55.43 65.17 -27.24
CA GLU I 18 -54.34 65.48 -28.16
C GLU I 18 -54.73 65.22 -29.61
N LEU I 19 -55.54 64.18 -29.86
CA LEU I 19 -56.04 63.87 -31.19
C LEU I 19 -56.90 65.00 -31.72
N DAL I 20 -58.01 65.23 -31.03
CA DAL I 20 -58.96 66.24 -31.42
CB DAL I 20 -59.02 67.34 -30.38
C DAL I 20 -60.33 65.60 -31.59
O DAL I 20 -60.77 65.32 -32.71
N ASP I 21 -61.01 65.38 -30.47
CA ASP I 21 -62.34 64.78 -30.50
C ASP I 21 -63.15 65.27 -29.31
N AIB I 22 -63.46 66.57 -29.32
CA AIB I 22 -64.27 67.23 -28.30
C AIB I 22 -65.42 66.40 -27.71
O AIB I 22 -65.62 66.25 -26.50
CB1 AIB I 22 -63.42 67.70 -27.10
CB2 AIB I 22 -64.98 68.47 -28.88
N GLU I 23 -66.18 65.84 -28.63
CA GLU I 23 -67.25 64.92 -28.30
C GLU I 23 -66.69 63.72 -27.53
N ALA I 24 -65.66 63.09 -28.08
CA ALA I 24 -65.10 61.90 -27.44
C ALA I 24 -64.43 62.23 -26.12
N SER I 25 -63.79 63.39 -26.03
CA SER I 25 -63.20 63.81 -24.76
C SER I 25 -64.26 64.01 -23.71
N MET I 26 -65.36 64.68 -24.06
CA MET I 26 -66.45 64.85 -23.10
C MET I 26 -67.04 63.50 -22.71
N ARG I 27 -67.15 62.58 -23.67
CA ARG I 27 -67.67 61.25 -23.38
C ARG I 27 -66.80 60.53 -22.36
N VAL I 28 -65.51 60.44 -22.64
CA VAL I 28 -64.63 59.70 -21.73
C VAL I 28 -64.51 60.44 -20.40
N SER I 29 -64.67 61.76 -20.38
CA SER I 29 -64.54 62.49 -19.13
C SER I 29 -65.75 62.26 -18.23
N ASP I 30 -66.95 62.36 -18.79
CA ASP I 30 -68.14 62.05 -17.99
C ASP I 30 -68.13 60.59 -17.57
N LEU I 31 -67.63 59.69 -18.42
CA LEU I 31 -67.49 58.30 -18.01
C LEU I 31 -66.44 58.16 -16.92
N ILE I 32 -65.42 59.02 -16.90
CA ILE I 32 -64.42 58.96 -15.84
C ILE I 32 -65.02 59.42 -14.52
N TYR I 33 -65.84 60.47 -14.54
CA TYR I 33 -66.52 60.89 -13.32
C TYR I 33 -67.46 59.79 -12.83
N GLU I 34 -68.24 59.21 -13.74
CA GLU I 34 -69.16 58.15 -13.39
C GLU I 34 -68.46 56.82 -13.11
N PHE I 35 -67.15 56.74 -13.35
CA PHE I 35 -66.35 55.57 -13.02
C PHE I 35 -65.60 55.73 -11.71
N MET I 36 -65.22 56.96 -11.36
CA MET I 36 -64.74 57.23 -10.01
C MET I 36 -65.87 57.15 -9.00
N LYS I 37 -67.07 57.58 -9.41
CA LYS I 37 -68.22 57.58 -8.52
C LYS I 37 -68.82 56.19 -8.38
N LYS I 38 -69.32 55.62 -9.47
CA LYS I 38 -69.99 54.33 -9.44
C LYS I 38 -68.99 53.18 -9.38
C1 NAG J . -38.36 -32.67 9.36
C2 NAG J . -38.32 -33.91 8.49
C3 NAG J . -37.94 -35.12 9.33
C4 NAG J . -36.65 -34.84 10.08
C5 NAG J . -36.71 -33.51 10.82
C6 NAG J . -35.39 -33.11 11.42
C7 NAG J . -39.84 -33.81 6.55
C8 NAG J . -41.22 -34.11 6.04
N2 NAG J . -39.61 -34.14 7.83
O3 NAG J . -37.80 -36.26 8.50
O4 NAG J . -36.40 -35.88 11.02
O5 NAG J . -37.09 -32.45 9.93
O6 NAG J . -34.33 -33.85 10.83
O7 NAG J . -38.98 -33.30 5.85
C1 NAG K . 57.68 -58.13 -18.74
C2 NAG K . 57.12 -57.35 -19.94
C3 NAG K . 57.89 -57.69 -21.21
C4 NAG K . 59.39 -57.53 -21.00
C5 NAG K . 59.84 -58.32 -19.77
C6 NAG K . 61.30 -58.12 -19.44
C7 NAG K . 55.21 -58.77 -20.56
C8 NAG K . 53.71 -58.84 -20.72
N2 NAG K . 55.70 -57.60 -20.14
O3 NAG K . 57.45 -56.84 -22.25
O4 NAG K . 60.09 -58.03 -22.13
O5 NAG K . 59.08 -57.90 -18.63
O6 NAG K . 61.45 -57.41 -18.21
O7 NAG K . 55.92 -59.75 -20.77
C1 NAG L . 5.03 -1.70 -47.93
C2 NAG L . 6.53 -1.36 -47.85
C3 NAG L . 7.00 -0.74 -49.17
C4 NAG L . 6.62 -1.62 -50.35
C5 NAG L . 5.13 -1.97 -50.30
C6 NAG L . 4.71 -2.96 -51.35
C7 NAG L . 7.02 -0.86 -45.49
C8 NAG L . 7.29 0.22 -44.49
N2 NAG L . 6.81 -0.45 -46.75
O3 NAG L . 8.42 -0.59 -49.11
O4 NAG L . 6.90 -0.95 -51.56
O5 NAG L . 4.81 -2.57 -49.03
O6 NAG L . 4.96 -4.29 -50.95
O7 NAG L . 6.95 -2.03 -45.17
C1 NAG M . 6.72 -51.51 -20.53
C2 NAG M . 6.19 -52.41 -21.64
C3 NAG M . 4.79 -52.90 -21.30
C4 NAG M . 4.79 -53.57 -19.93
C5 NAG M . 5.43 -52.66 -18.88
C6 NAG M . 5.63 -53.35 -17.56
C7 NAG M . 5.47 -50.69 -23.26
C8 NAG M . 5.64 -50.16 -24.65
N2 NAG M . 6.21 -51.75 -22.93
O3 NAG M . 4.34 -53.81 -22.29
O4 NAG M . 3.45 -53.86 -19.53
O5 NAG M . 6.72 -52.23 -19.31
O6 NAG M . 6.97 -53.79 -17.42
O7 NAG M . 4.69 -50.16 -22.47
C1 NAG N . -8.30 -41.60 -9.23
C2 NAG N . -7.91 -42.22 -7.89
C3 NAG N . -8.04 -43.74 -7.96
C4 NAG N . -9.46 -44.12 -8.38
C5 NAG N . -9.82 -43.43 -9.69
C6 NAG N . -11.26 -43.64 -10.07
C7 NAG N . -6.31 -40.70 -6.83
C8 NAG N . -4.88 -40.46 -6.48
N2 NAG N . -6.57 -41.84 -7.49
O3 NAG N . -7.76 -44.31 -6.68
O4 NAG N . -9.55 -45.53 -8.55
O5 NAG N . -9.63 -42.01 -9.57
O6 NAG N . -12.06 -42.54 -9.66
O7 NAG N . -7.20 -39.90 -6.55
C1 NAG O . 47.54 -19.80 -36.19
C2 NAG O . 48.55 -19.00 -37.00
C3 NAG O . 47.83 -17.94 -37.82
C4 NAG O . 46.69 -18.56 -38.62
C5 NAG O . 45.81 -19.43 -37.73
C6 NAG O . 44.77 -20.20 -38.51
C7 NAG O . 50.73 -17.97 -36.55
C8 NAG O . 51.61 -17.35 -35.51
N2 NAG O . 49.53 -18.39 -36.13
O3 NAG O . 48.75 -17.31 -38.69
O4 NAG O . 45.89 -17.52 -39.17
O5 NAG O . 46.61 -20.40 -37.06
O6 NAG O . 44.12 -19.37 -39.47
O7 NAG O . 51.09 -18.12 -37.71
C1 NAG P . 42.44 -60.08 -2.10
C2 NAG P . 43.65 -60.55 -1.30
C3 NAG P . 43.69 -62.07 -1.21
C4 NAG P . 42.33 -62.64 -0.79
C5 NAG P . 41.24 -62.07 -1.69
C6 NAG P . 39.86 -62.51 -1.29
C7 NAG P . 45.28 -58.79 -1.85
C8 NAG P . 46.57 -58.47 -2.54
N2 NAG P . 44.87 -60.06 -1.90
O3 NAG P . 44.69 -62.45 -0.28
O4 NAG P . 42.34 -64.05 -0.93
O5 NAG P . 41.27 -60.64 -1.58
O6 NAG P . 39.43 -63.60 -2.10
O7 NAG P . 44.63 -57.93 -1.26
C1 NAG Q . 42.39 -55.98 -16.91
C2 NAG Q . 40.99 -55.39 -17.14
C3 NAG Q . 39.95 -56.17 -16.33
C4 NAG Q . 40.06 -57.66 -16.59
C5 NAG Q . 41.50 -58.11 -16.35
C6 NAG Q . 41.74 -59.57 -16.69
C7 NAG Q . 40.69 -53.02 -17.66
C8 NAG Q . 40.39 -53.45 -19.06
N2 NAG Q . 40.96 -53.99 -16.78
O3 NAG Q . 38.64 -55.71 -16.66
O4 NAG Q . 39.18 -58.36 -15.72
O5 NAG Q . 42.38 -57.36 -17.19
O6 NAG Q . 43.12 -59.84 -16.80
O7 NAG Q . 40.67 -51.83 -17.32
C1 NAG R . -20.41 -26.75 -36.27
C2 NAG R . -21.67 -27.43 -35.67
C3 NAG R . -22.82 -27.50 -36.69
C4 NAG R . -22.30 -27.36 -38.11
C5 NAG R . -21.00 -28.11 -38.25
C6 NAG R . -20.52 -28.17 -39.67
C7 NAG R . -21.17 -28.94 -33.82
C8 NAG R . -20.86 -30.35 -33.43
N2 NAG R . -21.36 -28.74 -35.12
O3 NAG R . -23.77 -26.48 -36.41
O4 NAG R . -23.24 -27.89 -39.03
O5 NAG R . -19.99 -27.46 -37.49
O6 NAG R . -21.48 -27.62 -40.56
O7 NAG R . -21.21 -28.04 -33.00
C1 NAG S . -32.16 0.08 -27.10
C2 NAG S . -31.04 1.08 -26.89
C3 NAG S . -30.42 0.85 -25.53
C4 NAG S . -31.49 0.96 -24.46
C5 NAG S . -32.68 0.05 -24.77
C6 NAG S . -33.86 0.28 -23.85
C7 NAG S . -29.91 1.92 -28.89
C8 NAG S . -28.82 1.68 -29.89
N2 NAG S . -30.04 0.99 -27.94
O3 NAG S . -29.38 1.79 -25.30
O4 NAG S . -30.95 0.61 -23.18
O5 NAG S . -33.15 0.27 -26.10
O6 NAG S . -34.57 1.45 -24.22
O7 NAG S . -30.64 2.91 -28.95
C1 NAG T . 12.93 -24.11 -37.26
C2 NAG T . 13.63 -24.38 -38.59
C3 NAG T . 15.14 -24.37 -38.40
C4 NAG T . 15.58 -23.07 -37.75
C5 NAG T . 14.83 -22.84 -36.45
C6 NAG T . 15.11 -21.49 -35.84
C7 NAG T . 12.42 -25.72 -40.25
C8 NAG T . 12.06 -27.10 -40.70
N2 NAG T . 13.19 -25.64 -39.16
O3 NAG T . 15.76 -24.52 -39.68
O4 NAG T . 16.97 -23.13 -37.47
O5 NAG T . 13.40 -22.88 -36.71
O6 NAG T . 14.17 -20.52 -36.29
O7 NAG T . 12.03 -24.72 -40.84
C1 NAG U . -43.52 10.74 -36.72
C2 NAG U . -44.90 11.33 -37.02
C3 NAG U . -45.88 10.21 -37.37
C4 NAG U . -45.87 9.10 -36.33
C5 NAG U . -44.44 8.68 -36.00
C6 NAG U . -44.21 7.20 -36.10
C7 NAG U . -44.91 13.30 -35.55
C8 NAG U . -45.53 13.95 -34.35
N2 NAG U . -45.40 12.10 -35.89
O3 NAG U . -45.54 9.67 -38.64
O4 NAG U . -46.50 9.56 -35.14
O5 NAG U . -43.54 9.32 -36.92
O6 NAG U . -44.05 6.78 -37.45
O7 NAG U . -44.02 13.84 -36.18
C1 NAG V . -58.45 -21.36 6.89
C2 NAG V . -57.50 -20.56 6.02
C3 NAG V . -57.55 -21.06 4.59
C4 NAG V . -57.21 -22.53 4.55
C5 NAG V . -58.14 -23.32 5.47
C6 NAG V . -57.76 -24.77 5.59
C7 NAG V . -56.84 -18.21 6.27
C8 NAG V . -57.29 -16.79 6.30
N2 NAG V . -57.78 -19.14 6.09
O3 NAG V . -56.66 -20.32 3.77
O4 NAG V . -57.35 -23.02 3.21
O5 NAG V . -58.11 -22.77 6.80
O6 NAG V . -58.05 -25.29 6.89
O7 NAG V . -55.65 -18.51 6.43
C1 NAG W . -7.27 22.74 -47.16
C2 NAG W . -6.83 24.19 -46.96
C3 NAG W . -6.08 24.68 -48.19
C4 NAG W . -4.94 23.74 -48.52
C5 NAG W . -5.45 22.30 -48.63
C6 NAG W . -4.33 21.31 -48.85
C7 NAG W . -8.07 25.79 -45.57
C8 NAG W . -9.30 26.61 -45.44
N2 NAG W . -7.97 25.05 -46.67
O3 NAG W . -5.58 26.00 -47.96
O4 NAG W . -4.35 24.11 -49.76
O5 NAG W . -6.12 21.93 -47.41
O6 NAG W . -3.41 21.80 -49.81
O7 NAG W . -7.20 25.79 -44.70
C1 NAG X . 80.61 -18.14 -13.45
C2 NAG X . 80.09 -17.46 -12.17
C3 NAG X . 81.22 -17.21 -11.17
C4 NAG X . 82.07 -18.46 -10.97
C5 NAG X . 82.54 -18.98 -12.31
C6 NAG X . 83.34 -20.25 -12.18
C7 NAG X . 79.98 -15.21 -13.17
C8 NAG X . 79.13 -14.01 -13.39
N2 NAG X . 79.41 -16.21 -12.48
O3 NAG X . 80.67 -16.82 -9.93
O4 NAG X . 83.21 -18.15 -10.18
O5 NAG X . 81.39 -19.29 -13.10
O6 NAG X . 83.96 -20.34 -10.91
O7 NAG X . 81.14 -15.27 -13.58
C1 NAG Y . 26.95 30.11 25.50
C2 NAG Y . 27.92 31.20 25.08
C3 NAG Y . 28.94 31.48 26.19
C4 NAG Y . 28.25 31.73 27.51
C5 NAG Y . 27.28 30.59 27.82
C6 NAG Y . 26.47 30.85 29.07
C7 NAG Y . 29.17 31.73 23.04
C8 NAG Y . 29.83 31.18 21.81
N2 NAG Y . 28.60 30.84 23.84
O3 NAG Y . 29.70 32.62 25.82
O4 NAG Y . 29.21 31.84 28.55
O5 NAG Y . 26.36 30.44 26.74
O6 NAG Y . 25.24 31.50 28.75
O7 NAG Y . 29.17 32.93 23.29
C1 NAG Z . 45.36 19.07 -26.75
C2 NAG Z . 46.02 19.21 -28.14
C3 NAG Z . 45.72 20.56 -28.75
C4 NAG Z . 44.22 20.85 -28.74
C5 NAG Z . 43.70 20.68 -27.32
C6 NAG Z . 42.21 20.89 -27.19
C7 NAG Z . 48.32 19.72 -27.39
C8 NAG Z . 49.75 19.31 -27.49
N2 NAG Z . 47.46 18.96 -28.07
O3 NAG Z . 46.22 20.60 -30.07
O4 NAG Z . 44.00 22.19 -29.16
O5 NAG Z . 43.96 19.35 -26.85
O6 NAG Z . 41.80 20.83 -25.83
O7 NAG Z . 47.96 20.68 -26.70
C1 NAG AA . 24.53 17.39 -30.31
C2 NAG AA . 25.14 16.18 -31.04
C3 NAG AA . 24.05 15.30 -31.63
C4 NAG AA . 22.88 16.12 -32.17
C5 NAG AA . 23.33 17.53 -32.46
C6 NAG AA . 22.25 18.39 -33.08
C7 NAG AA . 27.26 15.93 -32.24
C8 NAG AA . 28.14 16.47 -33.33
N2 NAG AA . 26.11 16.57 -32.06
O3 NAG AA . 23.58 14.42 -30.61
O4 NAG AA . 22.40 15.54 -33.37
O5 NAG AA . 23.72 18.18 -31.23
O6 NAG AA . 22.48 18.57 -34.47
O7 NAG AA . 27.58 14.96 -31.57
C1 NAG BA . 58.54 -3.69 21.02
C2 NAG BA . 59.20 -3.82 22.36
C3 NAG BA . 58.37 -3.10 23.40
C4 NAG BA . 58.21 -1.64 23.00
C5 NAG BA . 57.69 -1.54 21.56
C6 NAG BA . 57.70 -0.13 21.03
C7 NAG BA . 60.48 -5.92 22.43
C8 NAG BA . 60.49 -7.34 22.89
N2 NAG BA . 59.37 -5.23 22.73
O3 NAG BA . 59.00 -3.18 24.68
O4 NAG BA . 57.29 -1.00 23.88
O5 NAG BA . 58.49 -2.32 20.66
O6 NAG BA . 58.11 -0.10 19.67
O7 NAG BA . 61.40 -5.42 21.82
C1 NAG CA . 64.79 -19.25 -29.58
C2 NAG CA . 64.66 -20.07 -30.84
C3 NAG CA . 65.63 -19.56 -31.89
C4 NAG CA . 65.43 -18.05 -32.11
C5 NAG CA . 65.47 -17.32 -30.77
C6 NAG CA . 65.11 -15.86 -30.88
C7 NAG CA . 64.41 -22.45 -31.33
C8 NAG CA . 64.74 -23.84 -30.92
N2 NAG CA . 64.91 -21.48 -30.57
O3 NAG CA . 65.40 -20.26 -33.10
O4 NAG CA . 66.45 -17.54 -32.96
O5 NAG CA . 64.53 -17.91 -29.86
O6 NAG CA . 64.45 -15.41 -29.70
O7 NAG CA . 63.71 -22.20 -32.31
C1 NAG DA . 69.07 -9.91 -19.52
C2 NAG DA . 69.03 -8.40 -19.42
C3 NAG DA . 70.03 -7.79 -20.39
C4 NAG DA . 71.41 -8.41 -20.21
C5 NAG DA . 71.32 -9.93 -20.24
C6 NAG DA . 72.63 -10.63 -19.96
C7 NAG DA . 66.91 -7.32 -18.76
C8 NAG DA . 67.48 -7.24 -17.38
N2 NAG DA . 67.70 -7.88 -19.69
O3 NAG DA . 70.10 -6.38 -20.18
O4 NAG DA . 72.27 -7.98 -21.27
O5 NAG DA . 70.38 -10.37 -19.26
O6 NAG DA . 72.80 -11.76 -20.79
O7 NAG DA . 65.80 -6.89 -19.03
C1 NAG EA . 20.78 44.77 -9.31
C2 NAG EA . 20.47 43.99 -10.58
C3 NAG EA . 21.63 44.10 -11.55
C4 NAG EA . 21.96 45.56 -11.80
C5 NAG EA . 22.17 46.31 -10.49
C6 NAG EA . 22.33 47.80 -10.67
C7 NAG EA . 19.06 42.16 -9.70
C8 NAG EA . 18.95 40.69 -9.48
N2 NAG EA . 20.20 42.59 -10.28
O3 NAG EA . 21.29 43.46 -12.77
O4 NAG EA . 23.14 45.67 -12.59
O5 NAG EA . 21.03 46.13 -9.64
O6 NAG EA . 21.99 48.50 -9.49
O7 NAG EA . 18.18 42.95 -9.37
C1 NAG FA . -8.56 41.37 1.70
C2 NAG FA . -7.66 40.79 0.63
C3 NAG FA . -8.36 39.63 -0.06
C4 NAG FA . -8.77 38.59 0.97
C5 NAG FA . -9.58 39.23 2.10
C6 NAG FA . -9.84 38.28 3.24
C7 NAG FA . -8.02 42.57 -1.03
C8 NAG FA . -7.34 43.55 -1.94
N2 NAG FA . -7.21 41.78 -0.31
O3 NAG FA . -7.50 39.05 -1.03
O4 NAG FA . -9.54 37.56 0.36
O5 NAG FA . -8.88 40.35 2.66
O6 NAG FA . -9.72 38.92 4.51
O7 NAG FA . -9.24 42.50 -0.95
C1 NAG GA . 39.01 20.92 5.10
C2 NAG GA . 40.43 21.11 5.59
C3 NAG GA . 40.83 20.01 6.56
C4 NAG GA . 39.81 19.89 7.69
C5 NAG GA . 38.42 19.71 7.09
C6 NAG GA . 37.33 19.69 8.14
C7 NAG GA . 42.59 21.67 4.56
C8 NAG GA . 43.42 21.64 3.30
N2 NAG GA . 41.36 21.17 4.46
O3 NAG GA . 42.11 20.32 7.11
O4 NAG GA . 40.12 18.79 8.51
O5 NAG GA . 38.12 20.79 6.22
O6 NAG GA . 36.62 18.45 8.14
O7 NAG GA . 43.02 22.14 5.61
C1 NAG HA . -16.51 52.56 10.57
C2 NAG HA . -17.87 52.92 9.99
C3 NAG HA . -18.71 51.66 9.79
C4 NAG HA . -17.95 50.63 8.97
C5 NAG HA . -16.58 50.36 9.60
C6 NAG HA . -15.73 49.43 8.79
C7 NAG HA . -18.25 55.15 10.95
C8 NAG HA . -19.09 55.96 11.89
N2 NAG HA . -18.58 53.86 10.85
O3 NAG HA . -19.92 51.99 9.12
O4 NAG HA . -18.69 49.41 8.91
O5 NAG HA . -15.87 51.60 9.72
O6 NAG HA . -15.91 48.07 9.17
O7 NAG HA . -17.31 55.64 10.33
C1 NAG IA . -27.77 38.39 -42.67
C2 NAG IA . -26.92 37.73 -41.57
C3 NAG IA . -25.68 38.58 -41.26
C4 NAG IA . -24.95 39.00 -42.52
C5 NAG IA . -25.93 39.66 -43.49
C6 NAG IA . -25.30 40.06 -44.80
C7 NAG IA . -27.33 36.86 -39.30
C8 NAG IA . -28.32 36.79 -38.17
N2 NAG IA . -27.72 37.55 -40.38
O3 NAG IA . -24.79 37.82 -40.43
O4 NAG IA . -23.91 39.93 -42.21
O5 NAG IA . -26.96 38.70 -43.79
O6 NAG IA . -26.28 40.48 -45.74
O7 NAG IA . -26.23 36.30 -39.24
C1 NAG JA . 3.18 34.07 38.60
C2 NAG JA . 2.19 34.34 39.74
C3 NAG JA . 2.77 35.38 40.70
C4 NAG JA . 4.16 34.97 41.16
C5 NAG JA . 5.05 34.68 39.95
C6 NAG JA . 6.42 34.22 40.32
C7 NAG JA . -0.19 34.90 39.97
C8 NAG JA . -1.43 35.38 39.27
N2 NAG JA . 0.90 34.79 39.22
O3 NAG JA . 1.91 35.54 41.83
O4 NAG JA . 4.76 36.00 41.94
O5 NAG JA . 4.44 33.66 39.16
O6 NAG JA . 6.90 34.93 41.45
O7 NAG JA . -0.18 34.66 41.17
C1 NAG KA . 68.64 -42.59 23.70
C2 NAG KA . 67.33 -43.29 24.03
C3 NAG KA . 67.62 -44.70 24.53
C4 NAG KA . 68.47 -45.46 23.53
C5 NAG KA . 69.71 -44.66 23.14
C6 NAG KA . 70.47 -45.30 22.01
C7 NAG KA . 66.83 -42.41 26.29
C8 NAG KA . 65.85 -41.61 27.09
N2 NAG KA . 66.53 -42.54 24.99
O3 NAG KA . 66.39 -45.38 24.77
O4 NAG KA . 68.91 -46.69 24.10
O5 NAG KA . 69.34 -43.34 22.69
O6 NAG KA . 71.04 -46.53 22.42
O7 NAG KA . 67.83 -42.90 26.78
C1 NAG LA . -12.20 -40.61 21.70
C2 NAG LA . -13.44 -41.50 21.68
C3 NAG LA . -13.03 -42.96 21.48
C4 NAG LA . -12.15 -43.11 20.26
C5 NAG LA . -10.97 -42.15 20.35
C6 NAG LA . -10.15 -42.13 19.08
C7 NAG LA . -15.47 -41.78 23.02
C8 NAG LA . -16.11 -41.54 24.36
N2 NAG LA . -14.21 -41.35 22.90
O3 NAG LA . -14.21 -43.75 21.31
O4 NAG LA . -11.65 -44.44 20.18
O5 NAG LA . -11.44 -40.81 20.53
O6 NAG LA . -10.78 -41.35 18.09
O7 NAG LA . -16.07 -42.34 22.11
C1 NAG MA . 30.38 -13.63 44.39
C2 NAG MA . 31.13 -13.55 45.72
C3 NAG MA . 30.83 -12.23 46.46
C4 NAG MA . 29.51 -11.59 46.05
C5 NAG MA . 29.27 -11.57 44.53
C6 NAG MA . 29.36 -10.18 43.94
C7 NAG MA . 29.65 -15.09 46.98
C8 NAG MA . 29.60 -16.30 47.87
N2 NAG MA . 30.87 -14.70 46.57
O3 NAG MA . 31.90 -11.30 46.24
O4 NAG MA . 28.42 -12.26 46.68
O5 NAG MA . 30.26 -12.36 43.86
O6 NAG MA . 29.82 -10.22 42.60
O7 NAG MA . 28.62 -14.49 46.66
C1 NAG NA . 19.33 3.19 37.38
C2 NAG NA . 20.62 3.26 38.19
C3 NAG NA . 21.59 4.23 37.53
C4 NAG NA . 21.81 3.86 36.07
C5 NAG NA . 20.48 3.71 35.34
C6 NAG NA . 20.63 3.18 33.94
C7 NAG NA . 20.02 2.77 40.51
C8 NAG NA . 19.79 3.35 41.89
N2 NAG NA . 20.36 3.64 39.56
O3 NAG NA . 22.83 4.22 38.23
O4 NAG NA . 22.59 4.86 35.42
O5 NAG NA . 19.63 2.78 36.05
O6 NAG NA . 20.30 1.80 33.84
O7 NAG NA . 19.90 1.58 40.28
C1 NAG OA . 29.76 -54.45 9.51
C2 NAG OA . 29.82 -55.95 9.41
C3 NAG OA . 28.41 -56.51 9.32
C4 NAG OA . 27.59 -56.04 10.51
C5 NAG OA . 27.69 -54.52 10.68
C6 NAG OA . 27.11 -54.05 11.99
C7 NAG OA . 31.93 -56.63 8.36
C8 NAG OA . 32.60 -57.07 7.11
N2 NAG OA . 30.62 -56.38 8.27
O3 NAG OA . 28.47 -57.94 9.30
O4 NAG OA . 26.23 -56.39 10.33
O5 NAG OA . 29.06 -54.09 10.67
O6 NAG OA . 26.34 -55.06 12.61
O7 NAG OA . 32.53 -56.51 9.41
C1 NAG PA . 67.23 -21.30 24.23
C2 NAG PA . 66.98 -20.07 23.36
C3 NAG PA . 68.29 -19.32 23.14
C4 NAG PA . 68.98 -19.04 24.45
C5 NAG PA . 69.12 -20.32 25.29
C6 NAG PA . 69.66 -20.08 26.67
C7 NAG PA . 65.34 -19.76 21.57
C8 NAG PA . 64.82 -20.26 20.26
N2 NAG PA . 66.36 -20.43 22.10
O3 NAG PA . 68.01 -18.09 22.46
O4 NAG PA . 70.28 -18.53 24.20
O5 NAG PA . 67.82 -20.91 25.46
O6 NAG PA . 68.77 -20.58 27.65
O7 NAG PA . 64.84 -18.78 22.13
C1 NAG QA . 58.75 -31.40 28.47
C2 NAG QA . 57.84 -31.87 29.61
C3 NAG QA . 58.57 -31.76 30.94
C4 NAG QA . 59.91 -32.48 30.87
C5 NAG QA . 60.72 -31.94 29.70
C6 NAG QA . 62.04 -32.65 29.50
C7 NAG QA . 55.40 -31.67 29.82
C8 NAG QA . 55.37 -33.16 30.00
N2 NAG QA . 56.61 -31.11 29.65
O3 NAG QA . 57.78 -32.32 31.98
O4 NAG QA . 60.65 -32.27 32.08
O5 NAG QA . 59.97 -32.13 28.49
O6 NAG QA . 63.01 -31.78 28.94
O7 NAG QA . 54.37 -31.00 29.83
C1 NAG RA . -10.12 -13.11 47.41
C2 NAG RA . -9.63 -11.69 47.14
C3 NAG RA . -8.59 -11.28 48.17
C4 NAG RA . -9.15 -11.45 49.58
C5 NAG RA . -9.68 -12.87 49.78
C6 NAG RA . -10.40 -13.04 51.08
C7 NAG RA . -9.03 -10.41 45.13
C8 NAG RA . -8.44 -10.47 43.76
N2 NAG RA . -9.09 -11.58 45.79
O3 NAG RA . -8.22 -9.93 47.96
O4 NAG RA . -8.14 -11.20 50.54
O5 NAG RA . -10.63 -13.19 48.74
O6 NAG RA . -11.19 -11.91 51.39
O7 NAG RA . -9.43 -9.37 45.63
C1 NAG SA . -30.82 -1.20 27.71
C2 NAG SA . -32.16 -0.85 27.05
C3 NAG SA . -31.95 0.01 25.80
C4 NAG SA . -31.06 1.20 26.12
C5 NAG SA . -29.76 0.72 26.75
C6 NAG SA . -28.84 1.84 27.15
C7 NAG SA . -33.75 -2.67 27.53
C8 NAG SA . -34.39 -3.92 27.01
N2 NAG SA . -32.88 -2.07 26.71
O3 NAG SA . -33.21 0.48 25.34
O4 NAG SA . -30.76 1.91 24.91
O5 NAG SA . -30.07 -0.01 27.95
O6 NAG SA . -27.50 1.57 26.78
O7 NAG SA . -33.99 -2.23 28.65
C1 NAG TA . 10.23 -34.24 28.27
C2 NAG TA . 10.52 -35.72 28.42
C3 NAG TA . 11.95 -36.00 28.00
C4 NAG TA . 12.19 -35.47 26.59
C5 NAG TA . 11.73 -34.02 26.46
C6 NAG TA . 11.76 -33.51 25.03
C7 NAG TA . 9.07 -36.45 30.26
C8 NAG TA . 9.00 -36.88 31.69
N2 NAG TA . 10.29 -36.16 29.79
O3 NAG TA . 12.21 -37.40 28.05
O4 NAG TA . 13.58 -35.53 26.29
O5 NAG TA . 10.38 -33.88 26.91
O6 NAG TA . 11.12 -32.25 24.91
O7 NAG TA . 8.07 -36.36 29.56
C1 NAG UA . -47.73 -2.89 28.22
C2 NAG UA . -48.48 -1.76 28.91
C3 NAG UA . -48.41 -0.49 28.08
C4 NAG UA . -46.95 -0.14 27.82
C5 NAG UA . -46.23 -1.33 27.17
C6 NAG UA . -44.77 -1.09 26.97
C7 NAG UA . -50.22 -2.93 30.20
C8 NAG UA . -51.69 -3.21 30.33
N2 NAG UA . -49.87 -2.13 29.19
O3 NAG UA . -49.05 0.57 28.78
O4 NAG UA . -46.87 0.98 26.95
O5 NAG UA . -46.36 -2.49 27.99
O6 NAG UA . -44.38 -1.37 25.63
O7 NAG UA . -49.40 -3.43 30.96
C1 NAG VA . -19.86 45.40 41.53
C2 NAG VA . -19.15 44.12 41.08
C3 NAG VA . -19.45 42.97 42.04
C4 NAG VA . -19.08 43.37 43.47
C5 NAG VA . -19.75 44.69 43.85
C6 NAG VA . -19.28 45.21 45.18
C7 NAG VA . -18.64 43.35 38.81
C8 NAG VA . -19.20 42.99 37.47
N2 NAG VA . -19.53 43.75 39.72
O3 NAG VA . -18.73 41.81 41.67
O4 NAG VA . -19.48 42.35 44.36
O5 NAG VA . -19.45 45.71 42.88
O6 NAG VA . -18.19 44.45 45.69
O7 NAG VA . -17.44 43.28 39.05
#